data_7ZED
#
_entry.id   7ZED
#
loop_
_entity.id
_entity.type
_entity.pdbx_description
1 polymer 'Lipopolysaccharide export system protein LptA'
2 polymer 'Thanatin-like derivative'
#
loop_
_entity_poly.entity_id
_entity_poly.type
_entity_poly.pdbx_seq_one_letter_code
_entity_poly.pdbx_strand_id
1 'polypeptide(L)'
;VTGDTDQPIHIESDQQSLDMQGNVVTFTGNVIVTLGTIKINADKVVVTRPGGEQGKEVIDGYGKPATFYQMQDNGKPVEG
HASQMHYELAKDFVVLTGNAYLQQVDSNIKGDKITYLV
;
A
2 'polypeptide(L)' (EU0)(HYP)ITY(LE1)NR(DAB)T(4FO)KC(DAB)RY B
#
# COMPACT_ATOMS: atom_id res chain seq x y z
N VAL A 1 5.75 25.96 -21.32
CA VAL A 1 6.37 25.11 -20.27
C VAL A 1 5.61 23.79 -20.24
N THR A 2 6.24 22.69 -19.82
CA THR A 2 5.57 21.40 -19.54
C THR A 2 6.30 20.71 -18.37
N GLY A 3 5.72 19.64 -17.82
CA GLY A 3 6.25 18.94 -16.63
C GLY A 3 5.30 17.85 -16.14
N ASP A 4 5.12 17.80 -14.81
CA ASP A 4 4.11 16.95 -14.16
C ASP A 4 2.67 17.48 -14.40
N THR A 5 1.67 16.67 -14.07
CA THR A 5 0.24 16.98 -14.16
C THR A 5 -0.53 16.76 -12.85
N ASP A 6 -0.16 15.74 -12.06
CA ASP A 6 -0.86 15.34 -10.82
C ASP A 6 -0.04 14.27 -10.06
N GLN A 7 0.00 14.36 -8.72
CA GLN A 7 0.50 13.29 -7.85
C GLN A 7 -0.39 13.17 -6.59
N PRO A 8 -1.48 12.38 -6.65
CA PRO A 8 -2.44 12.25 -5.54
C PRO A 8 -1.98 11.25 -4.47
N ILE A 9 -1.12 10.29 -4.85
CA ILE A 9 -0.42 9.31 -4.00
C ILE A 9 0.97 9.17 -4.62
N HIS A 10 2.05 9.16 -3.83
CA HIS A 10 3.39 8.89 -4.34
C HIS A 10 3.74 7.40 -4.21
N ILE A 11 4.30 6.81 -5.26
CA ILE A 11 4.62 5.36 -5.35
C ILE A 11 5.99 5.19 -6.02
N GLU A 12 6.79 4.26 -5.50
CA GLU A 12 8.07 3.84 -6.09
C GLU A 12 8.19 2.30 -6.14
N SER A 13 9.00 1.80 -7.07
CA SER A 13 9.31 0.38 -7.27
C SER A 13 10.80 0.15 -7.63
N ASP A 14 11.35 -1.03 -7.31
CA ASP A 14 12.67 -1.46 -7.81
C ASP A 14 12.54 -2.25 -9.11
N GLN A 15 11.59 -3.19 -9.17
CA GLN A 15 11.31 -4.08 -10.29
C GLN A 15 9.80 -4.30 -10.46
N GLN A 16 9.30 -4.02 -11.67
CA GLN A 16 7.94 -4.33 -12.12
C GLN A 16 7.98 -5.49 -13.12
N SER A 17 6.95 -6.35 -13.07
CA SER A 17 6.69 -7.38 -14.09
C SER A 17 5.23 -7.29 -14.52
N LEU A 18 4.99 -6.92 -15.79
CA LEU A 18 3.66 -6.78 -16.38
C LEU A 18 3.25 -8.07 -17.08
N ASP A 19 1.99 -8.47 -16.90
CA ASP A 19 1.34 -9.57 -17.59
C ASP A 19 0.99 -9.20 -19.04
N MET A 20 1.87 -9.58 -19.97
CA MET A 20 1.67 -9.46 -21.41
C MET A 20 0.74 -10.52 -22.03
N GLN A 21 0.17 -11.43 -21.23
CA GLN A 21 -0.88 -12.37 -21.66
C GLN A 21 -2.29 -11.89 -21.26
N GLY A 22 -2.37 -10.86 -20.41
CA GLY A 22 -3.62 -10.36 -19.82
C GLY A 22 -3.53 -8.89 -19.43
N ASN A 23 -3.32 -8.59 -18.13
CA ASN A 23 -3.31 -7.21 -17.61
C ASN A 23 -2.66 -6.98 -16.22
N VAL A 24 -2.50 -8.01 -15.38
CA VAL A 24 -2.05 -7.85 -13.98
C VAL A 24 -0.59 -7.36 -13.89
N VAL A 25 -0.25 -6.68 -12.81
CA VAL A 25 1.13 -6.23 -12.55
C VAL A 25 1.62 -6.84 -11.24
N THR A 26 2.77 -7.52 -11.30
CA THR A 26 3.55 -7.88 -10.13
C THR A 26 4.53 -6.76 -9.82
N PHE A 27 4.51 -6.27 -8.57
CA PHE A 27 5.52 -5.38 -8.02
C PHE A 27 6.50 -6.18 -7.14
N THR A 28 7.76 -5.74 -7.11
CA THR A 28 8.85 -6.31 -6.30
C THR A 28 9.88 -5.24 -5.90
N GLY A 29 10.55 -5.42 -4.76
CA GLY A 29 11.53 -4.50 -4.19
C GLY A 29 11.12 -3.94 -2.82
N ASN A 30 10.98 -2.62 -2.73
CA ASN A 30 10.59 -1.89 -1.53
C ASN A 30 9.43 -0.91 -1.79
N VAL A 31 8.29 -1.41 -2.28
CA VAL A 31 7.13 -0.58 -2.64
C VAL A 31 6.61 0.20 -1.43
N ILE A 32 6.45 1.51 -1.58
CA ILE A 32 5.93 2.43 -0.55
C ILE A 32 4.49 2.81 -0.90
N VAL A 33 3.64 2.91 0.11
CA VAL A 33 2.33 3.58 0.04
C VAL A 33 2.36 4.80 0.97
N THR A 34 2.04 5.98 0.43
CA THR A 34 1.87 7.23 1.20
C THR A 34 0.38 7.57 1.30
N LEU A 35 -0.20 7.65 2.50
CA LEU A 35 -1.62 8.04 2.63
C LEU A 35 -1.88 8.79 3.95
N GLY A 36 -2.07 10.10 3.86
CA GLY A 36 -2.26 10.96 5.04
C GLY A 36 -1.08 10.83 6.00
N THR A 37 -1.38 10.57 7.27
CA THR A 37 -0.37 10.39 8.34
C THR A 37 0.00 8.92 8.61
N ILE A 38 -0.30 7.98 7.68
CA ILE A 38 0.21 6.60 7.71
C ILE A 38 1.08 6.29 6.48
N LYS A 39 1.94 5.28 6.62
CA LYS A 39 2.58 4.58 5.49
C LYS A 39 2.55 3.06 5.67
N ILE A 40 2.67 2.36 4.54
CA ILE A 40 2.83 0.91 4.44
C ILE A 40 4.08 0.62 3.60
N ASN A 41 4.74 -0.52 3.81
CA ASN A 41 5.80 -1.03 2.93
C ASN A 41 5.72 -2.55 2.74
N ALA A 42 6.06 -3.01 1.52
CA ALA A 42 6.18 -4.42 1.17
C ALA A 42 7.27 -4.63 0.10
N ASP A 43 7.61 -5.89 -0.19
CA ASP A 43 8.19 -6.28 -1.49
C ASP A 43 7.05 -6.42 -2.49
N LYS A 44 6.18 -7.39 -2.21
CA LYS A 44 5.09 -7.76 -3.09
C LYS A 44 3.97 -6.76 -2.95
N VAL A 45 3.56 -6.18 -4.07
CA VAL A 45 2.26 -5.52 -4.24
C VAL A 45 1.61 -6.04 -5.51
N VAL A 46 0.28 -6.18 -5.48
CA VAL A 46 -0.58 -6.57 -6.61
C VAL A 46 -1.69 -5.53 -6.74
N VAL A 47 -2.12 -5.25 -7.98
CA VAL A 47 -3.15 -4.24 -8.28
C VAL A 47 -4.30 -4.89 -9.05
N THR A 48 -5.53 -4.78 -8.52
CA THR A 48 -6.75 -5.37 -9.09
C THR A 48 -7.90 -4.37 -9.02
N ARG A 49 -8.94 -4.52 -9.86
CA ARG A 49 -10.10 -3.61 -9.89
C ARG A 49 -11.45 -4.31 -10.14
N PRO A 50 -12.03 -5.00 -9.14
CA PRO A 50 -13.24 -5.81 -9.29
C PRO A 50 -14.55 -4.98 -9.34
N GLY A 51 -14.64 -4.04 -10.28
CA GLY A 51 -15.87 -3.29 -10.61
C GLY A 51 -15.60 -1.97 -11.34
N GLY A 52 -15.96 -1.90 -12.63
CA GLY A 52 -15.59 -0.78 -13.52
C GLY A 52 -16.32 0.54 -13.25
N GLU A 53 -17.65 0.51 -13.12
CA GLU A 53 -18.51 1.70 -12.96
C GLU A 53 -18.10 2.55 -11.74
N GLN A 54 -18.03 1.92 -10.57
CA GLN A 54 -17.61 2.56 -9.32
C GLN A 54 -16.07 2.63 -9.16
N GLY A 55 -15.30 2.48 -10.24
CA GLY A 55 -13.85 2.70 -10.27
C GLY A 55 -13.05 1.93 -9.21
N LYS A 56 -13.44 0.69 -8.92
CA LYS A 56 -13.11 0.02 -7.65
C LYS A 56 -11.69 -0.54 -7.59
N GLU A 57 -10.68 0.31 -7.38
CA GLU A 57 -9.31 -0.12 -7.07
C GLU A 57 -9.23 -0.94 -5.77
N VAL A 58 -8.34 -1.93 -5.75
CA VAL A 58 -7.86 -2.65 -4.55
C VAL A 58 -6.41 -3.11 -4.76
N ILE A 59 -5.62 -3.04 -3.69
CA ILE A 59 -4.26 -3.56 -3.63
C ILE A 59 -4.06 -4.40 -2.37
N ASP A 60 -3.02 -5.22 -2.33
CA ASP A 60 -2.49 -5.80 -1.09
C ASP A 60 -0.97 -5.98 -1.17
N GLY A 61 -0.34 -6.32 -0.04
CA GLY A 61 1.11 -6.53 0.02
C GLY A 61 1.61 -7.17 1.31
N TYR A 62 2.67 -7.96 1.21
CA TYR A 62 3.22 -8.75 2.32
C TYR A 62 4.70 -9.14 2.12
N GLY A 63 5.15 -10.21 2.76
CA GLY A 63 6.48 -10.82 2.59
C GLY A 63 7.63 -10.11 3.29
N LYS A 64 7.57 -8.78 3.46
CA LYS A 64 8.63 -7.97 4.08
C LYS A 64 9.03 -8.34 5.53
N PRO A 65 8.16 -8.84 6.44
CA PRO A 65 6.67 -8.83 6.40
C PRO A 65 6.12 -7.40 6.30
N ALA A 66 4.87 -7.23 5.84
CA ALA A 66 4.29 -5.89 5.72
C ALA A 66 4.04 -5.28 7.11
N THR A 67 4.38 -4.00 7.24
CA THR A 67 4.21 -3.22 8.47
C THR A 67 3.50 -1.89 8.21
N PHE A 68 2.81 -1.40 9.25
CA PHE A 68 2.35 -0.02 9.35
C PHE A 68 3.43 0.84 10.00
N TYR A 69 3.48 2.13 9.65
CA TYR A 69 4.13 3.16 10.45
C TYR A 69 3.32 4.46 10.43
N GLN A 70 3.13 5.06 11.60
CA GLN A 70 2.36 6.28 11.83
C GLN A 70 3.23 7.24 12.68
N MET A 71 3.32 8.51 12.28
CA MET A 71 4.03 9.56 13.02
C MET A 71 3.04 10.53 13.67
N GLN A 72 3.06 10.67 15.00
CA GLN A 72 1.99 11.34 15.75
C GLN A 72 2.47 12.64 16.40
N ASP A 73 1.71 13.72 16.21
CA ASP A 73 1.95 15.09 16.70
C ASP A 73 2.15 15.15 18.23
N ASN A 74 1.42 14.31 18.98
CA ASN A 74 1.51 14.22 20.44
C ASN A 74 2.74 13.43 20.94
N GLY A 75 3.63 12.99 20.04
CA GLY A 75 4.85 12.24 20.36
C GLY A 75 4.64 10.74 20.58
N LYS A 76 3.50 10.18 20.15
CA LYS A 76 3.14 8.75 20.30
C LYS A 76 2.97 8.06 18.94
N PRO A 77 4.05 7.85 18.16
CA PRO A 77 3.98 7.08 16.91
C PRO A 77 3.53 5.63 17.17
N VAL A 78 2.96 4.98 16.15
CA VAL A 78 2.43 3.60 16.26
C VAL A 78 2.74 2.76 15.02
N GLU A 79 2.89 1.45 15.22
CA GLU A 79 3.25 0.47 14.19
C GLU A 79 2.66 -0.93 14.47
N GLY A 80 2.83 -1.86 13.53
CA GLY A 80 2.35 -3.23 13.61
C GLY A 80 2.87 -4.12 12.47
N HIS A 81 2.74 -5.44 12.60
CA HIS A 81 3.15 -6.44 11.59
C HIS A 81 2.03 -7.41 11.23
N ALA A 82 2.07 -8.01 10.02
CA ALA A 82 1.19 -9.12 9.65
C ALA A 82 1.82 -10.03 8.57
N SER A 83 1.29 -11.25 8.45
CA SER A 83 1.64 -12.18 7.37
C SER A 83 1.01 -11.79 6.03
N GLN A 84 -0.12 -11.07 6.08
CA GLN A 84 -0.90 -10.55 4.95
C GLN A 84 -1.50 -9.19 5.35
N MET A 85 -1.56 -8.23 4.40
CA MET A 85 -2.14 -6.91 4.62
C MET A 85 -2.77 -6.40 3.32
N HIS A 86 -4.05 -6.04 3.37
CA HIS A 86 -4.83 -5.61 2.20
C HIS A 86 -5.30 -4.16 2.34
N TYR A 87 -5.37 -3.44 1.21
CA TYR A 87 -5.96 -2.10 1.11
C TYR A 87 -7.03 -2.08 0.00
N GLU A 88 -8.22 -2.44 0.45
CA GLU A 88 -9.51 -2.26 -0.21
C GLU A 88 -9.87 -0.77 -0.33
N LEU A 89 -9.19 -0.05 -1.23
CA LEU A 89 -9.44 1.38 -1.50
C LEU A 89 -10.91 1.66 -1.78
N ALA A 90 -11.58 0.83 -2.58
CA ALA A 90 -13.02 0.89 -2.85
C ALA A 90 -13.95 0.54 -1.64
N LYS A 91 -13.38 0.48 -0.42
CA LYS A 91 -14.07 0.27 0.86
C LYS A 91 -13.51 1.16 1.98
N ASP A 92 -12.59 2.08 1.67
CA ASP A 92 -12.08 3.10 2.60
C ASP A 92 -11.31 2.52 3.81
N PHE A 93 -10.85 1.27 3.73
CA PHE A 93 -10.46 0.47 4.90
C PHE A 93 -9.26 -0.46 4.65
N VAL A 94 -8.68 -1.00 5.73
CA VAL A 94 -7.47 -1.84 5.70
C VAL A 94 -7.63 -3.03 6.65
N VAL A 95 -7.18 -4.22 6.24
CA VAL A 95 -7.19 -5.43 7.08
C VAL A 95 -5.85 -6.17 7.11
N LEU A 96 -5.50 -6.68 8.30
CA LEU A 96 -4.38 -7.58 8.58
C LEU A 96 -4.87 -9.02 8.70
N THR A 97 -4.06 -9.99 8.24
CA THR A 97 -4.32 -11.42 8.39
C THR A 97 -3.04 -12.21 8.71
N GLY A 98 -3.17 -13.21 9.59
CA GLY A 98 -2.12 -14.12 10.02
C GLY A 98 -1.05 -13.44 10.89
N ASN A 99 -0.98 -13.79 12.19
CA ASN A 99 -0.04 -13.18 13.15
C ASN A 99 -0.04 -11.64 13.08
N ALA A 100 -1.25 -11.07 13.12
CA ALA A 100 -1.44 -9.63 13.10
C ALA A 100 -1.11 -9.06 14.48
N TYR A 101 -0.06 -8.25 14.59
CA TYR A 101 0.26 -7.42 15.76
C TYR A 101 0.01 -5.95 15.43
N LEU A 102 -0.68 -5.24 16.31
CA LEU A 102 -0.76 -3.78 16.30
C LEU A 102 -0.46 -3.25 17.70
N GLN A 103 0.35 -2.19 17.77
CA GLN A 103 0.44 -1.37 18.97
C GLN A 103 -0.38 -0.09 18.78
N GLN A 104 -1.30 0.18 19.70
CA GLN A 104 -1.98 1.45 19.85
C GLN A 104 -1.19 2.34 20.83
N VAL A 105 -1.63 3.57 21.05
CA VAL A 105 -1.00 4.45 22.06
C VAL A 105 -1.27 4.00 23.51
N ASP A 106 -2.29 3.14 23.69
CA ASP A 106 -2.81 2.68 24.98
C ASP A 106 -2.29 1.29 25.39
N SER A 107 -2.11 0.38 24.42
CA SER A 107 -1.75 -1.04 24.62
C SER A 107 -1.41 -1.70 23.27
N ASN A 108 -1.10 -3.00 23.24
CA ASN A 108 -0.99 -3.80 22.01
C ASN A 108 -2.07 -4.89 21.90
N ILE A 109 -2.26 -5.40 20.68
CA ILE A 109 -3.13 -6.51 20.33
C ILE A 109 -2.44 -7.43 19.32
N LYS A 110 -2.58 -8.76 19.47
CA LYS A 110 -1.90 -9.76 18.64
C LYS A 110 -2.78 -10.98 18.39
N GLY A 111 -3.20 -11.24 17.14
CA GLY A 111 -4.15 -12.32 16.84
C GLY A 111 -4.23 -12.76 15.37
N ASP A 112 -5.35 -13.42 15.04
CA ASP A 112 -5.65 -14.04 13.75
C ASP A 112 -5.80 -13.01 12.61
N LYS A 113 -6.64 -12.00 12.84
CA LYS A 113 -7.15 -11.09 11.80
C LYS A 113 -7.60 -9.80 12.46
N ILE A 114 -7.06 -8.66 12.03
CA ILE A 114 -7.21 -7.37 12.73
C ILE A 114 -7.50 -6.25 11.73
N THR A 115 -8.52 -5.45 12.04
CA THR A 115 -8.95 -4.26 11.30
C THR A 115 -8.07 -3.04 11.60
N TYR A 116 -7.82 -2.18 10.61
CA TYR A 116 -7.06 -0.94 10.80
C TYR A 116 -7.72 0.28 10.14
N LEU A 117 -7.41 1.46 10.68
CA LEU A 117 -7.99 2.75 10.28
C LEU A 117 -7.01 3.55 9.41
N VAL A 118 -7.53 4.51 8.65
CA VAL A 118 -6.73 5.28 7.68
C VAL A 118 -5.61 6.11 8.31
NT1 EU0 B 1 -8.94 11.20 -12.52
CT EU0 B 1 -8.02 11.02 -13.40
NT2 EU0 B 1 -8.21 11.49 -14.59
N EU0 B 1 -6.94 10.39 -13.07
CA EU0 B 1 -5.81 9.95 -13.93
CB EU0 B 1 -4.62 10.96 -13.81
CG1 EU0 B 1 -4.96 12.35 -14.36
CG2 EU0 B 1 -4.09 11.10 -12.38
C EU0 B 1 -5.37 8.51 -13.59
O EU0 B 1 -5.73 8.02 -12.51
HT12 EU0 B 1 -8.80 10.87 -11.56
HT22 EU0 B 1 -9.07 11.98 -14.81
HT21 EU0 B 1 -7.41 11.51 -15.23
H EU0 B 1 -6.87 10.05 -12.10
HA EU0 B 1 -6.12 9.94 -14.96
HB EU0 B 1 -3.81 10.55 -14.42
HG11 EU0 B 1 -5.30 12.29 -15.40
HG13 EU0 B 1 -4.05 12.98 -14.34
HG12 EU0 B 1 -5.71 12.85 -13.74
HG23 EU0 B 1 -4.83 11.56 -11.73
HG22 EU0 B 1 -3.21 11.73 -12.37
HG21 EU0 B 1 -3.80 10.13 -11.97
HT11 EU0 B 1 -9.79 11.73 -12.75
N HYP B 2 -4.61 7.81 -14.45
CA HYP B 2 -4.09 6.47 -14.15
C HYP B 2 -3.05 6.49 -13.01
O HYP B 2 -2.49 7.54 -12.70
CB HYP B 2 -3.48 5.94 -15.45
CG HYP B 2 -4.05 6.84 -16.55
CD HYP B 2 -4.26 8.16 -15.82
OD1 HYP B 2 -5.31 6.37 -17.01
HA HYP B 2 -4.92 5.83 -13.86
HB2 HYP B 2 -2.40 6.07 -15.44
HB3 HYP B 2 -3.73 4.89 -15.62
HG HYP B 2 -3.37 6.95 -17.39
HD22 HYP B 2 -3.31 8.72 -15.81
HD23 HYP B 2 -5.03 8.74 -16.32
HD1 HYP B 2 -5.16 5.75 -17.73
N ILE B 3 -2.71 5.31 -12.48
CA ILE B 3 -1.60 5.15 -11.53
C ILE B 3 -0.29 5.64 -12.17
N THR B 4 0.55 6.35 -11.41
CA THR B 4 1.91 6.74 -11.80
C THR B 4 2.91 6.43 -10.69
N TYR B 5 4.15 6.11 -11.05
CA TYR B 5 5.20 5.70 -10.12
C TYR B 5 6.61 5.98 -10.67
O LE1 B 6 9.17 4.05 -9.25
C LE1 B 6 9.70 4.95 -9.92
CA LE1 B 6 9.00 6.32 -10.06
N LE1 B 6 7.56 6.22 -9.77
CB LE1 B 6 9.64 7.48 -9.24
C9 LE1 B 6 11.15 7.67 -9.52
C8 LE1 B 6 9.49 7.28 -7.73
SG LE1 B 6 8.75 9.05 -9.64
HA LE1 B 6 9.11 6.59 -11.11
H LE1 B 6 7.28 6.19 -8.79
H9 LE1 B 6 11.72 6.86 -9.06
H9A LE1 B 6 11.49 8.61 -9.10
H9B LE1 B 6 11.35 7.68 -10.59
H8 LE1 B 6 9.97 8.12 -7.20
H8A LE1 B 6 9.98 6.37 -7.43
H8B LE1 B 6 8.44 7.26 -7.44
N ASN B 7 10.85 4.72 -10.55
CA ASN B 7 11.59 3.44 -10.45
C ASN B 7 13.06 3.62 -10.09
N ARG B 8 13.54 2.85 -9.11
CA ARG B 8 14.95 2.81 -8.65
C ARG B 8 15.92 2.29 -9.71
N DAB B 9 15.42 1.62 -10.75
CA DAB B 9 16.16 1.42 -11.99
C DAB B 9 16.13 2.66 -12.93
O DAB B 9 17.13 3.37 -13.00
CB DAB B 9 15.74 0.10 -12.66
CG DAB B 9 15.79 -1.11 -11.70
ND DAB B 9 17.18 -1.48 -11.33
H DAB B 9 14.44 1.40 -10.70
HA DAB B 9 17.22 1.31 -11.74
HB2 DAB B 9 14.72 0.19 -13.03
HB3 DAB B 9 16.38 -0.09 -13.53
HG2 DAB B 9 15.21 -0.87 -10.80
HG3 DAB B 9 15.30 -1.96 -12.19
HD1 DAB B 9 17.14 -2.27 -10.70
HD2 DAB B 9 17.64 -0.73 -10.83
HD3 DAB B 9 17.72 -1.75 -12.13
N THR B 10 15.00 3.01 -13.57
CA THR B 10 14.93 4.04 -14.64
C THR B 10 15.28 5.47 -14.22
N 4FO B 11 15.00 5.88 -12.97
CA 4FO B 11 15.26 7.26 -12.51
C 4FO B 11 14.14 8.23 -12.97
O 4FO B 11 13.44 8.82 -12.15
CB 4FO B 11 15.48 7.28 -10.99
CG 4FO B 11 16.71 6.54 -10.47
NZ 4FO B 11 16.61 5.12 -10.77
H 4FO B 11 14.40 5.28 -12.42
HA 4FO B 11 16.18 7.62 -12.99
HB2 4FO B 11 14.58 6.90 -10.49
HB3 4FO B 11 15.58 8.33 -10.69
HG3 4FO B 11 17.62 6.96 -10.91
HG2 4FO B 11 16.75 6.69 -9.39
HZ3 4FO B 11 15.68 4.78 -10.51
HZ2 4FO B 11 17.30 4.53 -10.32
HZ1 4FO B 11 16.69 4.95 -11.78
N LYS B 12 13.86 8.27 -14.27
CA LYS B 12 12.61 8.81 -14.80
C LYS B 12 11.42 7.96 -14.35
N CYS B 13 10.28 8.62 -14.15
CA CYS B 13 9.05 8.02 -13.66
C CYS B 13 8.09 7.65 -14.82
N DAB B 14 7.04 6.88 -14.55
CA DAB B 14 6.04 6.56 -15.55
C DAB B 14 4.62 6.31 -14.97
O DAB B 14 4.48 5.67 -13.92
CB DAB B 14 6.51 5.35 -16.38
CG DAB B 14 6.91 4.10 -15.60
ND DAB B 14 5.74 3.46 -14.95
H DAB B 14 6.88 6.58 -13.57
HA DAB B 14 5.93 7.41 -16.22
HB2 DAB B 14 5.75 5.10 -17.11
HB3 DAB B 14 7.39 5.67 -16.94
HG2 DAB B 14 7.36 3.39 -16.29
HG3 DAB B 14 7.65 4.37 -14.83
HD1 DAB B 14 5.98 2.60 -14.49
HD2 DAB B 14 4.98 3.28 -15.62
HD3 DAB B 14 5.33 4.09 -14.25
N ARG B 15 3.59 6.55 -15.80
CA ARG B 15 2.27 5.93 -15.66
C ARG B 15 2.33 4.39 -15.73
N TYR B 16 1.30 3.71 -15.23
CA TYR B 16 0.98 2.31 -15.50
C TYR B 16 0.55 2.15 -16.95
N VAL A 1 5.56 21.23 -19.16
CA VAL A 1 6.22 20.01 -19.68
C VAL A 1 5.66 18.84 -18.87
N THR A 2 6.20 18.59 -17.68
CA THR A 2 5.37 18.23 -16.51
C THR A 2 4.47 19.40 -16.11
N GLY A 3 3.51 19.14 -15.21
CA GLY A 3 2.58 20.12 -14.65
C GLY A 3 2.04 19.63 -13.30
N ASP A 4 2.93 19.34 -12.37
CA ASP A 4 2.60 18.66 -11.10
C ASP A 4 1.52 19.41 -10.31
N THR A 5 0.42 18.73 -10.01
CA THR A 5 -0.84 19.31 -9.49
C THR A 5 -1.63 18.28 -8.67
N ASP A 6 -1.73 17.06 -9.18
CA ASP A 6 -2.33 15.91 -8.50
C ASP A 6 -1.63 14.60 -8.96
N GLN A 7 -1.48 13.64 -8.05
CA GLN A 7 -0.88 12.32 -8.24
C GLN A 7 -1.24 11.41 -7.03
N PRO A 8 -2.54 11.10 -6.83
CA PRO A 8 -3.09 10.77 -5.51
C PRO A 8 -2.79 9.32 -5.08
N ILE A 9 -2.44 8.45 -6.02
CA ILE A 9 -1.76 7.18 -5.74
C ILE A 9 -0.41 7.23 -6.46
N HIS A 10 0.64 7.28 -5.65
CA HIS A 10 2.05 7.39 -6.05
C HIS A 10 2.81 6.16 -5.54
N ILE A 11 3.68 5.57 -6.36
CA ILE A 11 4.45 4.37 -6.02
C ILE A 11 5.94 4.58 -6.33
N GLU A 12 6.80 4.44 -5.32
CA GLU A 12 8.25 4.19 -5.50
C GLU A 12 8.47 2.66 -5.49
N SER A 13 8.91 2.09 -6.62
CA SER A 13 9.19 0.66 -6.73
C SER A 13 10.28 0.32 -7.75
N ASP A 14 11.15 -0.64 -7.45
CA ASP A 14 12.38 -0.89 -8.22
C ASP A 14 12.18 -1.70 -9.50
N GLN A 15 11.29 -2.69 -9.46
CA GLN A 15 10.92 -3.54 -10.59
C GLN A 15 9.40 -3.49 -10.81
N GLN A 16 8.98 -3.52 -12.08
CA GLN A 16 7.59 -3.62 -12.50
C GLN A 16 7.42 -4.67 -13.62
N SER A 17 6.22 -5.23 -13.74
CA SER A 17 5.73 -5.95 -14.92
C SER A 17 4.27 -5.57 -15.18
N LEU A 18 3.94 -5.29 -16.45
CA LEU A 18 2.64 -4.76 -16.90
C LEU A 18 2.01 -5.68 -17.95
N ASP A 19 0.68 -5.75 -17.93
CA ASP A 19 -0.15 -6.51 -18.88
C ASP A 19 -0.43 -5.74 -20.18
N MET A 20 -0.43 -6.44 -21.32
CA MET A 20 -0.81 -5.92 -22.65
C MET A 20 -2.32 -5.66 -22.80
N GLN A 21 -3.14 -6.11 -21.84
CA GLN A 21 -4.55 -5.71 -21.66
C GLN A 21 -4.76 -4.81 -20.43
N GLY A 22 -3.68 -4.36 -19.79
CA GLY A 22 -3.69 -3.40 -18.69
C GLY A 22 -4.42 -3.81 -17.40
N ASN A 23 -4.90 -5.05 -17.26
CA ASN A 23 -5.82 -5.44 -16.19
C ASN A 23 -5.13 -5.84 -14.87
N VAL A 24 -3.88 -6.32 -14.95
CA VAL A 24 -3.10 -6.86 -13.82
C VAL A 24 -1.65 -6.36 -13.86
N VAL A 25 -0.98 -6.34 -12.70
CA VAL A 25 0.37 -5.79 -12.51
C VAL A 25 1.22 -6.68 -11.60
N THR A 26 2.55 -6.52 -11.64
CA THR A 26 3.46 -6.92 -10.56
C THR A 26 4.44 -5.78 -10.27
N PHE A 27 4.74 -5.56 -9.00
CA PHE A 27 5.81 -4.67 -8.54
C PHE A 27 6.72 -5.41 -7.55
N THR A 28 8.02 -5.11 -7.55
CA THR A 28 9.06 -5.91 -6.88
C THR A 28 10.33 -5.15 -6.49
N GLY A 29 11.17 -5.78 -5.67
CA GLY A 29 12.42 -5.27 -5.09
C GLY A 29 12.15 -4.36 -3.88
N ASN A 30 11.36 -3.31 -4.10
CA ASN A 30 10.81 -2.44 -3.07
C ASN A 30 9.41 -1.99 -3.51
N VAL A 31 8.51 -1.73 -2.55
CA VAL A 31 7.29 -0.93 -2.76
C VAL A 31 7.02 -0.09 -1.51
N ILE A 32 6.60 1.16 -1.67
CA ILE A 32 6.19 2.07 -0.58
C ILE A 32 4.80 2.62 -0.90
N VAL A 33 3.91 2.70 0.10
CA VAL A 33 2.54 3.23 -0.04
C VAL A 33 2.19 4.09 1.18
N THR A 34 1.50 5.21 0.98
CA THR A 34 1.19 6.20 2.03
C THR A 34 -0.31 6.49 2.16
N LEU A 35 -0.77 6.73 3.40
CA LEU A 35 -2.15 7.06 3.76
C LEU A 35 -2.14 8.15 4.86
N GLY A 36 -1.81 9.38 4.47
CA GLY A 36 -1.67 10.51 5.39
C GLY A 36 -0.51 10.33 6.37
N THR A 37 -0.82 10.18 7.66
CA THR A 37 0.16 9.87 8.71
C THR A 37 0.66 8.42 8.67
N ILE A 38 -0.09 7.50 8.06
CA ILE A 38 0.28 6.09 7.90
C ILE A 38 1.13 5.88 6.65
N LYS A 39 2.06 4.92 6.72
CA LYS A 39 2.76 4.33 5.58
C LYS A 39 2.90 2.80 5.73
N ILE A 40 2.98 2.15 4.57
CA ILE A 40 3.18 0.71 4.37
C ILE A 40 4.46 0.53 3.54
N ASN A 41 5.23 -0.52 3.81
CA ASN A 41 6.37 -0.91 2.97
C ASN A 41 6.34 -2.42 2.70
N ALA A 42 6.65 -2.79 1.46
CA ALA A 42 6.79 -4.18 1.04
C ALA A 42 8.06 -4.38 0.18
N ASP A 43 8.38 -5.63 -0.08
CA ASP A 43 9.32 -6.08 -1.12
C ASP A 43 8.63 -6.19 -2.50
N LYS A 44 7.31 -6.33 -2.52
CA LYS A 44 6.45 -6.56 -3.70
C LYS A 44 5.01 -6.09 -3.43
N VAL A 45 4.18 -5.87 -4.45
CA VAL A 45 2.70 -5.82 -4.28
C VAL A 45 1.94 -6.53 -5.39
N VAL A 46 0.78 -7.07 -5.02
CA VAL A 46 -0.24 -7.58 -5.95
C VAL A 46 -1.26 -6.49 -6.22
N VAL A 47 -1.48 -6.16 -7.50
CA VAL A 47 -2.40 -5.08 -7.96
C VAL A 47 -3.15 -5.56 -9.21
N THR A 48 -4.44 -5.24 -9.30
CA THR A 48 -5.34 -5.60 -10.41
C THR A 48 -6.46 -4.55 -10.50
N ARG A 49 -6.98 -4.28 -11.70
CA ARG A 49 -7.98 -3.22 -11.99
C ARG A 49 -9.35 -3.80 -12.46
N PRO A 50 -10.06 -4.60 -11.64
CA PRO A 50 -11.34 -5.22 -12.00
C PRO A 50 -12.45 -4.21 -12.35
N GLY A 51 -13.38 -4.64 -13.22
CA GLY A 51 -14.39 -3.78 -13.85
C GLY A 51 -15.52 -3.24 -12.96
N GLY A 52 -16.41 -2.46 -13.59
CA GLY A 52 -17.54 -1.74 -12.99
C GLY A 52 -17.97 -0.60 -13.92
N GLU A 53 -18.54 0.47 -13.37
CA GLU A 53 -18.52 1.80 -14.01
C GLU A 53 -17.18 2.47 -13.70
N GLN A 54 -17.02 2.98 -12.48
CA GLN A 54 -15.76 3.48 -11.90
C GLN A 54 -14.71 2.39 -11.58
N GLY A 55 -14.84 1.18 -12.15
CA GLY A 55 -14.01 0.02 -11.83
C GLY A 55 -14.06 -0.38 -10.34
N LYS A 56 -13.03 -1.06 -9.87
CA LYS A 56 -12.41 -0.89 -8.54
C LYS A 56 -10.96 -1.39 -8.60
N GLU A 57 -10.19 -1.20 -7.53
CA GLU A 57 -8.85 -1.80 -7.43
C GLU A 57 -8.50 -2.18 -5.99
N VAL A 58 -7.57 -3.13 -5.85
CA VAL A 58 -7.21 -3.76 -4.57
C VAL A 58 -5.69 -3.91 -4.50
N ILE A 59 -5.12 -3.93 -3.29
CA ILE A 59 -3.68 -4.02 -3.08
C ILE A 59 -3.32 -4.85 -1.84
N ASP A 60 -2.23 -5.61 -1.93
CA ASP A 60 -1.59 -6.32 -0.81
C ASP A 60 -0.07 -6.36 -1.01
N GLY A 61 0.68 -6.40 0.09
CA GLY A 61 2.15 -6.38 0.15
C GLY A 61 2.73 -7.51 1.01
N TYR A 62 2.15 -8.70 0.88
CA TYR A 62 2.27 -9.77 1.86
C TYR A 62 3.69 -10.33 2.06
N GLY A 63 4.01 -10.74 3.29
CA GLY A 63 5.19 -11.52 3.66
C GLY A 63 6.47 -10.73 3.91
N LYS A 64 6.46 -9.39 3.89
CA LYS A 64 7.66 -8.57 4.13
C LYS A 64 8.31 -8.66 5.54
N PRO A 65 7.63 -8.95 6.67
CA PRO A 65 6.18 -9.02 6.91
C PRO A 65 5.46 -7.71 6.56
N ALA A 66 4.20 -7.80 6.18
CA ALA A 66 3.41 -6.62 5.82
C ALA A 66 3.16 -5.77 7.07
N THR A 67 3.57 -4.50 7.03
CA THR A 67 3.82 -3.70 8.23
C THR A 67 3.30 -2.27 8.13
N PHE A 68 2.76 -1.76 9.24
CA PHE A 68 2.35 -0.37 9.45
C PHE A 68 3.49 0.43 10.09
N TYR A 69 3.63 1.69 9.68
CA TYR A 69 4.19 2.77 10.51
C TYR A 69 3.26 3.98 10.44
N GLN A 70 3.07 4.69 11.56
CA GLN A 70 2.35 5.96 11.66
C GLN A 70 3.26 7.04 12.25
N MET A 71 3.18 8.27 11.74
CA MET A 71 4.02 9.39 12.19
C MET A 71 3.83 9.75 13.66
N GLN A 72 4.88 10.29 14.25
CA GLN A 72 4.86 11.00 15.54
C GLN A 72 4.27 12.42 15.42
N ASP A 73 3.19 12.58 14.65
CA ASP A 73 2.50 13.85 14.36
C ASP A 73 2.13 14.66 15.62
N ASN A 74 1.70 13.99 16.69
CA ASN A 74 1.56 14.55 18.04
C ASN A 74 2.46 13.79 19.04
N GLY A 75 3.73 13.56 18.69
CA GLY A 75 4.72 12.85 19.52
C GLY A 75 4.53 11.33 19.63
N LYS A 76 3.44 10.76 19.11
CA LYS A 76 3.09 9.33 19.16
C LYS A 76 3.41 8.55 17.86
N PRO A 77 4.62 7.99 17.66
CA PRO A 77 4.80 6.98 16.62
C PRO A 77 4.08 5.69 17.03
N VAL A 78 3.38 5.03 16.10
CA VAL A 78 2.74 3.72 16.34
C VAL A 78 2.87 2.81 15.12
N GLU A 79 2.82 1.49 15.33
CA GLU A 79 3.24 0.49 14.35
C GLU A 79 2.48 -0.85 14.51
N GLY A 80 2.69 -1.77 13.57
CA GLY A 80 1.96 -3.05 13.49
C GLY A 80 2.50 -3.99 12.42
N HIS A 81 2.20 -5.28 12.51
CA HIS A 81 2.69 -6.33 11.59
C HIS A 81 1.63 -7.39 11.26
N ALA A 82 1.77 -8.06 10.11
CA ALA A 82 1.03 -9.28 9.74
C ALA A 82 1.71 -10.00 8.56
N SER A 83 1.12 -11.10 8.11
CA SER A 83 1.45 -11.71 6.82
C SER A 83 0.94 -10.83 5.67
N GLN A 84 -0.32 -10.38 5.70
CA GLN A 84 -0.92 -9.50 4.68
C GLN A 84 -1.18 -8.07 5.17
N MET A 85 -1.31 -7.13 4.24
CA MET A 85 -1.84 -5.78 4.47
C MET A 85 -2.81 -5.43 3.33
N HIS A 86 -4.03 -5.95 3.40
CA HIS A 86 -4.99 -5.89 2.31
C HIS A 86 -5.82 -4.60 2.35
N TYR A 87 -5.99 -3.95 1.20
CA TYR A 87 -6.75 -2.69 1.06
C TYR A 87 -7.54 -2.64 -0.26
N GLU A 88 -8.64 -1.89 -0.27
CA GLU A 88 -9.74 -1.99 -1.24
C GLU A 88 -10.27 -0.57 -1.56
N LEU A 89 -10.04 -0.07 -2.77
CA LEU A 89 -10.33 1.33 -3.14
C LEU A 89 -11.83 1.62 -3.29
N ALA A 90 -12.68 0.59 -3.23
CA ALA A 90 -14.13 0.67 -3.10
C ALA A 90 -14.66 0.03 -1.80
N LYS A 91 -13.81 -0.06 -0.74
CA LYS A 91 -14.25 -0.48 0.61
C LYS A 91 -13.43 0.01 1.81
N ASP A 92 -12.44 0.89 1.60
CA ASP A 92 -11.83 1.88 2.53
C ASP A 92 -11.18 1.42 3.87
N PHE A 93 -11.59 0.30 4.47
CA PHE A 93 -10.90 -0.36 5.57
C PHE A 93 -9.58 -1.02 5.09
N VAL A 94 -8.58 -1.08 5.97
CA VAL A 94 -7.33 -1.86 5.78
C VAL A 94 -7.34 -3.05 6.73
N VAL A 95 -6.91 -4.24 6.28
CA VAL A 95 -6.92 -5.45 7.11
C VAL A 95 -5.57 -6.17 7.14
N LEU A 96 -5.18 -6.53 8.38
CA LEU A 96 -4.05 -7.38 8.74
C LEU A 96 -4.55 -8.83 8.89
N THR A 97 -3.88 -9.79 8.26
CA THR A 97 -4.16 -11.24 8.40
C THR A 97 -2.87 -12.06 8.50
N GLY A 98 -2.89 -13.06 9.38
CA GLY A 98 -1.73 -13.88 9.77
C GLY A 98 -0.84 -13.14 10.75
N ASN A 99 -0.81 -13.58 12.01
CA ASN A 99 -0.06 -12.95 13.11
C ASN A 99 -0.24 -11.41 13.16
N ALA A 100 -1.48 -10.95 13.06
CA ALA A 100 -1.86 -9.54 13.03
C ALA A 100 -1.56 -8.82 14.35
N TYR A 101 -1.09 -7.57 14.26
CA TYR A 101 -0.67 -6.73 15.39
C TYR A 101 -0.85 -5.24 15.08
N LEU A 102 -1.30 -4.48 16.08
CA LEU A 102 -1.31 -3.01 16.08
C LEU A 102 -1.11 -2.48 17.50
N GLN A 103 -0.21 -1.50 17.67
CA GLN A 103 0.00 -0.75 18.92
C GLN A 103 -0.66 0.64 18.85
N GLN A 104 -1.11 1.15 20.00
CA GLN A 104 -1.80 2.44 20.15
C GLN A 104 -1.32 3.19 21.40
N VAL A 105 -1.82 4.42 21.62
CA VAL A 105 -1.49 5.29 22.77
C VAL A 105 -2.21 4.90 24.08
N ASP A 106 -2.36 3.60 24.30
CA ASP A 106 -3.02 2.98 25.46
C ASP A 106 -2.41 1.60 25.70
N SER A 107 -2.54 0.71 24.71
CA SER A 107 -2.09 -0.68 24.75
C SER A 107 -1.81 -1.19 23.33
N ASN A 108 -1.68 -2.51 23.15
CA ASN A 108 -1.62 -3.15 21.84
C ASN A 108 -2.61 -4.30 21.71
N ILE A 109 -3.04 -4.56 20.48
CA ILE A 109 -3.87 -5.69 20.10
C ILE A 109 -3.08 -6.60 19.14
N LYS A 110 -3.12 -7.91 19.37
CA LYS A 110 -2.31 -8.91 18.65
C LYS A 110 -3.06 -10.24 18.60
N GLY A 111 -3.06 -10.90 17.44
CA GLY A 111 -3.85 -12.11 17.18
C GLY A 111 -3.66 -12.65 15.75
N ASP A 112 -4.71 -13.22 15.18
CA ASP A 112 -4.71 -13.81 13.82
C ASP A 112 -5.16 -12.82 12.73
N LYS A 113 -6.14 -11.96 13.03
CA LYS A 113 -6.64 -10.89 12.14
C LYS A 113 -7.01 -9.61 12.88
N ILE A 114 -6.74 -8.45 12.29
CA ILE A 114 -7.08 -7.12 12.83
C ILE A 114 -7.46 -6.19 11.66
N THR A 115 -8.55 -5.44 11.80
CA THR A 115 -8.96 -4.41 10.84
C THR A 115 -8.67 -3.01 11.39
N TYR A 116 -8.08 -2.14 10.57
CA TYR A 116 -7.83 -0.73 10.93
C TYR A 116 -9.03 0.15 10.56
N LEU A 117 -9.31 1.14 11.42
CA LEU A 117 -10.36 2.14 11.23
C LEU A 117 -9.72 3.46 10.78
N VAL A 118 -10.05 3.91 9.57
CA VAL A 118 -9.43 5.08 8.94
C VAL A 118 -9.38 6.34 9.81
NT1 EU0 B 1 -10.39 8.60 -10.92
CT EU0 B 1 -9.54 9.34 -11.53
NT2 EU0 B 1 -9.97 10.22 -12.36
N EU0 B 1 -8.28 9.18 -11.29
CA EU0 B 1 -7.15 9.51 -12.20
CB EU0 B 1 -6.42 10.81 -11.77
CG1 EU0 B 1 -7.30 12.07 -11.85
CG2 EU0 B 1 -5.84 10.72 -10.35
C EU0 B 1 -6.18 8.30 -12.31
O EU0 B 1 -6.29 7.38 -11.49
HT12 EU0 B 1 -10.08 7.85 -10.29
HT22 EU0 B 1 -10.98 10.33 -12.49
HT21 EU0 B 1 -9.32 10.95 -12.67
H EU0 B 1 -8.02 8.50 -10.57
HA EU0 B 1 -7.53 9.69 -13.20
HB EU0 B 1 -5.58 10.96 -12.45
HG11 EU0 B 1 -8.11 12.02 -11.14
HG13 EU0 B 1 -7.68 12.21 -12.86
HG12 EU0 B 1 -6.70 12.94 -11.60
HG23 EU0 B 1 -6.63 10.60 -9.61
HG22 EU0 B 1 -5.29 11.64 -10.13
HG21 EU0 B 1 -5.14 9.88 -10.27
HT11 EU0 B 1 -11.39 8.67 -11.16
N HYP B 2 -5.24 8.25 -13.27
CA HYP B 2 -4.22 7.20 -13.33
C HYP B 2 -3.32 7.10 -12.10
O HYP B 2 -3.11 8.10 -11.40
CB HYP B 2 -3.40 7.50 -14.59
CG HYP B 2 -4.41 8.20 -15.50
CD HYP B 2 -5.18 9.06 -14.49
OD1 HYP B 2 -5.28 7.27 -16.11
HA HYP B 2 -4.73 6.24 -13.46
HB2 HYP B 2 -2.58 8.17 -14.36
HB3 HYP B 2 -3.02 6.59 -15.06
HG HYP B 2 -3.91 8.81 -16.25
HD22 HYP B 2 -4.60 9.97 -14.30
HD23 HYP B 2 -6.16 9.30 -14.88
HD1 HYP B 2 -4.75 6.51 -16.40
N ILE B 3 -2.71 5.94 -11.91
CA ILE B 3 -1.67 5.70 -10.91
C ILE B 3 -0.38 6.37 -11.37
N THR B 4 0.33 7.02 -10.45
CA THR B 4 1.70 7.52 -10.67
C THR B 4 2.70 6.47 -10.16
N TYR B 5 3.66 6.07 -11.01
CA TYR B 5 4.67 5.08 -10.67
C TYR B 5 6.08 5.56 -11.02
O LE1 B 6 9.23 4.33 -8.86
C LE1 B 6 9.26 4.98 -9.90
CA LE1 B 6 8.31 6.17 -10.16
N LE1 B 6 6.90 5.76 -10.02
CB LE1 B 6 8.58 7.48 -9.37
C9 LE1 B 6 10.03 7.95 -9.53
C8 LE1 B 6 8.33 7.31 -7.88
SG LE1 B 6 7.37 8.79 -9.91
HA LE1 B 6 8.47 6.44 -11.20
H LE1 B 6 6.60 5.56 -9.08
H9 LE1 B 6 10.17 8.91 -9.01
H9A LE1 B 6 10.28 8.08 -10.58
H9B LE1 B 6 10.71 7.22 -9.10
H8 LE1 B 6 8.92 6.47 -7.50
H8A LE1 B 6 7.28 7.11 -7.69
H8B LE1 B 6 8.60 8.21 -7.33
N ASN B 7 10.05 4.62 -10.92
CA ASN B 7 10.90 3.44 -10.89
C ASN B 7 12.15 3.75 -10.04
N ARG B 8 12.38 3.03 -8.93
CA ARG B 8 13.57 3.24 -8.07
C ARG B 8 14.87 3.00 -8.82
N DAB B 9 14.91 2.02 -9.72
CA DAB B 9 16.13 1.61 -10.40
C DAB B 9 16.66 2.62 -11.44
O DAB B 9 17.77 2.45 -11.96
CB DAB B 9 15.91 0.23 -11.03
CG DAB B 9 17.19 -0.59 -10.99
ND DAB B 9 17.30 -1.29 -9.69
H DAB B 9 14.08 1.47 -9.86
HA DAB B 9 16.91 1.53 -9.63
HB2 DAB B 9 15.12 -0.31 -10.52
HB3 DAB B 9 15.61 0.36 -12.08
HG2 DAB B 9 17.19 -1.31 -11.80
HG3 DAB B 9 18.04 0.09 -11.13
HD1 DAB B 9 18.17 -1.78 -9.54
HD2 DAB B 9 16.52 -1.95 -9.57
HD3 DAB B 9 17.04 -0.69 -8.90
N THR B 10 15.86 3.64 -11.77
CA THR B 10 16.15 4.72 -12.74
C THR B 10 15.72 6.11 -12.24
N 4FO B 11 15.21 6.18 -11.00
CA 4FO B 11 14.70 7.38 -10.34
C 4FO B 11 13.46 8.05 -11.00
O 4FO B 11 12.95 9.03 -10.45
CB 4FO B 11 14.49 6.99 -8.85
CG 4FO B 11 14.27 8.14 -7.85
NZ 4FO B 11 12.84 8.52 -7.75
H 4FO B 11 15.13 5.31 -10.49
HA 4FO B 11 15.50 8.12 -10.37
HB2 4FO B 11 15.38 6.47 -8.52
HB3 4FO B 11 13.65 6.30 -8.77
HG3 4FO B 11 14.60 7.79 -6.87
HG2 4FO B 11 14.88 9.00 -8.15
HZ3 4FO B 11 12.69 9.26 -7.09
HZ2 4FO B 11 12.26 7.74 -7.38
HZ1 4FO B 11 12.49 8.79 -8.66
N LYS B 12 12.98 7.57 -12.16
CA LYS B 12 12.10 8.34 -13.08
C LYS B 12 10.66 7.81 -13.19
N CYS B 13 9.76 8.75 -13.48
CA CYS B 13 8.31 8.58 -13.30
C CYS B 13 7.57 8.08 -14.56
N DAB B 14 6.41 7.48 -14.32
CA DAB B 14 5.59 6.71 -15.25
C DAB B 14 4.09 6.85 -14.86
O DAB B 14 3.80 7.18 -13.69
CB DAB B 14 6.01 5.23 -15.19
CG DAB B 14 7.54 5.02 -15.06
ND DAB B 14 7.85 3.66 -14.57
H DAB B 14 6.08 7.46 -13.36
HA DAB B 14 5.73 7.10 -16.26
HB2 DAB B 14 5.53 4.78 -14.33
HB3 DAB B 14 5.66 4.71 -16.09
HG2 DAB B 14 8.01 5.21 -16.02
HG3 DAB B 14 7.94 5.72 -14.33
HD1 DAB B 14 7.45 3.53 -13.64
HD2 DAB B 14 8.85 3.54 -14.48
HD3 DAB B 14 7.51 2.95 -15.19
N ARG B 15 3.13 6.52 -15.74
CA ARG B 15 1.69 6.47 -15.41
C ARG B 15 1.04 5.12 -15.75
N TYR B 16 -0.06 4.79 -15.07
CA TYR B 16 -0.96 3.65 -15.32
C TYR B 16 -2.44 4.02 -15.11
N VAL A 1 4.75 10.25 -22.38
CA VAL A 1 6.05 10.59 -21.74
C VAL A 1 5.94 12.03 -21.26
N THR A 2 6.49 12.36 -20.08
CA THR A 2 6.51 13.73 -19.53
C THR A 2 5.17 14.46 -19.66
N GLY A 3 4.11 13.83 -19.16
CA GLY A 3 2.73 14.25 -19.34
C GLY A 3 1.88 13.82 -18.15
N ASP A 4 2.44 13.99 -16.95
CA ASP A 4 2.03 13.28 -15.74
C ASP A 4 1.44 14.30 -14.78
N THR A 5 0.20 14.67 -15.12
CA THR A 5 -0.47 15.94 -14.79
C THR A 5 -1.00 16.03 -13.35
N ASP A 6 -0.94 14.94 -12.60
CA ASP A 6 -1.38 14.83 -11.21
C ASP A 6 -0.54 13.74 -10.51
N GLN A 7 -0.27 13.94 -9.22
CA GLN A 7 0.52 13.04 -8.38
C GLN A 7 0.13 13.18 -6.88
N PRO A 8 -1.06 12.71 -6.48
CA PRO A 8 -1.60 12.90 -5.11
C PRO A 8 -1.03 11.89 -4.10
N ILE A 9 -0.28 10.90 -4.58
CA ILE A 9 0.33 9.79 -3.85
C ILE A 9 1.74 9.58 -4.44
N HIS A 10 2.69 9.10 -3.64
CA HIS A 10 4.05 8.79 -4.10
C HIS A 10 4.39 7.31 -3.84
N ILE A 11 4.93 6.63 -4.87
CA ILE A 11 5.21 5.18 -4.88
C ILE A 11 6.53 4.93 -5.63
N GLU A 12 7.45 4.21 -5.00
CA GLU A 12 8.65 3.62 -5.64
C GLU A 12 8.49 2.10 -5.82
N SER A 13 9.18 1.55 -6.82
CA SER A 13 9.28 0.11 -7.11
C SER A 13 10.61 -0.17 -7.81
N ASP A 14 11.23 -1.35 -7.65
CA ASP A 14 12.42 -1.72 -8.43
C ASP A 14 12.10 -2.12 -9.89
N GLN A 15 11.02 -2.87 -10.13
CA GLN A 15 10.53 -3.21 -11.47
C GLN A 15 9.16 -2.54 -11.76
N GLN A 16 8.99 -2.15 -13.02
CA GLN A 16 7.84 -1.40 -13.51
C GLN A 16 6.75 -2.37 -13.99
N SER A 17 5.51 -2.20 -13.51
CA SER A 17 4.36 -2.99 -13.94
C SER A 17 3.75 -2.43 -15.24
N LEU A 18 4.35 -2.78 -16.39
CA LEU A 18 3.78 -2.54 -17.72
C LEU A 18 4.30 -3.62 -18.68
N ASP A 19 3.41 -4.16 -19.51
CA ASP A 19 3.67 -5.29 -20.41
C ASP A 19 2.82 -5.15 -21.70
N MET A 20 3.03 -6.03 -22.67
CA MET A 20 2.23 -6.13 -23.91
C MET A 20 1.54 -7.49 -24.09
N GLN A 21 1.89 -8.50 -23.28
CA GLN A 21 1.30 -9.84 -23.30
C GLN A 21 -0.11 -9.89 -22.67
N GLY A 22 -0.40 -8.92 -21.80
CA GLY A 22 -1.61 -8.83 -20.97
C GLY A 22 -1.34 -8.01 -19.71
N ASN A 23 -2.34 -7.83 -18.84
CA ASN A 23 -2.27 -6.93 -17.68
C ASN A 23 -1.53 -7.57 -16.47
N VAL A 24 -0.39 -8.22 -16.71
CA VAL A 24 0.47 -8.81 -15.67
C VAL A 24 1.30 -7.74 -14.96
N VAL A 25 1.69 -8.01 -13.70
CA VAL A 25 2.50 -7.09 -12.90
C VAL A 25 3.66 -7.83 -12.22
N THR A 26 4.81 -7.17 -12.11
CA THR A 26 6.05 -7.76 -11.61
C THR A 26 6.62 -6.87 -10.50
N PHE A 27 6.44 -7.27 -9.25
CA PHE A 27 6.85 -6.52 -8.06
C PHE A 27 7.68 -7.41 -7.12
N THR A 28 8.93 -7.01 -6.89
CA THR A 28 9.89 -7.64 -5.96
C THR A 28 10.90 -6.61 -5.45
N GLY A 29 11.59 -6.92 -4.35
CA GLY A 29 12.65 -6.11 -3.75
C GLY A 29 12.09 -5.10 -2.75
N ASN A 30 11.72 -3.92 -3.23
CA ASN A 30 11.15 -2.87 -2.40
C ASN A 30 10.03 -2.08 -3.11
N VAL A 31 8.90 -1.93 -2.42
CA VAL A 31 7.76 -1.07 -2.82
C VAL A 31 7.27 -0.30 -1.59
N ILE A 32 6.99 1.00 -1.72
CA ILE A 32 6.39 1.82 -0.64
C ILE A 32 5.08 2.42 -1.13
N VAL A 33 4.02 2.29 -0.32
CA VAL A 33 2.69 2.90 -0.54
C VAL A 33 2.47 4.00 0.50
N THR A 34 1.89 5.13 0.08
CA THR A 34 1.59 6.29 0.94
C THR A 34 0.12 6.70 0.82
N LEU A 35 -0.51 7.10 1.94
CA LEU A 35 -1.85 7.69 1.98
C LEU A 35 -2.01 8.59 3.23
N GLY A 36 -1.95 9.90 3.04
CA GLY A 36 -2.03 10.89 4.12
C GLY A 36 -0.97 10.63 5.20
N THR A 37 -1.40 10.42 6.44
CA THR A 37 -0.53 10.12 7.59
C THR A 37 0.10 8.71 7.54
N ILE A 38 -0.42 7.79 6.72
CA ILE A 38 -0.16 6.34 6.81
C ILE A 38 0.72 5.85 5.65
N LYS A 39 1.59 4.86 5.91
CA LYS A 39 2.36 4.15 4.87
C LYS A 39 2.42 2.63 5.10
N ILE A 40 2.71 1.91 4.02
CA ILE A 40 2.91 0.45 3.96
C ILE A 40 4.20 0.16 3.15
N ASN A 41 4.90 -0.94 3.44
CA ASN A 41 6.05 -1.41 2.66
C ASN A 41 5.87 -2.89 2.24
N ALA A 42 6.45 -3.26 1.09
CA ALA A 42 6.39 -4.61 0.57
C ALA A 42 7.65 -5.00 -0.23
N ASP A 43 7.81 -6.31 -0.45
CA ASP A 43 8.68 -6.92 -1.48
C ASP A 43 7.84 -7.11 -2.75
N LYS A 44 6.78 -7.92 -2.62
CA LYS A 44 5.75 -8.12 -3.62
C LYS A 44 4.46 -7.38 -3.27
N VAL A 45 3.78 -6.86 -4.28
CA VAL A 45 2.36 -6.49 -4.19
C VAL A 45 1.60 -7.11 -5.35
N VAL A 46 0.31 -7.39 -5.14
CA VAL A 46 -0.61 -7.78 -6.22
C VAL A 46 -1.70 -6.72 -6.30
N VAL A 47 -1.84 -6.10 -7.49
CA VAL A 47 -3.02 -5.29 -7.80
C VAL A 47 -4.12 -6.22 -8.32
N THR A 48 -5.34 -6.10 -7.77
CA THR A 48 -6.49 -6.94 -8.14
C THR A 48 -7.71 -6.07 -8.44
N ARG A 49 -8.50 -6.49 -9.45
CA ARG A 49 -9.72 -5.82 -9.90
C ARG A 49 -10.83 -6.83 -10.22
N PRO A 50 -11.75 -7.12 -9.29
CA PRO A 50 -12.91 -7.98 -9.54
C PRO A 50 -13.98 -7.20 -10.34
N GLY A 51 -13.76 -7.05 -11.65
CA GLY A 51 -14.60 -6.26 -12.54
C GLY A 51 -14.46 -4.76 -12.27
N GLY A 52 -15.34 -4.22 -11.42
CA GLY A 52 -15.42 -2.81 -11.05
C GLY A 52 -15.85 -1.90 -12.20
N GLU A 53 -16.99 -1.24 -12.08
CA GLU A 53 -17.62 -0.48 -13.16
C GLU A 53 -17.22 1.02 -13.16
N GLN A 54 -17.27 1.67 -12.00
CA GLN A 54 -16.86 3.07 -11.80
C GLN A 54 -15.33 3.20 -11.61
N GLY A 55 -14.66 2.10 -11.26
CA GLY A 55 -13.33 2.08 -10.66
C GLY A 55 -13.36 1.25 -9.38
N LYS A 56 -12.86 -0.01 -9.44
CA LYS A 56 -12.62 -0.83 -8.25
C LYS A 56 -11.30 -1.58 -8.36
N GLU A 57 -10.40 -1.29 -7.44
CA GLU A 57 -9.04 -1.83 -7.42
C GLU A 57 -8.53 -1.95 -5.97
N VAL A 58 -7.68 -2.94 -5.75
CA VAL A 58 -7.09 -3.28 -4.44
C VAL A 58 -5.59 -3.53 -4.61
N ILE A 59 -4.79 -3.31 -3.56
CA ILE A 59 -3.35 -3.62 -3.53
C ILE A 59 -2.96 -4.31 -2.21
N ASP A 60 -2.50 -5.55 -2.30
CA ASP A 60 -2.15 -6.39 -1.15
C ASP A 60 -0.62 -6.54 -1.04
N GLY A 61 -0.08 -6.62 0.17
CA GLY A 61 1.37 -6.67 0.44
C GLY A 61 1.75 -7.55 1.63
N TYR A 62 2.84 -8.31 1.50
CA TYR A 62 3.27 -9.31 2.49
C TYR A 62 4.74 -9.74 2.36
N GLY A 63 5.19 -10.63 3.25
CA GLY A 63 6.52 -11.28 3.21
C GLY A 63 7.68 -10.48 3.82
N LYS A 64 7.58 -9.14 3.92
CA LYS A 64 8.63 -8.28 4.47
C LYS A 64 8.98 -8.43 5.98
N PRO A 65 8.09 -8.80 6.93
CA PRO A 65 6.63 -8.97 6.86
C PRO A 65 5.88 -7.65 6.59
N ALA A 66 4.55 -7.71 6.40
CA ALA A 66 3.75 -6.50 6.23
C ALA A 66 3.72 -5.68 7.53
N THR A 67 3.80 -4.35 7.41
CA THR A 67 3.78 -3.42 8.55
C THR A 67 2.82 -2.27 8.35
N PHE A 68 2.23 -1.82 9.46
CA PHE A 68 1.48 -0.58 9.58
C PHE A 68 2.36 0.47 10.25
N TYR A 69 2.37 1.70 9.72
CA TYR A 69 3.10 2.83 10.28
C TYR A 69 2.38 4.15 10.00
N GLN A 70 2.27 5.01 11.02
CA GLN A 70 1.65 6.33 10.93
C GLN A 70 2.63 7.42 11.39
N MET A 71 2.75 8.49 10.59
CA MET A 71 3.52 9.68 10.96
C MET A 71 2.90 10.35 12.19
N GLN A 72 3.71 10.72 13.16
CA GLN A 72 3.30 10.78 14.57
C GLN A 72 2.60 12.11 14.94
N ASP A 73 1.38 12.31 14.44
CA ASP A 73 0.60 13.57 14.38
C ASP A 73 0.83 14.56 15.53
N ASN A 74 0.74 14.08 16.78
CA ASN A 74 0.80 14.88 18.00
C ASN A 74 1.96 14.43 18.93
N GLY A 75 3.02 13.84 18.36
CA GLY A 75 4.10 13.20 19.11
C GLY A 75 3.70 11.86 19.74
N LYS A 76 3.06 10.98 18.95
CA LYS A 76 2.60 9.63 19.35
C LYS A 76 2.99 8.60 18.27
N PRO A 77 3.99 7.72 18.49
CA PRO A 77 4.21 6.53 17.65
C PRO A 77 3.09 5.50 17.85
N VAL A 78 2.65 4.89 16.75
CA VAL A 78 1.76 3.73 16.70
C VAL A 78 2.06 2.91 15.45
N GLU A 79 2.39 1.63 15.63
CA GLU A 79 2.88 0.75 14.56
C GLU A 79 2.55 -0.73 14.83
N GLY A 80 2.57 -1.56 13.78
CA GLY A 80 2.12 -2.96 13.85
C GLY A 80 2.63 -3.84 12.72
N HIS A 81 2.38 -5.15 12.78
CA HIS A 81 2.82 -6.13 11.80
C HIS A 81 1.78 -7.21 11.47
N ALA A 82 1.94 -7.87 10.32
CA ALA A 82 1.15 -9.03 9.92
C ALA A 82 1.87 -9.92 8.88
N SER A 83 1.42 -11.17 8.76
CA SER A 83 1.86 -12.08 7.70
C SER A 83 1.28 -11.69 6.33
N GLN A 84 0.10 -11.06 6.34
CA GLN A 84 -0.70 -10.63 5.19
C GLN A 84 -1.29 -9.24 5.46
N MET A 85 -1.47 -8.42 4.44
CA MET A 85 -2.16 -7.14 4.54
C MET A 85 -2.86 -6.81 3.22
N HIS A 86 -4.14 -6.46 3.27
CA HIS A 86 -4.94 -6.07 2.10
C HIS A 86 -5.39 -4.61 2.16
N TYR A 87 -5.56 -3.99 0.98
CA TYR A 87 -6.05 -2.61 0.88
C TYR A 87 -6.90 -2.37 -0.37
N GLU A 88 -8.22 -2.39 -0.21
CA GLU A 88 -9.20 -2.12 -1.26
C GLU A 88 -9.54 -0.63 -1.40
N LEU A 89 -8.79 0.09 -2.23
CA LEU A 89 -8.89 1.54 -2.43
C LEU A 89 -10.34 2.00 -2.68
N ALA A 90 -11.07 1.34 -3.58
CA ALA A 90 -12.46 1.67 -3.91
C ALA A 90 -13.51 1.18 -2.89
N LYS A 91 -13.08 0.78 -1.70
CA LYS A 91 -13.90 0.54 -0.50
C LYS A 91 -13.13 0.92 0.78
N ASP A 92 -12.20 1.88 0.66
CA ASP A 92 -11.15 2.31 1.61
C ASP A 92 -11.21 1.69 3.03
N PHE A 93 -10.47 0.61 3.23
CA PHE A 93 -10.37 -0.13 4.49
C PHE A 93 -9.11 -1.00 4.50
N VAL A 94 -8.57 -1.33 5.68
CA VAL A 94 -7.37 -2.18 5.83
C VAL A 94 -7.66 -3.34 6.77
N VAL A 95 -7.07 -4.51 6.50
CA VAL A 95 -6.92 -5.57 7.50
C VAL A 95 -5.48 -6.10 7.50
N LEU A 96 -4.96 -6.29 8.71
CA LEU A 96 -3.75 -7.01 9.07
C LEU A 96 -4.14 -8.47 9.37
N THR A 97 -3.65 -9.44 8.60
CA THR A 97 -4.03 -10.87 8.72
C THR A 97 -2.83 -11.79 8.96
N GLY A 98 -3.07 -12.87 9.72
CA GLY A 98 -2.09 -13.89 10.06
C GLY A 98 -1.05 -13.39 11.07
N ASN A 99 -1.12 -13.88 12.31
CA ASN A 99 -0.20 -13.50 13.40
C ASN A 99 -0.17 -11.97 13.65
N ALA A 100 -1.29 -11.29 13.43
CA ALA A 100 -1.40 -9.84 13.42
C ALA A 100 -1.16 -9.20 14.79
N TYR A 101 -0.52 -8.03 14.81
CA TYR A 101 -0.17 -7.26 16.00
C TYR A 101 -0.23 -5.75 15.70
N LEU A 102 -0.72 -4.96 16.65
CA LEU A 102 -0.74 -3.49 16.58
C LEU A 102 -0.45 -2.91 17.97
N GLN A 103 0.43 -1.92 18.02
CA GLN A 103 0.90 -1.31 19.26
C GLN A 103 0.38 0.13 19.33
N GLN A 104 -0.63 0.35 20.19
CA GLN A 104 -1.14 1.69 20.51
C GLN A 104 -0.22 2.29 21.59
N VAL A 105 -0.14 3.62 21.65
CA VAL A 105 0.64 4.34 22.69
C VAL A 105 0.09 4.15 24.11
N ASP A 106 -1.08 3.52 24.23
CA ASP A 106 -1.79 3.16 25.46
C ASP A 106 -1.56 1.68 25.83
N SER A 107 -1.70 0.76 24.87
CA SER A 107 -1.72 -0.68 25.07
C SER A 107 -1.45 -1.42 23.76
N ASN A 108 -1.15 -2.73 23.81
CA ASN A 108 -0.85 -3.53 22.62
C ASN A 108 -1.90 -4.63 22.39
N ILE A 109 -2.29 -4.81 21.12
CA ILE A 109 -3.38 -5.70 20.72
C ILE A 109 -2.91 -6.67 19.62
N LYS A 110 -3.42 -7.90 19.67
CA LYS A 110 -2.91 -9.05 18.94
C LYS A 110 -4.05 -9.98 18.53
N GLY A 111 -3.96 -10.60 17.36
CA GLY A 111 -4.94 -11.60 16.92
C GLY A 111 -4.51 -12.43 15.71
N ASP A 112 -5.47 -13.13 15.13
CA ASP A 112 -5.44 -13.64 13.76
C ASP A 112 -5.65 -12.52 12.73
N LYS A 113 -6.49 -11.54 13.10
CA LYS A 113 -6.99 -10.42 12.29
C LYS A 113 -7.03 -9.14 13.14
N ILE A 114 -6.53 -8.03 12.60
CA ILE A 114 -6.78 -6.68 13.15
C ILE A 114 -7.19 -5.75 11.99
N THR A 115 -8.39 -5.16 12.06
CA THR A 115 -8.90 -4.20 11.08
C THR A 115 -8.40 -2.79 11.41
N TYR A 116 -8.06 -1.97 10.40
CA TYR A 116 -7.69 -0.56 10.60
C TYR A 116 -8.55 0.38 9.74
N LEU A 117 -8.92 1.51 10.36
CA LEU A 117 -9.74 2.57 9.80
C LEU A 117 -8.84 3.80 9.60
N VAL A 118 -8.69 4.27 8.37
CA VAL A 118 -7.70 5.31 8.01
C VAL A 118 -7.73 6.55 8.88
NT1 EU0 B 1 -8.63 10.47 -11.82
CT EU0 B 1 -7.95 10.00 -12.80
NT2 EU0 B 1 -8.50 9.96 -13.97
N EU0 B 1 -6.76 9.58 -12.58
CA EU0 B 1 -5.81 8.90 -13.50
CB EU0 B 1 -4.72 9.89 -14.01
CG1 EU0 B 1 -5.29 11.05 -14.84
CG2 EU0 B 1 -3.84 10.46 -12.87
C EU0 B 1 -5.21 7.63 -12.87
O EU0 B 1 -5.28 7.49 -11.64
HT12 EU0 B 1 -8.18 10.60 -10.91
HT22 EU0 B 1 -9.46 10.29 -14.09
HT21 EU0 B 1 -7.95 9.65 -14.77
H EU0 B 1 -6.43 9.59 -11.60
HA EU0 B 1 -6.35 8.57 -14.39
HB EU0 B 1 -4.05 9.31 -14.66
HG11 EU0 B 1 -5.88 10.67 -15.66
HG13 EU0 B 1 -4.47 11.65 -15.25
HG12 EU0 B 1 -5.90 11.70 -14.20
HG23 EU0 B 1 -4.44 11.08 -12.20
HG22 EU0 B 1 -3.05 11.09 -13.28
HG21 EU0 B 1 -3.38 9.66 -12.30
HT11 EU0 B 1 -9.59 10.82 -11.97
N HYP B 2 -4.61 6.70 -13.64
CA HYP B 2 -3.97 5.51 -13.09
C HYP B 2 -2.85 5.76 -12.06
O HYP B 2 -2.24 6.83 -12.01
CB HYP B 2 -3.38 4.74 -14.27
CG HYP B 2 -4.24 5.16 -15.46
CD HYP B 2 -4.65 6.59 -15.10
OD1 HYP B 2 -5.34 4.28 -15.57
HA HYP B 2 -4.74 4.89 -12.62
HB2 HYP B 2 -2.35 5.06 -14.45
HB3 HYP B 2 -3.41 3.67 -14.08
HG HYP B 2 -3.67 5.15 -16.39
HD22 HYP B 2 -3.94 7.28 -15.54
HD23 HYP B 2 -5.65 6.78 -15.49
HD1 HYP B 2 -4.94 3.45 -15.89
N ILE B 3 -2.52 4.68 -11.35
CA ILE B 3 -1.43 4.61 -10.37
C ILE B 3 -0.11 5.06 -11.00
N THR B 4 0.63 5.94 -10.32
CA THR B 4 1.97 6.42 -10.72
C THR B 4 3.06 5.71 -9.92
N TYR B 5 4.15 5.33 -10.59
CA TYR B 5 5.35 4.78 -10.00
C TYR B 5 6.58 5.57 -10.45
O LE1 B 6 10.27 4.96 -8.69
C LE1 B 6 9.75 5.32 -9.75
CA LE1 B 6 8.77 6.51 -9.81
N LE1 B 6 7.41 6.03 -9.51
CB LE1 B 6 9.17 7.74 -8.97
C9 LE1 B 6 10.65 8.12 -9.16
C8 LE1 B 6 8.93 7.59 -7.46
SG LE1 B 6 8.13 9.15 -9.52
HA LE1 B 6 8.80 6.84 -10.84
H LE1 B 6 7.16 5.87 -8.54
H9 LE1 B 6 10.93 8.11 -10.22
H9A LE1 B 6 11.30 7.41 -8.64
H9B LE1 B 6 10.84 9.12 -8.76
H8 LE1 B 6 9.36 8.43 -6.93
H8A LE1 B 6 9.41 6.68 -7.08
H8B LE1 B 6 7.87 7.56 -7.24
N ASN B 7 9.90 4.60 -10.87
CA ASN B 7 10.62 3.32 -10.85
C ASN B 7 12.12 3.52 -10.53
N ARG B 8 12.56 2.79 -9.52
CA ARG B 8 13.91 2.82 -8.90
C ARG B 8 14.98 2.23 -9.81
N DAB B 9 14.64 1.80 -11.03
CA DAB B 9 15.61 1.43 -12.09
C DAB B 9 15.46 2.25 -13.40
O DAB B 9 16.12 1.93 -14.38
CB DAB B 9 15.57 -0.08 -12.39
CG DAB B 9 16.19 -0.93 -11.29
ND DAB B 9 15.36 -0.83 -10.09
H DAB B 9 13.66 1.86 -11.26
HA DAB B 9 16.62 1.67 -11.75
HB2 DAB B 9 14.55 -0.40 -12.59
HB3 DAB B 9 16.15 -0.28 -13.29
HG2 DAB B 9 16.23 -1.97 -11.63
HG3 DAB B 9 17.21 -0.58 -11.10
HD1 DAB B 9 15.38 0.11 -9.74
HD2 DAB B 9 15.67 -1.39 -9.29
HD3 DAB B 9 14.41 -1.09 -10.30
N THR B 10 14.63 3.31 -13.43
CA THR B 10 14.57 4.25 -14.56
C THR B 10 14.85 5.69 -14.17
N 4FO B 11 14.61 6.08 -12.91
CA 4FO B 11 14.69 7.50 -12.54
C 4FO B 11 13.41 8.29 -12.95
O 4FO B 11 12.73 8.88 -12.13
CB 4FO B 11 15.06 7.65 -11.06
CG 4FO B 11 16.51 7.19 -10.85
NZ 4FO B 11 17.03 7.65 -9.55
H 4FO B 11 14.07 5.46 -12.32
HA 4FO B 11 15.49 7.97 -13.12
HB2 4FO B 11 14.38 7.07 -10.44
HB3 4FO B 11 14.99 8.70 -10.79
HG3 4FO B 11 16.54 6.10 -10.92
HG2 4FO B 11 17.13 7.59 -11.66
HZ3 4FO B 11 17.99 7.34 -9.42
HZ2 4FO B 11 16.46 7.29 -8.80
HZ1 4FO B 11 17.01 8.67 -9.51
N LYS B 12 13.09 8.25 -14.25
CA LYS B 12 11.88 8.84 -14.84
C LYS B 12 10.66 7.95 -14.57
N CYS B 13 9.59 8.57 -14.09
CA CYS B 13 8.40 7.91 -13.55
C CYS B 13 7.42 7.47 -14.66
N DAB B 14 6.43 6.66 -14.32
CA DAB B 14 5.28 6.39 -15.20
C DAB B 14 3.95 6.14 -14.46
O DAB B 14 3.94 5.50 -13.40
CB DAB B 14 5.58 5.16 -16.07
CG DAB B 14 6.62 5.46 -17.15
ND DAB B 14 6.73 4.30 -18.04
H DAB B 14 6.38 6.30 -13.37
HA DAB B 14 5.12 7.26 -15.85
HB2 DAB B 14 5.93 4.35 -15.43
HB3 DAB B 14 4.66 4.84 -16.56
HG2 DAB B 14 6.31 6.35 -17.71
HG3 DAB B 14 7.59 5.67 -16.67
HD1 DAB B 14 7.42 4.46 -18.75
HD2 DAB B 14 5.84 4.04 -18.42
HD3 DAB B 14 7.06 3.53 -17.46
N ARG B 15 2.85 6.47 -15.12
CA ARG B 15 1.51 5.93 -14.85
C ARG B 15 1.31 4.53 -15.48
N TYR B 16 0.34 3.80 -14.93
CA TYR B 16 -0.34 2.63 -15.52
C TYR B 16 -1.59 3.09 -16.31
N VAL A 1 6.92 23.90 -14.78
CA VAL A 1 6.26 22.93 -13.88
C VAL A 1 4.78 23.24 -13.82
N THR A 2 3.95 22.24 -13.51
CA THR A 2 2.55 22.38 -13.13
C THR A 2 2.41 22.58 -11.62
N GLY A 3 1.21 22.96 -11.14
CA GLY A 3 0.76 22.60 -9.78
C GLY A 3 -0.09 21.31 -9.79
N ASP A 4 -0.71 21.08 -10.95
CA ASP A 4 -1.41 19.92 -11.45
C ASP A 4 -0.54 18.65 -11.35
N THR A 5 -0.98 17.65 -10.58
CA THR A 5 -0.19 16.43 -10.28
C THR A 5 -1.00 15.32 -9.62
N ASP A 6 -2.03 15.68 -8.84
CA ASP A 6 -3.21 14.88 -8.49
C ASP A 6 -2.93 13.52 -7.82
N GLN A 7 -1.83 13.45 -7.05
CA GLN A 7 -1.35 12.25 -6.37
C GLN A 7 -1.55 12.33 -4.84
N PRO A 8 -2.74 11.98 -4.30
CA PRO A 8 -2.98 11.89 -2.85
C PRO A 8 -2.34 10.62 -2.23
N ILE A 9 -1.98 9.66 -3.07
CA ILE A 9 -1.18 8.46 -2.76
C ILE A 9 0.03 8.51 -3.70
N HIS A 10 1.23 8.18 -3.22
CA HIS A 10 2.40 8.00 -4.08
C HIS A 10 2.87 6.54 -4.08
N ILE A 11 3.38 6.08 -5.23
CA ILE A 11 4.02 4.77 -5.39
C ILE A 11 5.31 4.94 -6.21
N GLU A 12 6.43 4.62 -5.58
CA GLU A 12 7.77 4.45 -6.15
C GLU A 12 8.23 3.01 -5.85
N SER A 13 8.77 2.32 -6.85
CA SER A 13 9.09 0.90 -6.76
C SER A 13 10.30 0.51 -7.60
N ASP A 14 11.01 -0.54 -7.18
CA ASP A 14 12.30 -0.90 -7.77
C ASP A 14 12.18 -1.70 -9.08
N GLN A 15 11.30 -2.71 -9.10
CA GLN A 15 11.20 -3.67 -10.20
C GLN A 15 9.90 -3.48 -11.00
N GLN A 16 9.88 -4.04 -12.21
CA GLN A 16 8.78 -3.89 -13.15
C GLN A 16 8.50 -5.22 -13.81
N SER A 17 7.23 -5.61 -13.84
CA SER A 17 6.73 -6.68 -14.71
C SER A 17 5.45 -6.17 -15.38
N LEU A 18 5.44 -6.21 -16.71
CA LEU A 18 4.32 -5.90 -17.58
C LEU A 18 4.30 -6.93 -18.70
N ASP A 19 3.13 -7.12 -19.33
CA ASP A 19 2.91 -8.08 -20.40
C ASP A 19 2.38 -7.38 -21.68
N MET A 20 2.44 -8.08 -22.80
CA MET A 20 1.98 -7.62 -24.13
C MET A 20 0.69 -8.33 -24.60
N GLN A 21 0.10 -9.22 -23.79
CA GLN A 21 -1.00 -10.12 -24.15
C GLN A 21 -2.25 -9.89 -23.30
N GLY A 22 -2.09 -9.40 -22.06
CA GLY A 22 -3.17 -8.97 -21.16
C GLY A 22 -2.71 -7.97 -20.08
N ASN A 23 -3.68 -7.35 -19.41
CA ASN A 23 -3.51 -6.12 -18.60
C ASN A 23 -2.83 -6.34 -17.22
N VAL A 24 -1.82 -7.21 -17.11
CA VAL A 24 -1.22 -7.60 -15.81
C VAL A 24 0.04 -6.79 -15.46
N VAL A 25 0.18 -6.48 -14.16
CA VAL A 25 1.32 -5.77 -13.57
C VAL A 25 1.80 -6.55 -12.34
N THR A 26 3.12 -6.74 -12.20
CA THR A 26 3.70 -7.35 -10.98
C THR A 26 4.85 -6.51 -10.44
N PHE A 27 4.72 -6.09 -9.18
CA PHE A 27 5.72 -5.39 -8.39
C PHE A 27 6.62 -6.38 -7.64
N THR A 28 7.88 -6.05 -7.42
CA THR A 28 8.87 -6.82 -6.64
C THR A 28 10.01 -5.91 -6.16
N GLY A 29 10.91 -6.46 -5.32
CA GLY A 29 12.11 -5.78 -4.83
C GLY A 29 11.79 -4.86 -3.66
N ASN A 30 11.29 -3.66 -3.96
CA ASN A 30 10.72 -2.73 -2.96
C ASN A 30 9.48 -2.03 -3.53
N VAL A 31 8.47 -1.80 -2.68
CA VAL A 31 7.36 -0.87 -2.90
C VAL A 31 7.17 0.01 -1.66
N ILE A 32 6.81 1.28 -1.87
CA ILE A 32 6.38 2.23 -0.84
C ILE A 32 4.93 2.65 -1.14
N VAL A 33 4.07 2.70 -0.12
CA VAL A 33 2.72 3.30 -0.24
C VAL A 33 2.49 4.27 0.92
N THR A 34 2.04 5.49 0.59
CA THR A 34 1.81 6.59 1.53
C THR A 34 0.33 6.97 1.60
N LEU A 35 -0.19 7.26 2.80
CA LEU A 35 -1.57 7.71 3.01
C LEU A 35 -1.62 8.68 4.22
N GLY A 36 -1.25 9.94 3.96
CA GLY A 36 -1.21 10.99 4.99
C GLY A 36 -0.23 10.68 6.11
N THR A 37 -0.75 10.45 7.32
CA THR A 37 0.04 10.10 8.52
C THR A 37 0.54 8.64 8.52
N ILE A 38 -0.05 7.75 7.72
CA ILE A 38 0.31 6.31 7.68
C ILE A 38 1.10 5.95 6.41
N LYS A 39 1.95 4.91 6.50
CA LYS A 39 2.66 4.33 5.37
C LYS A 39 2.90 2.81 5.49
N ILE A 40 2.91 2.14 4.35
CA ILE A 40 3.10 0.69 4.16
C ILE A 40 4.37 0.43 3.33
N ASN A 41 5.00 -0.73 3.49
CA ASN A 41 6.09 -1.21 2.63
C ASN A 41 5.96 -2.71 2.34
N ALA A 42 6.49 -3.13 1.19
CA ALA A 42 6.57 -4.52 0.75
C ALA A 42 7.74 -4.74 -0.22
N ASP A 43 7.99 -5.99 -0.62
CA ASP A 43 8.65 -6.33 -1.90
C ASP A 43 7.57 -6.49 -3.00
N LYS A 44 6.63 -7.41 -2.76
CA LYS A 44 5.53 -7.77 -3.66
C LYS A 44 4.23 -7.10 -3.26
N VAL A 45 3.55 -6.53 -4.25
CA VAL A 45 2.20 -5.93 -4.17
C VAL A 45 1.33 -6.45 -5.31
N VAL A 46 0.00 -6.49 -5.10
CA VAL A 46 -1.03 -6.81 -6.10
C VAL A 46 -2.05 -5.65 -6.15
N VAL A 47 -2.55 -5.30 -7.33
CA VAL A 47 -3.44 -4.14 -7.58
C VAL A 47 -4.55 -4.51 -8.57
N THR A 48 -5.64 -3.72 -8.60
CA THR A 48 -6.69 -3.80 -9.63
C THR A 48 -6.19 -3.51 -11.06
N ARG A 49 -7.02 -3.79 -12.08
CA ARG A 49 -6.69 -3.55 -13.51
C ARG A 49 -7.88 -3.31 -14.48
N PRO A 50 -8.95 -2.57 -14.11
CA PRO A 50 -10.18 -2.48 -14.93
C PRO A 50 -10.04 -1.66 -16.22
N GLY A 51 -8.96 -0.89 -16.40
CA GLY A 51 -8.60 -0.25 -17.67
C GLY A 51 -9.38 1.01 -18.06
N GLY A 52 -10.34 1.47 -17.25
CA GLY A 52 -11.09 2.71 -17.53
C GLY A 52 -12.01 3.21 -16.43
N GLU A 53 -11.90 2.69 -15.20
CA GLU A 53 -12.73 3.08 -14.05
C GLU A 53 -11.98 2.82 -12.72
N GLN A 54 -12.47 3.38 -11.61
CA GLN A 54 -11.85 3.26 -10.28
C GLN A 54 -12.81 2.68 -9.20
N GLY A 55 -14.03 2.30 -9.56
CA GLY A 55 -15.08 1.85 -8.65
C GLY A 55 -14.78 0.54 -7.94
N LYS A 56 -13.84 -0.28 -8.43
CA LYS A 56 -13.11 -1.26 -7.59
C LYS A 56 -11.60 -1.23 -7.80
N GLU A 57 -10.97 -0.27 -7.14
CA GLU A 57 -9.57 -0.39 -6.72
C GLU A 57 -9.42 -1.20 -5.43
N VAL A 58 -8.42 -2.09 -5.43
CA VAL A 58 -8.09 -3.03 -4.36
C VAL A 58 -6.57 -3.26 -4.38
N ILE A 59 -5.96 -3.41 -3.22
CA ILE A 59 -4.50 -3.53 -3.07
C ILE A 59 -4.13 -4.38 -1.84
N ASP A 60 -3.14 -5.26 -2.01
CA ASP A 60 -2.48 -5.99 -0.93
C ASP A 60 -0.98 -6.17 -1.15
N GLY A 61 -0.24 -6.35 -0.07
CA GLY A 61 1.22 -6.33 -0.06
C GLY A 61 1.81 -6.86 1.25
N TYR A 62 2.90 -7.62 1.14
CA TYR A 62 3.47 -8.36 2.27
C TYR A 62 4.95 -8.77 2.04
N GLY A 63 5.38 -9.91 2.58
CA GLY A 63 6.74 -10.47 2.47
C GLY A 63 7.80 -9.77 3.33
N LYS A 64 7.61 -8.49 3.66
CA LYS A 64 8.60 -7.65 4.35
C LYS A 64 8.90 -7.94 5.84
N PRO A 65 8.08 -8.60 6.69
CA PRO A 65 6.66 -8.98 6.53
C PRO A 65 5.75 -7.74 6.38
N ALA A 66 4.43 -7.91 6.28
CA ALA A 66 3.53 -6.76 6.10
C ALA A 66 3.55 -5.86 7.35
N THR A 67 3.86 -4.58 7.17
CA THR A 67 3.94 -3.60 8.28
C THR A 67 3.14 -2.33 7.99
N PHE A 68 2.56 -1.80 9.07
CA PHE A 68 1.83 -0.54 9.13
C PHE A 68 2.59 0.40 10.08
N TYR A 69 2.86 1.63 9.65
CA TYR A 69 3.51 2.67 10.47
C TYR A 69 2.75 4.00 10.35
N GLN A 70 2.54 4.68 11.49
CA GLN A 70 1.86 5.96 11.63
C GLN A 70 2.67 6.91 12.51
N MET A 71 2.81 8.19 12.13
CA MET A 71 3.66 9.16 12.82
C MET A 71 2.93 10.47 13.15
N GLN A 72 2.28 10.50 14.32
CA GLN A 72 1.53 11.69 14.75
C GLN A 72 2.42 12.82 15.28
N ASP A 73 2.09 14.02 14.82
CA ASP A 73 2.11 15.31 15.53
C ASP A 73 2.03 15.20 17.07
N ASN A 74 1.10 14.37 17.55
CA ASN A 74 0.58 14.39 18.91
C ASN A 74 1.56 13.78 19.93
N GLY A 75 2.77 13.41 19.48
CA GLY A 75 3.69 12.52 20.20
C GLY A 75 3.17 11.08 20.31
N LYS A 76 2.29 10.64 19.38
CA LYS A 76 1.53 9.39 19.48
C LYS A 76 1.65 8.51 18.21
N PRO A 77 2.88 8.06 17.86
CA PRO A 77 3.08 7.14 16.75
C PRO A 77 2.44 5.77 17.03
N VAL A 78 2.21 4.99 15.97
CA VAL A 78 1.69 3.60 16.06
C VAL A 78 2.37 2.76 14.98
N GLU A 79 2.88 1.59 15.35
CA GLU A 79 3.34 0.56 14.42
C GLU A 79 2.64 -0.79 14.69
N GLY A 80 2.37 -1.54 13.62
CA GLY A 80 1.85 -2.91 13.65
C GLY A 80 2.42 -3.76 12.51
N HIS A 81 2.28 -5.08 12.64
CA HIS A 81 2.80 -6.07 11.69
C HIS A 81 1.85 -7.26 11.52
N ALA A 82 1.95 -7.96 10.39
CA ALA A 82 1.25 -9.20 10.10
C ALA A 82 1.91 -9.98 8.94
N SER A 83 1.43 -11.19 8.67
CA SER A 83 1.80 -11.99 7.50
C SER A 83 1.24 -11.42 6.18
N GLN A 84 0.18 -10.61 6.23
CA GLN A 84 -0.50 -9.98 5.09
C GLN A 84 -1.06 -8.59 5.47
N MET A 85 -1.15 -7.67 4.51
CA MET A 85 -1.99 -6.46 4.59
C MET A 85 -2.81 -6.30 3.31
N HIS A 86 -4.09 -5.92 3.44
CA HIS A 86 -5.04 -5.73 2.32
C HIS A 86 -5.96 -4.50 2.54
N TYR A 87 -6.45 -3.91 1.45
CA TYR A 87 -7.28 -2.70 1.42
C TYR A 87 -8.17 -2.66 0.17
N GLU A 88 -9.41 -2.21 0.29
CA GLU A 88 -10.30 -1.84 -0.82
C GLU A 88 -10.62 -0.34 -0.78
N LEU A 89 -10.64 0.30 -1.96
CA LEU A 89 -11.19 1.65 -2.19
C LEU A 89 -12.75 1.63 -2.26
N ALA A 90 -13.34 0.76 -1.45
CA ALA A 90 -14.77 0.49 -1.30
C ALA A 90 -15.06 -0.07 0.12
N LYS A 91 -14.18 0.24 1.08
CA LYS A 91 -14.19 -0.18 2.50
C LYS A 91 -13.32 0.77 3.33
N ASP A 92 -12.14 1.11 2.78
CA ASP A 92 -11.29 2.23 3.20
C ASP A 92 -10.79 2.20 4.65
N PHE A 93 -10.77 0.98 5.19
CA PHE A 93 -10.08 0.56 6.39
C PHE A 93 -9.06 -0.54 6.03
N VAL A 94 -7.95 -0.61 6.78
CA VAL A 94 -6.90 -1.60 6.55
C VAL A 94 -7.30 -2.93 7.20
N VAL A 95 -7.01 -4.06 6.56
CA VAL A 95 -7.02 -5.39 7.22
C VAL A 95 -5.62 -6.00 7.22
N LEU A 96 -5.30 -6.67 8.33
CA LEU A 96 -4.03 -7.32 8.64
C LEU A 96 -4.31 -8.76 9.08
N THR A 97 -3.69 -9.75 8.42
CA THR A 97 -3.97 -11.19 8.66
C THR A 97 -2.72 -12.06 8.76
N GLY A 98 -2.87 -13.14 9.55
CA GLY A 98 -1.82 -14.08 9.93
C GLY A 98 -0.83 -13.46 10.92
N ASN A 99 -0.81 -13.93 12.17
CA ASN A 99 0.07 -13.45 13.25
C ASN A 99 0.15 -11.91 13.32
N ALA A 100 -1.02 -11.26 13.39
CA ALA A 100 -1.14 -9.81 13.37
C ALA A 100 -0.95 -9.20 14.78
N TYR A 101 -0.33 -8.01 14.82
CA TYR A 101 -0.06 -7.21 16.02
C TYR A 101 -0.27 -5.72 15.72
N LEU A 102 -0.84 -4.96 16.66
CA LEU A 102 -0.91 -3.50 16.59
C LEU A 102 -0.84 -2.88 18.00
N GLN A 103 0.00 -1.87 18.19
CA GLN A 103 0.06 -1.12 19.45
C GLN A 103 -0.99 0.00 19.50
N GLN A 104 -1.33 0.46 20.71
CA GLN A 104 -2.22 1.61 20.89
C GLN A 104 -1.88 2.35 22.20
N VAL A 105 -2.41 3.57 22.36
CA VAL A 105 -2.10 4.49 23.49
C VAL A 105 -2.77 4.12 24.82
N ASP A 106 -3.04 2.83 25.00
CA ASP A 106 -3.67 2.18 26.16
C ASP A 106 -3.08 0.76 26.31
N SER A 107 -3.23 -0.08 25.27
CA SER A 107 -2.61 -1.41 25.20
C SER A 107 -2.56 -1.97 23.78
N ASN A 108 -1.67 -2.95 23.58
CA ASN A 108 -1.50 -3.69 22.33
C ASN A 108 -2.58 -4.75 22.06
N ILE A 109 -2.97 -4.90 20.80
CA ILE A 109 -3.87 -5.97 20.30
C ILE A 109 -3.12 -6.93 19.37
N LYS A 110 -3.56 -8.18 19.30
CA LYS A 110 -2.95 -9.28 18.53
C LYS A 110 -3.95 -10.38 18.21
N GLY A 111 -3.73 -11.12 17.13
CA GLY A 111 -4.57 -12.26 16.72
C GLY A 111 -4.20 -12.78 15.33
N ASP A 112 -5.03 -13.63 14.73
CA ASP A 112 -4.90 -13.99 13.30
C ASP A 112 -5.49 -12.91 12.38
N LYS A 113 -6.32 -12.01 12.93
CA LYS A 113 -7.07 -10.94 12.26
C LYS A 113 -6.99 -9.64 13.06
N ILE A 114 -6.60 -8.55 12.39
CA ILE A 114 -6.67 -7.17 12.86
C ILE A 114 -7.25 -6.29 11.75
N THR A 115 -7.92 -5.20 12.12
CA THR A 115 -8.21 -4.08 11.21
C THR A 115 -7.75 -2.74 11.82
N TYR A 116 -7.59 -1.71 11.00
CA TYR A 116 -7.32 -0.34 11.48
C TYR A 116 -8.16 0.69 10.74
N LEU A 117 -8.60 1.71 11.49
CA LEU A 117 -9.59 2.71 11.10
C LEU A 117 -8.96 4.11 11.09
N VAL A 118 -9.42 5.01 10.22
CA VAL A 118 -8.92 6.39 10.21
C VAL A 118 -9.39 7.22 11.40
NT1 EU0 B 1 -6.13 13.57 -15.85
CT EU0 B 1 -5.58 13.60 -14.69
NT2 EU0 B 1 -4.87 14.62 -14.41
N EU0 B 1 -5.77 12.59 -13.90
CA EU0 B 1 -4.95 12.22 -12.72
CB EU0 B 1 -5.88 11.89 -11.52
CG1 EU0 B 1 -6.92 12.99 -11.24
CG2 EU0 B 1 -6.63 10.54 -11.66
C EU0 B 1 -3.99 11.05 -13.06
O EU0 B 1 -4.25 10.37 -14.05
HT12 EU0 B 1 -6.66 12.75 -16.14
HT22 EU0 B 1 -4.82 15.43 -15.04
HT21 EU0 B 1 -4.61 14.81 -13.41
H EU0 B 1 -6.30 11.81 -14.28
HA EU0 B 1 -4.33 13.06 -12.42
HB EU0 B 1 -5.24 11.81 -10.63
HG11 EU0 B 1 -6.44 13.97 -11.23
HG13 EU0 B 1 -7.39 12.82 -10.27
HG12 EU0 B 1 -7.70 12.98 -12.01
HG23 EU0 B 1 -7.25 10.54 -12.55
HG22 EU0 B 1 -7.25 10.38 -10.78
HG21 EU0 B 1 -5.92 9.71 -11.71
HT11 EU0 B 1 -5.97 14.35 -16.49
N HYP B 2 -2.98 10.72 -12.25
CA HYP B 2 -2.21 9.49 -12.41
C HYP B 2 -2.99 8.27 -11.88
O HYP B 2 -3.66 8.38 -10.86
CB HYP B 2 -0.90 9.69 -11.62
CG HYP B 2 -1.05 11.01 -10.86
CD HYP B 2 -2.50 11.45 -11.09
OD1 HYP B 2 -0.16 11.98 -11.38
HA HYP B 2 -1.96 9.33 -13.46
HB2 HYP B 2 -0.74 8.87 -10.92
HB3 HYP B 2 -0.06 9.73 -12.31
HG HYP B 2 -0.87 10.87 -9.79
HD22 HYP B 2 -3.09 11.19 -10.22
HD23 HYP B 2 -2.53 12.53 -11.25
HD1 HYP B 2 -0.29 12.79 -10.85
N ILE B 3 -2.80 7.10 -12.49
CA ILE B 3 -3.33 5.79 -12.02
C ILE B 3 -2.20 4.74 -12.05
N THR B 4 -1.00 5.12 -11.62
CA THR B 4 0.23 4.37 -11.90
C THR B 4 1.38 4.75 -10.96
N TYR B 5 2.61 4.29 -11.25
CA TYR B 5 3.76 4.34 -10.33
C TYR B 5 5.06 4.74 -11.04
O LE1 B 6 7.90 3.59 -9.76
C LE1 B 6 8.29 4.57 -10.42
CA LE1 B 6 7.31 5.73 -10.74
N LE1 B 6 5.93 5.41 -10.31
CB LE1 B 6 7.74 7.16 -10.28
C9 LE1 B 6 9.20 7.52 -10.60
C8 LE1 B 6 7.57 7.36 -8.77
SG LE1 B 6 6.62 8.34 -11.12
HA LE1 B 6 7.30 5.77 -11.82
H LE1 B 6 5.71 5.55 -9.32
H9 LE1 B 6 9.36 8.59 -10.45
H9A LE1 B 6 9.45 7.30 -11.64
H9B LE1 B 6 9.88 6.99 -9.95
H8 LE1 B 6 7.92 8.35 -8.49
H8A LE1 B 6 8.14 6.61 -8.24
H8B LE1 B 6 6.52 7.29 -8.49
N ASN B 7 9.45 4.54 -11.08
CA ASN B 7 10.34 3.38 -11.04
C ASN B 7 11.78 3.79 -10.65
N ARG B 8 12.29 3.31 -9.51
CA ARG B 8 13.60 3.74 -8.96
C ARG B 8 14.74 3.54 -9.94
N DAB B 9 14.72 2.40 -10.62
CA DAB B 9 15.78 1.97 -11.54
C DAB B 9 15.76 2.68 -12.92
O DAB B 9 16.62 2.39 -13.74
CB DAB B 9 15.69 0.44 -11.66
CG DAB B 9 15.98 -0.25 -10.33
ND DAB B 9 15.62 -1.67 -10.41
H DAB B 9 13.93 1.79 -10.45
HA DAB B 9 16.74 2.23 -11.09
HB2 DAB B 9 14.70 0.17 -12.02
HB3 DAB B 9 16.43 0.10 -12.41
HG2 DAB B 9 17.05 -0.13 -10.07
HG3 DAB B 9 15.39 0.22 -9.54
HD1 DAB B 9 16.16 -2.22 -11.05
HD2 DAB B 9 14.62 -1.77 -10.54
HD3 DAB B 9 15.72 -2.08 -9.46
N THR B 10 14.81 3.59 -13.18
CA THR B 10 14.84 4.46 -14.38
C THR B 10 14.49 5.93 -14.13
N 4FO B 11 13.81 6.29 -13.05
CA 4FO B 11 13.41 7.67 -12.73
C 4FO B 11 12.29 8.25 -13.65
O 4FO B 11 11.35 8.88 -13.15
CB 4FO B 11 12.98 7.75 -11.25
CG 4FO B 11 14.03 7.28 -10.24
NZ 4FO B 11 13.55 7.54 -8.87
H 4FO B 11 13.45 5.56 -12.44
HA 4FO B 11 14.28 8.33 -12.87
HB2 4FO B 11 12.08 7.15 -11.12
HB3 4FO B 11 12.73 8.79 -11.02
HG3 4FO B 11 14.20 6.20 -10.39
HG2 4FO B 11 14.97 7.80 -10.44
HZ3 4FO B 11 12.68 7.03 -8.66
HZ2 4FO B 11 13.33 8.52 -8.72
HZ1 4FO B 11 14.22 7.23 -8.18
N LYS B 12 12.24 7.87 -14.93
CA LYS B 12 10.98 7.78 -15.67
C LYS B 12 10.05 6.75 -15.02
N CYS B 13 8.75 6.95 -15.18
CA CYS B 13 7.69 6.18 -14.53
C CYS B 13 7.06 5.15 -15.49
N DAB B 14 5.99 4.49 -15.05
CA DAB B 14 5.03 3.86 -15.96
C DAB B 14 3.71 4.64 -15.99
O DAB B 14 3.35 5.26 -15.00
CB DAB B 14 4.82 2.40 -15.52
CG DAB B 14 6.14 1.65 -15.57
ND DAB B 14 5.97 0.21 -15.30
H DAB B 14 5.66 4.69 -14.11
HA DAB B 14 5.42 3.85 -16.98
HB2 DAB B 14 4.43 2.39 -14.50
HB3 DAB B 14 4.10 1.92 -16.19
HG2 DAB B 14 6.59 1.79 -16.56
HG3 DAB B 14 6.82 2.08 -14.84
HD1 DAB B 14 5.65 0.03 -14.35
HD2 DAB B 14 6.90 -0.21 -15.37
HD3 DAB B 14 5.36 -0.24 -15.97
N ARG B 15 2.93 4.50 -17.07
CA ARG B 15 1.53 4.95 -17.15
C ARG B 15 0.59 3.78 -17.51
N TYR B 16 -0.62 3.79 -16.97
CA TYR B 16 -1.85 3.24 -17.57
C TYR B 16 -2.60 4.44 -18.21
N VAL A 1 7.99 15.70 -19.80
CA VAL A 1 8.63 14.53 -19.14
C VAL A 1 7.55 13.68 -18.50
N THR A 2 7.78 12.39 -18.28
CA THR A 2 6.71 11.44 -17.89
C THR A 2 6.31 11.56 -16.42
N GLY A 3 5.09 12.05 -16.17
CA GLY A 3 4.45 12.20 -14.87
C GLY A 3 3.06 12.83 -15.01
N ASP A 4 2.40 13.14 -13.89
CA ASP A 4 1.07 13.77 -13.85
C ASP A 4 0.96 14.88 -12.78
N THR A 5 -0.11 15.68 -12.85
CA THR A 5 -0.35 16.89 -12.06
C THR A 5 -0.53 16.66 -10.56
N ASP A 6 -1.28 15.63 -10.18
CA ASP A 6 -1.90 15.48 -8.86
C ASP A 6 -1.48 14.15 -8.23
N GLN A 7 -0.50 14.22 -7.33
CA GLN A 7 0.18 13.05 -6.76
C GLN A 7 0.14 13.01 -5.22
N PRO A 8 -1.06 13.01 -4.57
CA PRO A 8 -1.16 12.79 -3.12
C PRO A 8 -0.81 11.35 -2.71
N ILE A 9 -0.68 10.44 -3.68
CA ILE A 9 -0.06 9.13 -3.55
C ILE A 9 1.00 9.01 -4.66
N HIS A 10 2.20 8.59 -4.30
CA HIS A 10 3.37 8.50 -5.17
C HIS A 10 4.15 7.23 -4.79
N ILE A 11 4.40 6.33 -5.74
CA ILE A 11 4.85 4.95 -5.45
C ILE A 11 6.18 4.67 -6.17
N GLU A 12 7.11 4.00 -5.47
CA GLU A 12 8.36 3.50 -6.04
C GLU A 12 8.55 1.99 -5.74
N SER A 13 8.89 1.23 -6.78
CA SER A 13 9.38 -0.18 -6.80
C SER A 13 10.83 -0.25 -7.30
N ASP A 14 11.46 -1.42 -7.50
CA ASP A 14 12.73 -1.52 -8.25
C ASP A 14 12.54 -1.91 -9.72
N GLN A 15 11.66 -2.89 -9.99
CA GLN A 15 11.24 -3.27 -11.35
C GLN A 15 9.71 -3.23 -11.48
N GLN A 16 9.25 -2.98 -12.71
CA GLN A 16 7.84 -2.95 -13.10
C GLN A 16 7.66 -3.73 -14.40
N SER A 17 6.57 -4.49 -14.49
CA SER A 17 6.21 -5.30 -15.65
C SER A 17 4.75 -5.04 -16.02
N LEU A 18 4.48 -4.98 -17.31
CA LEU A 18 3.17 -4.83 -17.95
C LEU A 18 3.21 -5.67 -19.23
N ASP A 19 2.20 -6.52 -19.47
CA ASP A 19 2.13 -7.28 -20.72
C ASP A 19 1.65 -6.42 -21.91
N MET A 20 1.98 -6.86 -23.14
CA MET A 20 1.65 -6.16 -24.38
C MET A 20 0.31 -6.57 -25.02
N GLN A 21 -0.45 -7.51 -24.43
CA GLN A 21 -1.78 -7.90 -24.94
C GLN A 21 -2.82 -8.18 -23.84
N GLY A 22 -2.42 -8.78 -22.72
CA GLY A 22 -3.24 -9.00 -21.53
C GLY A 22 -3.17 -7.83 -20.55
N ASN A 23 -4.25 -7.59 -19.80
CA ASN A 23 -4.38 -6.48 -18.85
C ASN A 23 -3.61 -6.68 -17.52
N VAL A 24 -2.40 -7.23 -17.55
CA VAL A 24 -1.67 -7.70 -16.34
C VAL A 24 -0.41 -6.89 -16.03
N VAL A 25 -0.25 -6.54 -14.75
CA VAL A 25 0.92 -5.83 -14.19
C VAL A 25 1.56 -6.58 -13.01
N THR A 26 2.83 -6.25 -12.70
CA THR A 26 3.52 -6.66 -11.47
C THR A 26 4.68 -5.71 -11.13
N PHE A 27 4.91 -5.50 -9.84
CA PHE A 27 5.95 -4.63 -9.26
C PHE A 27 6.84 -5.48 -8.34
N THR A 28 8.16 -5.30 -8.37
CA THR A 28 9.13 -6.13 -7.63
C THR A 28 10.35 -5.35 -7.13
N GLY A 29 11.16 -5.99 -6.28
CA GLY A 29 12.38 -5.47 -5.69
C GLY A 29 12.16 -5.12 -4.23
N ASN A 30 12.04 -3.83 -3.94
CA ASN A 30 11.38 -3.33 -2.73
C ASN A 30 10.36 -2.27 -3.19
N VAL A 31 9.18 -2.22 -2.58
CA VAL A 31 8.07 -1.34 -2.96
C VAL A 31 7.60 -0.53 -1.75
N ILE A 32 7.35 0.76 -1.94
CA ILE A 32 6.94 1.70 -0.89
C ILE A 32 5.71 2.48 -1.36
N VAL A 33 4.68 2.56 -0.51
CA VAL A 33 3.40 3.20 -0.81
C VAL A 33 3.02 4.20 0.29
N THR A 34 2.65 5.42 -0.11
CA THR A 34 2.20 6.51 0.76
C THR A 34 0.67 6.57 0.87
N LEU A 35 0.09 6.76 2.06
CA LEU A 35 -1.33 7.04 2.25
C LEU A 35 -1.55 8.17 3.27
N GLY A 36 -1.09 9.39 2.93
CA GLY A 36 -1.33 10.65 3.65
C GLY A 36 -0.63 10.83 5.01
N THR A 37 -0.59 9.78 5.85
CA THR A 37 0.12 9.77 7.14
C THR A 37 0.65 8.38 7.50
N ILE A 38 -0.03 7.32 7.07
CA ILE A 38 0.52 5.95 7.08
C ILE A 38 1.31 5.69 5.78
N LYS A 39 2.23 4.72 5.84
CA LYS A 39 2.92 4.14 4.70
C LYS A 39 3.01 2.62 4.84
N ILE A 40 3.09 1.95 3.68
CA ILE A 40 3.26 0.51 3.56
C ILE A 40 4.61 0.23 2.89
N ASN A 41 5.25 -0.87 3.27
CA ASN A 41 6.40 -1.42 2.56
C ASN A 41 6.27 -2.95 2.41
N ALA A 42 6.55 -3.41 1.19
CA ALA A 42 6.39 -4.77 0.69
C ALA A 42 7.41 -5.00 -0.43
N ASP A 43 7.79 -6.25 -0.74
CA ASP A 43 8.73 -6.55 -1.84
C ASP A 43 8.02 -7.10 -3.10
N LYS A 44 6.76 -7.54 -2.92
CA LYS A 44 5.76 -7.73 -3.96
C LYS A 44 4.43 -7.12 -3.50
N VAL A 45 3.74 -6.47 -4.43
CA VAL A 45 2.36 -5.97 -4.32
C VAL A 45 1.50 -6.54 -5.46
N VAL A 46 0.25 -6.88 -5.18
CA VAL A 46 -0.77 -7.34 -6.15
C VAL A 46 -1.90 -6.31 -6.25
N VAL A 47 -2.56 -6.23 -7.42
CA VAL A 47 -3.49 -5.16 -7.84
C VAL A 47 -4.69 -5.78 -8.59
N THR A 48 -5.87 -5.12 -8.67
CA THR A 48 -6.93 -5.52 -9.62
C THR A 48 -6.66 -4.96 -11.03
N ARG A 49 -7.61 -5.15 -11.96
CA ARG A 49 -7.49 -4.83 -13.40
C ARG A 49 -8.79 -4.16 -13.90
N PRO A 50 -9.22 -3.06 -13.26
CA PRO A 50 -10.62 -2.84 -12.93
C PRO A 50 -11.56 -2.76 -14.14
N GLY A 51 -11.28 -1.92 -15.13
CA GLY A 51 -12.02 -1.86 -16.40
C GLY A 51 -13.51 -1.52 -16.24
N GLY A 52 -14.35 -2.54 -16.04
CA GLY A 52 -15.79 -2.43 -15.74
C GLY A 52 -16.15 -2.46 -14.25
N GLU A 53 -15.20 -2.64 -13.33
CA GLU A 53 -15.43 -2.44 -11.90
C GLU A 53 -15.88 -0.98 -11.61
N GLN A 54 -16.87 -0.80 -10.73
CA GLN A 54 -17.51 0.50 -10.45
C GLN A 54 -16.61 1.48 -9.67
N GLY A 55 -15.57 2.00 -10.32
CA GLY A 55 -14.57 2.91 -9.76
C GLY A 55 -13.86 2.29 -8.55
N LYS A 56 -13.31 1.08 -8.68
CA LYS A 56 -12.71 0.29 -7.60
C LYS A 56 -11.22 0.02 -7.89
N GLU A 57 -10.46 -0.23 -6.83
CA GLU A 57 -9.10 -0.79 -6.87
C GLU A 57 -8.84 -1.50 -5.53
N VAL A 58 -8.03 -2.57 -5.53
CA VAL A 58 -7.66 -3.33 -4.33
C VAL A 58 -6.23 -3.81 -4.44
N ILE A 59 -5.42 -3.46 -3.44
CA ILE A 59 -3.97 -3.66 -3.41
C ILE A 59 -3.57 -4.55 -2.23
N ASP A 60 -2.60 -5.43 -2.46
CA ASP A 60 -1.86 -6.19 -1.43
C ASP A 60 -0.44 -5.62 -1.26
N GLY A 61 0.21 -5.93 -0.13
CA GLY A 61 1.65 -5.77 -0.01
C GLY A 61 2.27 -6.73 1.01
N TYR A 62 3.08 -7.68 0.54
CA TYR A 62 3.76 -8.65 1.40
C TYR A 62 5.22 -8.94 0.96
N GLY A 63 5.74 -10.15 1.20
CA GLY A 63 7.14 -10.55 0.99
C GLY A 63 8.10 -10.08 2.09
N LYS A 64 7.97 -8.83 2.52
CA LYS A 64 8.84 -8.14 3.49
C LYS A 64 9.10 -8.82 4.86
N PRO A 65 8.20 -9.63 5.47
CA PRO A 65 6.76 -9.76 5.22
C PRO A 65 6.01 -8.45 5.54
N ALA A 66 4.72 -8.38 5.21
CA ALA A 66 3.93 -7.15 5.15
C ALA A 66 4.18 -6.16 6.32
N THR A 67 4.54 -4.90 6.01
CA THR A 67 4.94 -3.88 7.01
C THR A 67 4.20 -2.55 6.83
N PHE A 68 3.76 -1.97 7.95
CA PHE A 68 2.92 -0.77 8.09
C PHE A 68 3.55 0.21 9.09
N TYR A 69 3.55 1.51 8.81
CA TYR A 69 4.08 2.55 9.71
C TYR A 69 3.31 3.87 9.58
N GLN A 70 3.30 4.72 10.61
CA GLN A 70 2.73 6.08 10.56
C GLN A 70 3.74 7.18 10.95
N MET A 71 3.56 8.38 10.41
CA MET A 71 4.12 9.60 11.03
C MET A 71 3.54 9.78 12.45
N GLN A 72 4.41 10.09 13.42
CA GLN A 72 4.08 9.99 14.85
C GLN A 72 3.33 11.21 15.42
N ASP A 73 2.56 11.94 14.60
CA ASP A 73 1.74 13.11 14.98
C ASP A 73 2.46 14.06 15.97
N ASN A 74 2.03 14.09 17.22
CA ASN A 74 2.49 14.93 18.31
C ASN A 74 2.80 14.02 19.51
N GLY A 75 3.68 13.03 19.30
CA GLY A 75 4.05 12.00 20.29
C GLY A 75 3.17 10.74 20.24
N LYS A 76 2.71 10.33 19.05
CA LYS A 76 1.80 9.19 18.82
C LYS A 76 2.44 8.13 17.89
N PRO A 77 3.39 7.31 18.36
CA PRO A 77 3.87 6.17 17.58
C PRO A 77 2.72 5.23 17.19
N VAL A 78 2.73 4.75 15.94
CA VAL A 78 1.83 3.72 15.40
C VAL A 78 2.58 2.91 14.32
N GLU A 79 2.62 1.59 14.46
CA GLU A 79 3.25 0.66 13.50
C GLU A 79 2.55 -0.71 13.47
N GLY A 80 2.85 -1.54 12.48
CA GLY A 80 2.37 -2.93 12.44
C GLY A 80 3.08 -3.80 11.40
N HIS A 81 2.91 -5.11 11.54
CA HIS A 81 3.40 -6.10 10.58
C HIS A 81 2.54 -7.37 10.58
N ALA A 82 2.59 -8.13 9.49
CA ALA A 82 1.85 -9.39 9.31
C ALA A 82 2.50 -10.25 8.22
N SER A 83 1.97 -11.46 8.01
CA SER A 83 2.28 -12.26 6.82
C SER A 83 1.79 -11.57 5.54
N GLN A 84 0.61 -10.95 5.58
CA GLN A 84 -0.02 -10.22 4.47
C GLN A 84 -0.63 -8.89 4.91
N MET A 85 -0.72 -7.92 3.99
CA MET A 85 -1.48 -6.68 4.13
C MET A 85 -2.28 -6.40 2.87
N HIS A 86 -3.48 -5.84 3.02
CA HIS A 86 -4.40 -5.49 1.94
C HIS A 86 -5.07 -4.14 2.23
N TYR A 87 -5.46 -3.40 1.18
CA TYR A 87 -6.28 -2.19 1.23
C TYR A 87 -7.19 -2.13 0.00
N GLU A 88 -8.44 -1.69 0.17
CA GLU A 88 -9.46 -1.67 -0.89
C GLU A 88 -10.14 -0.30 -1.00
N LEU A 89 -10.08 0.33 -2.18
CA LEU A 89 -10.68 1.61 -2.51
C LEU A 89 -12.20 1.40 -2.75
N ALA A 90 -12.89 1.17 -1.64
CA ALA A 90 -14.23 0.58 -1.52
C ALA A 90 -14.69 0.56 -0.05
N LYS A 91 -13.76 0.22 0.86
CA LYS A 91 -13.90 0.35 2.33
C LYS A 91 -12.87 1.35 2.90
N ASP A 92 -11.73 1.51 2.23
CA ASP A 92 -10.67 2.47 2.52
C ASP A 92 -10.08 2.32 3.94
N PHE A 93 -10.00 1.06 4.36
CA PHE A 93 -9.33 0.58 5.58
C PHE A 93 -8.34 -0.54 5.24
N VAL A 94 -7.38 -0.80 6.13
CA VAL A 94 -6.38 -1.87 5.97
C VAL A 94 -6.89 -3.19 6.53
N VAL A 95 -6.56 -4.32 5.89
CA VAL A 95 -6.75 -5.69 6.41
C VAL A 95 -5.42 -6.45 6.40
N LEU A 96 -4.99 -6.90 7.59
CA LEU A 96 -3.81 -7.74 7.82
C LEU A 96 -4.23 -9.18 8.09
N THR A 97 -3.47 -10.17 7.62
CA THR A 97 -3.69 -11.59 7.92
C THR A 97 -2.38 -12.36 8.14
N GLY A 98 -2.46 -13.41 8.97
CA GLY A 98 -1.34 -14.29 9.34
C GLY A 98 -0.37 -13.62 10.33
N ASN A 99 -0.38 -14.10 11.57
CA ASN A 99 0.45 -13.67 12.70
C ASN A 99 0.55 -12.13 12.89
N ALA A 100 -0.53 -11.39 12.60
CA ALA A 100 -0.49 -9.93 12.53
C ALA A 100 -0.28 -9.28 13.90
N TYR A 101 0.42 -8.15 13.91
CA TYR A 101 0.70 -7.33 15.08
C TYR A 101 0.57 -5.84 14.76
N LEU A 102 0.08 -5.06 15.72
CA LEU A 102 0.01 -3.60 15.65
C LEU A 102 0.37 -3.02 17.02
N GLN A 103 1.18 -1.96 17.04
CA GLN A 103 1.68 -1.27 18.22
C GLN A 103 1.36 0.22 18.10
N GLN A 104 0.80 0.81 19.16
CA GLN A 104 0.46 2.22 19.22
C GLN A 104 0.79 2.84 20.59
N VAL A 105 0.66 4.17 20.66
CA VAL A 105 0.64 4.96 21.90
C VAL A 105 -0.51 4.61 22.88
N ASP A 106 -1.63 4.04 22.39
CA ASP A 106 -2.79 3.67 23.23
C ASP A 106 -2.76 2.21 23.72
N SER A 107 -2.29 1.29 22.88
CA SER A 107 -2.33 -0.16 23.12
C SER A 107 -1.45 -0.89 22.10
N ASN A 108 -1.40 -2.23 22.18
CA ASN A 108 -0.86 -3.06 21.11
C ASN A 108 -1.68 -4.35 21.00
N ILE A 109 -1.90 -4.84 19.78
CA ILE A 109 -2.86 -5.90 19.45
C ILE A 109 -2.23 -6.94 18.52
N LYS A 110 -2.52 -8.23 18.74
CA LYS A 110 -1.85 -9.35 18.07
C LYS A 110 -2.80 -10.51 17.78
N GLY A 111 -2.76 -11.07 16.58
CA GLY A 111 -3.57 -12.22 16.16
C GLY A 111 -3.63 -12.37 14.64
N ASP A 112 -4.05 -13.54 14.14
CA ASP A 112 -3.95 -13.90 12.72
C ASP A 112 -4.92 -13.19 11.76
N LYS A 113 -5.57 -12.12 12.21
CA LYS A 113 -6.31 -11.14 11.41
C LYS A 113 -6.54 -9.85 12.22
N ILE A 114 -6.20 -8.71 11.62
CA ILE A 114 -6.37 -7.37 12.19
C ILE A 114 -6.86 -6.45 11.08
N THR A 115 -7.71 -5.46 11.40
CA THR A 115 -8.08 -4.39 10.47
C THR A 115 -7.88 -3.02 11.12
N TYR A 116 -7.42 -2.04 10.35
CA TYR A 116 -7.13 -0.69 10.85
C TYR A 116 -8.20 0.30 10.38
N LEU A 117 -9.09 0.64 11.32
CA LEU A 117 -10.30 1.44 11.15
C LEU A 117 -10.14 2.78 11.88
N VAL A 118 -10.56 3.88 11.26
CA VAL A 118 -10.50 5.21 11.89
C VAL A 118 -11.25 5.31 13.22
NT1 EU0 B 1 -9.17 10.56 -7.70
CT EU0 B 1 -8.06 10.22 -8.23
NT2 EU0 B 1 -7.66 9.01 -8.06
N EU0 B 1 -7.40 11.11 -8.91
CA EU0 B 1 -5.93 11.16 -9.21
CB EU0 B 1 -5.08 11.48 -7.95
CG1 EU0 B 1 -5.71 12.56 -7.04
CG2 EU0 B 1 -4.68 10.26 -7.09
C EU0 B 1 -5.33 10.03 -10.08
O EU0 B 1 -5.60 8.86 -9.82
HT12 EU0 B 1 -9.52 11.51 -7.78
HT22 EU0 B 1 -6.83 8.70 -8.61
HT21 EU0 B 1 -8.25 8.33 -7.58
H EU0 B 1 -7.86 12.02 -9.04
HA EU0 B 1 -5.84 12.04 -9.82
HB EU0 B 1 -4.16 11.89 -8.36
HG11 EU0 B 1 -6.07 13.39 -7.65
HG13 EU0 B 1 -4.96 12.94 -6.36
HG12 EU0 B 1 -6.54 12.14 -6.47
HG23 EU0 B 1 -5.56 9.81 -6.62
HG22 EU0 B 1 -4.00 10.58 -6.30
HG21 EU0 B 1 -4.15 9.53 -7.69
HT11 EU0 B 1 -9.68 9.88 -7.12
N HYP B 2 -4.42 10.30 -11.05
CA HYP B 2 -3.67 9.26 -11.75
C HYP B 2 -2.67 8.59 -10.80
O HYP B 2 -1.91 9.28 -10.10
CB HYP B 2 -2.96 9.96 -12.93
CG HYP B 2 -3.57 11.36 -12.99
CD HYP B 2 -4.03 11.61 -11.55
OD1 HYP B 2 -4.69 11.43 -13.87
HA HYP B 2 -4.36 8.52 -12.14
HB2 HYP B 2 -1.90 10.04 -12.73
HB3 HYP B 2 -3.12 9.42 -13.86
HG HYP B 2 -2.83 12.10 -13.29
HD22 HYP B 2 -3.21 12.01 -10.97
HD23 HYP B 2 -4.86 12.33 -11.57
HD1 HYP B 2 -4.90 12.36 -13.98
N ILE B 3 -2.64 7.27 -10.74
CA ILE B 3 -1.77 6.55 -9.80
C ILE B 3 -0.35 6.57 -10.37
N THR B 4 0.50 7.42 -9.78
CA THR B 4 1.84 7.69 -10.31
C THR B 4 2.86 6.70 -9.75
N TYR B 5 3.29 5.79 -10.62
CA TYR B 5 4.28 4.76 -10.37
C TYR B 5 5.65 5.19 -10.91
O LE1 B 6 8.00 3.70 -9.51
C LE1 B 6 8.62 4.68 -9.93
CA LE1 B 6 7.90 5.99 -10.31
N LE1 B 6 6.45 5.84 -10.08
CB LE1 B 6 8.45 7.31 -9.68
C9 LE1 B 6 9.89 7.63 -10.09
C8 LE1 B 6 8.40 7.27 -8.16
SG LE1 B 6 7.37 8.71 -10.22
HA LE1 B 6 8.05 6.10 -11.37
H LE1 B 6 6.15 5.93 -9.12
H9 LE1 B 6 10.12 8.67 -9.86
H9A LE1 B 6 10.04 7.46 -11.16
H9B LE1 B 6 10.58 7.01 -9.54
H8 LE1 B 6 8.92 8.13 -7.74
H8A LE1 B 6 8.88 6.37 -7.78
H8B LE1 B 6 7.37 7.31 -7.80
N ASN B 7 9.91 4.53 -10.26
CA ASN B 7 10.62 3.25 -10.11
C ASN B 7 12.13 3.45 -9.89
N ARG B 8 12.69 2.82 -8.86
CA ARG B 8 14.02 3.07 -8.28
C ARG B 8 15.15 2.88 -9.27
N DAB B 9 15.08 1.79 -10.02
CA DAB B 9 16.11 1.39 -10.98
C DAB B 9 15.84 1.92 -12.42
O DAB B 9 16.41 1.41 -13.38
CB DAB B 9 16.28 -0.13 -10.80
CG DAB B 9 17.38 -0.86 -11.57
ND DAB B 9 16.91 -1.23 -12.91
H DAB B 9 14.34 1.14 -9.82
HA DAB B 9 17.05 1.85 -10.67
HB2 DAB B 9 16.49 -0.29 -9.75
HB3 DAB B 9 15.34 -0.63 -11.02
HG2 DAB B 9 18.28 -0.22 -11.62
HG3 DAB B 9 17.64 -1.76 -11.00
HD1 DAB B 9 17.61 -1.75 -13.42
HD2 DAB B 9 16.66 -0.39 -13.43
HD3 DAB B 9 16.09 -1.83 -12.81
N THR B 10 14.99 2.95 -12.57
CA THR B 10 14.79 3.71 -13.83
C THR B 10 14.63 5.22 -13.65
N 4FO B 11 14.09 5.70 -12.52
CA 4FO B 11 13.88 7.12 -12.19
C 4FO B 11 12.78 7.84 -13.02
O 4FO B 11 12.03 8.66 -12.49
CB 4FO B 11 13.54 7.24 -10.67
CG 4FO B 11 14.45 6.57 -9.65
NZ 4FO B 11 13.89 6.79 -8.30
H 4FO B 11 13.71 5.02 -11.86
HA 4FO B 11 14.82 7.65 -12.37
HB2 4FO B 11 12.54 6.82 -10.54
HB3 4FO B 11 13.49 8.30 -10.43
HG3 4FO B 11 14.49 5.50 -9.85
HG2 4FO B 11 15.46 6.97 -9.73
HZ3 4FO B 11 14.34 6.28 -7.55
HZ2 4FO B 11 12.94 6.40 -8.21
HZ1 4FO B 11 13.82 7.77 -8.04
N LYS B 12 12.56 7.46 -14.28
CA LYS B 12 11.39 7.89 -15.09
C LYS B 12 10.11 7.14 -14.69
N CYS B 13 9.00 7.87 -14.60
CA CYS B 13 7.74 7.41 -14.01
C CYS B 13 6.77 6.76 -15.01
N DAB B 14 5.65 6.27 -14.51
CA DAB B 14 4.50 5.77 -15.27
C DAB B 14 3.18 6.23 -14.61
O DAB B 14 3.15 6.49 -13.40
CB DAB B 14 4.55 4.23 -15.33
CG DAB B 14 5.93 3.67 -15.64
ND DAB B 14 6.68 3.45 -14.38
H DAB B 14 5.49 6.37 -13.50
HA DAB B 14 4.53 6.17 -16.28
HB2 DAB B 14 4.18 3.80 -14.40
HB3 DAB B 14 3.87 3.91 -16.13
HG2 DAB B 14 5.84 2.72 -16.17
HG3 DAB B 14 6.46 4.38 -16.28
HD1 DAB B 14 7.66 3.25 -14.56
HD2 DAB B 14 6.31 2.67 -13.84
HD3 DAB B 14 6.61 4.27 -13.77
N ARG B 15 2.07 6.24 -15.36
CA ARG B 15 0.70 6.45 -14.84
C ARG B 15 -0.14 5.18 -14.91
N TYR B 16 -1.24 5.15 -14.17
CA TYR B 16 -2.26 4.10 -14.12
C TYR B 16 -3.60 4.73 -13.71
N VAL A 1 -1.58 5.14 -21.10
CA VAL A 1 -1.86 6.56 -21.38
C VAL A 1 -0.94 7.43 -20.53
N THR A 2 -0.90 8.76 -20.72
CA THR A 2 -0.14 9.71 -19.91
C THR A 2 -0.45 9.56 -18.41
N GLY A 3 0.57 9.72 -17.55
CA GLY A 3 0.42 9.64 -16.10
C GLY A 3 1.57 10.24 -15.29
N ASP A 4 2.26 11.24 -15.84
CA ASP A 4 3.55 11.73 -15.32
C ASP A 4 3.53 13.23 -14.99
N THR A 5 2.85 14.04 -15.81
CA THR A 5 2.62 15.49 -15.62
C THR A 5 1.65 15.81 -14.48
N ASP A 6 1.04 14.78 -13.91
CA ASP A 6 0.13 14.77 -12.76
C ASP A 6 0.40 13.45 -12.00
N GLN A 7 0.50 13.50 -10.68
CA GLN A 7 0.94 12.36 -9.85
C GLN A 7 0.56 12.55 -8.35
N PRO A 8 -0.71 12.37 -7.96
CA PRO A 8 -1.21 12.70 -6.62
C PRO A 8 -0.79 11.70 -5.51
N ILE A 9 -0.20 10.57 -5.88
CA ILE A 9 0.42 9.60 -4.96
C ILE A 9 1.80 9.29 -5.53
N HIS A 10 2.82 9.28 -4.68
CA HIS A 10 4.18 8.89 -5.03
C HIS A 10 4.46 7.46 -4.56
N ILE A 11 5.04 6.63 -5.44
CA ILE A 11 5.41 5.24 -5.20
C ILE A 11 6.78 5.01 -5.84
N GLU A 12 7.70 4.34 -5.14
CA GLU A 12 8.93 3.79 -5.74
C GLU A 12 8.94 2.25 -5.64
N SER A 13 9.58 1.61 -6.62
CA SER A 13 9.97 0.19 -6.65
C SER A 13 11.32 0.08 -7.38
N ASP A 14 11.96 -1.09 -7.47
CA ASP A 14 13.00 -1.28 -8.49
C ASP A 14 12.39 -1.75 -9.82
N GLN A 15 11.38 -2.61 -9.74
CA GLN A 15 10.85 -3.37 -10.86
C GLN A 15 9.32 -3.46 -10.82
N GLN A 16 8.73 -3.61 -12.01
CA GLN A 16 7.32 -3.90 -12.25
C GLN A 16 7.26 -4.91 -13.41
N SER A 17 7.02 -6.18 -13.07
CA SER A 17 6.82 -7.25 -14.03
C SER A 17 5.42 -7.13 -14.64
N LEU A 18 5.35 -6.49 -15.80
CA LEU A 18 4.14 -6.32 -16.61
C LEU A 18 3.90 -7.54 -17.51
N ASP A 19 2.66 -7.98 -17.61
CA ASP A 19 2.17 -8.83 -18.70
C ASP A 19 1.96 -8.00 -19.98
N MET A 20 1.97 -8.67 -21.12
CA MET A 20 1.73 -8.11 -22.45
C MET A 20 0.94 -9.07 -23.38
N GLN A 21 0.42 -10.18 -22.84
CA GLN A 21 -0.40 -11.17 -23.55
C GLN A 21 -1.67 -11.54 -22.77
N GLY A 22 -1.59 -11.55 -21.43
CA GLY A 22 -2.72 -11.51 -20.50
C GLY A 22 -2.78 -10.19 -19.73
N ASN A 23 -3.23 -10.26 -18.47
CA ASN A 23 -3.57 -9.09 -17.64
C ASN A 23 -2.77 -8.98 -16.32
N VAL A 24 -1.76 -9.82 -16.05
CA VAL A 24 -1.14 -9.90 -14.71
C VAL A 24 -0.07 -8.81 -14.46
N VAL A 25 0.16 -8.47 -13.18
CA VAL A 25 1.30 -7.63 -12.74
C VAL A 25 1.86 -8.08 -11.40
N THR A 26 3.16 -7.83 -11.18
CA THR A 26 3.83 -8.01 -9.88
C THR A 26 5.02 -7.06 -9.76
N PHE A 27 5.22 -6.45 -8.59
CA PHE A 27 6.32 -5.52 -8.29
C PHE A 27 7.47 -6.25 -7.56
N THR A 28 8.70 -5.76 -7.68
CA THR A 28 9.89 -6.33 -7.00
C THR A 28 10.89 -5.28 -6.51
N GLY A 29 11.54 -5.57 -5.37
CA GLY A 29 12.63 -4.77 -4.80
C GLY A 29 12.27 -4.18 -3.44
N ASN A 30 11.91 -2.89 -3.39
CA ASN A 30 11.51 -2.25 -2.14
C ASN A 30 10.39 -1.21 -2.35
N VAL A 31 9.15 -1.70 -2.38
CA VAL A 31 7.96 -0.87 -2.61
C VAL A 31 7.58 -0.09 -1.35
N ILE A 32 6.93 1.07 -1.54
CA ILE A 32 6.51 2.01 -0.50
C ILE A 32 5.05 2.41 -0.72
N VAL A 33 4.28 2.64 0.35
CA VAL A 33 3.01 3.38 0.30
C VAL A 33 2.96 4.37 1.47
N THR A 34 2.44 5.58 1.24
CA THR A 34 2.38 6.65 2.25
C THR A 34 1.03 7.39 2.18
N LEU A 35 0.32 7.51 3.31
CA LEU A 35 -0.95 8.24 3.43
C LEU A 35 -1.02 8.95 4.80
N GLY A 36 -1.15 10.28 4.81
CA GLY A 36 -1.13 11.06 6.05
C GLY A 36 0.20 10.87 6.81
N THR A 37 0.14 10.40 8.06
CA THR A 37 1.33 9.98 8.82
C THR A 37 1.64 8.48 8.73
N ILE A 38 0.82 7.70 8.02
CA ILE A 38 0.96 6.23 7.89
C ILE A 38 1.87 5.92 6.70
N LYS A 39 2.77 4.94 6.88
CA LYS A 39 3.60 4.38 5.80
C LYS A 39 3.72 2.86 5.89
N ILE A 40 3.79 2.25 4.71
CA ILE A 40 3.98 0.82 4.47
C ILE A 40 5.32 0.62 3.73
N ASN A 41 5.96 -0.54 3.91
CA ASN A 41 6.98 -1.03 2.98
C ASN A 41 6.73 -2.51 2.62
N ALA A 42 7.23 -2.90 1.45
CA ALA A 42 7.09 -4.23 0.87
C ALA A 42 8.29 -4.57 -0.04
N ASP A 43 8.30 -5.77 -0.62
CA ASP A 43 9.00 -6.10 -1.86
C ASP A 43 7.97 -6.45 -2.94
N LYS A 44 7.02 -7.31 -2.58
CA LYS A 44 5.95 -7.79 -3.46
C LYS A 44 4.73 -6.89 -3.29
N VAL A 45 4.27 -6.35 -4.41
CA VAL A 45 2.95 -5.71 -4.54
C VAL A 45 2.24 -6.30 -5.76
N VAL A 46 0.93 -6.51 -5.62
CA VAL A 46 0.02 -7.01 -6.66
C VAL A 46 -1.19 -6.07 -6.74
N VAL A 47 -1.68 -5.82 -7.96
CA VAL A 47 -2.61 -4.74 -8.27
C VAL A 47 -3.81 -5.25 -9.09
N THR A 48 -5.01 -5.01 -8.58
CA THR A 48 -6.26 -5.74 -8.90
C THR A 48 -7.40 -4.76 -9.20
N ARG A 49 -8.30 -5.09 -10.14
CA ARG A 49 -9.34 -4.19 -10.65
C ARG A 49 -10.75 -4.79 -10.63
N PRO A 50 -11.53 -4.65 -9.54
CA PRO A 50 -12.92 -5.13 -9.45
C PRO A 50 -13.97 -4.25 -10.20
N GLY A 51 -13.57 -3.59 -11.28
CA GLY A 51 -14.47 -3.07 -12.33
C GLY A 51 -15.61 -2.14 -11.88
N GLY A 52 -16.72 -2.18 -12.64
CA GLY A 52 -17.78 -1.18 -12.61
C GLY A 52 -17.44 0.07 -13.44
N GLU A 53 -18.44 0.94 -13.62
CA GLU A 53 -18.48 2.01 -14.63
C GLU A 53 -17.45 3.12 -14.39
N GLN A 54 -17.05 3.33 -13.13
CA GLN A 54 -15.99 4.27 -12.73
C GLN A 54 -14.60 3.61 -12.70
N GLY A 55 -14.51 2.30 -12.89
CA GLY A 55 -13.37 1.48 -12.48
C GLY A 55 -13.22 1.35 -10.96
N LYS A 56 -12.32 0.45 -10.54
CA LYS A 56 -11.80 0.27 -9.17
C LYS A 56 -10.36 -0.21 -9.29
N GLU A 57 -9.50 0.18 -8.36
CA GLU A 57 -8.07 -0.14 -8.33
C GLU A 57 -7.71 -0.51 -6.88
N VAL A 58 -7.10 -1.68 -6.66
CA VAL A 58 -7.07 -2.40 -5.38
C VAL A 58 -5.71 -3.09 -5.20
N ILE A 59 -5.20 -3.19 -3.96
CA ILE A 59 -3.79 -3.51 -3.69
C ILE A 59 -3.58 -4.44 -2.49
N ASP A 60 -2.50 -5.23 -2.54
CA ASP A 60 -1.90 -5.93 -1.39
C ASP A 60 -0.36 -5.80 -1.45
N GLY A 61 0.33 -5.86 -0.30
CA GLY A 61 1.77 -5.55 -0.17
C GLY A 61 2.47 -6.27 0.98
N TYR A 62 3.54 -7.02 0.65
CA TYR A 62 4.25 -7.93 1.55
C TYR A 62 5.69 -8.25 1.08
N GLY A 63 6.37 -9.23 1.70
CA GLY A 63 7.75 -9.64 1.35
C GLY A 63 8.86 -9.04 2.22
N LYS A 64 8.52 -8.31 3.29
CA LYS A 64 9.42 -7.71 4.30
C LYS A 64 9.11 -7.96 5.80
N PRO A 65 7.97 -8.52 6.28
CA PRO A 65 6.79 -9.11 5.62
C PRO A 65 5.80 -8.02 5.12
N ALA A 66 4.58 -7.94 5.66
CA ALA A 66 3.72 -6.77 5.50
C ALA A 66 3.82 -5.90 6.77
N THR A 67 4.26 -4.65 6.67
CA THR A 67 4.62 -3.83 7.85
C THR A 67 4.09 -2.40 7.78
N PHE A 68 3.46 -1.94 8.87
CA PHE A 68 2.99 -0.57 9.10
C PHE A 68 3.92 0.18 10.06
N TYR A 69 4.17 1.45 9.78
CA TYR A 69 4.58 2.45 10.75
C TYR A 69 3.75 3.72 10.55
N GLN A 70 3.28 4.34 11.64
CA GLN A 70 2.52 5.57 11.61
C GLN A 70 3.07 6.58 12.62
N MET A 71 3.52 7.73 12.12
CA MET A 71 4.04 8.81 12.96
C MET A 71 2.91 9.53 13.73
N GLN A 72 3.25 10.05 14.90
CA GLN A 72 2.41 10.96 15.69
C GLN A 72 3.26 12.15 16.16
N ASP A 73 2.66 13.34 16.23
CA ASP A 73 3.29 14.59 16.68
C ASP A 73 3.92 14.48 18.08
N ASN A 74 3.19 13.86 19.01
CA ASN A 74 3.56 13.71 20.43
C ASN A 74 4.70 12.68 20.70
N GLY A 75 5.63 12.48 19.76
CA GLY A 75 6.82 11.64 19.89
C GLY A 75 6.58 10.13 20.04
N LYS A 76 5.32 9.68 20.06
CA LYS A 76 4.92 8.28 20.25
C LYS A 76 4.22 7.75 18.99
N PRO A 77 4.96 7.25 17.98
CA PRO A 77 4.38 6.59 16.81
C PRO A 77 3.65 5.28 17.18
N VAL A 78 2.96 4.71 16.21
CA VAL A 78 2.26 3.42 16.28
C VAL A 78 2.63 2.52 15.10
N GLU A 79 2.45 1.21 15.23
CA GLU A 79 3.03 0.21 14.32
C GLU A 79 2.15 -1.04 14.15
N GLY A 80 2.48 -1.86 13.16
CA GLY A 80 1.87 -3.18 12.99
C GLY A 80 2.59 -4.08 11.99
N HIS A 81 2.36 -5.38 12.06
CA HIS A 81 2.93 -6.40 11.15
C HIS A 81 1.85 -7.40 10.72
N ALA A 82 2.04 -8.04 9.57
CA ALA A 82 1.25 -9.17 9.09
C ALA A 82 2.03 -9.94 7.99
N SER A 83 1.41 -10.99 7.41
CA SER A 83 1.87 -11.61 6.16
C SER A 83 1.19 -11.02 4.92
N GLN A 84 0.05 -10.35 5.08
CA GLN A 84 -0.79 -9.75 4.04
C GLN A 84 -1.43 -8.44 4.55
N MET A 85 -1.80 -7.54 3.63
CA MET A 85 -2.30 -6.20 3.89
C MET A 85 -3.31 -5.74 2.81
N HIS A 86 -4.30 -6.57 2.49
CA HIS A 86 -5.23 -6.28 1.39
C HIS A 86 -6.06 -5.01 1.68
N TYR A 87 -6.04 -4.07 0.74
CA TYR A 87 -6.61 -2.73 0.86
C TYR A 87 -7.57 -2.46 -0.30
N GLU A 88 -8.87 -2.57 -0.01
CA GLU A 88 -9.97 -2.29 -0.94
C GLU A 88 -10.30 -0.80 -0.92
N LEU A 89 -9.90 -0.06 -1.97
CA LEU A 89 -10.13 1.37 -2.09
C LEU A 89 -11.62 1.74 -2.23
N ALA A 90 -12.47 0.83 -2.74
CA ALA A 90 -13.91 1.01 -2.76
C ALA A 90 -14.57 0.92 -1.35
N LYS A 91 -13.80 0.54 -0.31
CA LYS A 91 -14.17 0.57 1.12
C LYS A 91 -13.31 1.56 1.93
N ASP A 92 -12.22 2.07 1.36
CA ASP A 92 -11.07 2.68 2.05
C ASP A 92 -10.63 1.92 3.33
N PHE A 93 -10.47 0.59 3.21
CA PHE A 93 -10.32 -0.29 4.37
C PHE A 93 -9.27 -1.38 4.16
N VAL A 94 -8.47 -1.65 5.20
CA VAL A 94 -7.28 -2.52 5.14
C VAL A 94 -7.42 -3.71 6.07
N VAL A 95 -7.09 -4.91 5.59
CA VAL A 95 -7.10 -6.16 6.38
C VAL A 95 -5.68 -6.72 6.48
N LEU A 96 -5.22 -6.92 7.72
CA LEU A 96 -4.04 -7.71 8.07
C LEU A 96 -4.44 -9.18 8.17
N THR A 97 -3.65 -10.09 7.57
CA THR A 97 -3.77 -11.54 7.79
C THR A 97 -2.41 -12.23 7.93
N GLY A 98 -2.37 -13.28 8.76
CA GLY A 98 -1.17 -14.06 9.11
C GLY A 98 -0.26 -13.31 10.09
N ASN A 99 -0.23 -13.74 11.36
CA ASN A 99 0.45 -13.07 12.48
C ASN A 99 0.22 -11.54 12.52
N ALA A 100 -1.04 -11.17 12.34
CA ALA A 100 -1.52 -9.79 12.42
C ALA A 100 -1.27 -9.19 13.81
N TYR A 101 -0.40 -8.17 13.86
CA TYR A 101 0.10 -7.50 15.05
C TYR A 101 -0.17 -6.00 14.92
N LEU A 102 -0.68 -5.38 15.98
CA LEU A 102 -1.02 -3.95 16.03
C LEU A 102 -0.63 -3.39 17.40
N GLN A 103 0.26 -2.41 17.42
CA GLN A 103 0.84 -1.84 18.64
C GLN A 103 0.81 -0.32 18.60
N GLN A 104 0.11 0.26 19.57
CA GLN A 104 -0.30 1.67 19.60
C GLN A 104 0.03 2.28 20.97
N VAL A 105 -0.03 3.61 21.08
CA VAL A 105 0.32 4.33 22.33
C VAL A 105 -0.60 3.96 23.51
N ASP A 106 -1.81 3.53 23.20
CA ASP A 106 -2.88 3.14 24.13
C ASP A 106 -3.00 1.61 24.35
N SER A 107 -2.70 0.81 23.31
CA SER A 107 -3.05 -0.62 23.29
C SER A 107 -2.22 -1.43 22.29
N ASN A 108 -1.87 -2.67 22.65
CA ASN A 108 -1.04 -3.59 21.86
C ASN A 108 -1.63 -5.01 21.81
N ILE A 109 -1.81 -5.57 20.61
CA ILE A 109 -2.44 -6.88 20.38
C ILE A 109 -1.78 -7.66 19.24
N LYS A 110 -1.82 -8.99 19.31
CA LYS A 110 -1.53 -9.92 18.20
C LYS A 110 -2.68 -10.91 18.05
N GLY A 111 -3.15 -11.08 16.82
CA GLY A 111 -3.99 -12.18 16.36
C GLY A 111 -3.48 -12.68 15.02
N ASP A 112 -4.36 -13.27 14.21
CA ASP A 112 -4.00 -13.73 12.86
C ASP A 112 -4.92 -13.17 11.76
N LYS A 113 -5.89 -12.32 12.16
CA LYS A 113 -6.59 -11.34 11.33
C LYS A 113 -6.89 -10.07 12.13
N ILE A 114 -6.58 -8.88 11.61
CA ILE A 114 -6.86 -7.57 12.22
C ILE A 114 -7.25 -6.57 11.11
N THR A 115 -8.01 -5.53 11.43
CA THR A 115 -8.36 -4.42 10.51
C THR A 115 -7.59 -3.15 10.83
N TYR A 116 -7.12 -2.41 9.83
CA TYR A 116 -6.51 -1.08 10.01
C TYR A 116 -7.42 0.00 9.39
N LEU A 117 -7.68 1.06 10.15
CA LEU A 117 -8.39 2.25 9.68
C LEU A 117 -7.36 3.25 9.13
N VAL A 118 -7.39 3.48 7.82
CA VAL A 118 -6.31 4.16 7.10
C VAL A 118 -6.43 5.68 7.10
NT1 EU0 B 1 -4.74 12.60 -10.71
CT EU0 B 1 -4.82 11.45 -11.29
NT2 EU0 B 1 -5.14 10.46 -10.54
N EU0 B 1 -4.57 11.37 -12.57
CA EU0 B 1 -4.00 10.18 -13.36
CB EU0 B 1 -2.45 10.33 -13.42
CG1 EU0 B 1 -2.05 11.45 -14.39
CG2 EU0 B 1 -1.81 10.54 -12.03
C EU0 B 1 -4.43 8.70 -13.13
O EU0 B 1 -5.01 8.31 -12.12
HT12 EU0 B 1 -4.31 13.39 -11.28
HT22 EU0 B 1 -5.23 9.52 -10.96
HT21 EU0 B 1 -5.33 10.60 -9.54
H EU0 B 1 -4.32 12.29 -12.97
HA EU0 B 1 -4.32 10.36 -14.39
HB EU0 B 1 -2.02 9.41 -13.80
HG11 EU0 B 1 -2.30 11.18 -15.41
HG13 EU0 B 1 -0.99 11.66 -14.31
HG12 EU0 B 1 -2.59 12.36 -14.16
HG23 EU0 B 1 -1.98 11.56 -11.68
HG22 EU0 B 1 -0.75 10.36 -12.11
HG21 EU0 B 1 -2.23 9.81 -11.33
HT11 EU0 B 1 -4.87 12.70 -9.71
N HYP B 2 -4.03 7.77 -14.04
CA HYP B 2 -3.71 6.37 -13.70
C HYP B 2 -2.75 6.20 -12.51
O HYP B 2 -2.22 7.17 -11.98
CB HYP B 2 -3.04 5.79 -14.97
CG HYP B 2 -3.61 6.62 -16.11
CD HYP B 2 -3.79 8.00 -15.47
OD1 HYP B 2 -4.83 6.06 -16.55
HA HYP B 2 -4.65 5.83 -13.50
HB2 HYP B 2 -1.97 5.94 -14.92
HB3 HYP B 2 -3.26 4.72 -15.09
HG HYP B 2 -2.91 6.68 -16.94
HD22 HYP B 2 -2.89 8.58 -15.63
HD23 HYP B 2 -4.65 8.51 -15.92
HD1 HYP B 2 -5.35 6.75 -16.98
N ILE B 3 -2.41 4.95 -12.17
CA ILE B 3 -1.21 4.66 -11.37
C ILE B 3 0.04 5.24 -12.05
N THR B 4 0.99 5.68 -11.22
CA THR B 4 2.29 6.21 -11.62
C THR B 4 3.31 5.93 -10.52
N TYR B 5 4.58 5.73 -10.89
CA TYR B 5 5.65 5.32 -9.98
C TYR B 5 7.04 5.71 -10.49
O LE1 B 6 9.74 3.78 -9.02
C LE1 B 6 10.18 4.68 -9.74
CA LE1 B 6 9.42 6.02 -9.90
N LE1 B 6 8.00 5.85 -9.59
CB LE1 B 6 10.00 7.23 -9.11
C9 LE1 B 6 11.46 7.53 -9.50
C8 LE1 B 6 10.00 6.99 -7.60
SG LE1 B 6 8.95 8.72 -9.39
HA LE1 B 6 9.50 6.28 -10.94
H LE1 B 6 7.73 5.72 -8.61
H9 LE1 B 6 12.10 6.75 -9.11
H9A LE1 B 6 11.76 8.49 -9.06
H9B LE1 B 6 11.57 7.58 -10.58
H8 LE1 B 6 10.53 6.06 -7.39
H8A LE1 B 6 8.98 6.92 -7.23
H8B LE1 B 6 10.50 7.80 -7.08
N ASN B 7 11.32 4.50 -10.43
CA ASN B 7 12.11 3.27 -10.37
C ASN B 7 13.51 3.53 -9.77
N ARG B 8 13.99 2.64 -8.88
CA ARG B 8 15.37 2.68 -8.35
C ARG B 8 16.39 2.62 -9.49
N DAB B 9 16.24 1.68 -10.41
CA DAB B 9 17.11 1.52 -11.58
C DAB B 9 17.02 2.60 -12.70
O DAB B 9 17.73 2.45 -13.69
CB DAB B 9 16.91 0.09 -12.13
CG DAB B 9 17.86 -0.88 -11.41
ND DAB B 9 17.33 -2.26 -11.45
H DAB B 9 15.61 0.92 -10.19
HA DAB B 9 18.14 1.60 -11.22
HB2 DAB B 9 15.87 -0.21 -11.98
HB3 DAB B 9 17.13 0.05 -13.19
HG2 DAB B 9 18.83 -0.82 -11.89
HG3 DAB B 9 17.96 -0.58 -10.37
HD1 DAB B 9 17.95 -2.91 -11.00
HD2 DAB B 9 17.07 -2.57 -12.37
HD3 DAB B 9 16.50 -2.28 -10.84
N THR B 10 16.22 3.68 -12.57
CA THR B 10 16.24 4.80 -13.52
C THR B 10 16.25 6.19 -12.88
N 4FO B 11 15.65 6.39 -11.72
CA 4FO B 11 15.57 7.71 -11.06
C 4FO B 11 14.59 8.72 -11.75
O 4FO B 11 13.86 9.42 -11.05
CB 4FO B 11 15.20 7.50 -9.58
CG 4FO B 11 16.08 6.54 -8.80
NZ 4FO B 11 15.53 6.43 -7.43
H 4FO B 11 15.12 5.62 -11.31
HA 4FO B 11 16.57 8.16 -11.10
HB2 4FO B 11 14.18 7.11 -9.56
HB3 4FO B 11 15.20 8.47 -9.09
HG3 4FO B 11 16.08 5.57 -9.29
HG2 4FO B 11 17.10 6.92 -8.78
HZ3 4FO B 11 16.06 5.79 -6.85
HZ2 4FO B 11 14.57 6.05 -7.45
HZ1 4FO B 11 15.45 7.32 -6.98
N LYS B 12 14.45 8.68 -13.08
CA LYS B 12 13.22 9.15 -13.75
C LYS B 12 12.06 8.17 -13.49
N CYS B 13 10.83 8.66 -13.67
CA CYS B 13 9.60 7.95 -13.31
C CYS B 13 8.82 7.44 -14.53
N DAB B 14 7.70 6.77 -14.29
CA DAB B 14 6.67 6.55 -15.30
C DAB B 14 5.24 6.43 -14.72
O DAB B 14 5.02 5.72 -13.74
CB DAB B 14 7.03 5.27 -16.08
CG DAB B 14 7.08 4.03 -15.18
ND DAB B 14 6.44 2.88 -15.86
H DAB B 14 7.43 6.60 -13.32
HA DAB B 14 6.70 7.37 -16.02
HB2 DAB B 14 6.27 5.14 -16.86
HB3 DAB B 14 8.00 5.39 -16.56
HG2 DAB B 14 8.11 3.81 -14.91
HG3 DAB B 14 6.54 4.24 -14.25
HD1 DAB B 14 6.39 2.07 -15.24
HD2 DAB B 14 6.88 2.64 -16.72
HD3 DAB B 14 5.45 3.11 -16.02
N ARG B 15 4.24 6.83 -15.53
CA ARG B 15 2.92 6.17 -15.66
C ARG B 15 3.00 4.64 -15.57
N TYR B 16 1.91 4.00 -15.16
CA TYR B 16 1.72 2.53 -15.12
C TYR B 16 2.33 1.79 -16.31
N VAL A 1 4.45 20.58 -17.76
CA VAL A 1 3.27 19.67 -17.81
C VAL A 1 3.44 18.62 -16.71
N THR A 2 2.45 17.77 -16.44
CA THR A 2 2.53 16.60 -15.53
C THR A 2 2.90 16.89 -14.06
N GLY A 3 2.53 18.07 -13.55
CA GLY A 3 2.21 18.22 -12.11
C GLY A 3 0.85 17.59 -11.77
N ASP A 4 0.03 17.47 -12.81
CA ASP A 4 -1.22 16.74 -12.95
C ASP A 4 -0.99 15.25 -12.61
N THR A 5 -1.20 14.85 -11.36
CA THR A 5 -0.71 13.55 -10.82
C THR A 5 -1.71 12.68 -10.08
N ASP A 6 -2.94 13.15 -9.84
CA ASP A 6 -4.08 12.34 -9.36
C ASP A 6 -3.81 11.49 -8.08
N GLN A 7 -2.87 11.93 -7.23
CA GLN A 7 -2.28 11.12 -6.16
C GLN A 7 -2.75 11.54 -4.74
N PRO A 8 -3.87 11.01 -4.21
CA PRO A 8 -4.18 11.07 -2.78
C PRO A 8 -3.34 10.08 -1.95
N ILE A 9 -2.58 9.19 -2.62
CA ILE A 9 -1.67 8.19 -2.07
C ILE A 9 -0.34 8.40 -2.79
N HIS A 10 0.79 8.28 -2.09
CA HIS A 10 2.10 8.25 -2.72
C HIS A 10 2.77 6.88 -2.55
N ILE A 11 3.52 6.43 -3.56
CA ILE A 11 4.06 5.05 -3.65
C ILE A 11 5.44 5.08 -4.31
N GLU A 12 6.41 4.36 -3.73
CA GLU A 12 7.66 3.98 -4.39
C GLU A 12 7.79 2.46 -4.50
N SER A 13 8.01 1.98 -5.73
CA SER A 13 8.48 0.63 -6.06
C SER A 13 9.86 0.72 -6.73
N ASP A 14 10.52 -0.40 -7.07
CA ASP A 14 11.59 -0.35 -8.07
C ASP A 14 11.07 -0.62 -9.49
N GLN A 15 10.23 -1.65 -9.63
CA GLN A 15 9.80 -2.20 -10.93
C GLN A 15 8.51 -1.60 -11.51
N GLN A 16 8.31 -1.86 -12.80
CA GLN A 16 7.05 -1.75 -13.55
C GLN A 16 6.81 -3.03 -14.36
N SER A 17 6.87 -4.21 -13.72
CA SER A 17 6.74 -5.51 -14.40
C SER A 17 5.29 -5.77 -14.83
N LEU A 18 4.98 -5.26 -16.03
CA LEU A 18 3.69 -5.28 -16.71
C LEU A 18 3.31 -6.67 -17.25
N ASP A 19 2.00 -6.92 -17.29
CA ASP A 19 1.37 -7.89 -18.18
C ASP A 19 1.60 -7.56 -19.68
N MET A 20 1.46 -8.55 -20.57
CA MET A 20 1.58 -8.38 -22.03
C MET A 20 0.47 -7.52 -22.68
N GLN A 21 -0.62 -7.24 -21.97
CA GLN A 21 -1.63 -6.21 -22.30
C GLN A 21 -1.73 -5.13 -21.20
N GLY A 22 -0.72 -5.05 -20.32
CA GLY A 22 -0.46 -3.93 -19.40
C GLY A 22 -1.39 -3.78 -18.20
N ASN A 23 -2.55 -4.42 -18.15
CA ASN A 23 -3.59 -4.16 -17.13
C ASN A 23 -3.27 -4.68 -15.70
N VAL A 24 -2.15 -5.38 -15.53
CA VAL A 24 -1.59 -5.75 -14.21
C VAL A 24 -0.11 -5.35 -14.19
N VAL A 25 0.37 -4.87 -13.03
CA VAL A 25 1.79 -4.78 -12.69
C VAL A 25 2.04 -5.54 -11.39
N THR A 26 3.07 -6.38 -11.39
CA THR A 26 3.63 -6.96 -10.16
C THR A 26 4.87 -6.18 -9.75
N PHE A 27 4.98 -5.87 -8.46
CA PHE A 27 6.12 -5.17 -7.87
C PHE A 27 6.99 -6.12 -7.03
N THR A 28 8.27 -5.76 -6.86
CA THR A 28 9.33 -6.66 -6.38
C THR A 28 10.41 -5.93 -5.58
N GLY A 29 11.13 -6.66 -4.73
CA GLY A 29 12.33 -6.21 -4.02
C GLY A 29 12.01 -5.38 -2.79
N ASN A 30 11.41 -4.21 -2.99
CA ASN A 30 10.79 -3.39 -1.94
C ASN A 30 9.72 -2.48 -2.56
N VAL A 31 8.62 -2.31 -1.83
CA VAL A 31 7.56 -1.36 -2.15
C VAL A 31 7.14 -0.61 -0.89
N ILE A 32 6.98 0.71 -0.98
CA ILE A 32 6.55 1.59 0.11
C ILE A 32 5.33 2.38 -0.37
N VAL A 33 4.29 2.44 0.46
CA VAL A 33 3.04 3.19 0.23
C VAL A 33 2.82 4.15 1.41
N THR A 34 2.27 5.35 1.16
CA THR A 34 1.86 6.33 2.19
C THR A 34 0.49 6.93 1.89
N LEU A 35 -0.42 6.91 2.87
CA LEU A 35 -1.75 7.53 2.83
C LEU A 35 -2.19 7.92 4.25
N GLY A 36 -2.93 9.03 4.37
CA GLY A 36 -3.79 9.31 5.53
C GLY A 36 -3.01 9.52 6.82
N THR A 37 -2.87 8.47 7.62
CA THR A 37 -2.08 8.47 8.86
C THR A 37 -1.06 7.33 8.92
N ILE A 38 -0.69 6.69 7.81
CA ILE A 38 0.18 5.50 7.78
C ILE A 38 1.09 5.44 6.54
N LYS A 39 2.21 4.72 6.71
CA LYS A 39 2.92 4.03 5.62
C LYS A 39 2.78 2.52 5.74
N ILE A 40 2.89 1.84 4.60
CA ILE A 40 2.99 0.37 4.48
C ILE A 40 4.30 0.01 3.75
N ASN A 41 4.92 -1.13 4.10
CA ASN A 41 6.00 -1.74 3.32
C ASN A 41 5.73 -3.23 3.01
N ALA A 42 6.20 -3.66 1.84
CA ALA A 42 6.19 -5.05 1.38
C ALA A 42 7.37 -5.33 0.41
N ASP A 43 7.45 -6.57 -0.11
CA ASP A 43 8.28 -6.94 -1.27
C ASP A 43 7.41 -7.19 -2.52
N LYS A 44 6.35 -8.02 -2.39
CA LYS A 44 5.30 -8.14 -3.41
C LYS A 44 4.16 -7.15 -3.15
N VAL A 45 3.65 -6.59 -4.23
CA VAL A 45 2.38 -5.85 -4.37
C VAL A 45 1.90 -6.12 -5.81
N VAL A 46 0.61 -6.32 -6.05
CA VAL A 46 0.03 -6.70 -7.36
C VAL A 46 -1.20 -5.85 -7.64
N VAL A 47 -1.05 -4.78 -8.43
CA VAL A 47 -2.16 -3.86 -8.73
C VAL A 47 -3.15 -4.51 -9.71
N THR A 48 -4.33 -4.86 -9.19
CA THR A 48 -5.22 -5.88 -9.78
C THR A 48 -6.55 -5.25 -10.20
N ARG A 49 -6.76 -5.10 -11.52
CA ARG A 49 -7.81 -4.25 -12.13
C ARG A 49 -8.74 -5.05 -13.06
N PRO A 50 -10.07 -4.83 -13.03
CA PRO A 50 -11.01 -5.48 -13.94
C PRO A 50 -11.04 -4.81 -15.32
N GLY A 51 -11.73 -5.44 -16.28
CA GLY A 51 -12.02 -4.87 -17.61
C GLY A 51 -13.09 -3.77 -17.61
N GLY A 52 -12.99 -2.77 -16.72
CA GLY A 52 -13.93 -1.64 -16.63
C GLY A 52 -13.33 -0.49 -15.82
N GLU A 53 -13.32 0.71 -16.39
CA GLU A 53 -12.44 1.83 -15.95
C GLU A 53 -12.66 2.35 -14.52
N GLN A 54 -13.86 2.23 -13.96
CA GLN A 54 -14.20 2.62 -12.59
C GLN A 54 -14.52 1.39 -11.71
N GLY A 55 -14.25 0.18 -12.19
CA GLY A 55 -14.41 -1.07 -11.43
C GLY A 55 -13.33 -1.16 -10.35
N LYS A 56 -13.67 -0.76 -9.12
CA LYS A 56 -12.68 -0.49 -8.07
C LYS A 56 -11.73 -1.66 -7.81
N GLU A 57 -10.45 -1.33 -7.65
CA GLU A 57 -9.36 -2.30 -7.55
C GLU A 57 -9.03 -2.67 -6.09
N VAL A 58 -7.89 -3.35 -5.89
CA VAL A 58 -7.34 -3.73 -4.58
C VAL A 58 -5.82 -3.50 -4.57
N ILE A 59 -5.24 -3.31 -3.38
CA ILE A 59 -3.78 -3.25 -3.17
C ILE A 59 -3.41 -3.98 -1.87
N ASP A 60 -2.21 -4.56 -1.86
CA ASP A 60 -1.82 -5.71 -1.04
C ASP A 60 -0.37 -5.64 -0.56
N GLY A 61 0.05 -6.59 0.29
CA GLY A 61 1.45 -6.88 0.59
C GLY A 61 1.61 -7.98 1.63
N TYR A 62 2.58 -8.88 1.49
CA TYR A 62 2.70 -10.10 2.34
C TYR A 62 4.12 -10.66 2.43
N GLY A 63 4.35 -11.53 3.41
CA GLY A 63 5.55 -12.38 3.58
C GLY A 63 6.85 -11.66 3.97
N LYS A 64 6.93 -10.35 3.73
CA LYS A 64 8.12 -9.51 3.85
C LYS A 64 8.78 -9.39 5.25
N PRO A 65 8.10 -9.50 6.42
CA PRO A 65 6.65 -9.45 6.66
C PRO A 65 6.05 -8.11 6.23
N ALA A 66 4.74 -8.03 6.07
CA ALA A 66 4.07 -6.77 5.78
C ALA A 66 4.05 -5.88 7.04
N THR A 67 4.34 -4.58 6.91
CA THR A 67 4.46 -3.68 8.08
C THR A 67 3.77 -2.33 7.90
N PHE A 68 3.12 -1.86 8.97
CA PHE A 68 2.71 -0.46 9.21
C PHE A 68 3.88 0.33 9.79
N TYR A 69 4.05 1.59 9.37
CA TYR A 69 4.76 2.62 10.15
C TYR A 69 4.27 4.03 9.83
N GLN A 70 4.01 4.86 10.85
CA GLN A 70 3.78 6.30 10.73
C GLN A 70 4.85 7.07 11.51
N MET A 71 5.35 8.15 10.92
CA MET A 71 6.33 9.02 11.55
C MET A 71 5.76 9.65 12.84
N GLN A 72 6.64 9.94 13.78
CA GLN A 72 6.32 10.52 15.08
C GLN A 72 6.08 12.04 14.97
N ASP A 73 5.11 12.42 14.13
CA ASP A 73 4.89 13.77 13.57
C ASP A 73 4.79 14.89 14.62
N ASN A 74 4.18 14.58 15.78
CA ASN A 74 4.18 15.43 16.97
C ASN A 74 4.55 14.60 18.22
N GLY A 75 5.51 13.67 18.07
CA GLY A 75 5.79 12.61 19.03
C GLY A 75 4.66 11.58 19.14
N LYS A 76 4.05 11.18 18.01
CA LYS A 76 2.84 10.32 17.94
C LYS A 76 2.94 9.24 16.86
N PRO A 77 3.83 8.23 16.97
CA PRO A 77 3.98 7.16 15.98
C PRO A 77 2.81 6.15 16.02
N VAL A 78 2.69 5.37 14.95
CA VAL A 78 1.79 4.21 14.82
C VAL A 78 2.52 3.13 14.03
N GLU A 79 2.63 1.90 14.52
CA GLU A 79 3.50 0.87 13.91
C GLU A 79 3.00 -0.56 14.14
N GLY A 80 3.31 -1.49 13.22
CA GLY A 80 2.73 -2.83 13.26
C GLY A 80 3.24 -3.76 12.16
N HIS A 81 2.87 -5.04 12.25
CA HIS A 81 3.30 -6.10 11.33
C HIS A 81 2.23 -7.19 11.15
N ALA A 82 2.29 -7.92 10.03
CA ALA A 82 1.46 -9.09 9.75
C ALA A 82 2.08 -10.00 8.68
N SER A 83 1.52 -11.20 8.53
CA SER A 83 1.85 -12.12 7.43
C SER A 83 1.33 -11.58 6.08
N GLN A 84 0.19 -10.87 6.10
CA GLN A 84 -0.46 -10.25 4.94
C GLN A 84 -1.13 -8.92 5.33
N MET A 85 -1.19 -7.97 4.41
CA MET A 85 -1.96 -6.72 4.52
C MET A 85 -2.72 -6.45 3.21
N HIS A 86 -3.92 -5.89 3.33
CA HIS A 86 -4.85 -5.70 2.21
C HIS A 86 -5.62 -4.38 2.35
N TYR A 87 -5.99 -3.77 1.21
CA TYR A 87 -6.69 -2.48 1.13
C TYR A 87 -7.51 -2.39 -0.18
N GLU A 88 -8.52 -1.52 -0.21
CA GLU A 88 -9.44 -1.39 -1.34
C GLU A 88 -9.67 0.07 -1.73
N LEU A 89 -9.37 0.43 -2.98
CA LEU A 89 -9.20 1.83 -3.43
C LEU A 89 -10.50 2.54 -3.86
N ALA A 90 -11.60 2.23 -3.17
CA ALA A 90 -12.87 2.98 -3.18
C ALA A 90 -13.76 2.57 -1.98
N LYS A 91 -13.11 2.25 -0.85
CA LYS A 91 -13.73 1.64 0.35
C LYS A 91 -12.81 1.74 1.58
N ASP A 92 -11.51 1.87 1.34
CA ASP A 92 -10.54 2.62 2.14
C ASP A 92 -10.41 2.20 3.62
N PHE A 93 -10.50 0.88 3.79
CA PHE A 93 -10.41 0.12 5.03
C PHE A 93 -9.26 -0.87 4.90
N VAL A 94 -8.30 -0.83 5.82
CA VAL A 94 -7.12 -1.72 5.85
C VAL A 94 -7.45 -2.99 6.61
N VAL A 95 -6.92 -4.13 6.15
CA VAL A 95 -6.84 -5.39 6.89
C VAL A 95 -5.38 -5.75 7.11
N LEU A 96 -5.03 -6.11 8.34
CA LEU A 96 -3.82 -6.81 8.73
C LEU A 96 -4.21 -8.27 9.01
N THR A 97 -3.50 -9.24 8.46
CA THR A 97 -4.02 -10.62 8.29
C THR A 97 -2.93 -11.66 8.53
N GLY A 98 -3.23 -12.66 9.36
CA GLY A 98 -2.31 -13.69 9.81
C GLY A 98 -1.23 -13.13 10.73
N ASN A 99 -1.27 -13.48 12.03
CA ASN A 99 -0.25 -13.05 13.01
C ASN A 99 -0.07 -11.52 13.03
N ALA A 100 -1.18 -10.78 13.08
CA ALA A 100 -1.20 -9.33 13.00
C ALA A 100 -0.91 -8.68 14.37
N TYR A 101 -0.16 -7.58 14.36
CA TYR A 101 0.10 -6.71 15.50
C TYR A 101 -0.02 -5.25 15.03
N LEU A 102 -0.80 -4.42 15.72
CA LEU A 102 -0.84 -2.97 15.55
C LEU A 102 -0.61 -2.26 16.90
N GLN A 103 0.21 -1.21 16.89
CA GLN A 103 0.56 -0.39 18.06
C GLN A 103 0.36 1.09 17.73
N GLN A 104 -0.19 1.83 18.68
CA GLN A 104 -0.69 3.20 18.53
C GLN A 104 -0.34 4.01 19.79
N VAL A 105 -0.65 5.31 19.79
CA VAL A 105 -0.53 6.17 20.99
C VAL A 105 -1.50 5.79 22.12
N ASP A 106 -2.65 5.20 21.77
CA ASP A 106 -3.70 4.81 22.72
C ASP A 106 -3.63 3.35 23.19
N SER A 107 -3.07 2.45 22.37
CA SER A 107 -3.26 1.00 22.54
C SER A 107 -2.21 0.18 21.78
N ASN A 108 -2.10 -1.11 22.12
CA ASN A 108 -1.44 -2.11 21.29
C ASN A 108 -2.24 -3.42 21.29
N ILE A 109 -2.39 -4.03 20.11
CA ILE A 109 -3.31 -5.14 19.87
C ILE A 109 -2.69 -6.17 18.92
N LYS A 110 -2.88 -7.46 19.19
CA LYS A 110 -2.21 -8.57 18.46
C LYS A 110 -3.09 -9.81 18.35
N GLY A 111 -3.38 -10.28 17.13
CA GLY A 111 -4.25 -11.44 16.89
C GLY A 111 -4.14 -12.09 15.50
N ASP A 112 -5.19 -12.81 15.12
CA ASP A 112 -5.39 -13.49 13.84
C ASP A 112 -5.52 -12.51 12.66
N LYS A 113 -6.34 -11.46 12.85
CA LYS A 113 -6.48 -10.31 11.95
C LYS A 113 -6.92 -9.06 12.71
N ILE A 114 -6.49 -7.90 12.23
CA ILE A 114 -6.74 -6.56 12.77
C ILE A 114 -7.15 -5.64 11.59
N THR A 115 -7.86 -4.54 11.85
CA THR A 115 -8.32 -3.61 10.81
C THR A 115 -8.01 -2.16 11.16
N TYR A 116 -7.97 -1.28 10.15
CA TYR A 116 -7.67 0.15 10.32
C TYR A 116 -8.39 1.02 9.28
N LEU A 117 -8.53 2.33 9.54
CA LEU A 117 -9.16 3.31 8.65
C LEU A 117 -8.15 4.39 8.27
N VAL A 118 -7.89 4.59 6.98
CA VAL A 118 -7.14 5.73 6.41
C VAL A 118 -5.99 6.28 7.27
NT1 EU0 B 1 -11.75 6.79 -10.69
CT EU0 B 1 -10.79 7.64 -10.80
NT2 EU0 B 1 -11.05 8.89 -10.94
N EU0 B 1 -9.59 7.17 -10.75
CA EU0 B 1 -8.30 7.83 -11.04
CB EU0 B 1 -7.59 8.22 -9.70
CG1 EU0 B 1 -8.35 9.32 -8.92
CG2 EU0 B 1 -7.36 7.03 -8.76
C EU0 B 1 -7.40 6.91 -11.91
O EU0 B 1 -7.56 5.68 -11.86
HT12 EU0 B 1 -11.52 5.81 -10.60
HT22 EU0 B 1 -12.03 9.20 -10.91
HT21 EU0 B 1 -10.27 9.55 -10.87
H EU0 B 1 -9.49 6.16 -10.59
HA EU0 B 1 -8.46 8.73 -11.60
HB EU0 B 1 -6.62 8.64 -9.97
HG11 EU0 B 1 -8.53 10.19 -9.55
HG13 EU0 B 1 -7.74 9.63 -8.07
HG12 EU0 B 1 -9.30 8.93 -8.53
HG23 EU0 B 1 -8.30 6.60 -8.40
HG22 EU0 B 1 -6.78 7.36 -7.89
HG21 EU0 B 1 -6.78 6.26 -9.26
HT11 EU0 B 1 -12.68 6.99 -11.10
N HYP B 2 -6.44 7.44 -12.68
CA HYP B 2 -5.22 6.70 -13.02
C HYP B 2 -4.34 6.58 -11.76
O HYP B 2 -4.62 7.20 -10.74
CB HYP B 2 -4.54 7.54 -14.09
CG HYP B 2 -4.78 8.94 -13.54
CD HYP B 2 -6.21 8.85 -12.99
OD1 HYP B 2 -4.66 9.92 -14.54
HA HYP B 2 -5.45 5.70 -13.40
HB2 HYP B 2 -3.48 7.31 -14.19
HB3 HYP B 2 -5.05 7.40 -15.05
HG HYP B 2 -4.08 9.14 -12.74
HD22 HYP B 2 -6.28 9.46 -12.09
HD23 HYP B 2 -6.93 9.18 -13.74
HD1 HYP B 2 -4.79 10.77 -14.05
N ILE B 3 -3.20 5.90 -11.87
CA ILE B 3 -2.21 5.79 -10.80
C ILE B 3 -0.99 6.65 -11.16
N THR B 4 -0.40 7.32 -10.17
CA THR B 4 0.99 7.81 -10.25
C THR B 4 1.81 7.14 -9.14
N TYR B 5 3.02 6.68 -9.47
CA TYR B 5 4.02 6.21 -8.49
C TYR B 5 5.45 6.56 -8.94
O LE1 B 6 8.48 4.61 -7.52
C LE1 B 6 8.78 5.57 -8.22
CA LE1 B 6 7.83 6.79 -8.31
N LE1 B 6 6.42 6.40 -8.07
CB LE1 B 6 8.21 8.04 -7.46
C9 LE1 B 6 9.61 8.57 -7.79
C8 LE1 B 6 8.21 7.72 -5.96
SG LE1 B 6 6.92 9.34 -7.71
HA LE1 B 6 7.91 7.10 -9.36
H LE1 B 6 6.20 6.05 -7.14
H9 LE1 B 6 9.71 8.76 -8.85
H9A LE1 B 6 10.35 7.83 -7.49
H9B LE1 B 6 9.80 9.49 -7.24
H8 LE1 B 6 8.55 8.59 -5.39
H8A LE1 B 6 8.87 6.89 -5.75
H8B LE1 B 6 7.21 7.49 -5.62
N ASN B 7 9.87 5.55 -8.99
CA ASN B 7 10.74 4.36 -9.11
C ASN B 7 12.09 4.50 -8.40
N ARG B 8 12.44 3.52 -7.59
CA ARG B 8 13.61 3.50 -6.69
C ARG B 8 14.93 3.71 -7.42
N DAB B 9 15.17 2.97 -8.51
CA DAB B 9 16.38 3.11 -9.33
C DAB B 9 16.45 4.33 -10.27
O DAB B 9 17.45 4.47 -10.97
CB DAB B 9 16.57 1.79 -10.12
CG DAB B 9 17.12 0.68 -9.23
ND DAB B 9 16.83 -0.64 -9.80
H DAB B 9 14.56 2.17 -8.66
HA DAB B 9 17.23 3.22 -8.66
HB2 DAB B 9 15.61 1.50 -10.55
HB3 DAB B 9 17.28 1.95 -10.94
HG2 DAB B 9 18.19 0.84 -9.10
HG3 DAB B 9 16.64 0.76 -8.24
HD1 DAB B 9 17.14 -1.39 -9.20
HD2 DAB B 9 17.13 -0.76 -10.74
HD3 DAB B 9 15.80 -0.77 -9.74
N THR B 10 15.44 5.22 -10.33
CA THR B 10 15.51 6.45 -11.14
C THR B 10 15.23 7.72 -10.34
N 4FO B 11 14.46 7.64 -9.25
CA 4FO B 11 13.96 8.83 -8.57
C 4FO B 11 12.96 9.64 -9.44
O 4FO B 11 12.65 10.80 -9.13
CB 4FO B 11 13.32 8.41 -7.25
CG 4FO B 11 14.28 7.63 -6.34
NZ 4FO B 11 13.65 7.45 -5.03
H 4FO B 11 14.02 6.75 -9.05
HA 4FO B 11 14.80 9.50 -8.37
HB2 4FO B 11 12.47 7.77 -7.45
HB3 4FO B 11 12.98 9.31 -6.73
HG3 4FO B 11 14.49 6.66 -6.81
HG2 4FO B 11 15.22 8.18 -6.25
HZ3 4FO B 11 14.19 6.85 -4.41
HZ2 4FO B 11 12.77 6.94 -5.15
HZ1 4FO B 11 13.41 8.31 -4.58
N LYS B 12 12.46 9.09 -10.56
CA LYS B 12 11.53 9.74 -11.49
C LYS B 12 10.15 9.07 -11.44
N CYS B 13 9.11 9.89 -11.44
CA CYS B 13 7.72 9.47 -11.27
C CYS B 13 7.05 9.09 -12.60
N DAB B 14 6.04 8.23 -12.54
CA DAB B 14 5.44 7.57 -13.69
C DAB B 14 3.91 7.38 -13.51
O DAB B 14 3.45 7.06 -12.41
CB DAB B 14 6.14 6.20 -13.86
CG DAB B 14 7.64 6.40 -14.16
ND DAB B 14 8.37 5.13 -14.07
H DAB B 14 5.73 7.91 -11.62
HA DAB B 14 5.60 8.17 -14.58
HB2 DAB B 14 6.02 5.64 -12.93
HB3 DAB B 14 5.67 5.65 -14.68
HG2 DAB B 14 7.74 6.82 -15.16
HG3 DAB B 14 8.06 7.10 -13.44
HD1 DAB B 14 9.34 5.24 -14.27
HD2 DAB B 14 8.01 4.39 -14.68
HD3 DAB B 14 8.30 4.75 -13.12
N ARG B 15 3.14 7.49 -14.60
CA ARG B 15 1.73 7.06 -14.66
C ARG B 15 1.59 5.55 -14.81
N TYR B 16 0.41 5.05 -14.47
CA TYR B 16 -0.17 3.74 -14.77
C TYR B 16 -1.71 3.88 -14.87
N VAL A 1 5.64 17.67 -8.32
CA VAL A 1 6.91 17.75 -7.55
C VAL A 1 6.97 16.57 -6.59
N THR A 2 8.16 16.03 -6.32
CA THR A 2 8.34 14.79 -5.52
C THR A 2 7.48 13.62 -6.06
N GLY A 3 7.28 13.61 -7.37
CA GLY A 3 6.10 13.05 -8.03
C GLY A 3 5.68 13.92 -9.22
N ASP A 4 4.87 13.34 -10.11
CA ASP A 4 4.51 13.86 -11.43
C ASP A 4 3.00 14.19 -11.45
N THR A 5 2.18 13.23 -11.87
CA THR A 5 0.71 13.24 -11.87
C THR A 5 0.13 12.57 -10.61
N ASP A 6 0.97 11.82 -9.90
CA ASP A 6 0.81 11.47 -8.49
C ASP A 6 1.68 12.44 -7.66
N GLN A 7 1.07 13.12 -6.69
CA GLN A 7 1.73 14.08 -5.78
C GLN A 7 1.19 14.05 -4.32
N PRO A 8 -0.13 13.87 -4.03
CA PRO A 8 -0.58 13.66 -2.64
C PRO A 8 -0.30 12.23 -2.13
N ILE A 9 0.23 11.36 -2.99
CA ILE A 9 0.79 10.04 -2.70
C ILE A 9 2.09 9.87 -3.49
N HIS A 10 2.99 9.01 -3.03
CA HIS A 10 4.22 8.62 -3.73
C HIS A 10 4.37 7.10 -3.72
N ILE A 11 4.85 6.53 -4.82
CA ILE A 11 4.83 5.07 -5.06
C ILE A 11 6.13 4.64 -5.73
N GLU A 12 6.76 3.58 -5.22
CA GLU A 12 7.96 2.97 -5.81
C GLU A 12 7.78 1.46 -6.02
N SER A 13 8.39 0.94 -7.08
CA SER A 13 8.87 -0.45 -7.14
C SER A 13 10.16 -0.52 -7.96
N ASP A 14 11.01 -1.52 -7.70
CA ASP A 14 12.21 -1.76 -8.53
C ASP A 14 11.88 -2.53 -9.80
N GLN A 15 11.10 -3.60 -9.67
CA GLN A 15 10.57 -4.36 -10.80
C GLN A 15 9.09 -4.03 -11.02
N GLN A 16 8.65 -4.02 -12.28
CA GLN A 16 7.27 -3.74 -12.68
C GLN A 16 6.97 -4.26 -14.08
N SER A 17 5.68 -4.44 -14.37
CA SER A 17 5.14 -4.77 -15.69
C SER A 17 3.65 -4.38 -15.75
N LEU A 18 3.03 -4.56 -16.92
CA LEU A 18 1.59 -4.51 -17.17
C LEU A 18 1.23 -5.63 -18.16
N ASP A 19 0.25 -6.46 -17.81
CA ASP A 19 -0.33 -7.49 -18.68
C ASP A 19 -1.74 -7.11 -19.16
N MET A 20 -2.24 -7.75 -20.22
CA MET A 20 -3.58 -7.55 -20.78
C MET A 20 -4.75 -7.85 -19.81
N GLN A 21 -4.52 -8.64 -18.75
CA GLN A 21 -5.48 -8.83 -17.66
C GLN A 21 -5.59 -7.60 -16.74
N GLY A 22 -4.58 -6.73 -16.69
CA GLY A 22 -4.50 -5.56 -15.79
C GLY A 22 -4.26 -5.92 -14.32
N ASN A 23 -4.96 -6.93 -13.81
CA ASN A 23 -4.85 -7.52 -12.47
C ASN A 23 -3.61 -8.44 -12.29
N VAL A 24 -2.70 -8.43 -13.27
CA VAL A 24 -1.47 -9.23 -13.28
C VAL A 24 -0.28 -8.26 -13.37
N VAL A 25 0.57 -8.28 -12.33
CA VAL A 25 1.60 -7.28 -12.07
C VAL A 25 2.87 -7.90 -11.48
N THR A 26 4.01 -7.22 -11.66
CA THR A 26 5.35 -7.72 -11.29
C THR A 26 6.03 -6.80 -10.26
N PHE A 27 5.25 -6.25 -9.32
CA PHE A 27 5.71 -5.18 -8.42
C PHE A 27 6.50 -5.73 -7.22
N THR A 28 7.83 -5.51 -7.25
CA THR A 28 8.79 -5.87 -6.18
C THR A 28 9.79 -4.72 -5.95
N GLY A 29 10.42 -4.66 -4.78
CA GLY A 29 11.41 -3.64 -4.40
C GLY A 29 11.16 -3.08 -2.99
N ASN A 30 11.59 -1.86 -2.69
CA ASN A 30 11.29 -1.20 -1.40
C ASN A 30 9.84 -0.66 -1.28
N VAL A 31 8.85 -1.41 -1.80
CA VAL A 31 7.50 -0.92 -2.14
C VAL A 31 6.79 -0.30 -0.92
N ILE A 32 6.20 0.88 -1.14
CA ILE A 32 5.57 1.74 -0.15
C ILE A 32 4.10 1.99 -0.54
N VAL A 33 3.22 2.16 0.45
CA VAL A 33 1.95 2.89 0.28
C VAL A 33 1.95 4.09 1.22
N THR A 34 1.71 5.29 0.69
CA THR A 34 1.69 6.54 1.46
C THR A 34 0.26 7.05 1.66
N LEU A 35 -0.10 7.38 2.90
CA LEU A 35 -1.40 7.96 3.28
C LEU A 35 -1.18 9.14 4.27
N GLY A 36 -0.23 10.02 3.94
CA GLY A 36 0.10 11.23 4.71
C GLY A 36 0.70 10.92 6.08
N THR A 37 -0.13 10.96 7.13
CA THR A 37 0.24 10.61 8.52
C THR A 37 0.33 9.08 8.75
N ILE A 38 -0.04 8.29 7.74
CA ILE A 38 -0.10 6.82 7.73
C ILE A 38 0.73 6.29 6.55
N LYS A 39 1.35 5.10 6.69
CA LYS A 39 2.06 4.40 5.60
C LYS A 39 2.13 2.89 5.81
N ILE A 40 2.39 2.16 4.73
CA ILE A 40 2.61 0.69 4.69
C ILE A 40 3.89 0.38 3.88
N ASN A 41 4.57 -0.74 4.19
CA ASN A 41 5.62 -1.36 3.37
C ASN A 41 5.46 -2.89 3.31
N ALA A 42 5.73 -3.48 2.13
CA ALA A 42 5.97 -4.91 1.92
C ALA A 42 6.69 -5.12 0.57
N ASP A 43 7.79 -5.89 0.55
CA ASP A 43 8.77 -5.82 -0.56
C ASP A 43 8.33 -6.50 -1.88
N LYS A 44 7.17 -7.15 -1.87
CA LYS A 44 6.39 -7.41 -3.08
C LYS A 44 4.89 -7.28 -2.79
N VAL A 45 4.14 -6.87 -3.82
CA VAL A 45 2.70 -6.62 -3.71
C VAL A 45 1.87 -7.32 -4.79
N VAL A 46 0.57 -7.03 -4.80
CA VAL A 46 -0.41 -7.33 -5.83
C VAL A 46 -1.26 -6.06 -6.00
N VAL A 47 -1.69 -5.79 -7.23
CA VAL A 47 -2.75 -4.81 -7.51
C VAL A 47 -3.81 -5.50 -8.38
N THR A 48 -5.07 -5.21 -8.10
CA THR A 48 -6.21 -5.71 -8.88
C THR A 48 -7.24 -4.59 -8.98
N ARG A 49 -7.54 -4.16 -10.20
CA ARG A 49 -8.26 -2.91 -10.51
C ARG A 49 -9.27 -3.03 -11.65
N PRO A 50 -10.33 -3.86 -11.51
CA PRO A 50 -11.47 -3.86 -12.43
C PRO A 50 -12.10 -2.46 -12.55
N GLY A 51 -11.99 -1.86 -13.74
CA GLY A 51 -12.41 -0.48 -14.02
C GLY A 51 -11.38 0.61 -13.66
N GLY A 52 -10.21 0.23 -13.14
CA GLY A 52 -9.12 1.13 -12.77
C GLY A 52 -9.54 2.21 -11.77
N GLU A 53 -9.01 3.42 -11.95
CA GLU A 53 -9.32 4.62 -11.15
C GLU A 53 -10.74 5.21 -11.38
N GLN A 54 -11.62 4.49 -12.09
CA GLN A 54 -13.06 4.74 -12.17
C GLN A 54 -13.91 3.54 -11.68
N GLY A 55 -13.26 2.47 -11.23
CA GLY A 55 -13.87 1.21 -10.80
C GLY A 55 -13.59 0.90 -9.34
N LYS A 56 -13.23 -0.35 -9.04
CA LYS A 56 -12.86 -0.85 -7.70
C LYS A 56 -11.43 -1.38 -7.77
N GLU A 57 -10.59 -1.05 -6.79
CA GLU A 57 -9.16 -1.37 -6.79
C GLU A 57 -8.67 -1.86 -5.42
N VAL A 58 -7.69 -2.77 -5.39
CA VAL A 58 -7.02 -3.26 -4.17
C VAL A 58 -5.50 -3.24 -4.34
N ILE A 59 -4.77 -3.01 -3.25
CA ILE A 59 -3.30 -3.12 -3.19
C ILE A 59 -2.90 -3.89 -1.92
N ASP A 60 -2.22 -5.01 -2.13
CA ASP A 60 -2.02 -6.03 -1.12
C ASP A 60 -0.55 -6.49 -1.06
N GLY A 61 0.05 -6.53 0.13
CA GLY A 61 1.46 -6.86 0.34
C GLY A 61 1.67 -7.89 1.45
N TYR A 62 2.66 -8.78 1.29
CA TYR A 62 2.82 -9.94 2.18
C TYR A 62 4.27 -10.45 2.27
N GLY A 63 4.51 -11.39 3.19
CA GLY A 63 5.73 -12.20 3.30
C GLY A 63 6.98 -11.50 3.82
N LYS A 64 7.06 -10.17 3.74
CA LYS A 64 8.26 -9.38 4.07
C LYS A 64 8.84 -9.59 5.50
N PRO A 65 8.06 -9.75 6.61
CA PRO A 65 6.61 -9.60 6.78
C PRO A 65 6.16 -8.14 6.60
N ALA A 66 4.88 -7.94 6.24
CA ALA A 66 4.34 -6.62 5.92
C ALA A 66 4.21 -5.74 7.17
N THR A 67 4.46 -4.43 7.01
CA THR A 67 4.51 -3.46 8.13
C THR A 67 3.64 -2.24 7.86
N PHE A 68 3.01 -1.74 8.92
CA PHE A 68 2.19 -0.53 8.97
C PHE A 68 2.83 0.47 9.95
N TYR A 69 2.80 1.78 9.63
CA TYR A 69 3.26 2.84 10.55
C TYR A 69 2.41 4.12 10.42
N GLN A 70 2.13 4.76 11.55
CA GLN A 70 1.43 6.04 11.69
C GLN A 70 2.08 6.83 12.84
N MET A 71 1.78 8.13 12.97
CA MET A 71 2.20 8.95 14.13
C MET A 71 1.06 9.79 14.74
N GLN A 72 1.33 10.35 15.92
CA GLN A 72 0.58 11.43 16.56
C GLN A 72 1.59 12.54 16.90
N ASP A 73 1.30 13.80 16.54
CA ASP A 73 2.23 14.94 16.58
C ASP A 73 2.91 15.14 17.93
N ASN A 74 2.15 14.89 19.02
CA ASN A 74 2.57 14.97 20.41
C ASN A 74 3.49 13.80 20.86
N GLY A 75 4.40 13.36 19.97
CA GLY A 75 5.53 12.51 20.33
C GLY A 75 5.26 11.00 20.37
N LYS A 76 4.26 10.48 19.62
CA LYS A 76 4.01 9.02 19.53
C LYS A 76 4.12 8.50 18.09
N PRO A 77 4.82 7.37 17.85
CA PRO A 77 4.47 6.46 16.77
C PRO A 77 3.23 5.63 17.15
N VAL A 78 2.55 5.04 16.17
CA VAL A 78 1.61 3.93 16.35
C VAL A 78 1.71 3.00 15.12
N GLU A 79 2.03 1.72 15.32
CA GLU A 79 2.50 0.83 14.25
C GLU A 79 1.93 -0.59 14.30
N GLY A 80 2.22 -1.40 13.28
CA GLY A 80 1.79 -2.79 13.21
C GLY A 80 2.59 -3.64 12.21
N HIS A 81 2.42 -4.96 12.30
CA HIS A 81 3.02 -5.93 11.39
C HIS A 81 2.10 -7.14 11.17
N ALA A 82 2.28 -7.85 10.05
CA ALA A 82 1.57 -9.10 9.75
C ALA A 82 2.26 -9.90 8.63
N SER A 83 1.88 -11.17 8.47
CA SER A 83 2.24 -11.97 7.29
C SER A 83 1.66 -11.35 6.01
N GLN A 84 0.45 -10.80 6.07
CA GLN A 84 -0.30 -10.24 4.94
C GLN A 84 -0.97 -8.90 5.34
N MET A 85 -1.01 -7.95 4.42
CA MET A 85 -1.48 -6.57 4.63
C MET A 85 -2.21 -6.09 3.37
N HIS A 86 -3.53 -5.91 3.48
CA HIS A 86 -4.45 -5.62 2.39
C HIS A 86 -5.02 -4.20 2.49
N TYR A 87 -5.30 -3.55 1.35
CA TYR A 87 -5.93 -2.23 1.30
C TYR A 87 -6.90 -2.12 0.11
N GLU A 88 -8.16 -1.88 0.43
CA GLU A 88 -9.26 -1.76 -0.53
C GLU A 88 -9.52 -0.30 -0.91
N LEU A 89 -8.87 0.22 -1.96
CA LEU A 89 -9.31 1.45 -2.65
C LEU A 89 -10.76 1.31 -3.18
N ALA A 90 -11.21 0.06 -3.36
CA ALA A 90 -12.57 -0.35 -3.66
C ALA A 90 -13.61 0.02 -2.59
N LYS A 91 -13.21 0.07 -1.29
CA LYS A 91 -14.12 -0.13 -0.14
C LYS A 91 -13.57 0.44 1.18
N ASP A 92 -12.61 1.37 1.11
CA ASP A 92 -11.97 2.10 2.23
C ASP A 92 -11.12 1.27 3.24
N PHE A 93 -11.34 -0.04 3.33
CA PHE A 93 -10.81 -0.90 4.40
C PHE A 93 -9.32 -1.24 4.26
N VAL A 94 -8.64 -1.31 5.41
CA VAL A 94 -7.25 -1.74 5.56
C VAL A 94 -7.21 -2.92 6.54
N VAL A 95 -6.69 -4.08 6.15
CA VAL A 95 -6.78 -5.31 6.97
C VAL A 95 -5.54 -6.20 6.91
N LEU A 96 -5.07 -6.60 8.09
CA LEU A 96 -3.87 -7.40 8.34
C LEU A 96 -4.27 -8.84 8.68
N THR A 97 -3.55 -9.84 8.16
CA THR A 97 -3.79 -11.27 8.49
C THR A 97 -2.51 -12.10 8.62
N GLY A 98 -2.60 -13.19 9.39
CA GLY A 98 -1.51 -14.12 9.71
C GLY A 98 -0.48 -13.50 10.66
N ASN A 99 -0.53 -13.87 11.95
CA ASN A 99 0.21 -13.24 13.04
C ASN A 99 0.24 -11.70 12.94
N ALA A 100 -0.95 -11.07 12.90
CA ALA A 100 -1.03 -9.62 12.87
C ALA A 100 -0.86 -9.02 14.28
N TYR A 101 -0.34 -7.80 14.33
CA TYR A 101 -0.09 -7.01 15.52
C TYR A 101 -0.35 -5.55 15.16
N LEU A 102 -1.11 -4.82 15.98
CA LEU A 102 -1.37 -3.38 15.81
C LEU A 102 -1.36 -2.71 17.19
N GLN A 103 -0.49 -1.71 17.37
CA GLN A 103 -0.33 -0.99 18.63
C GLN A 103 -0.58 0.51 18.44
N GLN A 104 -1.71 0.99 18.97
CA GLN A 104 -2.03 2.40 19.18
C GLN A 104 -2.02 2.71 20.68
N VAL A 105 -2.02 4.00 21.05
CA VAL A 105 -2.20 4.42 22.46
C VAL A 105 -3.59 3.99 22.96
N ASP A 106 -4.55 4.08 22.04
CA ASP A 106 -5.99 3.96 22.20
C ASP A 106 -6.43 2.48 22.34
N SER A 107 -5.68 1.56 21.72
CA SER A 107 -5.73 0.11 21.98
C SER A 107 -4.50 -0.57 21.36
N ASN A 108 -4.03 -1.68 21.95
CA ASN A 108 -2.90 -2.44 21.41
C ASN A 108 -3.16 -3.96 21.50
N ILE A 109 -3.01 -4.66 20.37
CA ILE A 109 -3.54 -6.01 20.15
C ILE A 109 -2.67 -6.84 19.20
N LYS A 110 -2.73 -8.18 19.34
CA LYS A 110 -2.25 -9.12 18.32
C LYS A 110 -3.26 -10.25 18.10
N GLY A 111 -3.26 -10.82 16.90
CA GLY A 111 -4.13 -11.92 16.49
C GLY A 111 -4.10 -12.12 14.98
N ASP A 112 -4.56 -13.26 14.47
CA ASP A 112 -4.35 -13.64 13.07
C ASP A 112 -5.27 -12.95 12.04
N LYS A 113 -6.17 -12.06 12.50
CA LYS A 113 -6.91 -11.10 11.68
C LYS A 113 -7.07 -9.78 12.45
N ILE A 114 -6.67 -8.64 11.87
CA ILE A 114 -6.86 -7.30 12.46
C ILE A 114 -7.22 -6.30 11.35
N THR A 115 -8.39 -5.67 11.45
CA THR A 115 -8.71 -4.44 10.68
C THR A 115 -8.03 -3.24 11.32
N TYR A 116 -7.39 -2.40 10.52
CA TYR A 116 -6.87 -1.11 10.99
C TYR A 116 -8.01 -0.09 11.16
N LEU A 117 -7.94 0.71 12.23
CA LEU A 117 -8.82 1.85 12.49
C LEU A 117 -7.98 3.11 12.72
N VAL A 118 -8.49 4.26 12.27
CA VAL A 118 -7.74 5.54 12.24
C VAL A 118 -6.97 5.88 13.52
NT1 EU0 B 1 -7.75 9.89 -9.96
CT EU0 B 1 -7.02 10.88 -9.62
NT2 EU0 B 1 -7.34 12.07 -9.97
N EU0 B 1 -5.97 10.67 -8.91
CA EU0 B 1 -4.65 10.60 -9.58
CB EU0 B 1 -3.50 10.80 -8.56
CG1 EU0 B 1 -3.49 12.24 -7.99
CG2 EU0 B 1 -3.52 9.80 -7.40
C EU0 B 1 -4.52 9.29 -10.39
O EU0 B 1 -5.37 8.40 -10.23
HT12 EU0 B 1 -7.30 8.95 -9.94
HT22 EU0 B 1 -8.20 12.24 -10.50
HT21 EU0 B 1 -6.76 12.84 -9.61
H EU0 B 1 -6.07 9.88 -8.26
HA EU0 B 1 -4.57 11.40 -10.30
HB EU0 B 1 -2.56 10.66 -9.11
HG11 EU0 B 1 -4.39 12.43 -7.41
HG13 EU0 B 1 -3.41 12.96 -8.81
HG12 EU0 B 1 -2.62 12.35 -7.35
HG23 EU0 B 1 -4.38 9.96 -6.75
HG22 EU0 B 1 -2.61 9.92 -6.80
HG21 EU0 B 1 -3.52 8.78 -7.78
HT11 EU0 B 1 -8.59 10.02 -10.54
N HYP B 2 -3.51 9.13 -11.28
CA HYP B 2 -3.12 7.84 -11.83
C HYP B 2 -2.58 6.88 -10.74
O HYP B 2 -2.87 7.02 -9.56
CB HYP B 2 -2.05 8.16 -12.88
CG HYP B 2 -2.19 9.65 -13.18
CD HYP B 2 -2.73 10.20 -11.87
OD1 HYP B 2 -3.12 9.88 -14.24
HA HYP B 2 -3.98 7.38 -12.32
HB2 HYP B 2 -1.06 8.00 -12.47
HB3 HYP B 2 -2.19 7.56 -13.78
HG HYP B 2 -1.23 10.08 -13.44
HD22 HYP B 2 -1.89 10.46 -11.22
HD23 HYP B 2 -3.32 11.09 -12.06
HD1 HYP B 2 -2.95 10.75 -14.59
N ILE B 3 -1.80 5.87 -11.17
CA ILE B 3 -0.83 5.18 -10.32
C ILE B 3 0.56 5.42 -10.94
N THR B 4 1.07 6.65 -10.78
CA THR B 4 2.35 7.11 -11.34
C THR B 4 3.51 6.77 -10.41
N TYR B 5 3.93 5.51 -10.43
CA TYR B 5 5.09 5.03 -9.66
C TYR B 5 6.43 5.33 -10.32
O LE1 B 6 9.41 3.40 -9.01
C LE1 B 6 9.48 4.16 -9.97
CA LE1 B 6 8.86 5.58 -9.92
N LE1 B 6 7.45 5.51 -9.50
CB LE1 B 6 9.66 6.64 -9.13
C9 LE1 B 6 11.16 6.69 -9.49
C8 LE1 B 6 9.60 6.43 -7.61
SG LE1 B 6 8.88 8.29 -9.45
HA LE1 B 6 8.88 5.94 -10.94
H LE1 B 6 7.26 5.49 -8.49
H9 LE1 B 6 11.66 5.79 -9.15
H9A LE1 B 6 11.63 7.55 -8.99
H9B LE1 B 6 11.30 6.79 -10.56
H8 LE1 B 6 10.23 7.15 -7.10
H8A LE1 B 6 9.97 5.43 -7.36
H8B LE1 B 6 8.59 6.55 -7.24
N ASN B 7 10.04 3.79 -11.13
CA ASN B 7 10.60 2.46 -11.39
C ASN B 7 12.10 2.48 -11.07
N ARG B 8 12.47 1.92 -9.91
CA ARG B 8 13.82 2.01 -9.32
C ARG B 8 14.92 1.51 -10.27
N DAB B 9 14.68 0.46 -11.04
CA DAB B 9 15.59 0.01 -12.12
C DAB B 9 15.88 1.17 -13.11
O DAB B 9 17.03 1.59 -13.31
CB DAB B 9 14.96 -1.17 -12.90
CG DAB B 9 15.49 -2.59 -12.61
ND DAB B 9 14.73 -3.25 -11.55
H DAB B 9 13.95 -0.16 -10.74
HA DAB B 9 16.54 -0.30 -11.67
HB2 DAB B 9 13.87 -1.15 -12.81
HB3 DAB B 9 15.18 -1.01 -13.96
HG2 DAB B 9 15.37 -3.18 -13.52
HG3 DAB B 9 16.56 -2.56 -12.37
HD1 DAB B 9 13.73 -3.20 -11.67
HD2 DAB B 9 14.91 -2.81 -10.63
HD3 DAB B 9 14.96 -4.23 -11.39
N THR B 10 14.82 1.75 -13.69
CA THR B 10 14.90 2.72 -14.81
C THR B 10 15.51 4.07 -14.44
N 4FO B 11 15.57 4.38 -13.15
CA 4FO B 11 15.98 5.71 -12.69
C 4FO B 11 14.89 6.82 -12.85
O 4FO B 11 15.20 8.00 -12.68
CB 4FO B 11 16.51 5.59 -11.25
CG 4FO B 11 17.94 5.04 -11.17
NZ 4FO B 11 18.01 3.59 -11.48
H 4FO B 11 15.14 3.75 -12.48
HA 4FO B 11 16.81 6.05 -13.30
HB2 4FO B 11 15.83 4.99 -10.63
HB3 4FO B 11 16.54 6.60 -10.82
HG3 4FO B 11 18.58 5.60 -11.85
HG2 4FO B 11 18.31 5.19 -10.14
HZ3 4FO B 11 17.68 3.37 -12.42
HZ2 4FO B 11 17.39 3.05 -10.87
HZ1 4FO B 11 18.95 3.22 -11.39
N LYS B 12 13.69 6.47 -13.34
CA LYS B 12 12.59 7.40 -13.71
C LYS B 12 11.22 6.77 -13.47
N CYS B 13 10.12 7.41 -13.89
CA CYS B 13 8.76 7.10 -13.43
C CYS B 13 7.76 6.87 -14.58
N DAB B 14 6.62 6.24 -14.32
CA DAB B 14 5.53 6.09 -15.30
C DAB B 14 4.15 5.83 -14.62
O DAB B 14 4.15 5.21 -13.55
CB DAB B 14 5.87 4.94 -16.27
CG DAB B 14 5.31 3.55 -15.95
ND DAB B 14 5.60 3.12 -14.57
H DAB B 14 6.43 5.98 -13.34
HA DAB B 14 5.45 7.02 -15.86
HB2 DAB B 14 5.49 5.22 -17.25
HB3 DAB B 14 6.95 4.85 -16.37
HG2 DAB B 14 4.23 3.57 -16.10
HG3 DAB B 14 5.73 2.82 -16.66
HD1 DAB B 14 6.60 3.04 -14.38
HD2 DAB B 14 5.20 2.23 -14.35
HD3 DAB B 14 5.22 3.79 -13.89
N ARG B 15 3.02 6.04 -15.31
CA ARG B 15 1.70 5.54 -14.84
C ARG B 15 1.43 4.07 -15.23
N TYR B 16 0.59 3.41 -14.41
CA TYR B 16 -0.05 2.10 -14.59
C TYR B 16 -1.53 2.21 -14.21
N VAL A 1 -10.80 22.36 -8.46
CA VAL A 1 -9.58 21.99 -7.71
C VAL A 1 -8.39 22.00 -8.66
N THR A 2 -7.15 22.04 -8.16
CA THR A 2 -5.92 21.87 -8.94
C THR A 2 -4.85 21.22 -8.05
N GLY A 3 -3.77 20.69 -8.63
CA GLY A 3 -2.89 19.75 -7.95
C GLY A 3 -3.51 18.35 -7.92
N ASP A 4 -3.73 17.78 -6.74
CA ASP A 4 -4.44 16.51 -6.57
C ASP A 4 -5.31 16.53 -5.28
N THR A 5 -6.42 15.80 -5.28
CA THR A 5 -7.38 15.62 -4.17
C THR A 5 -8.28 14.40 -4.42
N ASP A 6 -8.65 14.17 -5.67
CA ASP A 6 -9.48 13.06 -6.15
C ASP A 6 -8.66 11.75 -6.20
N GLN A 7 -8.50 11.11 -5.04
CA GLN A 7 -7.66 9.91 -4.81
C GLN A 7 -6.19 10.07 -5.27
N PRO A 8 -5.35 10.81 -4.52
CA PRO A 8 -3.90 10.98 -4.77
C PRO A 8 -3.09 9.74 -4.36
N ILE A 9 -3.36 8.60 -4.99
CA ILE A 9 -2.77 7.29 -4.61
C ILE A 9 -1.35 7.18 -5.20
N HIS A 10 -0.37 6.88 -4.34
CA HIS A 10 1.06 6.95 -4.68
C HIS A 10 1.89 5.79 -4.11
N ILE A 11 2.79 5.21 -4.93
CA ILE A 11 3.60 4.00 -4.65
C ILE A 11 5.05 4.17 -5.18
N GLU A 12 6.04 3.57 -4.52
CA GLU A 12 7.39 3.33 -5.09
C GLU A 12 7.97 1.96 -4.72
N SER A 13 8.67 1.32 -5.67
CA SER A 13 9.58 0.18 -5.48
C SER A 13 10.72 0.23 -6.51
N ASP A 14 11.61 -0.76 -6.55
CA ASP A 14 12.72 -0.78 -7.53
C ASP A 14 12.32 -1.30 -8.92
N GLN A 15 11.30 -2.15 -8.98
CA GLN A 15 10.80 -2.78 -10.20
C GLN A 15 9.26 -2.77 -10.23
N GLN A 16 8.71 -2.70 -11.44
CA GLN A 16 7.30 -2.96 -11.71
C GLN A 16 7.11 -3.70 -13.04
N SER A 17 5.93 -4.33 -13.22
CA SER A 17 5.46 -4.88 -14.50
C SER A 17 4.05 -4.37 -14.83
N LEU A 18 3.69 -4.44 -16.11
CA LEU A 18 2.48 -3.86 -16.71
C LEU A 18 2.12 -4.66 -17.98
N ASP A 19 0.85 -5.05 -18.11
CA ASP A 19 0.32 -5.66 -19.34
C ASP A 19 0.12 -4.63 -20.49
N MET A 20 0.23 -5.11 -21.74
CA MET A 20 0.09 -4.32 -22.96
C MET A 20 -1.29 -3.67 -23.16
N GLN A 21 -2.34 -4.24 -22.56
CA GLN A 21 -3.70 -3.66 -22.48
C GLN A 21 -4.15 -3.39 -21.03
N GLY A 22 -3.20 -3.31 -20.07
CA GLY A 22 -3.48 -2.94 -18.68
C GLY A 22 -4.20 -4.01 -17.85
N ASN A 23 -4.29 -5.27 -18.30
CA ASN A 23 -4.98 -6.33 -17.57
C ASN A 23 -4.36 -6.69 -16.21
N VAL A 24 -3.10 -6.31 -15.94
CA VAL A 24 -2.45 -6.43 -14.63
C VAL A 24 -1.30 -5.42 -14.51
N VAL A 25 -1.04 -4.97 -13.27
CA VAL A 25 0.18 -4.25 -12.89
C VAL A 25 0.76 -4.90 -11.62
N THR A 26 2.09 -4.97 -11.55
CA THR A 26 2.84 -5.61 -10.45
C THR A 26 3.90 -4.63 -9.94
N PHE A 27 4.17 -4.62 -8.64
CA PHE A 27 5.28 -3.89 -8.02
C PHE A 27 6.15 -4.88 -7.23
N THR A 28 7.48 -4.76 -7.31
CA THR A 28 8.43 -5.77 -6.81
C THR A 28 9.67 -5.16 -6.15
N GLY A 29 10.14 -5.76 -5.06
CA GLY A 29 11.37 -5.42 -4.35
C GLY A 29 11.14 -5.03 -2.88
N ASN A 30 10.67 -3.81 -2.65
CA ASN A 30 10.59 -3.23 -1.30
C ASN A 30 9.43 -2.23 -1.16
N VAL A 31 8.33 -2.52 -1.85
CA VAL A 31 7.22 -1.62 -2.19
C VAL A 31 6.72 -0.79 -1.00
N ILE A 32 6.78 0.53 -1.19
CA ILE A 32 6.23 1.55 -0.29
C ILE A 32 4.82 1.90 -0.75
N VAL A 33 3.85 1.83 0.16
CA VAL A 33 2.46 2.25 -0.03
C VAL A 33 2.07 3.20 1.10
N THR A 34 1.19 4.18 0.85
CA THR A 34 0.83 5.23 1.83
C THR A 34 -0.67 5.52 1.87
N LEU A 35 -1.14 6.01 3.01
CA LEU A 35 -2.52 6.46 3.27
C LEU A 35 -2.47 7.65 4.25
N GLY A 36 -2.48 8.88 3.73
CA GLY A 36 -2.53 10.10 4.54
C GLY A 36 -1.38 10.21 5.55
N THR A 37 -1.65 9.91 6.82
CA THR A 37 -0.69 9.91 7.93
C THR A 37 0.09 8.60 8.10
N ILE A 38 -0.27 7.51 7.40
CA ILE A 38 0.32 6.19 7.60
C ILE A 38 1.01 5.65 6.35
N LYS A 39 1.94 4.69 6.56
CA LYS A 39 2.56 3.90 5.49
C LYS A 39 2.41 2.40 5.71
N ILE A 40 2.57 1.68 4.61
CA ILE A 40 2.69 0.22 4.49
C ILE A 40 4.04 -0.12 3.83
N ASN A 41 4.61 -1.29 4.14
CA ASN A 41 5.64 -1.93 3.33
C ASN A 41 5.23 -3.34 2.89
N ALA A 42 5.58 -3.68 1.65
CA ALA A 42 5.46 -5.02 1.07
C ALA A 42 6.74 -5.43 0.34
N ASP A 43 6.91 -6.72 0.05
CA ASP A 43 8.03 -7.25 -0.75
C ASP A 43 7.67 -7.33 -2.24
N LYS A 44 6.40 -7.64 -2.54
CA LYS A 44 5.76 -7.47 -3.85
C LYS A 44 4.24 -7.28 -3.69
N VAL A 45 3.60 -6.77 -4.74
CA VAL A 45 2.19 -6.36 -4.82
C VAL A 45 1.68 -6.63 -6.24
N VAL A 46 0.44 -7.11 -6.41
CA VAL A 46 -0.19 -7.44 -7.70
C VAL A 46 -1.62 -6.87 -7.76
N VAL A 47 -1.81 -5.70 -8.38
CA VAL A 47 -3.12 -5.02 -8.38
C VAL A 47 -4.12 -5.70 -9.33
N THR A 48 -5.35 -5.88 -8.83
CA THR A 48 -6.43 -6.51 -9.61
C THR A 48 -7.08 -5.57 -10.62
N ARG A 49 -7.83 -6.14 -11.58
CA ARG A 49 -8.51 -5.46 -12.68
C ARG A 49 -9.96 -5.05 -12.31
N PRO A 50 -10.28 -3.76 -12.09
CA PRO A 50 -11.66 -3.30 -11.99
C PRO A 50 -12.35 -3.36 -13.36
N GLY A 51 -13.69 -3.43 -13.39
CA GLY A 51 -14.49 -3.34 -14.63
C GLY A 51 -14.48 -4.60 -15.51
N GLY A 52 -13.44 -5.43 -15.39
CA GLY A 52 -13.52 -6.88 -15.67
C GLY A 52 -14.24 -7.66 -14.55
N GLU A 53 -14.64 -6.96 -13.48
CA GLU A 53 -15.48 -7.42 -12.37
C GLU A 53 -16.18 -6.19 -11.74
N GLN A 54 -17.19 -6.39 -10.91
CA GLN A 54 -17.71 -5.37 -9.99
C GLN A 54 -16.74 -5.13 -8.82
N GLY A 55 -15.99 -6.16 -8.43
CA GLY A 55 -14.82 -6.04 -7.55
C GLY A 55 -13.78 -5.09 -8.13
N LYS A 56 -13.15 -4.28 -7.26
CA LYS A 56 -12.28 -3.17 -7.65
C LYS A 56 -10.83 -3.36 -7.19
N GLU A 57 -9.98 -2.43 -7.60
CA GLU A 57 -8.53 -2.35 -7.36
C GLU A 57 -8.13 -2.26 -5.86
N VAL A 58 -8.30 -3.37 -5.15
CA VAL A 58 -7.49 -3.69 -3.96
C VAL A 58 -6.01 -3.75 -4.36
N ILE A 59 -5.15 -3.29 -3.46
CA ILE A 59 -3.72 -3.63 -3.44
C ILE A 59 -3.36 -4.38 -2.16
N ASP A 60 -2.38 -5.26 -2.30
CA ASP A 60 -1.93 -6.29 -1.38
C ASP A 60 -0.52 -5.97 -0.83
N GLY A 61 0.02 -6.89 -0.01
CA GLY A 61 1.39 -6.80 0.48
C GLY A 61 1.72 -7.85 1.54
N TYR A 62 2.89 -8.48 1.43
CA TYR A 62 3.32 -9.60 2.28
C TYR A 62 4.84 -9.77 2.25
N GLY A 63 5.36 -10.71 3.06
CA GLY A 63 6.73 -11.25 3.00
C GLY A 63 7.86 -10.37 3.55
N LYS A 64 7.66 -9.04 3.61
CA LYS A 64 8.72 -8.07 3.95
C LYS A 64 9.25 -8.09 5.41
N PRO A 65 8.53 -8.51 6.49
CA PRO A 65 7.10 -8.86 6.61
C PRO A 65 6.18 -7.65 6.39
N ALA A 66 4.87 -7.89 6.25
CA ALA A 66 3.90 -6.82 6.01
C ALA A 66 3.88 -5.88 7.21
N THR A 67 4.26 -4.62 7.00
CA THR A 67 4.64 -3.68 8.07
C THR A 67 3.95 -2.34 7.90
N PHE A 68 3.61 -1.71 9.02
CA PHE A 68 2.74 -0.53 9.12
C PHE A 68 3.36 0.50 10.06
N TYR A 69 3.24 1.80 9.73
CA TYR A 69 3.69 2.89 10.60
C TYR A 69 2.82 4.14 10.45
N GLN A 70 2.53 4.83 11.56
CA GLN A 70 1.67 6.01 11.66
C GLN A 70 2.45 7.23 12.16
N MET A 71 2.44 8.31 11.36
CA MET A 71 2.80 9.65 11.82
C MET A 71 1.69 10.22 12.71
N GLN A 72 2.07 10.71 13.88
CA GLN A 72 1.19 11.38 14.85
C GLN A 72 2.06 12.23 15.80
N ASP A 73 2.59 13.32 15.25
CA ASP A 73 3.73 14.08 15.78
C ASP A 73 3.41 14.88 17.05
N ASN A 74 2.14 14.88 17.49
CA ASN A 74 1.71 15.17 18.86
C ASN A 74 2.13 14.06 19.87
N GLY A 75 3.24 13.35 19.60
CA GLY A 75 3.73 12.23 20.40
C GLY A 75 2.74 11.06 20.57
N LYS A 76 2.02 10.68 19.51
CA LYS A 76 1.09 9.51 19.47
C LYS A 76 1.32 8.54 18.27
N PRO A 77 2.56 8.31 17.77
CA PRO A 77 2.81 7.41 16.64
C PRO A 77 2.48 5.94 16.97
N VAL A 78 2.26 5.12 15.95
CA VAL A 78 1.90 3.69 16.06
C VAL A 78 2.66 2.86 15.02
N GLU A 79 2.99 1.61 15.36
CA GLU A 79 3.44 0.59 14.41
C GLU A 79 2.50 -0.63 14.41
N GLY A 80 2.56 -1.43 13.35
CA GLY A 80 1.92 -2.73 13.28
C GLY A 80 2.66 -3.65 12.30
N HIS A 81 2.51 -4.96 12.49
CA HIS A 81 3.26 -5.96 11.72
C HIS A 81 2.49 -7.27 11.59
N ALA A 82 2.54 -7.88 10.40
CA ALA A 82 1.69 -8.99 9.97
C ALA A 82 2.35 -9.84 8.87
N SER A 83 1.77 -11.01 8.57
CA SER A 83 2.15 -11.82 7.40
C SER A 83 1.60 -11.24 6.09
N GLN A 84 0.42 -10.61 6.12
CA GLN A 84 -0.24 -9.99 4.97
C GLN A 84 -0.90 -8.64 5.34
N MET A 85 -1.07 -7.77 4.35
CA MET A 85 -1.65 -6.43 4.44
C MET A 85 -2.42 -6.12 3.15
N HIS A 86 -3.52 -5.37 3.25
CA HIS A 86 -4.42 -5.07 2.14
C HIS A 86 -4.96 -3.64 2.27
N TYR A 87 -5.14 -2.96 1.14
CA TYR A 87 -5.66 -1.59 1.04
C TYR A 87 -6.66 -1.54 -0.13
N GLU A 88 -7.96 -1.40 0.16
CA GLU A 88 -8.98 -1.25 -0.86
C GLU A 88 -9.08 0.22 -1.28
N LEU A 89 -8.53 0.52 -2.47
CA LEU A 89 -8.47 1.89 -2.99
C LEU A 89 -9.87 2.46 -3.27
N ALA A 90 -10.82 1.62 -3.70
CA ALA A 90 -12.24 1.96 -3.83
C ALA A 90 -12.97 2.32 -2.51
N LYS A 91 -12.30 2.24 -1.36
CA LYS A 91 -12.84 2.59 -0.02
C LYS A 91 -11.90 3.45 0.83
N ASP A 92 -10.67 3.66 0.38
CA ASP A 92 -9.54 4.18 1.17
C ASP A 92 -9.30 3.42 2.50
N PHE A 93 -9.52 2.09 2.49
CA PHE A 93 -9.69 1.25 3.69
C PHE A 93 -8.60 0.16 3.82
N VAL A 94 -8.08 -0.11 5.02
CA VAL A 94 -6.89 -0.98 5.23
C VAL A 94 -7.15 -2.12 6.23
N VAL A 95 -6.62 -3.32 5.93
CA VAL A 95 -6.73 -4.51 6.79
C VAL A 95 -5.51 -5.43 6.73
N LEU A 96 -5.01 -5.81 7.91
CA LEU A 96 -3.91 -6.76 8.15
C LEU A 96 -4.48 -8.18 8.27
N THR A 97 -3.76 -9.20 7.80
CA THR A 97 -4.13 -10.62 7.97
C THR A 97 -2.88 -11.47 8.26
N GLY A 98 -3.06 -12.54 9.04
CA GLY A 98 -2.01 -13.49 9.40
C GLY A 98 -1.10 -12.95 10.49
N ASN A 99 -1.15 -13.59 11.66
CA ASN A 99 -0.21 -13.44 12.78
C ASN A 99 -0.11 -12.03 13.40
N ALA A 100 -0.95 -11.09 12.97
CA ALA A 100 -0.75 -9.65 13.09
C ALA A 100 -0.77 -9.06 14.52
N TYR A 101 -0.13 -7.90 14.64
CA TYR A 101 0.05 -7.09 15.85
C TYR A 101 -0.14 -5.60 15.52
N LEU A 102 -0.65 -4.80 16.47
CA LEU A 102 -0.81 -3.34 16.36
C LEU A 102 -0.59 -2.65 17.72
N GLN A 103 0.19 -1.56 17.71
CA GLN A 103 0.48 -0.72 18.88
C GLN A 103 -0.64 0.30 19.15
N GLN A 104 -0.74 0.79 20.39
CA GLN A 104 -1.51 2.00 20.74
C GLN A 104 -0.79 2.77 21.88
N VAL A 105 -1.38 3.85 22.40
CA VAL A 105 -0.74 4.77 23.37
C VAL A 105 -1.07 4.45 24.84
N ASP A 106 -2.00 3.52 25.05
CA ASP A 106 -2.60 3.09 26.31
C ASP A 106 -2.45 1.57 26.53
N SER A 107 -2.43 0.81 25.43
CA SER A 107 -2.40 -0.64 25.38
C SER A 107 -1.86 -1.10 24.03
N ASN A 108 -1.79 -2.42 23.79
CA ASN A 108 -1.31 -3.02 22.55
C ASN A 108 -2.03 -4.34 22.26
N ILE A 109 -2.19 -4.72 20.98
CA ILE A 109 -3.03 -5.86 20.58
C ILE A 109 -2.34 -6.78 19.57
N LYS A 110 -2.72 -8.06 19.56
CA LYS A 110 -2.44 -8.98 18.47
C LYS A 110 -3.64 -9.85 18.16
N GLY A 111 -3.85 -10.14 16.88
CA GLY A 111 -4.96 -10.94 16.38
C GLY A 111 -4.76 -11.20 14.89
N ASP A 112 -5.19 -12.36 14.40
CA ASP A 112 -4.72 -12.85 13.08
C ASP A 112 -5.53 -12.30 11.88
N LYS A 113 -6.40 -11.30 12.14
CA LYS A 113 -6.65 -10.18 11.22
C LYS A 113 -6.98 -8.91 12.03
N ILE A 114 -6.59 -7.73 11.54
CA ILE A 114 -6.79 -6.43 12.21
C ILE A 114 -7.16 -5.36 11.16
N THR A 115 -8.28 -4.67 11.34
CA THR A 115 -8.65 -3.49 10.54
C THR A 115 -7.91 -2.25 11.04
N TYR A 116 -7.46 -1.38 10.13
CA TYR A 116 -7.00 -0.02 10.47
C TYR A 116 -7.92 1.05 9.88
N LEU A 117 -8.12 2.14 10.63
CA LEU A 117 -8.89 3.33 10.22
C LEU A 117 -8.10 4.58 10.63
N VAL A 118 -8.05 5.58 9.74
CA VAL A 118 -7.23 6.79 9.98
C VAL A 118 -7.65 7.60 11.20
NT1 EU0 B 1 -6.19 13.23 -9.27
CT EU0 B 1 -6.23 11.96 -9.28
NT2 EU0 B 1 -5.33 11.33 -8.61
N EU0 B 1 -7.14 11.39 -10.00
CA EU0 B 1 -7.47 9.95 -10.07
CB EU0 B 1 -8.53 9.67 -11.19
CG1 EU0 B 1 -9.12 8.25 -11.09
CG2 EU0 B 1 -9.70 10.66 -11.18
C EU0 B 1 -6.32 8.92 -10.14
O EU0 B 1 -6.38 7.90 -9.45
HT12 EU0 B 1 -7.08 13.71 -9.50
HT22 EU0 B 1 -4.60 11.93 -8.15
HT21 EU0 B 1 -5.59 10.47 -8.12
H EU0 B 1 -7.95 12.04 -10.13
HA EU0 B 1 -7.99 9.73 -9.16
HB EU0 B 1 -8.01 9.76 -12.15
HG11 EU0 B 1 -9.85 8.09 -11.89
HG13 EU0 B 1 -9.62 8.12 -10.13
HG12 EU0 B 1 -8.35 7.49 -11.20
HG23 EU0 B 1 -10.14 10.73 -10.19
HG22 EU0 B 1 -10.47 10.34 -11.89
HG21 EU0 B 1 -9.37 11.65 -11.50
HT11 EU0 B 1 -5.69 13.63 -8.47
N HYP B 2 -5.31 9.07 -11.05
CA HYP B 2 -4.41 7.99 -11.41
C HYP B 2 -3.61 7.39 -10.24
O HYP B 2 -3.02 8.12 -9.45
CB HYP B 2 -3.47 8.57 -12.48
CG HYP B 2 -4.24 9.74 -13.08
CD HYP B 2 -5.07 10.24 -11.90
OD1 HYP B 2 -5.08 9.32 -14.14
HA HYP B 2 -4.99 7.19 -11.88
HB2 HYP B 2 -2.55 8.94 -12.02
HB3 HYP B 2 -3.23 7.82 -13.23
HG HYP B 2 -3.55 10.51 -13.43
HD22 HYP B 2 -4.48 10.97 -11.34
HD23 HYP B 2 -5.98 10.69 -12.26
HD1 HYP B 2 -5.57 10.10 -14.45
N ILE B 3 -3.49 6.06 -10.23
CA ILE B 3 -2.73 5.31 -9.23
C ILE B 3 -1.25 5.42 -9.61
N THR B 4 -0.58 6.40 -9.02
CA THR B 4 0.75 6.86 -9.44
C THR B 4 1.83 5.94 -8.91
N TYR B 5 2.70 5.46 -9.79
CA TYR B 5 3.86 4.64 -9.45
C TYR B 5 5.15 5.33 -9.91
O LE1 B 6 8.14 4.40 -7.95
C LE1 B 6 8.38 5.22 -8.84
CA LE1 B 6 7.32 6.28 -9.21
N LE1 B 6 5.98 5.73 -8.96
CB LE1 B 6 7.47 7.66 -8.55
C9 LE1 B 6 8.85 8.30 -8.79
C8 LE1 B 6 7.28 7.62 -7.02
SG LE1 B 6 6.16 8.78 -9.21
HA LE1 B 6 7.43 6.45 -10.28
H LE1 B 6 5.76 5.48 -7.99
H9 LE1 B 6 8.82 9.35 -8.53
H9A LE1 B 6 9.12 8.20 -9.84
H9B LE1 B 6 9.59 7.81 -8.18
H8 LE1 B 6 8.07 7.02 -6.57
H8A LE1 B 6 6.31 7.21 -6.76
H8B LE1 B 6 7.35 8.63 -6.60
N ASN B 7 9.49 5.09 -9.59
CA ASN B 7 10.37 3.92 -9.49
C ASN B 7 11.76 4.25 -8.94
N ARG B 8 12.26 3.45 -7.99
CA ARG B 8 13.57 3.57 -7.31
C ARG B 8 14.77 3.30 -8.22
N DAB B 9 14.53 2.89 -9.47
CA DAB B 9 15.56 2.77 -10.50
C DAB B 9 15.28 3.56 -11.81
O DAB B 9 16.01 3.37 -12.78
CB DAB B 9 15.87 1.27 -10.70
CG DAB B 9 17.24 0.89 -10.11
ND DAB B 9 17.27 1.02 -8.65
H DAB B 9 13.59 2.61 -9.68
HA DAB B 9 16.47 3.25 -10.14
HB2 DAB B 9 15.10 0.65 -10.25
HB3 DAB B 9 15.90 1.03 -11.77
HG2 DAB B 9 17.45 -0.15 -10.39
HG3 DAB B 9 18.01 1.53 -10.57
HD1 DAB B 9 16.94 1.92 -8.29
HD2 DAB B 9 18.14 0.76 -8.23
HD3 DAB B 9 16.60 0.35 -8.25
N THR B 10 14.31 4.49 -11.83
CA THR B 10 14.17 5.48 -12.94
C THR B 10 13.85 6.90 -12.49
N 4FO B 11 13.16 7.11 -11.36
CA 4FO B 11 12.71 8.44 -10.90
C 4FO B 11 11.60 9.10 -11.80
O 4FO B 11 10.67 9.70 -11.27
CB 4FO B 11 12.21 8.31 -9.45
CG 4FO B 11 13.24 7.90 -8.39
NZ 4FO B 11 12.57 7.84 -7.07
H 4FO B 11 12.83 6.30 -10.84
HA 4FO B 11 13.57 9.12 -10.92
HB2 4FO B 11 11.42 7.56 -9.45
HB3 4FO B 11 11.80 9.26 -9.13
HG3 4FO B 11 13.65 6.92 -8.65
HG2 4FO B 11 14.05 8.63 -8.39
HZ3 4FO B 11 13.17 7.54 -6.32
HZ2 4FO B 11 11.81 7.15 -7.07
HZ1 4FO B 11 12.12 8.71 -6.82
N LYS B 12 11.58 8.88 -13.12
CA LYS B 12 10.39 9.13 -13.95
C LYS B 12 9.33 8.05 -13.69
N CYS B 13 8.07 8.46 -13.60
CA CYS B 13 6.98 7.61 -13.10
C CYS B 13 6.19 6.87 -14.20
N DAB B 14 5.24 6.03 -13.79
CA DAB B 14 4.07 5.56 -14.53
C DAB B 14 2.76 5.82 -13.74
O DAB B 14 2.82 6.24 -12.58
CB DAB B 14 4.23 4.03 -14.79
CG DAB B 14 5.59 3.63 -15.34
ND DAB B 14 5.59 2.20 -15.73
H DAB B 14 5.14 5.94 -12.77
HA DAB B 14 4.01 6.09 -15.49
HB2 DAB B 14 4.06 3.51 -13.86
HB3 DAB B 14 3.46 3.74 -15.50
HG2 DAB B 14 5.85 4.26 -16.20
HG3 DAB B 14 6.34 3.80 -14.55
HD1 DAB B 14 6.50 1.86 -16.00
HD2 DAB B 14 4.94 2.00 -16.48
HD3 DAB B 14 5.37 1.59 -14.95
N ARG B 15 1.60 5.46 -14.29
CA ARG B 15 0.35 5.26 -13.52
C ARG B 15 -0.38 3.98 -13.91
N TYR B 16 -1.29 3.55 -13.05
CA TYR B 16 -2.41 2.63 -13.29
C TYR B 16 -3.74 3.40 -13.15
N VAL A 1 -12.93 25.64 -15.86
CA VAL A 1 -12.75 25.23 -14.45
C VAL A 1 -11.67 24.16 -14.39
N THR A 2 -10.89 24.07 -13.32
CA THR A 2 -9.96 22.97 -13.04
C THR A 2 -9.82 22.78 -11.52
N GLY A 3 -9.25 21.64 -11.09
CA GLY A 3 -9.02 21.29 -9.69
C GLY A 3 -8.86 19.78 -9.54
N ASP A 4 -7.66 19.34 -9.14
CA ASP A 4 -7.24 17.94 -9.20
C ASP A 4 -7.94 17.08 -8.13
N THR A 5 -8.74 16.10 -8.58
CA THR A 5 -9.72 15.34 -7.78
C THR A 5 -9.12 14.62 -6.56
N ASP A 6 -7.93 14.04 -6.71
CA ASP A 6 -7.16 13.41 -5.66
C ASP A 6 -5.66 13.53 -5.96
N GLN A 7 -4.86 13.63 -4.88
CA GLN A 7 -3.53 14.27 -4.90
C GLN A 7 -2.46 13.61 -4.01
N PRO A 8 -2.74 13.17 -2.76
CA PRO A 8 -1.69 12.79 -1.79
C PRO A 8 -1.24 11.32 -1.94
N ILE A 9 -0.79 10.95 -3.14
CA ILE A 9 -0.33 9.59 -3.47
C ILE A 9 1.20 9.52 -3.39
N HIS A 10 1.74 8.52 -2.70
CA HIS A 10 3.14 8.10 -2.86
C HIS A 10 3.22 6.58 -3.05
N ILE A 11 3.94 6.16 -4.10
CA ILE A 11 4.39 4.79 -4.33
C ILE A 11 5.84 4.82 -4.88
N GLU A 12 6.72 3.97 -4.35
CA GLU A 12 8.14 3.84 -4.74
C GLU A 12 8.49 2.38 -5.07
N SER A 13 9.32 2.10 -6.07
CA SER A 13 9.57 0.75 -6.61
C SER A 13 10.98 0.55 -7.16
N ASP A 14 11.57 -0.62 -6.93
CA ASP A 14 12.73 -1.06 -7.71
C ASP A 14 12.35 -1.88 -8.95
N GLN A 15 11.58 -2.96 -8.78
CA GLN A 15 11.22 -3.86 -9.88
C GLN A 15 9.70 -3.92 -10.06
N GLN A 16 9.26 -4.04 -11.32
CA GLN A 16 7.87 -3.97 -11.73
C GLN A 16 7.66 -4.68 -13.08
N SER A 17 6.49 -5.27 -13.27
CA SER A 17 6.05 -5.94 -14.49
C SER A 17 4.63 -5.51 -14.86
N LEU A 18 4.37 -5.30 -16.16
CA LEU A 18 3.20 -4.63 -16.70
C LEU A 18 2.58 -5.43 -17.85
N ASP A 19 1.25 -5.54 -17.83
CA ASP A 19 0.43 -6.25 -18.81
C ASP A 19 -0.45 -5.29 -19.64
N MET A 20 -0.78 -5.73 -20.84
CA MET A 20 -1.63 -5.04 -21.84
C MET A 20 -2.88 -5.86 -22.21
N GLN A 21 -2.91 -7.17 -21.94
CA GLN A 21 -4.01 -8.06 -22.28
C GLN A 21 -5.09 -8.13 -21.17
N GLY A 22 -4.69 -7.84 -19.93
CA GLY A 22 -5.55 -7.72 -18.76
C GLY A 22 -4.83 -6.95 -17.65
N ASN A 23 -4.62 -7.61 -16.51
CA ASN A 23 -3.96 -7.01 -15.33
C ASN A 23 -2.97 -7.98 -14.66
N VAL A 24 -2.15 -8.70 -15.44
CA VAL A 24 -1.04 -9.52 -14.93
C VAL A 24 0.15 -8.63 -14.49
N VAL A 25 -0.09 -7.81 -13.45
CA VAL A 25 0.77 -6.72 -13.00
C VAL A 25 1.31 -7.03 -11.61
N THR A 26 2.62 -6.94 -11.39
CA THR A 26 3.27 -7.26 -10.11
C THR A 26 4.59 -6.51 -9.94
N PHE A 27 4.88 -6.07 -8.72
CA PHE A 27 6.10 -5.37 -8.32
C PHE A 27 6.96 -6.27 -7.41
N THR A 28 8.28 -6.07 -7.33
CA THR A 28 9.16 -6.79 -6.38
C THR A 28 10.38 -5.98 -5.89
N GLY A 29 11.13 -6.57 -4.96
CA GLY A 29 12.40 -6.05 -4.44
C GLY A 29 12.20 -5.28 -3.13
N ASN A 30 11.68 -4.06 -3.22
CA ASN A 30 11.25 -3.25 -2.08
C ASN A 30 10.32 -2.15 -2.57
N VAL A 31 9.07 -2.13 -2.08
CA VAL A 31 8.02 -1.17 -2.43
C VAL A 31 7.51 -0.45 -1.19
N ILE A 32 7.35 0.87 -1.30
CA ILE A 32 6.77 1.73 -0.25
C ILE A 32 5.50 2.36 -0.82
N VAL A 33 4.45 2.45 0.00
CA VAL A 33 3.19 3.16 -0.30
C VAL A 33 2.85 4.08 0.86
N THR A 34 2.35 5.29 0.62
CA THR A 34 1.88 6.23 1.65
C THR A 34 0.70 7.05 1.16
N LEU A 35 -0.30 7.23 2.03
CA LEU A 35 -1.52 8.03 1.82
C LEU A 35 -1.81 8.84 3.09
N GLY A 36 -1.32 10.08 3.15
CA GLY A 36 -1.54 10.97 4.30
C GLY A 36 -1.00 10.41 5.62
N THR A 37 -1.90 9.97 6.51
CA THR A 37 -1.55 9.42 7.83
C THR A 37 -1.01 7.98 7.79
N ILE A 38 -1.31 7.21 6.74
CA ILE A 38 -0.99 5.77 6.64
C ILE A 38 0.12 5.46 5.65
N LYS A 39 0.88 4.40 5.93
CA LYS A 39 1.90 3.83 5.02
C LYS A 39 1.91 2.30 5.07
N ILE A 40 2.41 1.68 3.99
CA ILE A 40 2.61 0.23 3.84
C ILE A 40 4.01 -0.02 3.25
N ASN A 41 4.68 -1.10 3.68
CA ASN A 41 5.91 -1.59 3.06
C ASN A 41 5.97 -3.12 2.95
N ALA A 42 6.36 -3.59 1.77
CA ALA A 42 6.58 -4.98 1.40
C ALA A 42 7.74 -5.07 0.37
N ASP A 43 8.14 -6.27 -0.06
CA ASP A 43 8.95 -6.37 -1.30
C ASP A 43 8.13 -5.99 -2.53
N LYS A 44 6.81 -6.21 -2.47
CA LYS A 44 5.92 -6.41 -3.61
C LYS A 44 4.53 -5.83 -3.39
N VAL A 45 3.93 -5.36 -4.48
CA VAL A 45 2.50 -5.07 -4.59
C VAL A 45 1.90 -5.64 -5.89
N VAL A 46 0.61 -5.91 -5.85
CA VAL A 46 -0.26 -6.37 -6.94
C VAL A 46 -1.52 -5.51 -6.92
N VAL A 47 -1.96 -5.10 -8.12
CA VAL A 47 -2.98 -4.05 -8.32
C VAL A 47 -4.32 -4.70 -8.69
N THR A 48 -5.45 -4.00 -8.48
CA THR A 48 -6.77 -4.49 -8.88
C THR A 48 -6.86 -4.93 -10.35
N ARG A 49 -7.87 -5.74 -10.64
CA ARG A 49 -8.16 -6.42 -11.91
C ARG A 49 -9.55 -5.97 -12.40
N PRO A 50 -9.71 -4.70 -12.87
CA PRO A 50 -11.00 -3.99 -12.90
C PRO A 50 -11.89 -4.33 -14.12
N GLY A 51 -12.05 -5.62 -14.44
CA GLY A 51 -12.92 -6.06 -15.54
C GLY A 51 -14.37 -5.64 -15.31
N GLY A 52 -14.87 -4.70 -16.13
CA GLY A 52 -16.20 -4.11 -15.96
C GLY A 52 -16.39 -3.37 -14.64
N GLU A 53 -15.32 -2.75 -14.10
CA GLU A 53 -15.19 -2.08 -12.79
C GLU A 53 -15.58 -2.87 -11.52
N GLN A 54 -16.09 -4.09 -11.66
CA GLN A 54 -16.37 -5.03 -10.57
C GLN A 54 -15.15 -5.28 -9.68
N GLY A 55 -13.96 -5.33 -10.28
CA GLY A 55 -12.68 -5.19 -9.58
C GLY A 55 -12.45 -3.74 -9.15
N LYS A 56 -13.09 -3.33 -8.05
CA LYS A 56 -12.85 -2.06 -7.33
C LYS A 56 -11.37 -1.80 -7.06
N GLU A 57 -10.96 -0.56 -6.75
CA GLU A 57 -9.56 -0.15 -6.53
C GLU A 57 -8.93 -0.72 -5.25
N VAL A 58 -8.64 -2.03 -5.27
CA VAL A 58 -7.84 -2.76 -4.27
C VAL A 58 -6.35 -2.79 -4.66
N ILE A 59 -5.50 -2.83 -3.64
CA ILE A 59 -4.08 -3.19 -3.74
C ILE A 59 -3.77 -4.27 -2.69
N ASP A 60 -2.99 -5.28 -3.07
CA ASP A 60 -2.50 -6.34 -2.17
C ASP A 60 -0.97 -6.46 -2.25
N GLY A 61 -0.28 -6.65 -1.13
CA GLY A 61 1.19 -6.63 -1.10
C GLY A 61 1.77 -6.71 0.31
N TYR A 62 2.55 -7.76 0.58
CA TYR A 62 2.70 -8.30 1.94
C TYR A 62 3.97 -9.17 2.14
N GLY A 63 4.01 -10.00 3.19
CA GLY A 63 5.00 -11.09 3.35
C GLY A 63 6.39 -10.71 3.88
N LYS A 64 6.75 -9.42 3.84
CA LYS A 64 8.08 -8.89 4.19
C LYS A 64 8.59 -9.07 5.64
N PRO A 65 7.80 -9.24 6.73
CA PRO A 65 6.34 -9.23 6.86
C PRO A 65 5.74 -7.89 6.43
N ALA A 66 4.45 -7.88 6.10
CA ALA A 66 3.76 -6.63 5.79
C ALA A 66 3.78 -5.72 7.02
N THR A 67 4.07 -4.43 6.85
CA THR A 67 4.17 -3.47 7.98
C THR A 67 3.35 -2.21 7.72
N PHE A 68 2.67 -1.73 8.76
CA PHE A 68 1.69 -0.64 8.73
C PHE A 68 1.93 0.36 9.89
N TYR A 69 1.54 1.62 9.69
CA TYR A 69 1.69 2.72 10.65
C TYR A 69 0.57 3.75 10.45
N GLN A 70 0.08 4.35 11.55
CA GLN A 70 -0.79 5.53 11.58
C GLN A 70 -0.43 6.41 12.80
N MET A 71 -1.08 7.59 12.95
CA MET A 71 -0.92 8.48 14.11
C MET A 71 -2.27 9.05 14.56
N GLN A 72 -2.35 9.51 15.82
CA GLN A 72 -3.50 10.21 16.41
C GLN A 72 -3.05 11.47 17.18
N ASP A 73 -3.91 12.49 17.22
CA ASP A 73 -3.69 13.86 17.73
C ASP A 73 -3.35 13.96 19.23
N ASN A 74 -3.51 12.84 19.94
CA ASN A 74 -2.90 12.52 21.23
C ASN A 74 -1.34 12.62 21.21
N GLY A 75 -0.72 12.85 20.04
CA GLY A 75 0.73 12.83 19.84
C GLY A 75 1.31 11.42 19.87
N LYS A 76 0.50 10.40 19.53
CA LYS A 76 0.86 8.98 19.62
C LYS A 76 0.78 8.32 18.23
N PRO A 77 1.85 7.66 17.75
CA PRO A 77 1.75 6.74 16.63
C PRO A 77 1.09 5.41 17.07
N VAL A 78 0.67 4.61 16.09
CA VAL A 78 0.35 3.18 16.23
C VAL A 78 0.88 2.45 15.00
N GLU A 79 1.65 1.38 15.19
CA GLU A 79 2.31 0.65 14.09
C GLU A 79 2.53 -0.83 14.42
N GLY A 80 2.75 -1.64 13.39
CA GLY A 80 2.95 -3.08 13.54
C GLY A 80 2.95 -3.84 12.22
N HIS A 81 2.57 -5.12 12.27
CA HIS A 81 2.82 -6.07 11.19
C HIS A 81 1.69 -7.07 10.94
N ALA A 82 1.75 -7.72 9.77
CA ALA A 82 0.93 -8.86 9.36
C ALA A 82 1.69 -9.77 8.37
N SER A 83 1.21 -11.00 8.19
CA SER A 83 1.66 -11.90 7.14
C SER A 83 1.10 -11.46 5.78
N GLN A 84 -0.21 -11.25 5.70
CA GLN A 84 -0.95 -10.74 4.55
C GLN A 84 -1.53 -9.35 4.81
N MET A 85 -1.61 -8.54 3.75
CA MET A 85 -2.01 -7.13 3.80
C MET A 85 -2.66 -6.73 2.47
N HIS A 86 -3.79 -6.05 2.61
CA HIS A 86 -4.70 -5.68 1.52
C HIS A 86 -5.35 -4.33 1.86
N TYR A 87 -5.60 -3.46 0.88
CA TYR A 87 -6.25 -2.17 1.08
C TYR A 87 -7.18 -1.84 -0.08
N GLU A 88 -8.41 -1.40 0.21
CA GLU A 88 -9.34 -0.85 -0.79
C GLU A 88 -9.37 0.67 -0.72
N LEU A 89 -9.02 1.33 -1.84
CA LEU A 89 -9.08 2.78 -2.05
C LEU A 89 -10.48 3.22 -2.55
N ALA A 90 -11.50 2.53 -2.06
CA ALA A 90 -12.93 2.70 -2.35
C ALA A 90 -13.80 2.27 -1.15
N LYS A 91 -13.20 2.27 0.06
CA LYS A 91 -13.74 1.65 1.29
C LYS A 91 -12.87 2.01 2.52
N ASP A 92 -11.56 2.12 2.31
CA ASP A 92 -10.59 2.84 3.15
C ASP A 92 -10.61 2.40 4.62
N PHE A 93 -10.44 1.09 4.78
CA PHE A 93 -10.58 0.33 6.01
C PHE A 93 -9.45 -0.71 6.08
N VAL A 94 -8.87 -0.94 7.25
CA VAL A 94 -7.65 -1.76 7.41
C VAL A 94 -7.97 -3.06 8.15
N VAL A 95 -7.42 -4.18 7.66
CA VAL A 95 -7.36 -5.43 8.43
C VAL A 95 -5.95 -6.02 8.32
N LEU A 96 -5.29 -6.20 9.46
CA LEU A 96 -4.02 -6.93 9.55
C LEU A 96 -4.34 -8.42 9.62
N THR A 97 -3.80 -9.24 8.70
CA THR A 97 -4.19 -10.66 8.55
C THR A 97 -3.00 -11.62 8.61
N GLY A 98 -3.10 -12.62 9.49
CA GLY A 98 -2.05 -13.57 9.84
C GLY A 98 -0.92 -12.91 10.66
N ASN A 99 -0.55 -13.50 11.80
CA ASN A 99 0.50 -12.97 12.70
C ASN A 99 0.42 -11.44 12.92
N ALA A 100 -0.80 -10.96 13.22
CA ALA A 100 -1.11 -9.54 13.32
C ALA A 100 -0.63 -8.97 14.66
N TYR A 101 -0.02 -7.78 14.62
CA TYR A 101 0.39 -6.99 15.79
C TYR A 101 0.17 -5.50 15.53
N LEU A 102 -0.19 -4.73 16.57
CA LEU A 102 -0.19 -3.26 16.57
C LEU A 102 0.23 -2.74 17.96
N GLN A 103 1.25 -1.88 18.02
CA GLN A 103 1.57 -1.14 19.25
C GLN A 103 0.54 -0.04 19.49
N GLN A 104 0.14 0.13 20.75
CA GLN A 104 -0.60 1.30 21.22
C GLN A 104 -0.06 1.63 22.62
N VAL A 105 0.09 2.91 22.96
CA VAL A 105 0.75 3.33 24.22
C VAL A 105 0.00 2.84 25.47
N ASP A 106 -1.31 2.66 25.37
CA ASP A 106 -2.21 2.21 26.43
C ASP A 106 -2.09 0.68 26.63
N SER A 107 -2.06 -0.06 25.52
CA SER A 107 -1.56 -1.44 25.45
C SER A 107 -1.48 -1.93 24.00
N ASN A 108 -0.45 -2.70 23.65
CA ASN A 108 -0.34 -3.34 22.34
C ASN A 108 -1.35 -4.50 22.17
N ILE A 109 -1.72 -4.78 20.92
CA ILE A 109 -2.70 -5.82 20.56
C ILE A 109 -2.15 -6.76 19.48
N LYS A 110 -2.58 -8.04 19.50
CA LYS A 110 -2.10 -9.09 18.57
C LYS A 110 -3.11 -10.20 18.33
N GLY A 111 -3.08 -10.84 17.16
CA GLY A 111 -3.96 -11.97 16.82
C GLY A 111 -3.65 -12.62 15.48
N ASP A 112 -4.58 -13.44 14.98
CA ASP A 112 -4.65 -13.82 13.57
C ASP A 112 -5.27 -12.69 12.71
N LYS A 113 -6.02 -11.80 13.36
CA LYS A 113 -6.70 -10.61 12.81
C LYS A 113 -6.52 -9.42 13.75
N ILE A 114 -6.35 -8.22 13.19
CA ILE A 114 -6.66 -6.94 13.86
C ILE A 114 -7.47 -6.07 12.89
N THR A 115 -8.68 -5.70 13.31
CA THR A 115 -9.58 -4.76 12.61
C THR A 115 -9.18 -3.32 12.93
N TYR A 116 -9.01 -2.45 11.94
CA TYR A 116 -8.49 -1.09 12.18
C TYR A 116 -9.00 -0.03 11.16
N LEU A 117 -8.98 1.25 11.55
CA LEU A 117 -9.64 2.36 10.86
C LEU A 117 -8.66 3.48 10.46
N VAL A 118 -8.81 3.98 9.23
CA VAL A 118 -7.90 5.00 8.65
C VAL A 118 -8.06 6.38 9.29
NT1 EU0 B 1 -10.62 6.50 -8.00
CT EU0 B 1 -9.63 7.30 -8.05
NT2 EU0 B 1 -9.90 8.55 -7.84
N EU0 B 1 -8.44 6.85 -8.30
CA EU0 B 1 -7.20 7.65 -8.35
CB EU0 B 1 -6.30 7.37 -7.11
CG1 EU0 B 1 -7.05 7.54 -5.78
CG2 EU0 B 1 -5.62 5.99 -7.14
C EU0 B 1 -6.41 7.51 -9.66
O EU0 B 1 -6.38 6.45 -10.30
HT12 EU0 B 1 -10.45 5.48 -8.17
HT22 EU0 B 1 -10.83 8.83 -7.56
HT21 EU0 B 1 -9.13 9.26 -7.77
H EU0 B 1 -8.37 5.81 -8.35
HA EU0 B 1 -7.46 8.70 -8.28
HB EU0 B 1 -5.52 8.13 -7.15
HG11 EU0 B 1 -7.65 8.46 -5.80
HG13 EU0 B 1 -6.34 7.64 -4.97
HG12 EU0 B 1 -7.71 6.70 -5.59
HG23 EU0 B 1 -6.38 5.19 -7.14
HG22 EU0 B 1 -4.98 5.88 -6.27
HG21 EU0 B 1 -5.01 5.89 -8.03
HT11 EU0 B 1 -11.56 6.81 -7.80
N HYP B 2 -5.61 8.52 -10.08
CA HYP B 2 -4.55 8.34 -11.05
C HYP B 2 -3.47 7.45 -10.44
O HYP B 2 -2.65 7.91 -9.64
CB HYP B 2 -4.04 9.74 -11.43
CG HYP B 2 -4.98 10.72 -10.73
CD HYP B 2 -5.58 9.90 -9.60
OD1 HYP B 2 -5.98 11.16 -11.62
HA HYP B 2 -4.97 7.86 -11.95
HB2 HYP B 2 -3.02 9.91 -11.06
HB3 HYP B 2 -4.06 9.88 -12.51
HG HYP B 2 -4.43 11.58 -10.33
HD22 HYP B 2 -4.93 9.95 -8.73
HD23 HYP B 2 -6.58 10.26 -9.35
HD1 HYP B 2 -6.58 11.74 -11.13
N ILE B 3 -3.43 6.16 -10.83
CA ILE B 3 -2.33 5.26 -10.46
C ILE B 3 -1.00 5.94 -10.82
N THR B 4 -0.07 5.96 -9.88
CA THR B 4 1.18 6.72 -9.95
C THR B 4 2.23 6.03 -9.09
N TYR B 5 3.44 5.84 -9.62
CA TYR B 5 4.59 5.38 -8.85
C TYR B 5 5.90 5.89 -9.43
O LE1 B 6 8.71 4.08 -8.41
C LE1 B 6 9.09 5.08 -9.03
CA LE1 B 6 8.27 6.39 -8.99
N LE1 B 6 6.89 6.15 -8.57
CB LE1 B 6 8.91 7.58 -8.21
C9 LE1 B 6 10.45 7.71 -8.37
C8 LE1 B 6 8.64 7.49 -6.70
SG LE1 B 6 8.11 9.14 -8.80
HA LE1 B 6 8.26 6.72 -10.02
H LE1 B 6 6.71 5.96 -7.58
H9 LE1 B 6 10.79 8.64 -7.92
H9A LE1 B 6 10.74 7.71 -9.42
H9B LE1 B 6 10.95 6.89 -7.86
H8 LE1 B 6 9.21 8.24 -6.16
H8A LE1 B 6 8.91 6.49 -6.36
H8B LE1 B 6 7.58 7.65 -6.49
N ASN B 7 10.11 5.04 -9.90
CA ASN B 7 10.93 3.85 -10.12
C ASN B 7 12.41 4.16 -9.85
N ARG B 8 12.89 3.63 -8.74
CA ARG B 8 14.28 3.59 -8.26
C ARG B 8 15.27 3.16 -9.34
N DAB B 9 14.87 2.27 -10.24
CA DAB B 9 15.69 1.84 -11.37
C DAB B 9 15.62 2.81 -12.58
O DAB B 9 16.64 3.44 -12.88
CB DAB B 9 15.38 0.38 -11.73
CG DAB B 9 15.73 -0.52 -10.55
ND DAB B 9 15.34 -1.91 -10.80
H DAB B 9 13.91 1.93 -10.18
HA DAB B 9 16.73 1.86 -11.05
HB2 DAB B 9 14.32 0.28 -11.98
HB3 DAB B 9 15.98 0.10 -12.60
HG2 DAB B 9 16.80 -0.45 -10.34
HG3 DAB B 9 15.20 -0.15 -9.66
HD1 DAB B 9 15.80 -2.34 -11.58
HD2 DAB B 9 14.33 -1.94 -10.86
HD3 DAB B 9 15.53 -2.44 -9.94
N THR B 10 14.46 3.07 -13.20
CA THR B 10 14.40 3.95 -14.39
C THR B 10 14.62 5.43 -14.09
N 4FO B 11 14.61 5.85 -12.83
CA 4FO B 11 14.76 7.26 -12.44
C 4FO B 11 13.45 8.05 -12.66
O 4FO B 11 12.82 8.53 -11.72
CB 4FO B 11 15.35 7.34 -11.03
CG 4FO B 11 16.86 7.05 -11.00
NZ 4FO B 11 17.18 5.64 -11.24
H 4FO B 11 14.20 5.23 -12.13
HA 4FO B 11 15.49 7.73 -13.12
HB2 4FO B 11 14.82 6.67 -10.35
HB3 4FO B 11 15.21 8.35 -10.66
HG3 4FO B 11 17.34 7.68 -11.75
HG2 4FO B 11 17.24 7.35 -10.02
HZ3 4FO B 11 16.78 5.04 -10.51
HZ2 4FO B 11 18.17 5.46 -11.25
HZ1 4FO B 11 16.78 5.29 -12.11
N LYS B 12 12.99 8.10 -13.92
CA LYS B 12 11.69 8.64 -14.31
C LYS B 12 10.55 7.73 -13.85
N CYS B 13 9.44 8.35 -13.45
CA CYS B 13 8.30 7.72 -12.79
C CYS B 13 7.27 7.13 -13.79
N DAB B 14 6.12 6.74 -13.30
CA DAB B 14 5.01 6.12 -14.03
C DAB B 14 3.62 6.68 -13.65
O DAB B 14 3.46 7.31 -12.60
CB DAB B 14 5.07 4.60 -13.76
CG DAB B 14 5.63 3.81 -14.94
ND DAB B 14 7.07 4.11 -15.12
H DAB B 14 5.94 6.85 -12.30
HA DAB B 14 5.13 6.30 -15.10
HB2 DAB B 14 5.64 4.39 -12.84
HB3 DAB B 14 4.05 4.23 -13.58
HG2 DAB B 14 5.48 2.75 -14.75
HG3 DAB B 14 5.06 4.07 -15.84
HD1 DAB B 14 7.56 3.85 -14.28
HD2 DAB B 14 7.20 5.11 -15.26
HD3 DAB B 14 7.44 3.59 -15.91
N ARG B 15 2.63 6.35 -14.47
CA ARG B 15 1.21 6.40 -14.12
C ARG B 15 0.84 4.97 -13.67
N TYR B 16 0.31 4.18 -14.60
CA TYR B 16 0.50 2.73 -14.71
C TYR B 16 1.98 2.43 -15.09
N VAL A 1 4.28 23.36 -9.22
CA VAL A 1 3.29 23.32 -10.33
C VAL A 1 2.86 21.89 -10.55
N THR A 2 3.80 20.98 -10.82
CA THR A 2 3.83 19.66 -10.18
C THR A 2 3.77 19.81 -8.65
N GLY A 3 3.15 18.85 -7.97
CA GLY A 3 2.86 18.90 -6.53
C GLY A 3 1.53 18.18 -6.23
N ASP A 4 1.03 18.32 -5.01
CA ASP A 4 -0.24 17.73 -4.58
C ASP A 4 -1.47 18.46 -5.17
N THR A 5 -2.40 17.67 -5.73
CA THR A 5 -3.76 18.12 -6.08
C THR A 5 -4.81 17.12 -5.60
N ASP A 6 -5.05 16.05 -6.36
CA ASP A 6 -6.18 15.13 -6.22
C ASP A 6 -5.80 13.87 -5.42
N GLN A 7 -5.08 14.08 -4.30
CA GLN A 7 -4.39 13.04 -3.50
C GLN A 7 -3.57 12.05 -4.38
N PRO A 8 -2.47 12.52 -5.00
CA PRO A 8 -1.77 11.79 -6.06
C PRO A 8 -1.24 10.43 -5.59
N ILE A 9 -1.65 9.35 -6.26
CA ILE A 9 -1.22 7.99 -5.97
C ILE A 9 0.24 7.82 -6.41
N HIS A 10 1.14 7.86 -5.42
CA HIS A 10 2.58 7.73 -5.55
C HIS A 10 3.05 6.37 -5.01
N ILE A 11 3.90 5.67 -5.78
CA ILE A 11 4.55 4.41 -5.43
C ILE A 11 6.01 4.50 -5.91
N GLU A 12 6.96 3.93 -5.15
CA GLU A 12 8.26 3.52 -5.68
C GLU A 12 8.45 1.99 -5.60
N SER A 13 9.01 1.40 -6.66
CA SER A 13 9.70 0.10 -6.60
C SER A 13 10.95 0.09 -7.49
N ASP A 14 11.83 -0.91 -7.32
CA ASP A 14 13.12 -0.97 -8.03
C ASP A 14 12.99 -1.32 -9.51
N GLN A 15 11.93 -2.04 -9.90
CA GLN A 15 11.51 -2.17 -11.30
C GLN A 15 10.01 -2.48 -11.37
N GLN A 16 9.35 -2.06 -12.45
CA GLN A 16 7.92 -2.26 -12.69
C GLN A 16 7.76 -3.15 -13.93
N SER A 17 6.82 -4.09 -13.89
CA SER A 17 6.50 -5.01 -15.00
C SER A 17 5.07 -4.76 -15.49
N LEU A 18 4.86 -4.84 -16.81
CA LEU A 18 3.55 -4.68 -17.48
C LEU A 18 3.48 -5.63 -18.69
N ASP A 19 2.30 -6.19 -18.95
CA ASP A 19 1.95 -6.78 -20.24
C ASP A 19 2.03 -5.76 -21.39
N MET A 20 2.20 -6.24 -22.62
CA MET A 20 1.86 -5.51 -23.86
C MET A 20 0.38 -5.07 -23.91
N GLN A 21 -0.50 -5.80 -23.22
CA GLN A 21 -1.93 -5.51 -23.04
C GLN A 21 -2.25 -4.81 -21.70
N GLY A 22 -1.25 -4.53 -20.86
CA GLY A 22 -1.39 -3.84 -19.56
C GLY A 22 -2.20 -4.57 -18.48
N ASN A 23 -2.42 -5.88 -18.58
CA ASN A 23 -3.38 -6.61 -17.73
C ASN A 23 -2.74 -7.23 -16.49
N VAL A 24 -1.61 -7.92 -16.66
CA VAL A 24 -0.71 -8.43 -15.62
C VAL A 24 0.35 -7.37 -15.28
N VAL A 25 0.68 -7.26 -13.99
CA VAL A 25 1.73 -6.37 -13.45
C VAL A 25 2.50 -7.02 -12.30
N THR A 26 3.78 -6.67 -12.16
CA THR A 26 4.67 -7.19 -11.10
C THR A 26 5.65 -6.12 -10.63
N PHE A 27 5.84 -6.02 -9.30
CA PHE A 27 6.75 -5.12 -8.59
C PHE A 27 7.45 -5.94 -7.48
N THR A 28 8.68 -5.64 -7.09
CA THR A 28 9.52 -6.60 -6.31
C THR A 28 10.52 -5.95 -5.35
N GLY A 29 10.86 -6.67 -4.27
CA GLY A 29 12.06 -6.44 -3.45
C GLY A 29 11.92 -5.29 -2.45
N ASN A 30 11.47 -4.14 -2.94
CA ASN A 30 10.92 -3.07 -2.12
C ASN A 30 9.75 -2.41 -2.86
N VAL A 31 8.65 -2.21 -2.14
CA VAL A 31 7.51 -1.37 -2.52
C VAL A 31 7.07 -0.59 -1.28
N ILE A 32 6.82 0.72 -1.43
CA ILE A 32 6.25 1.57 -0.38
C ILE A 32 4.87 2.05 -0.82
N VAL A 33 3.92 2.06 0.12
CA VAL A 33 2.58 2.63 -0.08
C VAL A 33 2.28 3.58 1.08
N THR A 34 1.84 4.81 0.78
CA THR A 34 1.62 5.91 1.74
C THR A 34 0.19 6.44 1.64
N LEU A 35 -0.47 6.67 2.79
CA LEU A 35 -1.86 7.14 2.85
C LEU A 35 -2.05 8.08 4.06
N GLY A 36 -2.19 9.38 3.82
CA GLY A 36 -2.42 10.37 4.88
C GLY A 36 -1.29 10.41 5.92
N THR A 37 -1.54 9.84 7.12
CA THR A 37 -0.55 9.72 8.22
C THR A 37 -0.10 8.26 8.46
N ILE A 38 -0.39 7.34 7.54
CA ILE A 38 0.04 5.93 7.60
C ILE A 38 0.89 5.53 6.39
N LYS A 39 1.71 4.47 6.55
CA LYS A 39 2.40 3.79 5.46
C LYS A 39 2.49 2.28 5.68
N ILE A 40 2.68 1.57 4.57
CA ILE A 40 2.98 0.14 4.47
C ILE A 40 4.33 -0.04 3.75
N ASN A 41 5.01 -1.16 3.98
CA ASN A 41 6.16 -1.61 3.17
C ASN A 41 6.01 -3.10 2.82
N ALA A 42 6.37 -3.46 1.58
CA ALA A 42 6.17 -4.78 1.00
C ALA A 42 7.37 -5.21 0.14
N ASP A 43 7.55 -6.52 -0.04
CA ASP A 43 8.26 -7.06 -1.22
C ASP A 43 7.30 -7.05 -2.41
N LYS A 44 6.05 -7.46 -2.17
CA LYS A 44 5.05 -7.76 -3.20
C LYS A 44 3.76 -7.01 -2.95
N VAL A 45 3.23 -6.45 -4.04
CA VAL A 45 1.88 -5.90 -4.19
C VAL A 45 1.32 -6.40 -5.51
N VAL A 46 0.01 -6.56 -5.63
CA VAL A 46 -0.69 -6.82 -6.89
C VAL A 46 -1.73 -5.71 -7.12
N VAL A 47 -2.05 -5.47 -8.40
CA VAL A 47 -3.15 -4.59 -8.83
C VAL A 47 -4.15 -5.46 -9.61
N THR A 48 -5.45 -5.20 -9.47
CA THR A 48 -6.49 -5.96 -10.16
C THR A 48 -6.60 -5.60 -11.65
N ARG A 49 -7.43 -6.33 -12.40
CA ARG A 49 -7.61 -6.19 -13.86
C ARG A 49 -9.07 -6.30 -14.32
N PRO A 50 -10.00 -5.45 -13.81
CA PRO A 50 -11.44 -5.51 -14.07
C PRO A 50 -11.84 -4.96 -15.46
N GLY A 51 -11.07 -5.27 -16.51
CA GLY A 51 -11.29 -4.83 -17.89
C GLY A 51 -10.96 -3.35 -18.19
N GLY A 52 -11.26 -2.42 -17.28
CA GLY A 52 -11.01 -0.98 -17.46
C GLY A 52 -11.03 -0.16 -16.16
N GLU A 53 -10.82 1.15 -16.32
CA GLU A 53 -10.75 2.16 -15.24
C GLU A 53 -12.07 2.33 -14.47
N GLN A 54 -13.23 2.20 -15.11
CA GLN A 54 -14.56 2.25 -14.49
C GLN A 54 -14.92 0.94 -13.72
N GLY A 55 -13.92 0.20 -13.26
CA GLY A 55 -14.04 -0.95 -12.37
C GLY A 55 -14.07 -0.55 -10.88
N LYS A 56 -13.53 -1.40 -10.02
CA LYS A 56 -13.16 -1.08 -8.63
C LYS A 56 -11.70 -1.49 -8.42
N GLU A 57 -10.92 -0.66 -7.74
CA GLU A 57 -9.49 -0.90 -7.47
C GLU A 57 -9.26 -1.53 -6.08
N VAL A 58 -8.20 -2.32 -5.94
CA VAL A 58 -7.77 -2.95 -4.68
C VAL A 58 -6.25 -3.09 -4.66
N ILE A 59 -5.62 -2.97 -3.49
CA ILE A 59 -4.18 -3.19 -3.33
C ILE A 59 -3.87 -3.96 -2.06
N ASP A 60 -3.04 -4.99 -2.19
CA ASP A 60 -2.47 -5.80 -1.11
C ASP A 60 -1.04 -5.34 -0.76
N GLY A 61 -0.46 -5.96 0.27
CA GLY A 61 0.97 -5.87 0.54
C GLY A 61 1.45 -7.00 1.44
N TYR A 62 2.49 -7.71 0.99
CA TYR A 62 3.07 -8.86 1.70
C TYR A 62 4.54 -9.11 1.34
N GLY A 63 5.09 -10.21 1.87
CA GLY A 63 6.46 -10.69 1.64
C GLY A 63 7.58 -9.95 2.40
N LYS A 64 7.30 -8.77 2.97
CA LYS A 64 8.32 -7.93 3.63
C LYS A 64 8.89 -8.44 4.99
N PRO A 65 8.16 -9.13 5.89
CA PRO A 65 6.70 -9.29 6.00
C PRO A 65 5.98 -7.95 6.25
N ALA A 66 4.65 -7.92 6.19
CA ALA A 66 3.89 -6.67 6.16
C ALA A 66 4.07 -5.83 7.45
N THR A 67 4.77 -4.71 7.33
CA THR A 67 4.92 -3.68 8.38
C THR A 67 3.95 -2.53 8.16
N PHE A 68 3.28 -2.11 9.23
CA PHE A 68 2.42 -0.94 9.32
C PHE A 68 3.09 0.14 10.18
N TYR A 69 2.98 1.42 9.80
CA TYR A 69 3.50 2.54 10.58
C TYR A 69 2.59 3.78 10.43
N GLN A 70 2.35 4.48 11.54
CA GLN A 70 1.45 5.63 11.64
C GLN A 70 2.08 6.74 12.51
N MET A 71 1.85 8.02 12.17
CA MET A 71 2.33 9.17 12.95
C MET A 71 1.21 9.88 13.71
N GLN A 72 1.55 10.47 14.86
CA GLN A 72 0.71 11.40 15.62
C GLN A 72 1.47 12.69 15.96
N ASP A 73 0.78 13.82 15.87
CA ASP A 73 1.28 15.19 16.09
C ASP A 73 1.83 15.42 17.51
N ASN A 74 1.46 14.58 18.47
CA ASN A 74 2.01 14.59 19.83
C ASN A 74 3.48 14.09 19.92
N GLY A 75 4.15 13.84 18.80
CA GLY A 75 5.45 13.15 18.77
C GLY A 75 5.37 11.64 19.03
N LYS A 76 4.22 11.01 18.76
CA LYS A 76 3.95 9.59 19.06
C LYS A 76 3.84 8.76 17.77
N PRO A 77 4.96 8.31 17.17
CA PRO A 77 4.91 7.28 16.12
C PRO A 77 4.44 5.95 16.71
N VAL A 78 3.71 5.15 15.93
CA VAL A 78 3.09 3.89 16.38
C VAL A 78 3.06 2.87 15.24
N GLU A 79 3.34 1.60 15.52
CA GLU A 79 3.59 0.56 14.51
C GLU A 79 2.63 -0.65 14.58
N GLY A 80 2.73 -1.51 13.57
CA GLY A 80 2.04 -2.80 13.52
C GLY A 80 2.72 -3.80 12.56
N HIS A 81 2.32 -5.06 12.66
CA HIS A 81 2.86 -6.17 11.89
C HIS A 81 1.76 -7.13 11.43
N ALA A 82 1.99 -7.82 10.32
CA ALA A 82 1.21 -8.97 9.86
C ALA A 82 1.98 -9.82 8.82
N SER A 83 1.45 -11.00 8.48
CA SER A 83 1.85 -11.79 7.32
C SER A 83 1.27 -11.23 6.02
N GLN A 84 0.15 -10.51 6.11
CA GLN A 84 -0.59 -9.90 5.01
C GLN A 84 -1.23 -8.59 5.46
N MET A 85 -1.35 -7.61 4.56
CA MET A 85 -2.39 -6.58 4.66
C MET A 85 -3.10 -6.38 3.32
N HIS A 86 -4.37 -5.96 3.37
CA HIS A 86 -5.19 -5.69 2.18
C HIS A 86 -6.03 -4.42 2.36
N TYR A 87 -6.06 -3.56 1.34
CA TYR A 87 -6.79 -2.28 1.32
C TYR A 87 -7.75 -2.18 0.12
N GLU A 88 -9.01 -1.86 0.39
CA GLU A 88 -10.03 -1.66 -0.62
C GLU A 88 -10.28 -0.17 -0.92
N LEU A 89 -9.97 0.26 -2.14
CA LEU A 89 -10.42 1.55 -2.70
C LEU A 89 -11.92 1.56 -3.07
N ALA A 90 -12.66 0.53 -2.63
CA ALA A 90 -14.12 0.43 -2.67
C ALA A 90 -14.76 0.16 -1.28
N LYS A 91 -14.00 0.19 -0.18
CA LYS A 91 -14.51 -0.01 1.20
C LYS A 91 -13.81 0.80 2.30
N ASP A 92 -12.73 1.53 2.00
CA ASP A 92 -12.07 2.53 2.87
C ASP A 92 -11.47 2.01 4.22
N PHE A 93 -11.41 0.68 4.41
CA PHE A 93 -10.80 0.03 5.57
C PHE A 93 -9.72 -0.97 5.16
N VAL A 94 -8.90 -1.37 6.13
CA VAL A 94 -7.75 -2.28 5.95
C VAL A 94 -7.88 -3.49 6.86
N VAL A 95 -7.51 -4.68 6.37
CA VAL A 95 -7.43 -5.92 7.16
C VAL A 95 -5.98 -6.38 7.29
N LEU A 96 -5.60 -6.87 8.48
CA LEU A 96 -4.30 -7.44 8.81
C LEU A 96 -4.49 -8.91 9.21
N THR A 97 -3.74 -9.83 8.59
CA THR A 97 -3.88 -11.29 8.81
C THR A 97 -2.54 -12.02 8.96
N GLY A 98 -2.53 -13.00 9.88
CA GLY A 98 -1.35 -13.75 10.36
C GLY A 98 -0.39 -12.88 11.18
N ASN A 99 -0.13 -13.24 12.44
CA ASN A 99 0.61 -12.44 13.42
C ASN A 99 0.23 -10.95 13.43
N ALA A 100 -1.05 -10.66 13.27
CA ALA A 100 -1.61 -9.32 13.23
C ALA A 100 -1.41 -8.61 14.58
N TYR A 101 -0.71 -7.48 14.58
CA TYR A 101 -0.29 -6.74 15.77
C TYR A 101 -0.39 -5.23 15.53
N LEU A 102 -0.86 -4.46 16.52
CA LEU A 102 -0.86 -3.00 16.53
C LEU A 102 -0.48 -2.48 17.93
N GLN A 103 0.40 -1.48 17.98
CA GLN A 103 0.90 -0.87 19.21
C GLN A 103 0.55 0.63 19.21
N GLN A 104 -0.70 0.96 19.52
CA GLN A 104 -1.19 2.34 19.44
C GLN A 104 -1.63 2.85 20.81
N VAL A 105 -1.41 4.14 21.09
CA VAL A 105 -1.64 4.73 22.43
C VAL A 105 -3.13 4.82 22.80
N ASP A 106 -4.02 4.66 21.82
CA ASP A 106 -5.46 4.45 22.00
C ASP A 106 -5.79 3.00 22.45
N SER A 107 -5.12 2.00 21.87
CA SER A 107 -5.17 0.59 22.27
C SER A 107 -4.07 -0.23 21.58
N ASN A 108 -3.50 -1.21 22.30
CA ASN A 108 -2.53 -2.18 21.76
C ASN A 108 -3.13 -3.59 21.72
N ILE A 109 -2.86 -4.35 20.64
CA ILE A 109 -3.48 -5.66 20.39
C ILE A 109 -2.56 -6.61 19.62
N LYS A 110 -2.70 -7.92 19.86
CA LYS A 110 -2.36 -8.99 18.91
C LYS A 110 -3.60 -9.83 18.63
N GLY A 111 -3.71 -10.33 17.41
CA GLY A 111 -4.42 -11.56 17.07
C GLY A 111 -3.78 -12.16 15.82
N ASP A 112 -4.59 -12.85 15.02
CA ASP A 112 -4.17 -13.34 13.69
C ASP A 112 -5.17 -12.93 12.59
N LYS A 113 -6.20 -12.16 12.97
CA LYS A 113 -7.13 -11.42 12.11
C LYS A 113 -7.53 -10.12 12.81
N ILE A 114 -7.13 -8.96 12.27
CA ILE A 114 -7.43 -7.62 12.82
C ILE A 114 -8.07 -6.73 11.74
N THR A 115 -9.06 -5.94 12.16
CA THR A 115 -9.79 -4.94 11.38
C THR A 115 -9.28 -3.54 11.70
N TYR A 116 -8.53 -2.91 10.79
CA TYR A 116 -8.10 -1.51 10.94
C TYR A 116 -9.17 -0.57 10.38
N LEU A 117 -9.88 0.09 11.30
CA LEU A 117 -10.87 1.13 11.04
C LEU A 117 -10.34 2.47 11.58
N VAL A 118 -10.80 3.58 11.03
CA VAL A 118 -10.28 4.90 11.43
C VAL A 118 -10.78 5.33 12.82
NT1 EU0 B 1 -9.59 9.43 -8.74
CT EU0 B 1 -8.62 9.98 -9.37
NT2 EU0 B 1 -8.79 11.18 -9.82
N EU0 B 1 -7.51 9.32 -9.51
CA EU0 B 1 -6.36 9.64 -10.40
CB EU0 B 1 -5.27 10.45 -9.67
CG1 EU0 B 1 -5.70 11.89 -9.33
CG2 EU0 B 1 -4.75 9.78 -8.38
C EU0 B 1 -5.75 8.35 -10.98
O EU0 B 1 -5.91 7.29 -10.36
HT12 EU0 B 1 -9.49 8.48 -8.37
HT22 EU0 B 1 -9.64 11.70 -9.60
HT21 EU0 B 1 -7.96 11.69 -10.15
H EU0 B 1 -7.45 8.39 -9.09
HA EU0 B 1 -6.71 10.23 -11.24
HB EU0 B 1 -4.42 10.53 -10.36
HG11 EU0 B 1 -4.83 12.43 -8.96
HG13 EU0 B 1 -6.45 11.89 -8.54
HG12 EU0 B 1 -6.06 12.40 -10.21
HG23 EU0 B 1 -5.55 9.70 -7.64
HG22 EU0 B 1 -3.95 10.38 -7.95
HG21 EU0 B 1 -4.36 8.79 -8.62
HT11 EU0 B 1 -10.50 9.92 -8.67
N HYP B 2 -4.98 8.41 -12.08
CA HYP B 2 -4.09 7.33 -12.50
C HYP B 2 -2.94 7.14 -11.50
O HYP B 2 -2.66 8.01 -10.68
CB HYP B 2 -3.57 7.71 -13.90
CG HYP B 2 -4.53 8.80 -14.38
CD HYP B 2 -4.93 9.48 -13.07
OD1 HYP B 2 -5.68 8.27 -15.00
HA HYP B 2 -4.66 6.40 -12.59
HB2 HYP B 2 -2.56 8.13 -13.82
HB3 HYP B 2 -3.55 6.85 -14.57
HG HYP B 2 -4.04 9.49 -15.06
HD22 HYP B 2 -4.16 10.21 -12.79
HD23 HYP B 2 -5.90 9.98 -13.20
HD1 HYP B 2 -5.39 7.65 -15.70
N ILE B 3 -2.25 6.00 -11.59
CA ILE B 3 -1.17 5.60 -10.69
C ILE B 3 0.15 6.22 -11.15
N THR B 4 0.95 6.74 -10.23
CA THR B 4 2.30 7.23 -10.51
C THR B 4 3.35 6.32 -9.86
N TYR B 5 4.14 5.68 -10.72
CA TYR B 5 5.29 4.85 -10.35
C TYR B 5 6.57 5.66 -10.57
O LE1 B 6 8.91 4.21 -8.94
C LE1 B 6 9.41 5.24 -9.40
CA LE1 B 6 8.57 6.54 -9.52
N LE1 B 6 7.15 6.20 -9.51
CB LE1 B 6 8.93 7.66 -8.50
C9 LE1 B 6 10.43 8.03 -8.52
C8 LE1 B 6 8.59 7.26 -7.07
SG LE1 B 6 7.94 9.15 -8.91
HA LE1 B 6 8.82 6.97 -10.50
H LE1 B 6 6.74 5.97 -8.60
H9 LE1 B 6 11.02 7.25 -8.04
H9A LE1 B 6 10.59 8.95 -7.96
H9B LE1 B 6 10.79 8.16 -9.53
H8 LE1 B 6 7.51 7.21 -6.93
H8A LE1 B 6 9.01 7.98 -6.37
H8B LE1 B 6 9.03 6.28 -6.87
N ASN B 7 10.63 5.20 -9.95
CA ASN B 7 11.39 3.96 -10.07
C ASN B 7 12.75 4.08 -9.37
N ARG B 8 13.07 3.14 -8.46
CA ARG B 8 14.32 3.10 -7.68
C ARG B 8 15.56 2.71 -8.51
N DAB B 9 15.43 2.76 -9.83
CA DAB B 9 16.53 2.70 -10.79
C DAB B 9 16.45 3.96 -11.70
O DAB B 9 17.18 4.92 -11.44
CB DAB B 9 16.49 1.35 -11.52
CG DAB B 9 16.62 0.20 -10.51
ND DAB B 9 16.46 -1.12 -11.15
H DAB B 9 14.57 3.16 -10.15
HA DAB B 9 17.48 2.77 -10.26
HB2 DAB B 9 15.56 1.24 -12.06
HB3 DAB B 9 17.32 1.30 -12.23
HG2 DAB B 9 17.59 0.27 -9.99
HG3 DAB B 9 15.84 0.31 -9.75
HD1 DAB B 9 16.41 -1.78 -10.37
HD2 DAB B 9 17.19 -1.35 -11.78
HD3 DAB B 9 15.54 -1.19 -11.60
N THR B 10 15.45 4.09 -12.59
CA THR B 10 15.41 5.18 -13.59
C THR B 10 15.25 6.60 -13.04
N 4FO B 11 14.70 6.80 -11.83
CA 4FO B 11 14.51 8.13 -11.26
C 4FO B 11 13.33 8.91 -11.91
O 4FO B 11 12.34 9.19 -11.25
CB 4FO B 11 14.36 8.03 -9.72
CG 4FO B 11 15.60 7.63 -8.93
NZ 4FO B 11 16.00 6.24 -9.21
H 4FO B 11 14.28 6.00 -11.36
HA 4FO B 11 15.41 8.73 -11.46
HB2 4FO B 11 13.53 7.38 -9.48
HB3 4FO B 11 14.09 9.03 -9.36
HG3 4FO B 11 16.43 8.32 -9.16
HG2 4FO B 11 15.36 7.72 -7.87
HZ3 4FO B 11 16.76 5.95 -8.62
HZ2 4FO B 11 16.31 6.13 -10.18
HZ1 4FO B 11 15.19 5.65 -9.08
N LYS B 12 13.38 9.15 -13.23
CA LYS B 12 12.25 9.73 -13.97
C LYS B 12 11.03 8.81 -13.91
N CYS B 13 9.94 9.33 -13.35
CA CYS B 13 8.76 8.56 -12.98
C CYS B 13 7.93 8.14 -14.21
N DAB B 14 6.97 7.25 -14.01
CA DAB B 14 6.09 6.68 -15.01
C DAB B 14 4.62 6.68 -14.51
O DAB B 14 4.39 6.83 -13.31
CB DAB B 14 6.59 5.24 -15.32
CG DAB B 14 7.82 5.13 -16.22
ND DAB B 14 9.05 5.72 -15.63
H DAB B 14 6.78 6.95 -13.05
HA DAB B 14 6.12 7.26 -15.93
HB2 DAB B 14 6.78 4.72 -14.37
HB3 DAB B 14 5.78 4.70 -15.81
HG2 DAB B 14 8.00 4.06 -16.42
HG3 DAB B 14 7.61 5.61 -17.19
HD1 DAB B 14 9.25 5.34 -14.71
HD2 DAB B 14 8.93 6.73 -15.53
HD3 DAB B 14 9.86 5.58 -16.22
N ARG B 15 3.64 6.53 -15.39
CA ARG B 15 2.20 6.46 -15.05
C ARG B 15 1.52 5.24 -15.67
N TYR B 16 0.40 4.83 -15.08
CA TYR B 16 -0.53 3.78 -15.49
C TYR B 16 -1.95 4.26 -15.14
N VAL A 1 12.98 21.17 -12.15
CA VAL A 1 12.20 20.13 -12.85
C VAL A 1 11.00 20.78 -13.54
N THR A 2 10.38 20.11 -14.51
CA THR A 2 9.22 20.60 -15.27
C THR A 2 8.17 19.49 -15.33
N GLY A 3 6.91 19.80 -14.99
CA GLY A 3 5.85 18.79 -14.90
C GLY A 3 4.62 19.31 -14.15
N ASP A 4 3.98 18.39 -13.43
CA ASP A 4 2.87 18.58 -12.50
C ASP A 4 3.35 19.01 -11.10
N THR A 5 2.40 19.21 -10.17
CA THR A 5 2.68 19.41 -8.73
C THR A 5 1.71 18.64 -7.82
N ASP A 6 0.54 18.28 -8.33
CA ASP A 6 -0.53 17.53 -7.68
C ASP A 6 -0.24 16.00 -7.64
N GLN A 7 0.84 15.63 -6.94
CA GLN A 7 1.25 14.24 -6.69
C GLN A 7 0.96 13.77 -5.22
N PRO A 8 -0.30 13.61 -4.77
CA PRO A 8 -0.63 13.17 -3.41
C PRO A 8 -0.50 11.66 -3.18
N ILE A 9 -0.22 10.87 -4.24
CA ILE A 9 0.06 9.43 -4.17
C ILE A 9 1.39 9.20 -4.89
N HIS A 10 2.32 8.50 -4.24
CA HIS A 10 3.68 8.32 -4.75
C HIS A 10 4.22 6.93 -4.40
N ILE A 11 4.79 6.23 -5.39
CA ILE A 11 5.40 4.91 -5.21
C ILE A 11 6.79 4.89 -5.84
N GLU A 12 7.78 4.34 -5.11
CA GLU A 12 9.01 3.81 -5.71
C GLU A 12 9.04 2.27 -5.63
N SER A 13 9.78 1.67 -6.56
CA SER A 13 9.89 0.23 -6.81
C SER A 13 11.16 -0.03 -7.60
N ASP A 14 11.80 -1.20 -7.45
CA ASP A 14 13.05 -1.46 -8.18
C ASP A 14 12.82 -1.68 -9.69
N GLN A 15 11.88 -2.55 -10.04
CA GLN A 15 11.53 -2.88 -11.42
C GLN A 15 10.02 -3.06 -11.60
N GLN A 16 9.45 -2.28 -12.54
CA GLN A 16 8.05 -2.32 -12.94
C GLN A 16 7.86 -3.09 -14.26
N SER A 17 7.00 -4.11 -14.29
CA SER A 17 6.61 -4.84 -15.51
C SER A 17 5.29 -4.29 -16.13
N LEU A 18 4.89 -4.79 -17.30
CA LEU A 18 3.65 -4.43 -17.98
C LEU A 18 3.17 -5.56 -18.92
N ASP A 19 1.88 -5.88 -18.88
CA ASP A 19 1.16 -6.81 -19.77
C ASP A 19 0.81 -6.16 -21.11
N MET A 20 1.03 -6.85 -22.24
CA MET A 20 0.59 -6.38 -23.56
C MET A 20 -0.94 -6.25 -23.68
N GLN A 21 -1.71 -7.03 -22.90
CA GLN A 21 -3.16 -6.90 -22.80
C GLN A 21 -3.61 -5.87 -21.74
N GLY A 22 -2.69 -5.28 -20.95
CA GLY A 22 -2.99 -4.30 -19.90
C GLY A 22 -3.88 -4.78 -18.74
N ASN A 23 -3.96 -6.09 -18.47
CA ASN A 23 -4.80 -6.72 -17.45
C ASN A 23 -4.02 -7.29 -16.24
N VAL A 24 -2.78 -7.76 -16.44
CA VAL A 24 -1.92 -8.30 -15.36
C VAL A 24 -0.60 -7.52 -15.24
N VAL A 25 0.12 -7.67 -14.13
CA VAL A 25 1.37 -6.94 -13.92
C VAL A 25 2.30 -7.66 -12.94
N THR A 26 3.61 -7.37 -13.02
CA THR A 26 4.64 -7.98 -12.17
C THR A 26 5.39 -6.89 -11.40
N PHE A 27 5.22 -6.83 -10.07
CA PHE A 27 5.84 -5.86 -9.16
C PHE A 27 6.40 -6.58 -7.92
N THR A 28 7.68 -6.34 -7.57
CA THR A 28 8.42 -7.02 -6.47
C THR A 28 9.49 -6.11 -5.86
N GLY A 29 10.14 -6.54 -4.77
CA GLY A 29 11.34 -5.91 -4.21
C GLY A 29 11.11 -5.22 -2.87
N ASN A 30 10.76 -3.92 -2.90
CA ASN A 30 10.75 -3.07 -1.69
C ASN A 30 9.62 -2.03 -1.68
N VAL A 31 8.52 -2.30 -2.39
CA VAL A 31 7.52 -1.31 -2.80
C VAL A 31 6.87 -0.59 -1.61
N ILE A 32 6.65 0.72 -1.74
CA ILE A 32 6.13 1.61 -0.70
C ILE A 32 4.75 2.14 -1.11
N VAL A 33 3.82 2.32 -0.17
CA VAL A 33 2.50 2.94 -0.44
C VAL A 33 2.22 4.06 0.55
N THR A 34 1.81 5.22 0.04
CA THR A 34 1.48 6.45 0.78
C THR A 34 -0.03 6.63 0.93
N LEU A 35 -0.56 6.80 2.14
CA LEU A 35 -1.97 7.15 2.37
C LEU A 35 -2.16 8.01 3.64
N GLY A 36 -2.05 9.33 3.47
CA GLY A 36 -2.20 10.30 4.57
C GLY A 36 -1.06 10.19 5.59
N THR A 37 -1.40 10.05 6.88
CA THR A 37 -0.42 9.91 7.98
C THR A 37 0.13 8.47 8.16
N ILE A 38 -0.36 7.49 7.36
CA ILE A 38 0.08 6.09 7.44
C ILE A 38 0.76 5.62 6.15
N LYS A 39 1.66 4.65 6.28
CA LYS A 39 2.28 3.95 5.14
C LYS A 39 2.26 2.43 5.31
N ILE A 40 2.34 1.75 4.16
CA ILE A 40 2.56 0.30 4.01
C ILE A 40 3.86 0.11 3.19
N ASN A 41 4.58 -1.00 3.37
CA ASN A 41 5.83 -1.24 2.65
C ASN A 41 6.08 -2.74 2.36
N ALA A 42 5.59 -3.24 1.24
CA ALA A 42 5.70 -4.63 0.85
C ALA A 42 7.05 -4.99 0.17
N ASP A 43 7.18 -6.26 -0.23
CA ASP A 43 8.03 -6.68 -1.36
C ASP A 43 7.17 -6.66 -2.65
N LYS A 44 6.33 -7.69 -2.86
CA LYS A 44 5.32 -7.79 -3.91
C LYS A 44 4.15 -6.85 -3.66
N VAL A 45 3.53 -6.38 -4.73
CA VAL A 45 2.21 -5.72 -4.68
C VAL A 45 1.31 -6.17 -5.84
N VAL A 46 0.00 -5.97 -5.72
CA VAL A 46 -1.00 -6.27 -6.76
C VAL A 46 -1.93 -5.06 -6.97
N VAL A 47 -2.40 -4.88 -8.21
CA VAL A 47 -3.34 -3.83 -8.65
C VAL A 47 -4.40 -4.50 -9.52
N THR A 48 -5.68 -4.10 -9.42
CA THR A 48 -6.82 -4.97 -9.80
C THR A 48 -7.84 -4.24 -10.65
N ARG A 49 -7.59 -4.18 -11.97
CA ARG A 49 -8.30 -3.32 -12.92
C ARG A 49 -9.13 -4.14 -13.93
N PRO A 50 -10.35 -4.59 -13.58
CA PRO A 50 -11.16 -5.42 -14.47
C PRO A 50 -11.62 -4.63 -15.71
N GLY A 51 -11.11 -5.00 -16.89
CA GLY A 51 -11.40 -4.32 -18.15
C GLY A 51 -12.88 -4.37 -18.54
N GLY A 52 -13.56 -3.23 -18.52
CA GLY A 52 -14.93 -3.06 -18.97
C GLY A 52 -15.62 -1.81 -18.42
N GLU A 53 -15.32 -1.48 -17.15
CA GLU A 53 -15.79 -0.26 -16.48
C GLU A 53 -14.62 0.40 -15.70
N GLN A 54 -14.91 1.10 -14.60
CA GLN A 54 -13.94 1.45 -13.56
C GLN A 54 -13.91 0.43 -12.41
N GLY A 55 -14.98 -0.36 -12.22
CA GLY A 55 -15.03 -1.48 -11.26
C GLY A 55 -14.72 -1.07 -9.82
N LYS A 56 -13.51 -1.39 -9.35
CA LYS A 56 -12.85 -0.87 -8.14
C LYS A 56 -11.35 -1.04 -8.28
N GLU A 57 -10.57 -0.47 -7.37
CA GLU A 57 -9.16 -0.84 -7.15
C GLU A 57 -8.99 -1.46 -5.77
N VAL A 58 -8.07 -2.42 -5.66
CA VAL A 58 -7.66 -3.04 -4.39
C VAL A 58 -6.15 -3.30 -4.44
N ILE A 59 -5.50 -3.28 -3.27
CA ILE A 59 -4.09 -3.63 -3.13
C ILE A 59 -3.90 -4.81 -2.17
N ASP A 60 -3.02 -5.71 -2.58
CA ASP A 60 -2.39 -6.73 -1.75
C ASP A 60 -0.89 -6.40 -1.68
N GLY A 61 -0.26 -6.54 -0.50
CA GLY A 61 1.16 -6.28 -0.36
C GLY A 61 1.73 -6.68 1.00
N TYR A 62 2.60 -7.71 1.01
CA TYR A 62 3.20 -8.24 2.23
C TYR A 62 4.65 -8.72 2.01
N GLY A 63 5.06 -9.85 2.59
CA GLY A 63 6.41 -10.45 2.46
C GLY A 63 7.50 -9.80 3.31
N LYS A 64 7.33 -8.53 3.68
CA LYS A 64 8.34 -7.71 4.37
C LYS A 64 8.81 -8.18 5.78
N PRO A 65 8.04 -8.88 6.64
CA PRO A 65 6.58 -9.11 6.65
C PRO A 65 5.79 -7.79 6.74
N ALA A 66 4.47 -7.82 6.53
CA ALA A 66 3.64 -6.62 6.39
C ALA A 66 3.63 -5.76 7.67
N THR A 67 4.49 -4.73 7.72
CA THR A 67 4.57 -3.78 8.82
C THR A 67 3.78 -2.50 8.57
N PHE A 68 3.33 -1.91 9.68
CA PHE A 68 2.50 -0.71 9.74
C PHE A 68 3.30 0.44 10.36
N TYR A 69 3.07 1.67 9.90
CA TYR A 69 3.65 2.88 10.50
C TYR A 69 2.71 4.08 10.35
N GLN A 70 2.48 4.80 11.45
CA GLN A 70 1.67 6.04 11.53
C GLN A 70 2.45 7.13 12.26
N MET A 71 2.45 8.36 11.71
CA MET A 71 3.01 9.54 12.38
C MET A 71 2.00 10.22 13.33
N GLN A 72 2.49 10.80 14.42
CA GLN A 72 1.67 11.54 15.40
C GLN A 72 2.44 12.72 16.02
N ASP A 73 1.71 13.81 16.22
CA ASP A 73 2.17 15.13 16.67
C ASP A 73 2.71 15.15 18.12
N ASN A 74 2.40 14.11 18.89
CA ASN A 74 2.88 13.90 20.25
C ASN A 74 4.32 13.35 20.33
N GLY A 75 4.94 12.99 19.19
CA GLY A 75 6.31 12.47 19.13
C GLY A 75 6.44 10.95 19.22
N LYS A 76 5.37 10.19 19.48
CA LYS A 76 5.31 8.73 19.32
C LYS A 76 4.63 8.36 17.98
N PRO A 77 5.39 8.17 16.87
CA PRO A 77 4.86 7.42 15.73
C PRO A 77 4.62 5.95 16.14
N VAL A 78 3.53 5.33 15.70
CA VAL A 78 3.06 4.02 16.15
C VAL A 78 3.09 2.97 15.04
N GLU A 79 3.29 1.71 15.43
CA GLU A 79 3.67 0.62 14.52
C GLU A 79 2.98 -0.73 14.83
N GLY A 80 3.21 -1.69 13.94
CA GLY A 80 2.71 -3.06 14.07
C GLY A 80 3.20 -3.98 12.95
N HIS A 81 2.78 -5.24 12.99
CA HIS A 81 3.13 -6.26 12.00
C HIS A 81 1.96 -7.21 11.72
N ALA A 82 2.00 -7.84 10.56
CA ALA A 82 1.17 -8.97 10.14
C ALA A 82 1.92 -9.85 9.13
N SER A 83 1.49 -11.10 8.95
CA SER A 83 1.95 -11.94 7.84
C SER A 83 1.43 -11.42 6.49
N GLN A 84 0.22 -10.86 6.47
CA GLN A 84 -0.45 -10.29 5.31
C GLN A 84 -1.20 -8.99 5.67
N MET A 85 -1.33 -8.09 4.68
CA MET A 85 -2.12 -6.86 4.74
C MET A 85 -2.69 -6.59 3.35
N HIS A 86 -3.95 -6.14 3.30
CA HIS A 86 -4.65 -5.80 2.07
C HIS A 86 -5.56 -4.60 2.31
N TYR A 87 -5.85 -3.80 1.28
CA TYR A 87 -6.71 -2.61 1.36
C TYR A 87 -7.59 -2.47 0.10
N GLU A 88 -8.81 -1.97 0.29
CA GLU A 88 -9.93 -2.13 -0.66
C GLU A 88 -10.57 -0.74 -0.88
N LEU A 89 -10.41 -0.16 -2.07
CA LEU A 89 -10.79 1.24 -2.34
C LEU A 89 -12.32 1.44 -2.48
N ALA A 90 -13.11 0.36 -2.39
CA ALA A 90 -14.56 0.40 -2.20
C ALA A 90 -15.00 0.04 -0.76
N LYS A 91 -14.06 -0.01 0.22
CA LYS A 91 -14.36 -0.19 1.65
C LYS A 91 -13.60 0.73 2.61
N ASP A 92 -12.41 1.21 2.25
CA ASP A 92 -11.55 2.16 2.98
C ASP A 92 -11.08 1.76 4.40
N PHE A 93 -11.47 0.58 4.92
CA PHE A 93 -10.89 -0.02 6.13
C PHE A 93 -9.66 -0.90 5.81
N VAL A 94 -8.77 -1.10 6.79
CA VAL A 94 -7.59 -1.97 6.69
C VAL A 94 -7.75 -3.21 7.58
N VAL A 95 -7.25 -4.35 7.11
CA VAL A 95 -7.20 -5.62 7.87
C VAL A 95 -5.81 -6.23 7.86
N LEU A 96 -5.47 -6.94 8.94
CA LEU A 96 -4.23 -7.67 9.17
C LEU A 96 -4.57 -9.16 9.31
N THR A 97 -3.85 -10.03 8.59
CA THR A 97 -4.27 -11.43 8.34
C THR A 97 -3.15 -12.44 8.62
N GLY A 98 -3.20 -13.08 9.79
CA GLY A 98 -2.27 -14.10 10.30
C GLY A 98 -1.05 -13.52 11.03
N ASN A 99 -0.80 -13.94 12.28
CA ASN A 99 0.22 -13.39 13.20
C ASN A 99 0.24 -11.84 13.19
N ALA A 100 -0.86 -11.19 13.58
CA ALA A 100 -0.97 -9.74 13.60
C ALA A 100 -0.77 -9.13 15.01
N TYR A 101 -0.20 -7.93 15.04
CA TYR A 101 0.04 -7.12 16.23
C TYR A 101 0.01 -5.63 15.87
N LEU A 102 -0.72 -4.82 16.64
CA LEU A 102 -0.84 -3.38 16.43
C LEU A 102 -0.92 -2.68 17.81
N GLN A 103 -0.11 -1.64 18.01
CA GLN A 103 -0.16 -0.80 19.20
C GLN A 103 -0.43 0.67 18.86
N GLN A 104 -1.05 1.36 19.81
CA GLN A 104 -1.52 2.73 19.75
C GLN A 104 -1.30 3.35 21.15
N VAL A 105 -1.23 4.69 21.26
CA VAL A 105 -0.90 5.39 22.52
C VAL A 105 -1.72 4.90 23.72
N ASP A 106 -3.02 4.65 23.51
CA ASP A 106 -3.97 4.25 24.57
C ASP A 106 -4.38 2.76 24.52
N SER A 107 -3.87 1.96 23.58
CA SER A 107 -4.44 0.63 23.25
C SER A 107 -3.47 -0.31 22.52
N ASN A 108 -3.56 -1.62 22.78
CA ASN A 108 -2.76 -2.64 22.08
C ASN A 108 -3.56 -3.92 21.81
N ILE A 109 -3.39 -4.53 20.63
CA ILE A 109 -4.11 -5.72 20.17
C ILE A 109 -3.18 -6.70 19.43
N LYS A 110 -3.44 -8.01 19.58
CA LYS A 110 -2.66 -9.11 18.99
C LYS A 110 -3.55 -10.31 18.65
N GLY A 111 -3.30 -10.99 17.53
CA GLY A 111 -4.00 -12.22 17.10
C GLY A 111 -3.98 -12.40 15.59
N ASP A 112 -4.61 -13.44 15.05
CA ASP A 112 -4.57 -13.74 13.61
C ASP A 112 -5.52 -12.89 12.74
N LYS A 113 -6.30 -12.01 13.36
CA LYS A 113 -7.10 -10.97 12.70
C LYS A 113 -7.06 -9.69 13.53
N ILE A 114 -6.69 -8.56 12.90
CA ILE A 114 -6.84 -7.21 13.48
C ILE A 114 -7.41 -6.28 12.41
N THR A 115 -8.26 -5.32 12.80
CA THR A 115 -8.72 -4.22 11.95
C THR A 115 -8.00 -2.92 12.29
N TYR A 116 -7.80 -2.04 11.30
CA TYR A 116 -7.10 -0.77 11.45
C TYR A 116 -7.73 0.35 10.61
N LEU A 117 -7.46 1.60 11.02
CA LEU A 117 -8.09 2.81 10.52
C LEU A 117 -7.04 3.92 10.36
N VAL A 118 -7.12 4.68 9.27
CA VAL A 118 -6.09 5.68 8.89
C VAL A 118 -5.80 6.71 9.99
NT1 EU0 B 1 -8.63 11.20 -7.64
CT EU0 B 1 -7.62 11.62 -8.32
NT2 EU0 B 1 -7.68 12.80 -8.80
N EU0 B 1 -6.60 10.85 -8.47
CA EU0 B 1 -5.47 10.98 -9.45
CB EU0 B 1 -4.22 11.64 -8.79
CG1 EU0 B 1 -4.39 13.14 -8.49
CG2 EU0 B 1 -3.75 10.92 -7.50
C EU0 B 1 -5.14 9.60 -10.05
O EU0 B 1 -5.48 8.59 -9.43
HT12 EU0 B 1 -8.62 10.24 -7.26
HT22 EU0 B 1 -8.48 13.40 -8.63
HT21 EU0 B 1 -6.81 13.21 -9.21
H EU0 B 1 -6.63 9.91 -8.05
HA EU0 B 1 -5.77 11.61 -10.27
HB EU0 B 1 -3.41 11.55 -9.51
HG11 EU0 B 1 -3.44 13.56 -8.17
HG13 EU0 B 1 -5.12 13.30 -7.69
HG12 EU0 B 1 -4.69 13.68 -9.39
HG23 EU0 B 1 -4.49 11.02 -6.70
HG22 EU0 B 1 -2.80 11.35 -7.17
HG21 EU0 B 1 -3.58 9.87 -7.71
HT11 EU0 B 1 -9.46 11.79 -7.51
N HYP B 2 -4.43 9.51 -11.20
CA HYP B 2 -3.78 8.27 -11.66
C HYP B 2 -2.70 7.80 -10.67
O HYP B 2 -2.34 8.52 -9.75
CB HYP B 2 -3.18 8.58 -13.03
CG HYP B 2 -3.84 9.88 -13.48
CD HYP B 2 -4.15 10.58 -12.15
OD1 HYP B 2 -5.05 9.62 -14.18
HA HYP B 2 -4.54 7.49 -11.76
HB2 HYP B 2 -2.10 8.74 -12.95
HB3 HYP B 2 -3.37 7.77 -13.74
HG HYP B 2 -3.17 10.48 -14.09
HD22 HYP B 2 -3.27 11.13 -11.83
HD23 HYP B 2 -5.00 11.24 -12.26
HD1 HYP B 2 -5.38 10.44 -14.56
N ILE B 3 -2.12 6.61 -10.89
CA ILE B 3 -1.02 6.10 -10.07
C ILE B 3 0.32 6.55 -10.66
N THR B 4 1.31 6.85 -9.81
CA THR B 4 2.65 7.31 -10.22
C THR B 4 3.74 6.43 -9.62
N TYR B 5 4.57 5.84 -10.49
CA TYR B 5 5.67 4.94 -10.14
C TYR B 5 7.02 5.50 -10.61
O LE1 B 6 10.71 4.64 -8.73
C LE1 B 6 10.23 5.02 -9.80
CA LE1 B 6 9.29 6.23 -9.93
N LE1 B 6 7.90 5.84 -9.66
CB LE1 B 6 9.70 7.50 -9.14
C9 LE1 B 6 11.20 7.81 -9.27
C8 LE1 B 6 9.38 7.42 -7.63
SG LE1 B 6 8.73 8.92 -9.81
HA LE1 B 6 9.36 6.53 -10.97
H LE1 B 6 7.61 5.76 -8.69
H9 LE1 B 6 11.79 7.10 -8.68
H9A LE1 B 6 11.40 8.82 -8.89
H9B LE1 B 6 11.53 7.76 -10.31
H8 LE1 B 6 9.83 6.53 -7.20
H8A LE1 B 6 8.30 7.39 -7.48
H8B LE1 B 6 9.78 8.29 -7.12
N ASN B 7 10.44 4.34 -10.93
CA ASN B 7 11.13 3.05 -11.01
C ASN B 7 12.66 3.18 -10.86
N ARG B 8 13.27 2.44 -9.92
CA ARG B 8 14.69 2.56 -9.52
C ARG B 8 15.65 2.08 -10.62
N DAB B 9 15.28 1.10 -11.42
CA DAB B 9 16.07 0.70 -12.59
C DAB B 9 16.10 1.75 -13.73
O DAB B 9 17.07 1.79 -14.48
CB DAB B 9 15.58 -0.66 -13.10
CG DAB B 9 16.26 -1.90 -12.50
ND DAB B 9 15.98 -2.00 -11.07
H DAB B 9 14.44 0.58 -11.18
HA DAB B 9 17.11 0.59 -12.28
HB2 DAB B 9 14.51 -0.73 -12.96
HB3 DAB B 9 15.76 -0.70 -14.18
HG2 DAB B 9 15.85 -2.78 -13.01
HG3 DAB B 9 17.33 -1.86 -12.69
HD1 DAB B 9 16.39 -1.32 -10.44
HD2 DAB B 9 16.20 -2.90 -10.61
HD3 DAB B 9 14.99 -1.93 -10.88
N THR B 10 15.09 2.65 -13.87
CA THR B 10 15.00 3.61 -14.99
C THR B 10 15.17 5.08 -14.59
N 4FO B 11 14.96 5.44 -13.32
CA 4FO B 11 15.17 6.81 -12.84
C 4FO B 11 13.98 7.73 -13.20
O 4FO B 11 13.21 8.16 -12.34
CB 4FO B 11 15.52 6.80 -11.35
CG 4FO B 11 16.35 5.61 -10.88
NZ 4FO B 11 17.51 5.31 -11.75
H 4FO B 11 14.44 4.79 -12.74
HA 4FO B 11 16.03 7.23 -13.37
HB2 4FO B 11 14.60 6.79 -10.76
HB3 4FO B 11 16.04 7.74 -11.10
HG3 4FO B 11 16.68 5.77 -9.84
HG2 4FO B 11 15.68 4.75 -10.88
HZ3 4FO B 11 18.21 6.04 -11.73
HZ2 4FO B 11 17.18 5.15 -12.70
HZ1 4FO B 11 17.91 4.43 -11.43
N LYS B 12 13.75 7.95 -14.50
CA LYS B 12 12.54 8.63 -14.99
C LYS B 12 11.32 7.71 -14.88
N CYS B 13 10.22 8.26 -14.39
CA CYS B 13 9.07 7.54 -13.84
C CYS B 13 8.07 7.01 -14.90
N DAB B 14 6.92 6.48 -14.45
CA DAB B 14 5.71 6.32 -15.24
C DAB B 14 4.43 6.77 -14.47
O DAB B 14 4.29 6.46 -13.29
CB DAB B 14 5.53 4.84 -15.62
CG DAB B 14 6.68 4.27 -16.44
ND DAB B 14 6.34 2.89 -16.84
H DAB B 14 6.83 6.36 -13.44
HA DAB B 14 5.78 6.92 -16.15
HB2 DAB B 14 5.42 4.27 -14.71
HB3 DAB B 14 4.61 4.75 -16.20
HG2 DAB B 14 6.83 4.90 -17.32
HG3 DAB B 14 7.59 4.29 -15.84
HD1 DAB B 14 7.07 2.49 -17.42
HD2 DAB B 14 5.48 2.87 -17.38
HD3 DAB B 14 6.21 2.30 -16.04
N ARG B 15 3.42 7.28 -15.20
CA ARG B 15 2.01 7.15 -14.83
C ARG B 15 1.52 5.71 -15.05
N TYR B 16 0.43 5.32 -14.37
CA TYR B 16 -0.22 4.01 -14.45
C TYR B 16 -1.72 4.13 -14.11
N VAL A 1 -13.97 20.53 -7.91
CA VAL A 1 -15.06 21.05 -8.77
C VAL A 1 -14.77 22.48 -9.17
N THR A 2 -14.98 23.47 -8.29
CA THR A 2 -14.41 24.83 -8.41
C THR A 2 -12.97 24.79 -7.87
N GLY A 3 -12.04 24.28 -8.69
CA GLY A 3 -10.78 23.70 -8.24
C GLY A 3 -10.79 22.17 -8.34
N ASP A 4 -9.84 21.48 -7.71
CA ASP A 4 -9.63 20.04 -7.92
C ASP A 4 -10.68 19.12 -7.28
N THR A 5 -10.50 17.81 -7.44
CA THR A 5 -11.21 16.72 -6.75
C THR A 5 -10.41 15.40 -6.66
N ASP A 6 -9.30 15.24 -7.39
CA ASP A 6 -8.64 13.93 -7.58
C ASP A 6 -7.44 13.68 -6.63
N GLN A 7 -7.22 12.40 -6.30
CA GLN A 7 -6.27 11.92 -5.28
C GLN A 7 -5.56 10.62 -5.73
N PRO A 8 -4.90 10.58 -6.91
CA PRO A 8 -4.24 9.37 -7.41
C PRO A 8 -2.99 9.06 -6.59
N ILE A 9 -2.93 7.87 -5.97
CA ILE A 9 -1.81 7.51 -5.06
C ILE A 9 -0.47 7.37 -5.80
N HIS A 10 0.60 7.65 -5.06
CA HIS A 10 2.01 7.56 -5.43
C HIS A 10 2.64 6.24 -4.93
N ILE A 11 3.47 5.59 -5.75
CA ILE A 11 4.23 4.36 -5.42
C ILE A 11 5.62 4.42 -6.08
N GLU A 12 6.69 3.90 -5.45
CA GLU A 12 7.98 3.64 -6.12
C GLU A 12 8.37 2.15 -6.08
N SER A 13 8.98 1.66 -7.16
CA SER A 13 9.73 0.39 -7.23
C SER A 13 10.89 0.48 -8.24
N ASP A 14 11.96 -0.29 -8.06
CA ASP A 14 13.06 -0.38 -9.05
C ASP A 14 12.72 -1.30 -10.23
N GLN A 15 11.91 -2.35 -10.01
CA GLN A 15 11.53 -3.34 -11.02
C GLN A 15 10.01 -3.50 -11.14
N GLN A 16 9.32 -2.42 -11.52
CA GLN A 16 7.96 -2.51 -12.05
C GLN A 16 7.97 -2.98 -13.51
N SER A 17 6.99 -3.80 -13.90
CA SER A 17 6.63 -4.09 -15.29
C SER A 17 5.13 -4.33 -15.37
N LEU A 18 4.51 -4.03 -16.51
CA LEU A 18 3.05 -4.05 -16.68
C LEU A 18 2.70 -4.41 -18.15
N ASP A 19 1.80 -5.36 -18.36
CA ASP A 19 1.37 -5.77 -19.70
C ASP A 19 0.56 -4.69 -20.44
N MET A 20 0.75 -4.61 -21.76
CA MET A 20 0.04 -3.71 -22.67
C MET A 20 -1.22 -4.36 -23.28
N GLN A 21 -1.32 -5.69 -23.30
CA GLN A 21 -2.46 -6.42 -23.88
C GLN A 21 -3.65 -6.59 -22.89
N GLY A 22 -3.39 -6.54 -21.59
CA GLY A 22 -4.39 -6.36 -20.53
C GLY A 22 -3.77 -6.20 -19.15
N ASN A 23 -4.26 -5.23 -18.37
CA ASN A 23 -3.70 -4.77 -17.08
C ASN A 23 -3.31 -5.92 -16.13
N VAL A 24 -2.01 -6.17 -15.94
CA VAL A 24 -1.43 -7.01 -14.88
C VAL A 24 0.00 -6.56 -14.60
N VAL A 25 0.44 -6.62 -13.34
CA VAL A 25 1.76 -6.17 -12.89
C VAL A 25 2.72 -7.34 -12.64
N THR A 26 3.93 -7.21 -13.14
CA THR A 26 5.07 -8.12 -12.91
C THR A 26 6.10 -7.38 -12.06
N PHE A 27 6.19 -7.73 -10.78
CA PHE A 27 6.96 -7.00 -9.77
C PHE A 27 7.34 -7.88 -8.56
N THR A 28 8.53 -7.63 -8.02
CA THR A 28 9.05 -8.02 -6.70
C THR A 28 10.07 -6.98 -6.20
N GLY A 29 10.37 -6.97 -4.90
CA GLY A 29 11.32 -6.05 -4.25
C GLY A 29 10.61 -4.99 -3.41
N ASN A 30 11.35 -4.12 -2.72
CA ASN A 30 10.73 -3.14 -1.81
C ASN A 30 9.77 -2.18 -2.55
N VAL A 31 8.51 -2.19 -2.12
CA VAL A 31 7.53 -1.10 -2.36
C VAL A 31 7.17 -0.46 -1.02
N ILE A 32 6.98 0.86 -1.02
CA ILE A 32 6.31 1.58 0.07
C ILE A 32 4.97 2.09 -0.45
N VAL A 33 3.92 1.95 0.36
CA VAL A 33 2.58 2.52 0.11
C VAL A 33 2.28 3.51 1.23
N THR A 34 1.78 4.71 0.87
CA THR A 34 1.45 5.79 1.81
C THR A 34 -0.01 6.18 1.72
N LEU A 35 -0.70 6.24 2.87
CA LEU A 35 -2.14 6.48 3.02
C LEU A 35 -2.36 7.50 4.15
N GLY A 36 -2.30 8.79 3.82
CA GLY A 36 -2.34 9.86 4.82
C GLY A 36 -1.14 9.81 5.77
N THR A 37 -1.39 9.68 7.08
CA THR A 37 -0.32 9.50 8.09
C THR A 37 0.16 8.05 8.23
N ILE A 38 -0.48 7.08 7.55
CA ILE A 38 -0.10 5.67 7.53
C ILE A 38 0.87 5.40 6.38
N LYS A 39 1.84 4.51 6.59
CA LYS A 39 2.63 3.85 5.54
C LYS A 39 2.80 2.36 5.81
N ILE A 40 2.97 1.60 4.73
CA ILE A 40 3.19 0.16 4.74
C ILE A 40 4.38 -0.17 3.84
N ASN A 41 5.23 -1.12 4.23
CA ASN A 41 6.27 -1.69 3.37
C ASN A 41 6.00 -3.17 3.05
N ALA A 42 6.23 -3.53 1.79
CA ALA A 42 6.02 -4.86 1.23
C ALA A 42 7.13 -5.19 0.22
N ASP A 43 7.26 -6.47 -0.12
CA ASP A 43 8.25 -7.00 -1.08
C ASP A 43 7.59 -7.65 -2.31
N LYS A 44 6.25 -7.79 -2.27
CA LYS A 44 5.39 -7.86 -3.45
C LYS A 44 4.02 -7.26 -3.13
N VAL A 45 3.40 -6.62 -4.12
CA VAL A 45 1.99 -6.19 -4.09
C VAL A 45 1.21 -6.82 -5.24
N VAL A 46 -0.10 -6.96 -5.07
CA VAL A 46 -1.04 -7.47 -6.07
C VAL A 46 -2.19 -6.49 -6.17
N VAL A 47 -2.61 -6.16 -7.39
CA VAL A 47 -3.77 -5.30 -7.68
C VAL A 47 -4.77 -6.13 -8.48
N THR A 48 -6.03 -6.14 -8.08
CA THR A 48 -7.07 -6.93 -8.79
C THR A 48 -7.46 -6.23 -10.09
N ARG A 49 -7.38 -6.94 -11.23
CA ARG A 49 -8.06 -6.53 -12.46
C ARG A 49 -9.45 -7.19 -12.58
N PRO A 50 -10.53 -6.42 -12.83
CA PRO A 50 -11.85 -6.97 -13.16
C PRO A 50 -11.94 -7.32 -14.66
N GLY A 51 -13.11 -7.80 -15.08
CA GLY A 51 -13.55 -7.77 -16.48
C GLY A 51 -14.68 -6.75 -16.65
N GLY A 52 -14.36 -5.50 -16.95
CA GLY A 52 -15.29 -4.37 -16.96
C GLY A 52 -14.57 -3.03 -16.95
N GLU A 53 -15.15 -2.02 -16.29
CA GLU A 53 -14.46 -0.76 -15.91
C GLU A 53 -13.63 -0.95 -14.62
N GLN A 54 -13.53 0.05 -13.74
CA GLN A 54 -12.69 -0.06 -12.52
C GLN A 54 -13.19 -1.12 -11.52
N GLY A 55 -14.51 -1.29 -11.37
CA GLY A 55 -15.17 -1.96 -10.25
C GLY A 55 -14.85 -1.30 -8.90
N LYS A 56 -13.66 -1.63 -8.38
CA LYS A 56 -12.94 -1.00 -7.27
C LYS A 56 -11.47 -1.40 -7.34
N GLU A 57 -10.54 -0.45 -7.31
CA GLU A 57 -9.09 -0.73 -7.38
C GLU A 57 -8.51 -1.13 -6.01
N VAL A 58 -8.85 -2.35 -5.56
CA VAL A 58 -8.28 -3.01 -4.37
C VAL A 58 -6.83 -3.46 -4.61
N ILE A 59 -6.00 -3.31 -3.58
CA ILE A 59 -4.57 -3.65 -3.57
C ILE A 59 -4.17 -4.38 -2.27
N ASP A 60 -3.39 -5.45 -2.43
CA ASP A 60 -2.88 -6.30 -1.35
C ASP A 60 -1.34 -6.37 -1.39
N GLY A 61 -0.69 -6.71 -0.28
CA GLY A 61 0.76 -6.76 -0.17
C GLY A 61 1.31 -7.69 0.92
N TYR A 62 2.51 -8.23 0.70
CA TYR A 62 3.20 -9.15 1.61
C TYR A 62 4.73 -9.07 1.44
N GLY A 63 5.49 -9.78 2.29
CA GLY A 63 6.95 -9.77 2.29
C GLY A 63 7.54 -9.76 3.70
N LYS A 64 8.11 -8.61 4.08
CA LYS A 64 8.71 -8.21 5.38
C LYS A 64 8.78 -9.22 6.55
N PRO A 65 7.70 -9.69 7.24
CA PRO A 65 6.25 -9.57 7.00
C PRO A 65 5.66 -8.17 7.20
N ALA A 66 4.62 -7.85 6.42
CA ALA A 66 4.13 -6.51 6.13
C ALA A 66 3.97 -5.62 7.38
N THR A 67 4.82 -4.59 7.48
CA THR A 67 4.85 -3.65 8.60
C THR A 67 3.97 -2.44 8.35
N PHE A 68 3.12 -2.12 9.32
CA PHE A 68 2.36 -0.87 9.45
C PHE A 68 3.18 0.14 10.28
N TYR A 69 3.26 1.37 9.80
CA TYR A 69 3.84 2.50 10.54
C TYR A 69 2.97 3.74 10.32
N GLN A 70 2.59 4.44 11.38
CA GLN A 70 1.86 5.70 11.32
C GLN A 70 2.51 6.74 12.24
N MET A 71 2.35 8.02 11.92
CA MET A 71 2.90 9.11 12.72
C MET A 71 1.80 10.01 13.31
N GLN A 72 1.89 10.29 14.60
CA GLN A 72 1.18 11.41 15.25
C GLN A 72 2.04 12.68 15.14
N ASP A 73 1.43 13.85 15.35
CA ASP A 73 2.16 15.10 15.66
C ASP A 73 3.11 14.95 16.86
N ASN A 74 2.67 14.18 17.87
CA ASN A 74 3.15 14.27 19.25
C ASN A 74 4.48 13.52 19.50
N GLY A 75 5.38 13.48 18.51
CA GLY A 75 6.71 12.85 18.55
C GLY A 75 6.72 11.31 18.51
N LYS A 76 5.70 10.64 19.06
CA LYS A 76 5.57 9.17 19.07
C LYS A 76 4.89 8.66 17.79
N PRO A 77 5.57 7.87 16.94
CA PRO A 77 4.90 7.06 15.92
C PRO A 77 4.16 5.87 16.55
N VAL A 78 3.31 5.20 15.78
CA VAL A 78 2.48 4.07 16.19
C VAL A 78 2.58 2.96 15.14
N GLU A 79 2.61 1.69 15.57
CA GLU A 79 3.29 0.63 14.83
C GLU A 79 2.48 -0.69 14.75
N GLY A 80 2.77 -1.52 13.76
CA GLY A 80 2.16 -2.85 13.63
C GLY A 80 2.83 -3.75 12.60
N HIS A 81 2.44 -5.02 12.56
CA HIS A 81 2.88 -6.01 11.58
C HIS A 81 1.85 -7.12 11.38
N ALA A 82 1.86 -7.75 10.20
CA ALA A 82 1.16 -9.00 9.91
C ALA A 82 1.78 -9.68 8.66
N SER A 83 1.51 -10.97 8.44
CA SER A 83 2.01 -11.72 7.28
C SER A 83 1.53 -11.17 5.94
N GLN A 84 0.31 -10.63 5.89
CA GLN A 84 -0.32 -10.04 4.69
C GLN A 84 -1.06 -8.74 5.05
N MET A 85 -1.15 -7.82 4.10
CA MET A 85 -1.86 -6.54 4.22
C MET A 85 -2.78 -6.30 3.02
N HIS A 86 -3.91 -5.65 3.25
CA HIS A 86 -5.01 -5.41 2.31
C HIS A 86 -5.49 -3.96 2.40
N TYR A 87 -5.72 -3.30 1.27
CA TYR A 87 -6.33 -1.96 1.17
C TYR A 87 -7.35 -1.90 0.04
N GLU A 88 -8.60 -1.62 0.41
CA GLU A 88 -9.76 -1.57 -0.48
C GLU A 88 -10.21 -0.13 -0.68
N LEU A 89 -10.10 0.41 -1.89
CA LEU A 89 -10.51 1.80 -2.18
C LEU A 89 -12.03 2.01 -2.17
N ALA A 90 -12.84 0.95 -2.13
CA ALA A 90 -14.26 1.03 -1.78
C ALA A 90 -14.54 1.12 -0.25
N LYS A 91 -13.50 1.08 0.61
CA LYS A 91 -13.63 1.03 2.09
C LYS A 91 -12.63 1.91 2.87
N ASP A 92 -11.45 2.18 2.33
CA ASP A 92 -10.24 2.80 2.93
C ASP A 92 -9.65 2.08 4.18
N PHE A 93 -10.46 1.40 4.99
CA PHE A 93 -9.98 0.75 6.21
C PHE A 93 -9.15 -0.51 5.91
N VAL A 94 -7.83 -0.36 6.09
CA VAL A 94 -6.79 -1.37 5.88
C VAL A 94 -7.06 -2.62 6.72
N VAL A 95 -6.69 -3.80 6.23
CA VAL A 95 -6.72 -5.04 7.00
C VAL A 95 -5.33 -5.68 6.99
N LEU A 96 -4.93 -6.23 8.14
CA LEU A 96 -3.67 -6.92 8.40
C LEU A 96 -4.01 -8.35 8.83
N THR A 97 -3.40 -9.38 8.22
CA THR A 97 -3.79 -10.79 8.42
C THR A 97 -2.59 -11.74 8.52
N GLY A 98 -2.74 -12.78 9.34
CA GLY A 98 -1.69 -13.68 9.78
C GLY A 98 -0.74 -13.01 10.78
N ASN A 99 -0.56 -13.60 11.97
CA ASN A 99 0.42 -13.16 12.97
C ASN A 99 0.36 -11.65 13.30
N ALA A 100 -0.85 -11.09 13.40
CA ALA A 100 -1.07 -9.65 13.39
C ALA A 100 -0.86 -9.02 14.77
N TYR A 101 -0.25 -7.84 14.82
CA TYR A 101 -0.07 -6.96 16.00
C TYR A 101 -0.19 -5.49 15.58
N LEU A 102 -0.78 -4.65 16.43
CA LEU A 102 -0.82 -3.19 16.24
C LEU A 102 -0.85 -2.48 17.60
N GLN A 103 -0.05 -1.41 17.76
CA GLN A 103 0.05 -0.56 18.92
C GLN A 103 -0.11 0.91 18.56
N GLN A 104 -1.18 1.52 19.09
CA GLN A 104 -1.41 2.95 19.18
C GLN A 104 -0.90 3.49 20.52
N VAL A 105 -0.91 4.82 20.73
CA VAL A 105 -0.72 5.42 22.07
C VAL A 105 -1.95 5.21 22.97
N ASP A 106 -3.11 4.96 22.37
CA ASP A 106 -4.34 4.54 23.04
C ASP A 106 -4.27 3.11 23.61
N SER A 107 -3.88 2.12 22.78
CA SER A 107 -4.00 0.70 23.09
C SER A 107 -3.15 -0.17 22.16
N ASN A 108 -2.90 -1.44 22.53
CA ASN A 108 -2.33 -2.45 21.63
C ASN A 108 -3.17 -3.74 21.58
N ILE A 109 -3.06 -4.43 20.45
CA ILE A 109 -3.90 -5.59 20.06
C ILE A 109 -3.09 -6.57 19.22
N LYS A 110 -3.41 -7.86 19.29
CA LYS A 110 -2.81 -8.91 18.45
C LYS A 110 -3.74 -10.09 18.22
N GLY A 111 -3.56 -10.82 17.12
CA GLY A 111 -4.38 -11.97 16.74
C GLY A 111 -4.04 -12.55 15.37
N ASP A 112 -5.00 -13.19 14.72
CA ASP A 112 -4.90 -13.66 13.33
C ASP A 112 -5.29 -12.56 12.32
N LYS A 113 -6.08 -11.57 12.73
CA LYS A 113 -6.64 -10.49 11.90
C LYS A 113 -6.69 -9.18 12.70
N ILE A 114 -6.32 -8.06 12.07
CA ILE A 114 -6.56 -6.70 12.58
C ILE A 114 -7.07 -5.83 11.43
N THR A 115 -8.26 -5.24 11.59
CA THR A 115 -8.71 -4.12 10.76
C THR A 115 -8.23 -2.82 11.39
N TYR A 116 -7.59 -1.95 10.61
CA TYR A 116 -7.25 -0.60 11.03
C TYR A 116 -8.40 0.36 10.68
N LEU A 117 -8.98 0.97 11.72
CA LEU A 117 -9.94 2.07 11.61
C LEU A 117 -9.28 3.37 12.09
N VAL A 118 -9.70 4.49 11.50
CA VAL A 118 -9.33 5.82 11.99
C VAL A 118 -10.28 6.30 13.09
NT1 EU0 B 1 -11.83 4.68 -9.44
CT EU0 B 1 -11.17 5.61 -10.03
NT2 EU0 B 1 -11.83 6.67 -10.35
N EU0 B 1 -9.92 5.47 -10.29
CA EU0 B 1 -8.96 6.41 -10.96
CB EU0 B 1 -8.67 7.71 -10.15
CG1 EU0 B 1 -9.68 8.84 -10.40
CG2 EU0 B 1 -8.47 7.48 -8.64
C EU0 B 1 -7.65 5.71 -11.37
O EU0 B 1 -7.29 4.68 -10.80
HT12 EU0 B 1 -11.32 3.81 -9.14
HT22 EU0 B 1 -12.80 6.77 -10.05
HT21 EU0 B 1 -11.28 7.48 -10.65
H EU0 B 1 -9.53 4.53 -10.05
HA EU0 B 1 -9.42 6.71 -11.89
HB EU0 B 1 -7.72 8.08 -10.51
HG11 EU0 B 1 -10.49 8.83 -9.67
HG13 EU0 B 1 -10.06 8.83 -11.43
HG12 EU0 B 1 -9.16 9.80 -10.29
HG23 EU0 B 1 -9.40 7.15 -8.17
HG22 EU0 B 1 -8.15 8.42 -8.18
HG21 EU0 B 1 -7.69 6.73 -8.48
HT11 EU0 B 1 -12.80 4.78 -9.17
N HYP B 2 -6.86 6.29 -12.32
CA HYP B 2 -5.47 5.87 -12.54
C HYP B 2 -4.59 6.17 -11.31
O HYP B 2 -4.94 6.99 -10.46
CB HYP B 2 -4.99 6.62 -13.79
CG HYP B 2 -6.20 7.39 -14.34
CD HYP B 2 -7.17 7.44 -13.15
OD1 HYP B 2 -6.81 6.73 -15.43
HA HYP B 2 -5.44 4.79 -12.74
HB2 HYP B 2 -4.21 7.33 -13.53
HB3 HYP B 2 -4.60 5.91 -14.53
HG HYP B 2 -5.91 8.39 -14.64
HD22 HYP B 2 -6.98 8.36 -12.59
HD23 HYP B 2 -8.20 7.42 -13.50
HD1 HYP B 2 -7.46 7.30 -15.82
N ILE B 3 -3.40 5.57 -11.27
CA ILE B 3 -2.42 5.64 -10.18
C ILE B 3 -1.11 6.29 -10.69
N THR B 4 -0.35 6.91 -9.79
CA THR B 4 0.95 7.54 -10.09
C THR B 4 2.08 6.64 -9.59
N TYR B 5 2.90 6.11 -10.50
CA TYR B 5 3.91 5.10 -10.18
C TYR B 5 5.28 5.56 -10.68
O LE1 B 6 8.34 4.07 -9.44
C LE1 B 6 8.48 5.02 -10.22
CA LE1 B 6 7.57 6.27 -10.16
N LE1 B 6 6.21 5.90 -9.80
CB LE1 B 6 8.10 7.46 -9.32
C9 LE1 B 6 9.50 7.89 -9.75
C8 LE1 B 6 8.20 7.13 -7.83
SG LE1 B 6 6.91 8.86 -9.46
HA LE1 B 6 7.54 6.65 -11.18
H LE1 B 6 6.01 5.71 -8.81
H9 LE1 B 6 10.23 7.14 -9.45
H9A LE1 B 6 9.77 8.84 -9.27
H9B LE1 B 6 9.56 8.01 -10.83
H8 LE1 B 6 8.86 6.27 -7.70
H8A LE1 B 6 7.22 6.90 -7.41
H8B LE1 B 6 8.62 7.96 -7.27
N ASN B 7 9.41 4.96 -11.17
CA ASN B 7 10.41 3.90 -11.20
C ASN B 7 11.72 4.39 -10.56
N ARG B 8 12.24 3.61 -9.61
CA ARG B 8 13.49 3.94 -8.87
C ARG B 8 14.72 3.94 -9.75
N DAB B 9 14.72 3.16 -10.81
CA DAB B 9 15.85 3.01 -11.70
C DAB B 9 15.98 4.14 -12.75
O DAB B 9 17.06 4.30 -13.33
CB DAB B 9 15.81 1.62 -12.37
CG DAB B 9 17.22 1.08 -12.53
ND DAB B 9 17.67 0.45 -11.27
H DAB B 9 13.90 2.59 -10.99
HA DAB B 9 16.76 3.08 -11.09
HB2 DAB B 9 15.21 0.92 -11.77
HB3 DAB B 9 15.33 1.70 -13.34
HG2 DAB B 9 17.24 0.34 -13.33
HG3 DAB B 9 17.88 1.90 -12.82
HD1 DAB B 9 17.42 1.00 -10.44
HD2 DAB B 9 18.63 0.14 -11.26
HD3 DAB B 9 17.08 -0.36 -11.05
N THR B 10 14.90 4.91 -13.00
CA THR B 10 14.85 5.97 -14.03
C THR B 10 14.40 7.33 -13.50
N 4FO B 11 13.71 7.42 -12.36
CA 4FO B 11 13.34 8.70 -11.74
C 4FO B 11 12.14 9.45 -12.40
O 4FO B 11 11.30 10.00 -11.70
CB 4FO B 11 13.17 8.55 -10.20
CG 4FO B 11 14.00 7.48 -9.48
NZ 4FO B 11 15.42 7.50 -9.88
H 4FO B 11 13.27 6.58 -12.01
HA 4FO B 11 14.20 9.38 -11.87
HB2 4FO B 11 12.14 8.30 -9.99
HB3 4FO B 11 13.37 9.51 -9.73
HG3 4FO B 11 13.88 7.59 -8.40
HG2 4FO B 11 13.58 6.51 -9.74
HZ3 4FO B 11 15.47 7.43 -10.89
HZ2 4FO B 11 15.85 6.65 -9.52
HZ1 4FO B 11 15.88 8.33 -9.55
N LYS B 12 12.00 9.39 -13.74
CA LYS B 12 10.83 9.96 -14.43
C LYS B 12 9.66 8.97 -14.44
N CYS B 13 8.50 9.39 -13.94
CA CYS B 13 7.43 8.48 -13.52
C CYS B 13 6.58 7.87 -14.66
N DAB B 14 5.64 7.01 -14.27
CA DAB B 14 4.69 6.27 -15.09
C DAB B 14 3.24 6.49 -14.53
O DAB B 14 3.06 6.55 -13.32
CB DAB B 14 5.12 4.79 -15.01
CG DAB B 14 4.46 3.85 -16.01
ND DAB B 14 3.99 2.62 -15.35
H DAB B 14 5.57 6.80 -13.27
HA DAB B 14 4.74 6.63 -16.12
HB2 DAB B 14 6.20 4.73 -15.16
HB3 DAB B 14 4.92 4.45 -14.00
HG2 DAB B 14 3.60 4.34 -16.49
HG3 DAB B 14 5.19 3.60 -16.79
HD1 DAB B 14 3.20 2.86 -14.74
HD2 DAB B 14 4.72 2.16 -14.81
HD3 DAB B 14 3.60 1.96 -16.01
N ARG B 15 2.21 6.47 -15.39
CA ARG B 15 0.85 6.14 -14.93
C ARG B 15 0.68 4.62 -14.80
N TYR B 16 -0.36 4.19 -14.09
CA TYR B 16 -0.67 2.81 -13.72
C TYR B 16 -2.20 2.66 -13.58
N VAL A 1 0.57 24.91 -19.87
CA VAL A 1 1.02 24.48 -18.51
C VAL A 1 2.49 24.13 -18.61
N THR A 2 3.27 24.38 -17.56
CA THR A 2 4.72 24.15 -17.55
C THR A 2 5.07 23.39 -16.28
N GLY A 3 5.60 22.17 -16.42
CA GLY A 3 5.60 21.18 -15.34
C GLY A 3 4.27 20.42 -15.24
N ASP A 4 4.19 19.55 -14.24
CA ASP A 4 3.12 18.58 -14.00
C ASP A 4 1.79 19.23 -13.57
N THR A 5 0.66 18.50 -13.71
CA THR A 5 -0.70 19.07 -13.56
C THR A 5 -1.68 18.28 -12.68
N ASP A 6 -1.29 17.14 -12.13
CA ASP A 6 -2.05 16.39 -11.12
C ASP A 6 -1.11 15.65 -10.14
N GLN A 7 -1.67 14.97 -9.14
CA GLN A 7 -0.91 14.33 -8.06
C GLN A 7 -1.46 12.92 -7.75
N PRO A 8 -0.95 11.86 -8.41
CA PRO A 8 -1.26 10.48 -8.05
C PRO A 8 -0.63 10.10 -6.70
N ILE A 9 -1.27 9.20 -5.96
CA ILE A 9 -0.77 8.69 -4.67
C ILE A 9 0.58 7.99 -4.90
N HIS A 10 1.65 8.56 -4.35
CA HIS A 10 3.00 8.24 -4.77
C HIS A 10 3.48 6.86 -4.29
N ILE A 11 4.13 6.13 -5.19
CA ILE A 11 4.73 4.81 -4.95
C ILE A 11 6.11 4.79 -5.63
N GLU A 12 7.13 4.26 -4.95
CA GLU A 12 8.31 3.71 -5.63
C GLU A 12 8.45 2.21 -5.43
N SER A 13 9.02 1.54 -6.44
CA SER A 13 9.29 0.11 -6.46
C SER A 13 10.43 -0.23 -7.41
N ASP A 14 11.26 -1.25 -7.14
CA ASP A 14 12.46 -1.49 -7.94
C ASP A 14 12.14 -2.08 -9.32
N GLN A 15 11.41 -3.21 -9.32
CA GLN A 15 11.09 -4.00 -10.52
C GLN A 15 9.60 -4.35 -10.62
N GLN A 16 9.13 -4.67 -11.83
CA GLN A 16 7.73 -4.97 -12.12
C GLN A 16 7.55 -6.10 -13.14
N SER A 17 6.31 -6.54 -13.34
CA SER A 17 5.91 -7.37 -14.49
C SER A 17 4.48 -7.05 -14.95
N LEU A 18 4.21 -7.28 -16.24
CA LEU A 18 3.00 -6.89 -16.95
C LEU A 18 2.76 -7.80 -18.16
N ASP A 19 1.62 -8.49 -18.20
CA ASP A 19 1.13 -9.15 -19.41
C ASP A 19 0.60 -8.13 -20.44
N MET A 20 0.78 -8.44 -21.73
CA MET A 20 0.31 -7.61 -22.86
C MET A 20 -1.20 -7.34 -22.89
N GLN A 21 -1.99 -8.04 -22.08
CA GLN A 21 -3.43 -7.83 -21.92
C GLN A 21 -3.79 -6.61 -21.06
N GLY A 22 -2.82 -5.99 -20.37
CA GLY A 22 -3.03 -4.69 -19.70
C GLY A 22 -3.96 -4.70 -18.48
N ASN A 23 -4.20 -5.86 -17.87
CA ASN A 23 -5.13 -6.04 -16.73
C ASN A 23 -4.44 -6.50 -15.43
N VAL A 24 -3.10 -6.55 -15.39
CA VAL A 24 -2.30 -7.10 -14.29
C VAL A 24 -1.17 -6.16 -13.86
N VAL A 25 -0.63 -6.35 -12.66
CA VAL A 25 0.68 -5.84 -12.23
C VAL A 25 1.37 -6.88 -11.34
N THR A 26 2.70 -6.86 -11.34
CA THR A 26 3.56 -7.28 -10.22
C THR A 26 4.47 -6.11 -9.84
N PHE A 27 4.77 -5.94 -8.56
CA PHE A 27 5.83 -5.07 -8.04
C PHE A 27 6.85 -5.87 -7.20
N THR A 28 8.11 -5.43 -7.15
CA THR A 28 9.26 -6.20 -6.62
C THR A 28 10.38 -5.31 -6.05
N GLY A 29 11.14 -5.86 -5.09
CA GLY A 29 12.40 -5.34 -4.54
C GLY A 29 12.20 -4.36 -3.40
N ASN A 30 11.24 -3.45 -3.58
CA ASN A 30 10.51 -2.79 -2.51
C ASN A 30 9.16 -2.30 -3.07
N VAL A 31 8.22 -1.98 -2.18
CA VAL A 31 7.10 -1.06 -2.45
C VAL A 31 6.84 -0.22 -1.20
N ILE A 32 6.45 1.04 -1.40
CA ILE A 32 6.00 1.98 -0.35
C ILE A 32 4.58 2.43 -0.68
N VAL A 33 3.73 2.65 0.34
CA VAL A 33 2.44 3.36 0.20
C VAL A 33 2.29 4.33 1.36
N THR A 34 1.82 5.56 1.11
CA THR A 34 1.68 6.63 2.12
C THR A 34 0.34 7.34 2.00
N LEU A 35 -0.38 7.53 3.11
CA LEU A 35 -1.66 8.27 3.18
C LEU A 35 -1.72 9.11 4.47
N GLY A 36 -1.61 10.44 4.35
CA GLY A 36 -1.64 11.35 5.49
C GLY A 36 -0.52 11.04 6.48
N THR A 37 -0.87 10.58 7.68
CA THR A 37 0.08 10.17 8.74
C THR A 37 0.52 8.70 8.67
N ILE A 38 -0.13 7.85 7.86
CA ILE A 38 0.13 6.38 7.84
C ILE A 38 0.95 5.96 6.62
N LYS A 39 1.80 4.95 6.79
CA LYS A 39 2.61 4.36 5.70
C LYS A 39 2.80 2.85 5.84
N ILE A 40 2.94 2.19 4.69
CA ILE A 40 3.10 0.74 4.49
C ILE A 40 4.49 0.43 3.90
N ASN A 41 4.95 -0.82 3.95
CA ASN A 41 5.99 -1.33 3.06
C ASN A 41 5.73 -2.80 2.62
N ALA A 42 6.31 -3.19 1.50
CA ALA A 42 6.28 -4.55 0.95
C ALA A 42 7.57 -4.84 0.11
N ASP A 43 7.74 -6.09 -0.34
CA ASP A 43 8.46 -6.41 -1.59
C ASP A 43 7.45 -6.48 -2.75
N LYS A 44 6.30 -7.14 -2.51
CA LYS A 44 5.32 -7.48 -3.55
C LYS A 44 4.01 -6.75 -3.33
N VAL A 45 3.48 -6.15 -4.39
CA VAL A 45 2.14 -5.55 -4.44
C VAL A 45 1.41 -6.02 -5.71
N VAL A 46 0.09 -6.15 -5.59
CA VAL A 46 -0.87 -6.32 -6.70
C VAL A 46 -1.95 -5.24 -6.61
N VAL A 47 -2.33 -4.68 -7.75
CA VAL A 47 -3.48 -3.77 -7.92
C VAL A 47 -4.37 -4.35 -9.00
N THR A 48 -5.56 -4.83 -8.61
CA THR A 48 -6.54 -5.38 -9.57
C THR A 48 -7.46 -4.26 -10.03
N ARG A 49 -7.55 -4.07 -11.36
CA ARG A 49 -8.26 -2.97 -12.05
C ARG A 49 -9.47 -3.48 -12.85
N PRO A 50 -10.56 -3.95 -12.21
CA PRO A 50 -11.66 -4.66 -12.87
C PRO A 50 -12.49 -3.76 -13.78
N GLY A 51 -13.16 -4.36 -14.77
CA GLY A 51 -14.11 -3.68 -15.64
C GLY A 51 -15.47 -3.48 -14.95
N GLY A 52 -15.86 -2.23 -14.75
CA GLY A 52 -17.14 -1.80 -14.18
C GLY A 52 -17.18 -0.28 -14.06
N GLU A 53 -18.36 0.31 -13.83
CA GLU A 53 -18.55 1.78 -13.80
C GLU A 53 -17.67 2.47 -12.74
N GLN A 54 -17.40 1.74 -11.65
CA GLN A 54 -16.64 2.17 -10.48
C GLN A 54 -15.14 1.85 -10.60
N GLY A 55 -14.72 1.09 -11.62
CA GLY A 55 -13.33 0.66 -11.85
C GLY A 55 -12.67 -0.10 -10.68
N LYS A 56 -13.47 -0.65 -9.76
CA LYS A 56 -13.18 -0.59 -8.31
C LYS A 56 -11.78 -1.05 -7.91
N GLU A 57 -11.03 -0.17 -7.25
CA GLU A 57 -9.64 -0.39 -6.88
C GLU A 57 -9.44 -1.34 -5.68
N VAL A 58 -8.22 -1.85 -5.52
CA VAL A 58 -7.70 -2.65 -4.39
C VAL A 58 -6.16 -2.58 -4.41
N ILE A 59 -5.47 -2.60 -3.27
CA ILE A 59 -4.00 -2.68 -3.22
C ILE A 59 -3.50 -3.63 -2.13
N ASP A 60 -3.05 -4.81 -2.55
CA ASP A 60 -2.68 -5.90 -1.65
C ASP A 60 -1.17 -6.16 -1.74
N GLY A 61 -0.48 -6.39 -0.61
CA GLY A 61 0.97 -6.56 -0.64
C GLY A 61 1.68 -6.83 0.68
N TYR A 62 2.85 -7.47 0.57
CA TYR A 62 3.60 -8.03 1.71
C TYR A 62 5.06 -8.40 1.35
N GLY A 63 5.77 -9.08 2.28
CA GLY A 63 7.21 -9.36 2.22
C GLY A 63 8.09 -8.48 3.13
N LYS A 64 7.51 -7.44 3.74
CA LYS A 64 8.14 -6.58 4.78
C LYS A 64 8.46 -7.28 6.13
N PRO A 65 7.85 -8.43 6.54
CA PRO A 65 6.45 -8.82 6.28
C PRO A 65 5.51 -7.69 6.72
N ALA A 66 4.33 -7.57 6.10
CA ALA A 66 3.61 -6.29 6.02
C ALA A 66 3.45 -5.56 7.37
N THR A 67 3.91 -4.30 7.43
CA THR A 67 3.71 -3.42 8.59
C THR A 67 3.15 -2.04 8.22
N PHE A 68 2.34 -1.49 9.14
CA PHE A 68 1.99 -0.07 9.22
C PHE A 68 3.01 0.66 10.08
N TYR A 69 3.25 1.94 9.78
CA TYR A 69 3.75 2.94 10.72
C TYR A 69 2.88 4.20 10.65
N GLN A 70 2.65 4.87 11.77
CA GLN A 70 1.99 6.17 11.85
C GLN A 70 2.84 7.20 12.61
N MET A 71 3.11 8.33 11.97
CA MET A 71 3.67 9.52 12.64
C MET A 71 2.56 10.32 13.33
N GLN A 72 2.84 10.89 14.51
CA GLN A 72 1.89 11.74 15.23
C GLN A 72 2.56 12.96 15.88
N ASP A 73 1.88 14.10 15.79
CA ASP A 73 2.26 15.37 16.39
C ASP A 73 2.43 15.25 17.92
N ASN A 74 1.38 14.75 18.59
CA ASN A 74 1.28 14.76 20.05
C ASN A 74 2.07 13.63 20.74
N GLY A 75 3.10 13.09 20.07
CA GLY A 75 3.97 12.04 20.60
C GLY A 75 3.33 10.64 20.71
N LYS A 76 2.25 10.37 19.96
CA LYS A 76 1.44 9.14 20.08
C LYS A 76 1.49 8.22 18.83
N PRO A 77 2.67 7.72 18.40
CA PRO A 77 2.78 6.89 17.20
C PRO A 77 2.18 5.49 17.39
N VAL A 78 2.06 4.75 16.27
CA VAL A 78 1.66 3.34 16.24
C VAL A 78 2.33 2.59 15.08
N GLU A 79 2.79 1.36 15.33
CA GLU A 79 3.16 0.38 14.28
C GLU A 79 2.40 -0.94 14.53
N GLY A 80 2.09 -1.67 13.47
CA GLY A 80 1.40 -2.96 13.51
C GLY A 80 1.85 -3.87 12.39
N HIS A 81 1.80 -5.19 12.58
CA HIS A 81 2.37 -6.20 11.67
C HIS A 81 1.43 -7.34 11.34
N ALA A 82 1.69 -8.03 10.23
CA ALA A 82 1.30 -9.41 9.96
C ALA A 82 2.25 -10.02 8.92
N SER A 83 2.03 -11.29 8.58
CA SER A 83 2.51 -11.88 7.34
C SER A 83 2.06 -11.08 6.11
N GLN A 84 0.76 -10.74 6.04
CA GLN A 84 0.10 -10.17 4.87
C GLN A 84 -0.67 -8.88 5.20
N MET A 85 -0.78 -7.96 4.22
CA MET A 85 -1.74 -6.85 4.24
C MET A 85 -2.55 -6.81 2.93
N HIS A 86 -3.84 -6.50 3.05
CA HIS A 86 -4.79 -6.34 1.95
C HIS A 86 -5.62 -5.04 2.13
N TYR A 87 -6.10 -4.41 1.06
CA TYR A 87 -6.77 -3.10 1.10
C TYR A 87 -7.84 -2.95 0.01
N GLU A 88 -9.11 -3.20 0.35
CA GLU A 88 -10.25 -2.98 -0.55
C GLU A 88 -10.67 -1.49 -0.66
N LEU A 89 -9.90 -0.69 -1.41
CA LEU A 89 -10.08 0.78 -1.57
C LEU A 89 -11.54 1.26 -1.72
N ALA A 90 -12.37 0.57 -2.51
CA ALA A 90 -13.77 0.95 -2.74
C ALA A 90 -14.71 0.78 -1.52
N LYS A 91 -14.19 0.29 -0.39
CA LYS A 91 -14.81 0.20 0.95
C LYS A 91 -13.93 0.89 2.03
N ASP A 92 -12.77 1.41 1.65
CA ASP A 92 -11.73 2.04 2.47
C ASP A 92 -11.42 1.30 3.80
N PHE A 93 -11.12 0.01 3.69
CA PHE A 93 -10.61 -0.83 4.79
C PHE A 93 -9.21 -1.33 4.46
N VAL A 94 -8.33 -1.33 5.45
CA VAL A 94 -7.03 -2.02 5.38
C VAL A 94 -7.01 -3.14 6.41
N VAL A 95 -6.58 -4.34 6.02
CA VAL A 95 -6.57 -5.52 6.90
C VAL A 95 -5.20 -6.20 6.94
N LEU A 96 -4.84 -6.69 8.12
CA LEU A 96 -3.67 -7.51 8.40
C LEU A 96 -4.11 -8.96 8.64
N THR A 97 -3.40 -9.93 8.05
CA THR A 97 -3.74 -11.37 8.15
C THR A 97 -2.50 -12.26 8.34
N GLY A 98 -2.57 -13.13 9.36
CA GLY A 98 -1.51 -14.05 9.78
C GLY A 98 -0.57 -13.41 10.82
N ASN A 99 -0.77 -13.76 12.10
CA ASN A 99 -0.13 -13.13 13.27
C ASN A 99 -0.24 -11.60 13.24
N ALA A 100 -1.49 -11.14 13.15
CA ALA A 100 -1.82 -9.73 13.09
C ALA A 100 -1.58 -9.03 14.44
N TYR A 101 -1.06 -7.82 14.40
CA TYR A 101 -0.61 -7.06 15.58
C TYR A 101 -0.80 -5.56 15.38
N LEU A 102 -1.04 -4.83 16.47
CA LEU A 102 -0.98 -3.37 16.51
C LEU A 102 -0.48 -2.91 17.89
N GLN A 103 0.44 -1.95 17.94
CA GLN A 103 0.92 -1.33 19.18
C GLN A 103 0.96 0.21 19.08
N GLN A 104 -0.01 0.84 19.73
CA GLN A 104 -0.05 2.26 20.06
C GLN A 104 0.72 2.50 21.37
N VAL A 105 1.03 3.77 21.68
CA VAL A 105 1.47 4.15 23.04
C VAL A 105 0.40 3.87 24.12
N ASP A 106 -0.89 3.89 23.76
CA ASP A 106 -2.01 3.68 24.68
C ASP A 106 -2.41 2.21 24.87
N SER A 107 -2.09 1.31 23.93
CA SER A 107 -2.58 -0.08 23.90
C SER A 107 -1.85 -0.92 22.85
N ASN A 108 -1.81 -2.24 23.04
CA ASN A 108 -1.43 -3.19 22.00
C ASN A 108 -2.42 -4.38 21.94
N ILE A 109 -2.58 -4.96 20.75
CA ILE A 109 -3.47 -6.09 20.48
C ILE A 109 -2.82 -7.04 19.45
N LYS A 110 -3.01 -8.36 19.62
CA LYS A 110 -2.41 -9.40 18.76
C LYS A 110 -3.39 -10.56 18.53
N GLY A 111 -3.35 -11.18 17.35
CA GLY A 111 -4.25 -12.29 16.99
C GLY A 111 -4.01 -12.84 15.57
N ASP A 112 -5.05 -13.41 14.97
CA ASP A 112 -5.04 -13.97 13.61
C ASP A 112 -5.15 -12.89 12.52
N LYS A 113 -6.04 -11.90 12.74
CA LYS A 113 -6.49 -10.90 11.77
C LYS A 113 -6.89 -9.60 12.48
N ILE A 114 -6.50 -8.45 11.94
CA ILE A 114 -6.86 -7.12 12.46
C ILE A 114 -7.28 -6.20 11.31
N THR A 115 -8.41 -5.49 11.48
CA THR A 115 -8.82 -4.33 10.68
C THR A 115 -8.16 -3.07 11.23
N TYR A 116 -7.50 -2.27 10.40
CA TYR A 116 -6.85 -1.02 10.82
C TYR A 116 -7.82 0.17 10.77
N LEU A 117 -7.84 0.95 11.85
CA LEU A 117 -8.67 2.16 11.99
C LEU A 117 -7.78 3.34 12.40
N VAL A 118 -8.15 4.55 11.98
CA VAL A 118 -7.43 5.79 12.34
C VAL A 118 -8.25 6.74 13.19
NT1 EU0 B 1 -9.15 9.16 -11.75
CT EU0 B 1 -8.08 9.72 -12.17
NT2 EU0 B 1 -8.17 10.86 -12.75
N EU0 B 1 -6.95 9.11 -12.00
CA EU0 B 1 -5.62 9.46 -12.57
CB EU0 B 1 -4.77 10.25 -11.53
CG1 EU0 B 1 -5.43 11.56 -11.07
CG2 EU0 B 1 -4.46 9.42 -10.27
C EU0 B 1 -4.93 8.18 -13.08
O EU0 B 1 -5.32 7.09 -12.66
HT12 EU0 B 1 -9.11 8.26 -11.27
HT22 EU0 B 1 -9.08 11.31 -12.87
HT21 EU0 B 1 -7.32 11.38 -12.96
H EU0 B 1 -6.96 8.18 -11.57
HA EU0 B 1 -5.75 10.11 -13.43
HB EU0 B 1 -3.83 10.50 -12.02
HG11 EU0 B 1 -5.58 12.23 -11.92
HG13 EU0 B 1 -4.75 12.09 -10.39
HG12 EU0 B 1 -6.36 11.39 -10.55
HG23 EU0 B 1 -5.37 9.13 -9.75
HG22 EU0 B 1 -3.84 10.01 -9.60
HG21 EU0 B 1 -3.90 8.51 -10.53
HT11 EU0 B 1 -10.06 9.62 -11.88
N HYP B 2 -3.92 8.23 -13.97
CA HYP B 2 -3.22 7.02 -14.41
C HYP B 2 -2.52 6.35 -13.21
O HYP B 2 -2.00 7.07 -12.35
CB HYP B 2 -2.22 7.46 -15.49
CG HYP B 2 -2.63 8.89 -15.87
CD HYP B 2 -3.33 9.40 -14.60
OD1 HYP B 2 -3.55 8.88 -16.94
HA HYP B 2 -3.93 6.33 -14.84
HB2 HYP B 2 -1.20 7.49 -15.09
HB3 HYP B 2 -2.24 6.80 -16.35
HG HYP B 2 -1.77 9.50 -16.12
HD22 HYP B 2 -2.58 9.84 -13.93
HD23 HYP B 2 -4.08 10.15 -14.86
HD1 HYP B 2 -3.56 9.76 -17.33
N ILE B 3 -2.44 5.03 -13.17
CA ILE B 3 -1.69 4.32 -12.12
C ILE B 3 -0.21 4.64 -12.31
N THR B 4 0.33 5.52 -11.46
CA THR B 4 1.61 6.20 -11.72
C THR B 4 2.55 6.01 -10.54
N TYR B 5 3.77 5.56 -10.83
CA TYR B 5 4.76 5.16 -9.85
C TYR B 5 6.17 5.45 -10.38
O LE1 B 6 9.37 3.70 -8.64
C LE1 B 6 9.49 4.38 -9.66
CA LE1 B 6 8.59 5.61 -9.93
N LE1 B 6 7.18 5.37 -9.54
CB LE1 B 6 9.10 6.97 -9.37
C9 LE1 B 6 10.56 7.26 -9.76
C8 LE1 B 6 9.08 7.00 -7.84
SG LE1 B 6 7.98 8.33 -9.94
HA LE1 B 6 8.61 5.71 -11.01
H LE1 B 6 6.98 5.21 -8.54
H9 LE1 B 6 11.20 6.50 -9.34
H9A LE1 B 6 10.87 8.23 -9.37
H9B LE1 B 6 10.67 7.25 -10.83
H8 LE1 B 6 8.08 6.81 -7.47
H8A LE1 B 6 9.39 7.98 -7.48
H8B LE1 B 6 9.76 6.25 -7.45
N ASN B 7 10.40 4.04 -10.59
CA ASN B 7 11.28 2.89 -10.43
C ASN B 7 12.44 3.20 -9.49
N ARG B 8 12.56 2.50 -8.35
CA ARG B 8 13.73 2.57 -7.47
C ARG B 8 15.02 2.22 -8.22
N DAB B 9 14.96 1.30 -9.18
CA DAB B 9 16.15 0.85 -9.91
C DAB B 9 16.83 1.91 -10.82
O DAB B 9 17.90 1.65 -11.36
CB DAB B 9 15.77 -0.38 -10.75
CG DAB B 9 17.00 -1.29 -10.97
ND DAB B 9 17.17 -2.19 -9.82
H DAB B 9 14.11 0.77 -9.26
HA DAB B 9 16.89 0.56 -9.16
HB2 DAB B 9 14.99 -0.96 -10.27
HB3 DAB B 9 15.40 -0.05 -11.72
HG2 DAB B 9 16.85 -1.88 -11.88
HG3 DAB B 9 17.89 -0.66 -11.10
HD1 DAB B 9 17.06 -1.72 -8.92
HD2 DAB B 9 18.01 -2.75 -9.83
HD3 DAB B 9 16.35 -2.80 -9.71
N THR B 10 16.17 3.05 -11.08
CA THR B 10 16.65 4.13 -11.98
C THR B 10 16.32 5.54 -11.49
N 4FO B 11 15.37 5.68 -10.54
CA 4FO B 11 14.79 6.98 -10.19
C 4FO B 11 13.80 7.52 -11.24
O 4FO B 11 13.30 8.64 -11.06
CB 4FO B 11 14.13 6.88 -8.80
CG 4FO B 11 15.05 6.33 -7.70
NZ 4FO B 11 14.38 6.47 -6.38
H 4FO B 11 14.87 4.86 -10.25
HA 4FO B 11 15.60 7.71 -10.12
HB2 4FO B 11 13.27 6.23 -8.86
HB3 4FO B 11 13.79 7.87 -8.51
HG3 4FO B 11 15.28 5.28 -7.92
HG2 4FO B 11 15.98 6.90 -7.72
HZ3 4FO B 11 14.07 7.40 -6.20
HZ2 4FO B 11 14.98 6.15 -5.63
HZ1 4FO B 11 13.56 5.86 -6.29
N LYS B 12 13.49 6.79 -12.32
CA LYS B 12 12.66 7.25 -13.44
C LYS B 12 11.20 6.79 -13.31
N CYS B 13 10.29 7.69 -13.66
CA CYS B 13 8.86 7.53 -13.39
C CYS B 13 8.08 6.89 -14.54
N DAB B 14 6.93 6.30 -14.23
CA DAB B 14 6.08 5.54 -15.13
C DAB B 14 4.59 5.72 -14.81
O DAB B 14 4.17 5.45 -13.69
CB DAB B 14 6.46 4.05 -14.97
CG DAB B 14 7.79 3.73 -15.65
ND DAB B 14 8.24 2.38 -15.25
H DAB B 14 6.64 6.30 -13.24
HA DAB B 14 6.25 5.85 -16.16
HB2 DAB B 14 6.52 3.82 -13.90
HB3 DAB B 14 5.68 3.44 -15.41
HG2 DAB B 14 7.63 3.78 -16.73
HG3 DAB B 14 8.55 4.46 -15.37
HD1 DAB B 14 9.04 2.09 -15.78
HD2 DAB B 14 7.50 1.68 -15.33
HD3 DAB B 14 8.54 2.36 -14.27
N ARG B 15 3.78 6.03 -15.82
CA ARG B 15 2.36 5.66 -15.83
C ARG B 15 2.18 4.23 -16.37
N TYR B 16 1.14 3.57 -15.91
CA TYR B 16 0.46 2.45 -16.57
C TYR B 16 -0.41 2.97 -17.71
N VAL A 1 8.06 18.64 -21.98
CA VAL A 1 7.57 17.82 -20.84
C VAL A 1 6.46 18.60 -20.16
N THR A 2 5.38 17.93 -19.73
CA THR A 2 4.10 18.58 -19.37
C THR A 2 4.04 19.13 -17.95
N GLY A 3 4.85 18.60 -17.02
CA GLY A 3 4.60 18.72 -15.57
C GLY A 3 3.55 17.72 -15.09
N ASP A 4 3.17 17.82 -13.82
CA ASP A 4 2.20 16.95 -13.15
C ASP A 4 1.06 17.75 -12.48
N THR A 5 -0.06 17.08 -12.21
CA THR A 5 -1.32 17.69 -11.76
C THR A 5 -1.62 17.41 -10.29
N ASP A 6 -1.48 16.16 -9.87
CA ASP A 6 -1.86 15.67 -8.56
C ASP A 6 -1.05 14.42 -8.16
N GLN A 7 -0.80 14.24 -6.87
CA GLN A 7 -0.14 13.05 -6.29
C GLN A 7 -0.73 12.71 -4.89
N PRO A 8 -2.03 12.37 -4.78
CA PRO A 8 -2.68 12.09 -3.49
C PRO A 8 -2.25 10.77 -2.83
N ILE A 9 -1.58 9.90 -3.59
CA ILE A 9 -0.84 8.71 -3.14
C ILE A 9 0.52 8.78 -3.86
N HIS A 10 1.61 8.36 -3.22
CA HIS A 10 2.93 8.24 -3.85
C HIS A 10 3.55 6.87 -3.57
N ILE A 11 4.31 6.34 -4.54
CA ILE A 11 4.80 4.95 -4.57
C ILE A 11 6.21 4.87 -5.17
N GLU A 12 7.13 4.12 -4.55
CA GLU A 12 8.31 3.55 -5.22
C GLU A 12 8.34 2.02 -5.06
N SER A 13 8.50 1.29 -6.17
CA SER A 13 8.83 -0.15 -6.17
C SER A 13 10.29 -0.42 -6.57
N ASP A 14 10.80 -1.63 -6.33
CA ASP A 14 12.08 -2.07 -6.91
C ASP A 14 11.93 -2.63 -8.33
N GLN A 15 10.99 -3.55 -8.54
CA GLN A 15 10.61 -4.02 -9.89
C GLN A 15 9.22 -3.50 -10.29
N GLN A 16 8.99 -3.33 -11.58
CA GLN A 16 7.71 -2.92 -12.18
C GLN A 16 7.53 -3.53 -13.57
N SER A 17 6.32 -3.96 -13.92
CA SER A 17 5.97 -4.44 -15.26
C SER A 17 4.48 -4.23 -15.57
N LEU A 18 4.15 -3.89 -16.81
CA LEU A 18 2.81 -3.66 -17.34
C LEU A 18 2.72 -4.20 -18.78
N ASP A 19 1.53 -4.60 -19.20
CA ASP A 19 1.21 -4.93 -20.60
C ASP A 19 0.76 -3.68 -21.40
N MET A 20 0.69 -3.76 -22.73
CA MET A 20 0.11 -2.75 -23.62
C MET A 20 -1.36 -2.40 -23.27
N GLN A 21 -2.13 -3.32 -22.67
CA GLN A 21 -3.47 -3.03 -22.15
C GLN A 21 -3.47 -2.10 -20.91
N GLY A 22 -2.33 -1.95 -20.21
CA GLY A 22 -2.23 -1.38 -18.86
C GLY A 22 -2.90 -2.23 -17.76
N ASN A 23 -3.48 -3.38 -18.12
CA ASN A 23 -4.55 -4.04 -17.39
C ASN A 23 -4.12 -5.39 -16.77
N VAL A 24 -2.87 -5.44 -16.32
CA VAL A 24 -2.18 -6.40 -15.43
C VAL A 24 -0.95 -5.69 -14.85
N VAL A 25 -0.46 -6.07 -13.66
CA VAL A 25 0.79 -5.52 -13.08
C VAL A 25 1.54 -6.56 -12.25
N THR A 26 2.87 -6.35 -12.13
CA THR A 26 3.71 -6.93 -11.07
C THR A 26 4.59 -5.85 -10.45
N PHE A 27 4.60 -5.76 -9.12
CA PHE A 27 5.65 -5.09 -8.33
C PHE A 27 6.22 -6.09 -7.30
N THR A 28 7.54 -6.16 -7.16
CA THR A 28 8.28 -7.13 -6.31
C THR A 28 9.61 -6.55 -5.80
N GLY A 29 10.24 -7.27 -4.85
CA GLY A 29 11.54 -6.96 -4.25
C GLY A 29 11.44 -5.87 -3.17
N ASN A 30 10.97 -4.69 -3.55
CA ASN A 30 10.46 -3.68 -2.64
C ASN A 30 9.18 -3.08 -3.22
N VAL A 31 8.25 -2.68 -2.35
CA VAL A 31 7.33 -1.56 -2.61
C VAL A 31 7.15 -0.73 -1.34
N ILE A 32 7.13 0.58 -1.50
CA ILE A 32 6.72 1.55 -0.46
C ILE A 32 5.56 2.36 -1.03
N VAL A 33 4.46 2.44 -0.29
CA VAL A 33 3.26 3.23 -0.62
C VAL A 33 2.98 4.19 0.53
N THR A 34 2.75 5.47 0.25
CA THR A 34 2.43 6.51 1.25
C THR A 34 1.16 7.27 0.88
N LEU A 35 0.23 7.41 1.83
CA LEU A 35 -1.01 8.17 1.67
C LEU A 35 -1.50 8.76 3.00
N GLY A 36 -1.78 10.06 3.03
CA GLY A 36 -2.19 10.76 4.25
C GLY A 36 -1.24 10.52 5.42
N THR A 37 -1.78 10.03 6.55
CA THR A 37 -1.01 9.71 7.77
C THR A 37 -0.36 8.32 7.78
N ILE A 38 -0.62 7.46 6.77
CA ILE A 38 -0.24 6.04 6.78
C ILE A 38 0.76 5.66 5.67
N LYS A 39 1.42 4.52 5.85
CA LYS A 39 2.15 3.84 4.79
C LYS A 39 1.91 2.33 4.77
N ILE A 40 2.15 1.73 3.62
CA ILE A 40 2.31 0.28 3.43
C ILE A 40 3.75 0.03 2.95
N ASN A 41 4.35 -1.07 3.37
CA ASN A 41 5.68 -1.49 2.92
C ASN A 41 5.69 -3.00 2.64
N ALA A 42 6.25 -3.40 1.51
CA ALA A 42 6.22 -4.78 1.04
C ALA A 42 7.52 -5.18 0.30
N ASP A 43 7.64 -6.48 0.01
CA ASP A 43 8.35 -6.94 -1.19
C ASP A 43 7.43 -6.73 -2.41
N LYS A 44 6.23 -7.32 -2.36
CA LYS A 44 5.25 -7.39 -3.45
C LYS A 44 4.07 -6.44 -3.24
N VAL A 45 3.58 -5.87 -4.34
CA VAL A 45 2.20 -5.34 -4.47
C VAL A 45 1.65 -5.75 -5.84
N VAL A 46 0.38 -6.13 -5.90
CA VAL A 46 -0.42 -6.18 -7.13
C VAL A 46 -1.65 -5.28 -6.98
N VAL A 47 -2.12 -4.75 -8.11
CA VAL A 47 -3.19 -3.74 -8.23
C VAL A 47 -4.35 -4.34 -9.02
N THR A 48 -5.57 -3.83 -8.84
CA THR A 48 -6.74 -4.38 -9.53
C THR A 48 -6.70 -4.17 -11.04
N ARG A 49 -7.47 -5.00 -11.76
CA ARG A 49 -7.49 -5.02 -13.23
C ARG A 49 -8.93 -5.00 -13.79
N PRO A 50 -9.52 -3.80 -14.02
CA PRO A 50 -10.94 -3.64 -14.34
C PRO A 50 -11.29 -3.93 -15.81
N GLY A 51 -12.57 -3.81 -16.17
CA GLY A 51 -13.00 -3.50 -17.54
C GLY A 51 -12.88 -2.00 -17.83
N GLY A 52 -13.60 -1.20 -17.04
CA GLY A 52 -13.54 0.27 -16.98
C GLY A 52 -14.05 0.85 -15.65
N GLU A 53 -14.04 0.05 -14.58
CA GLU A 53 -14.61 0.39 -13.26
C GLU A 53 -13.71 1.35 -12.46
N GLN A 54 -13.48 2.57 -12.96
CA GLN A 54 -12.56 3.57 -12.38
C GLN A 54 -12.95 4.09 -10.98
N GLY A 55 -14.00 3.54 -10.35
CA GLY A 55 -14.42 3.76 -8.96
C GLY A 55 -14.10 2.59 -8.02
N LYS A 56 -13.19 1.68 -8.40
CA LYS A 56 -12.77 0.50 -7.63
C LYS A 56 -11.25 0.33 -7.72
N GLU A 57 -10.61 0.06 -6.58
CA GLU A 57 -9.20 -0.35 -6.52
C GLU A 57 -8.98 -1.23 -5.26
N VAL A 58 -8.09 -2.22 -5.32
CA VAL A 58 -7.83 -3.17 -4.24
C VAL A 58 -6.42 -3.77 -4.39
N ILE A 59 -5.65 -3.80 -3.30
CA ILE A 59 -4.22 -4.15 -3.30
C ILE A 59 -3.85 -5.13 -2.17
N ASP A 60 -2.76 -5.87 -2.39
CA ASP A 60 -2.06 -6.66 -1.36
C ASP A 60 -0.67 -6.07 -1.05
N GLY A 61 -0.15 -6.33 0.14
CA GLY A 61 1.21 -5.96 0.54
C GLY A 61 1.78 -6.91 1.58
N TYR A 62 2.86 -7.64 1.25
CA TYR A 62 3.50 -8.59 2.18
C TYR A 62 4.96 -8.88 1.85
N GLY A 63 5.56 -9.90 2.50
CA GLY A 63 6.96 -10.32 2.31
C GLY A 63 8.00 -9.51 3.08
N LYS A 64 7.72 -8.22 3.34
CA LYS A 64 8.60 -7.30 4.09
C LYS A 64 8.95 -7.71 5.55
N PRO A 65 8.20 -8.53 6.33
CA PRO A 65 6.77 -8.85 6.23
C PRO A 65 5.90 -7.59 6.43
N ALA A 66 4.57 -7.71 6.46
CA ALA A 66 3.66 -6.57 6.36
C ALA A 66 3.67 -5.69 7.62
N THR A 67 4.57 -4.70 7.65
CA THR A 67 4.70 -3.68 8.72
C THR A 67 3.78 -2.49 8.44
N PHE A 68 3.02 -2.07 9.45
CA PHE A 68 2.12 -0.93 9.41
C PHE A 68 2.66 0.24 10.23
N TYR A 69 2.35 1.47 9.81
CA TYR A 69 2.53 2.67 10.64
C TYR A 69 1.50 3.75 10.31
N GLN A 70 1.05 4.46 11.34
CA GLN A 70 0.37 5.76 11.27
C GLN A 70 1.01 6.75 12.25
N MET A 71 1.19 8.00 11.81
CA MET A 71 1.36 9.15 12.71
C MET A 71 0.02 9.87 12.87
N GLN A 72 -0.59 9.82 14.05
CA GLN A 72 -1.75 10.65 14.37
C GLN A 72 -1.25 11.96 15.00
N ASP A 73 -1.55 13.09 14.34
CA ASP A 73 -1.03 14.42 14.66
C ASP A 73 -1.30 14.84 16.12
N ASN A 74 -2.41 14.34 16.69
CA ASN A 74 -2.77 14.39 18.11
C ASN A 74 -1.88 13.47 18.98
N GLY A 75 -0.56 13.65 18.91
CA GLY A 75 0.45 13.07 19.81
C GLY A 75 0.59 11.55 19.78
N LYS A 76 0.11 10.85 18.75
CA LYS A 76 -0.16 9.41 18.79
C LYS A 76 0.48 8.64 17.61
N PRO A 77 1.70 8.10 17.77
CA PRO A 77 2.17 7.02 16.90
C PRO A 77 1.32 5.76 17.07
N VAL A 78 1.08 5.06 15.95
CA VAL A 78 0.47 3.73 15.88
C VAL A 78 1.29 2.88 14.92
N GLU A 79 1.57 1.64 15.29
CA GLU A 79 2.41 0.71 14.53
C GLU A 79 1.79 -0.69 14.54
N GLY A 80 2.21 -1.58 13.64
CA GLY A 80 1.82 -2.99 13.67
C GLY A 80 2.63 -3.87 12.74
N HIS A 81 2.41 -5.18 12.81
CA HIS A 81 2.98 -6.15 11.88
C HIS A 81 2.05 -7.34 11.63
N ALA A 82 2.20 -8.00 10.48
CA ALA A 82 1.54 -9.25 10.13
C ALA A 82 2.29 -10.01 9.01
N SER A 83 1.86 -11.23 8.73
CA SER A 83 2.26 -12.00 7.54
C SER A 83 1.72 -11.38 6.24
N GLN A 84 0.63 -10.61 6.29
CA GLN A 84 -0.05 -9.99 5.15
C GLN A 84 -0.70 -8.65 5.54
N MET A 85 -0.80 -7.72 4.58
CA MET A 85 -1.68 -6.55 4.62
C MET A 85 -2.52 -6.45 3.34
N HIS A 86 -3.76 -5.99 3.47
CA HIS A 86 -4.71 -5.80 2.38
C HIS A 86 -5.40 -4.43 2.51
N TYR A 87 -5.65 -3.78 1.37
CA TYR A 87 -6.27 -2.44 1.31
C TYR A 87 -7.21 -2.29 0.11
N GLU A 88 -8.22 -1.43 0.23
CA GLU A 88 -9.48 -1.48 -0.54
C GLU A 88 -10.06 -0.06 -0.67
N LEU A 89 -10.11 0.49 -1.88
CA LEU A 89 -10.47 1.89 -2.18
C LEU A 89 -11.99 2.11 -2.27
N ALA A 90 -12.72 1.46 -1.38
CA ALA A 90 -14.17 1.55 -1.21
C ALA A 90 -14.58 1.21 0.25
N LYS A 91 -13.63 1.32 1.19
CA LYS A 91 -13.70 0.65 2.51
C LYS A 91 -12.63 1.20 3.46
N ASP A 92 -11.40 1.33 2.98
CA ASP A 92 -10.28 2.17 3.46
C ASP A 92 -9.81 1.98 4.92
N PHE A 93 -10.43 1.08 5.68
CA PHE A 93 -9.88 0.50 6.90
C PHE A 93 -8.82 -0.54 6.55
N VAL A 94 -7.61 -0.38 7.09
CA VAL A 94 -6.45 -1.22 6.76
C VAL A 94 -6.62 -2.61 7.37
N VAL A 95 -6.38 -3.68 6.60
CA VAL A 95 -6.54 -5.06 7.10
C VAL A 95 -5.18 -5.75 7.21
N LEU A 96 -4.91 -6.35 8.36
CA LEU A 96 -3.74 -7.17 8.67
C LEU A 96 -4.19 -8.62 8.87
N THR A 97 -3.51 -9.59 8.23
CA THR A 97 -3.84 -11.02 8.33
C THR A 97 -2.61 -11.91 8.47
N GLY A 98 -2.75 -12.99 9.25
CA GLY A 98 -1.70 -13.90 9.66
C GLY A 98 -0.81 -13.28 10.75
N ASN A 99 -0.93 -13.75 11.99
CA ASN A 99 -0.14 -13.29 13.15
C ASN A 99 -0.13 -11.75 13.31
N ALA A 100 -1.30 -11.14 13.25
CA ALA A 100 -1.45 -9.68 13.25
C ALA A 100 -1.27 -9.06 14.65
N TYR A 101 -0.43 -8.02 14.72
CA TYR A 101 -0.09 -7.26 15.93
C TYR A 101 -0.31 -5.75 15.66
N LEU A 102 -0.80 -5.02 16.66
CA LEU A 102 -0.89 -3.55 16.66
C LEU A 102 -0.36 -2.99 17.99
N GLN A 103 0.36 -1.88 17.96
CA GLN A 103 0.82 -1.17 19.16
C GLN A 103 0.72 0.36 19.03
N GLN A 104 0.54 1.02 20.17
CA GLN A 104 0.17 2.44 20.32
C GLN A 104 0.84 3.05 21.56
N VAL A 105 0.54 4.31 21.87
CA VAL A 105 0.92 4.98 23.13
C VAL A 105 0.46 4.20 24.36
N ASP A 106 -0.80 3.74 24.38
CA ASP A 106 -1.33 2.76 25.36
C ASP A 106 -2.59 2.07 24.80
N SER A 107 -2.39 1.10 23.89
CA SER A 107 -3.42 0.15 23.41
C SER A 107 -2.79 -0.84 22.42
N ASN A 108 -2.26 -1.96 22.93
CA ASN A 108 -1.56 -2.97 22.13
C ASN A 108 -2.36 -4.28 22.08
N ILE A 109 -2.44 -4.92 20.90
CA ILE A 109 -3.25 -6.13 20.66
C ILE A 109 -2.57 -7.08 19.66
N LYS A 110 -2.81 -8.39 19.81
CA LYS A 110 -2.25 -9.44 18.95
C LYS A 110 -3.29 -10.52 18.66
N GLY A 111 -3.76 -10.58 17.42
CA GLY A 111 -4.66 -11.61 16.88
C GLY A 111 -4.00 -12.46 15.80
N ASP A 112 -4.81 -13.20 15.05
CA ASP A 112 -4.46 -13.74 13.73
C ASP A 112 -4.94 -12.79 12.60
N LYS A 113 -5.90 -11.91 12.91
CA LYS A 113 -6.51 -10.89 12.05
C LYS A 113 -6.62 -9.58 12.84
N ILE A 114 -6.30 -8.43 12.23
CA ILE A 114 -6.64 -7.10 12.76
C ILE A 114 -7.20 -6.24 11.61
N THR A 115 -8.46 -5.84 11.73
CA THR A 115 -9.08 -4.79 10.90
C THR A 115 -8.89 -3.45 11.61
N TYR A 116 -7.92 -2.65 11.16
CA TYR A 116 -7.58 -1.37 11.80
C TYR A 116 -8.62 -0.30 11.42
N LEU A 117 -9.60 -0.11 12.32
CA LEU A 117 -10.73 0.80 12.18
C LEU A 117 -10.35 2.29 12.42
N VAL A 118 -9.27 2.72 11.79
CA VAL A 118 -8.51 3.98 12.01
C VAL A 118 -9.19 5.09 12.82
NT1 EU0 B 1 -10.40 9.56 -10.44
CT EU0 B 1 -9.32 10.19 -10.70
NT2 EU0 B 1 -9.41 11.36 -11.24
N EU0 B 1 -8.18 9.65 -10.43
CA EU0 B 1 -6.83 10.12 -10.83
CB EU0 B 1 -6.13 10.91 -9.68
CG1 EU0 B 1 -6.91 12.17 -9.26
CG2 EU0 B 1 -5.87 10.06 -8.43
C EU0 B 1 -5.97 8.95 -11.31
O EU0 B 1 -6.24 7.81 -10.90
HT12 EU0 B 1 -10.36 8.62 -10.04
HT22 EU0 B 1 -10.32 11.78 -11.42
HT21 EU0 B 1 -8.56 11.93 -11.31
H EU0 B 1 -8.17 8.71 -10.01
HA EU0 B 1 -6.92 10.81 -11.65
HB EU0 B 1 -5.16 11.23 -10.07
HG11 EU0 B 1 -6.35 12.70 -8.48
HG13 EU0 B 1 -7.89 11.93 -8.86
HG12 EU0 B 1 -7.00 12.86 -10.11
HG23 EU0 B 1 -6.80 9.76 -7.95
HG22 EU0 B 1 -5.28 10.65 -7.72
HG21 EU0 B 1 -5.29 9.18 -8.68
HT11 EU0 B 1 -11.31 9.97 -10.64
N HYP B 2 -4.97 9.13 -12.20
CA HYP B 2 -4.16 8.01 -12.70
C HYP B 2 -3.30 7.39 -11.59
O HYP B 2 -2.57 8.12 -10.90
CB HYP B 2 -3.31 8.57 -13.84
CG HYP B 2 -4.05 9.83 -14.26
CD HYP B 2 -4.62 10.33 -12.94
OD1 HYP B 2 -5.09 9.54 -15.16
HA HYP B 2 -4.84 7.24 -13.10
HB2 HYP B 2 -2.32 8.84 -13.48
HB3 HYP B 2 -3.22 7.85 -14.67
HG HYP B 2 -3.36 10.57 -14.70
HD22 HYP B 2 -3.87 10.89 -12.39
HD23 HYP B 2 -5.49 10.97 -13.13
HD1 HYP B 2 -4.71 9.13 -15.94
N ILE B 3 -3.31 6.06 -11.46
CA ILE B 3 -2.40 5.36 -10.56
C ILE B 3 -0.97 5.65 -11.05
N THR B 4 -0.16 6.27 -10.20
CA THR B 4 1.14 6.85 -10.56
C THR B 4 2.20 6.37 -9.58
N TYR B 5 3.36 5.96 -10.09
CA TYR B 5 4.45 5.40 -9.29
C TYR B 5 5.82 5.71 -9.89
O LE1 B 6 8.26 3.67 -8.57
C LE1 B 6 8.91 4.58 -9.12
CA LE1 B 6 8.22 5.94 -9.44
N LE1 B 6 6.81 5.89 -9.05
CB LE1 B 6 8.87 7.24 -8.88
C9 LE1 B 6 10.33 7.44 -9.34
C8 LE1 B 6 8.87 7.30 -7.35
SG LE1 B 6 7.88 8.70 -9.44
HA LE1 B 6 8.28 6.03 -10.51
H LE1 B 6 6.62 5.78 -8.06
H9 LE1 B 6 10.43 7.25 -10.40
H9A LE1 B 6 10.97 6.78 -8.78
H9B LE1 B 6 10.64 8.47 -9.13
H8 LE1 B 6 7.85 7.31 -6.98
H8A LE1 B 6 9.37 8.19 -6.99
H8B LE1 B 6 9.38 6.42 -6.95
N ASN B 7 10.12 4.32 -9.60
CA ASN B 7 10.76 3.00 -9.43
C ASN B 7 12.27 3.09 -9.20
N ARG B 8 12.75 2.25 -8.27
CA ARG B 8 14.12 2.13 -7.72
C ARG B 8 15.12 1.47 -8.68
N DAB B 9 14.72 1.14 -9.90
CA DAB B 9 15.61 0.70 -10.98
C DAB B 9 15.49 1.61 -12.24
O DAB B 9 16.31 1.47 -13.15
CB DAB B 9 15.35 -0.78 -11.31
CG DAB B 9 15.94 -1.79 -10.30
ND DAB B 9 15.31 -1.65 -8.99
H DAB B 9 13.73 1.25 -10.11
HA DAB B 9 16.65 0.80 -10.66
HB2 DAB B 9 14.28 -0.95 -11.40
HB3 DAB B 9 15.81 -1.00 -12.27
HG2 DAB B 9 15.75 -2.79 -10.69
HG3 DAB B 9 17.03 -1.65 -10.23
HD1 DAB B 9 15.57 -0.78 -8.53
HD2 DAB B 9 15.54 -2.42 -8.34
HD3 DAB B 9 14.31 -1.71 -9.07
N THR B 10 14.54 2.54 -12.29
CA THR B 10 14.39 3.50 -13.40
C THR B 10 14.72 4.94 -13.01
N 4FO B 11 14.30 5.40 -11.82
CA 4FO B 11 14.24 6.81 -11.39
C 4FO B 11 13.24 7.67 -12.22
O 4FO B 11 12.54 8.53 -11.67
CB 4FO B 11 13.86 6.86 -9.89
CG 4FO B 11 14.70 6.08 -8.88
NZ 4FO B 11 14.10 6.24 -7.54
H 4FO B 11 13.77 4.72 -11.27
HA 4FO B 11 15.23 7.25 -11.52
HB2 4FO B 11 12.85 6.47 -9.82
HB3 4FO B 11 13.84 7.90 -9.58
HG3 4FO B 11 14.72 5.03 -9.16
HG2 4FO B 11 15.73 6.46 -8.88
HZ3 4FO B 11 14.07 7.19 -7.20
HZ2 4FO B 11 14.45 5.63 -6.81
HZ1 4FO B 11 13.12 5.90 -7.53
N LYS B 12 13.05 7.38 -13.51
CA LYS B 12 11.97 7.90 -14.37
C LYS B 12 10.67 7.13 -14.14
N CYS B 13 9.61 7.85 -13.79
CA CYS B 13 8.37 7.31 -13.21
C CYS B 13 7.44 6.64 -14.23
N DAB B 14 6.26 6.22 -13.81
CA DAB B 14 5.18 5.75 -14.68
C DAB B 14 3.79 6.25 -14.18
O DAB B 14 3.56 6.40 -12.98
CB DAB B 14 5.16 4.21 -14.73
CG DAB B 14 6.44 3.47 -14.41
ND DAB B 14 7.49 3.63 -15.43
H DAB B 14 6.04 6.30 -12.82
HA DAB B 14 5.33 6.14 -15.68
HB2 DAB B 14 4.43 3.87 -14.00
HB3 DAB B 14 4.77 3.89 -15.71
HG2 DAB B 14 6.82 3.81 -13.44
HG3 DAB B 14 6.21 2.40 -14.33
HD1 DAB B 14 7.79 4.61 -15.49
HD2 DAB B 14 7.16 3.31 -16.33
HD3 DAB B 14 8.26 3.02 -15.16
N ARG B 15 2.84 6.31 -15.11
CA ARG B 15 1.39 6.23 -14.83
C ARG B 15 0.84 4.92 -15.42
N TYR B 16 -0.37 4.53 -15.04
CA TYR B 16 -1.17 3.51 -15.74
C TYR B 16 -1.84 4.09 -16.99
N VAL A 1 9.79 20.20 1.58
CA VAL A 1 8.41 19.90 2.02
C VAL A 1 7.61 19.40 0.81
N THR A 2 6.40 18.91 1.02
CA THR A 2 5.47 18.54 -0.05
C THR A 2 4.63 19.76 -0.49
N GLY A 3 3.54 19.57 -1.24
CA GLY A 3 2.74 20.65 -1.84
C GLY A 3 1.40 20.14 -2.37
N ASP A 4 0.67 19.43 -1.52
CA ASP A 4 -0.30 18.41 -1.96
C ASP A 4 -1.72 18.97 -2.16
N THR A 5 -2.31 18.68 -3.32
CA THR A 5 -3.70 19.03 -3.66
C THR A 5 -4.52 17.78 -4.00
N ASP A 6 -4.19 17.12 -5.10
CA ASP A 6 -5.02 16.08 -5.74
C ASP A 6 -4.76 14.68 -5.14
N GLN A 7 -4.73 14.61 -3.81
CA GLN A 7 -4.46 13.41 -2.99
C GLN A 7 -3.31 12.50 -3.49
N PRO A 8 -2.10 13.05 -3.79
CA PRO A 8 -1.03 12.30 -4.46
C PRO A 8 -0.49 11.14 -3.60
N ILE A 9 -0.83 9.91 -3.99
CA ILE A 9 -0.22 8.68 -3.46
C ILE A 9 1.15 8.49 -4.13
N HIS A 10 2.25 8.49 -3.36
CA HIS A 10 3.56 8.14 -3.89
C HIS A 10 3.72 6.62 -3.98
N ILE A 11 4.09 6.12 -5.17
CA ILE A 11 4.42 4.71 -5.42
C ILE A 11 5.68 4.61 -6.28
N GLU A 12 6.67 3.85 -5.82
CA GLU A 12 7.91 3.45 -6.52
C GLU A 12 8.11 1.94 -6.35
N SER A 13 8.67 1.26 -7.35
CA SER A 13 9.08 -0.15 -7.29
C SER A 13 10.08 -0.50 -8.40
N ASP A 14 11.14 -1.24 -8.05
CA ASP A 14 12.26 -1.50 -8.97
C ASP A 14 11.92 -2.54 -10.06
N GLN A 15 11.61 -3.78 -9.68
CA GLN A 15 11.19 -4.83 -10.63
C GLN A 15 9.68 -4.73 -10.88
N GLN A 16 9.26 -3.52 -11.27
CA GLN A 16 7.91 -3.20 -11.66
C GLN A 16 7.81 -3.27 -13.19
N SER A 17 6.75 -3.92 -13.70
CA SER A 17 6.43 -3.99 -15.14
C SER A 17 5.00 -3.55 -15.44
N LEU A 18 4.79 -2.90 -16.59
CA LEU A 18 3.47 -2.60 -17.13
C LEU A 18 3.15 -3.68 -18.17
N ASP A 19 2.58 -4.79 -17.70
CA ASP A 19 2.48 -6.05 -18.45
C ASP A 19 1.29 -6.02 -19.44
N MET A 20 1.44 -5.18 -20.47
CA MET A 20 0.44 -4.76 -21.46
C MET A 20 -0.25 -5.87 -22.29
N GLN A 21 -0.01 -7.15 -22.00
CA GLN A 21 -0.86 -8.26 -22.45
C GLN A 21 -2.21 -8.29 -21.68
N GLY A 22 -2.37 -7.51 -20.60
CA GLY A 22 -3.65 -7.32 -19.93
C GLY A 22 -3.63 -6.21 -18.87
N ASN A 23 -4.60 -6.25 -17.93
CA ASN A 23 -4.69 -5.31 -16.79
C ASN A 23 -3.63 -5.55 -15.69
N VAL A 24 -2.70 -6.50 -15.87
CA VAL A 24 -1.80 -6.97 -14.82
C VAL A 24 -0.50 -6.16 -14.75
N VAL A 25 0.10 -6.12 -13.57
CA VAL A 25 1.31 -5.33 -13.27
C VAL A 25 2.20 -6.08 -12.29
N THR A 26 3.40 -6.45 -12.72
CA THR A 26 4.43 -7.04 -11.86
C THR A 26 5.00 -5.97 -10.90
N PHE A 27 5.34 -6.37 -9.68
CA PHE A 27 6.03 -5.58 -8.65
C PHE A 27 6.98 -6.49 -7.85
N THR A 28 8.26 -6.10 -7.70
CA THR A 28 9.28 -6.73 -6.81
C THR A 28 10.46 -5.76 -6.59
N GLY A 29 11.46 -6.17 -5.81
CA GLY A 29 12.68 -5.43 -5.48
C GLY A 29 12.47 -4.59 -4.22
N ASN A 30 11.45 -3.72 -4.26
CA ASN A 30 10.70 -3.19 -3.12
C ASN A 30 9.42 -2.51 -3.66
N VAL A 31 8.51 -2.09 -2.77
CA VAL A 31 7.32 -1.29 -3.10
C VAL A 31 7.08 -0.26 -1.99
N ILE A 32 6.58 0.94 -2.34
CA ILE A 32 6.17 2.00 -1.40
C ILE A 32 4.73 2.43 -1.71
N VAL A 33 3.94 2.77 -0.68
CA VAL A 33 2.65 3.47 -0.83
C VAL A 33 2.46 4.46 0.34
N THR A 34 2.05 5.71 0.06
CA THR A 34 1.82 6.75 1.09
C THR A 34 0.37 7.24 1.08
N LEU A 35 -0.29 7.31 2.24
CA LEU A 35 -1.66 7.83 2.32
C LEU A 35 -1.89 8.57 3.65
N GLY A 36 -1.96 9.90 3.61
CA GLY A 36 -2.23 10.73 4.80
C GLY A 36 -1.21 10.48 5.91
N THR A 37 -1.66 9.91 7.04
CA THR A 37 -0.80 9.59 8.20
C THR A 37 -0.18 8.19 8.17
N ILE A 38 -0.43 7.36 7.15
CA ILE A 38 0.10 5.99 7.07
C ILE A 38 1.18 5.79 5.99
N LYS A 39 2.24 5.05 6.38
CA LYS A 39 3.41 4.65 5.58
C LYS A 39 3.36 3.15 5.28
N ILE A 40 3.26 2.76 4.01
CA ILE A 40 3.37 1.37 3.57
C ILE A 40 4.71 1.16 2.85
N ASN A 41 5.41 0.10 3.19
CA ASN A 41 6.58 -0.38 2.44
C ASN A 41 6.58 -1.92 2.41
N ALA A 42 6.69 -2.49 1.21
CA ALA A 42 6.60 -3.93 0.97
C ALA A 42 7.72 -4.40 0.01
N ASP A 43 7.64 -5.67 -0.39
CA ASP A 43 8.28 -6.15 -1.63
C ASP A 43 7.25 -6.94 -2.43
N LYS A 44 6.65 -7.95 -1.77
CA LYS A 44 5.62 -8.77 -2.37
C LYS A 44 4.23 -8.25 -2.05
N VAL A 45 3.42 -8.20 -3.10
CA VAL A 45 2.14 -7.47 -3.20
C VAL A 45 1.27 -8.14 -4.26
N VAL A 46 -0.01 -7.78 -4.28
CA VAL A 46 -0.87 -7.83 -5.46
C VAL A 46 -1.46 -6.44 -5.68
N VAL A 47 -1.51 -5.97 -6.93
CA VAL A 47 -2.08 -4.67 -7.33
C VAL A 47 -2.96 -4.90 -8.56
N THR A 48 -4.23 -4.48 -8.54
CA THR A 48 -5.14 -4.67 -9.69
C THR A 48 -6.16 -3.53 -9.81
N ARG A 49 -6.07 -2.73 -10.88
CA ARG A 49 -7.19 -1.85 -11.31
C ARG A 49 -8.09 -2.56 -12.32
N PRO A 50 -9.40 -2.70 -12.07
CA PRO A 50 -10.34 -3.13 -13.11
C PRO A 50 -10.60 -2.01 -14.13
N GLY A 51 -10.39 -0.74 -13.73
CA GLY A 51 -10.73 0.45 -14.49
C GLY A 51 -11.41 1.50 -13.60
N GLY A 52 -12.44 2.15 -14.14
CA GLY A 52 -13.21 3.18 -13.45
C GLY A 52 -12.50 4.54 -13.45
N GLU A 53 -13.19 5.59 -13.90
CA GLU A 53 -12.63 6.96 -14.03
C GLU A 53 -11.98 7.48 -12.74
N GLN A 54 -12.56 7.12 -11.58
CA GLN A 54 -12.11 7.52 -10.26
C GLN A 54 -10.68 7.06 -9.95
N GLY A 55 -10.23 5.98 -10.62
CA GLY A 55 -9.10 5.14 -10.21
C GLY A 55 -9.48 4.30 -9.01
N LYS A 56 -9.90 3.05 -9.23
CA LYS A 56 -10.21 2.05 -8.19
C LYS A 56 -9.24 0.88 -8.34
N GLU A 57 -8.77 0.29 -7.23
CA GLU A 57 -7.96 -0.92 -7.23
C GLU A 57 -7.92 -1.59 -5.85
N VAL A 58 -7.81 -2.93 -5.88
CA VAL A 58 -7.43 -3.73 -4.70
C VAL A 58 -5.91 -3.77 -4.59
N ILE A 59 -5.38 -3.67 -3.38
CA ILE A 59 -3.95 -3.79 -3.10
C ILE A 59 -3.66 -4.57 -1.81
N ASP A 60 -2.67 -5.46 -1.88
CA ASP A 60 -2.17 -6.30 -0.80
C ASP A 60 -0.64 -6.14 -0.63
N GLY A 61 -0.09 -6.47 0.54
CA GLY A 61 1.35 -6.44 0.80
C GLY A 61 1.79 -7.44 1.87
N TYR A 62 2.90 -8.14 1.63
CA TYR A 62 3.39 -9.28 2.42
C TYR A 62 4.89 -9.54 2.24
N GLY A 63 5.40 -10.58 2.93
CA GLY A 63 6.80 -11.03 2.86
C GLY A 63 7.83 -10.15 3.55
N LYS A 64 7.55 -8.85 3.69
CA LYS A 64 8.43 -7.82 4.29
C LYS A 64 8.97 -8.12 5.71
N PRO A 65 8.27 -8.78 6.66
CA PRO A 65 6.81 -9.01 6.74
C PRO A 65 6.02 -7.71 6.84
N ALA A 66 4.72 -7.74 6.56
CA ALA A 66 3.93 -6.51 6.39
C ALA A 66 3.91 -5.65 7.66
N THR A 67 3.98 -4.32 7.52
CA THR A 67 3.91 -3.37 8.63
C THR A 67 2.91 -2.25 8.37
N PHE A 68 2.25 -1.82 9.45
CA PHE A 68 1.38 -0.65 9.51
C PHE A 68 1.96 0.32 10.53
N TYR A 69 2.05 1.60 10.21
CA TYR A 69 2.41 2.66 11.16
C TYR A 69 1.57 3.89 10.87
N GLN A 70 1.17 4.58 11.94
CA GLN A 70 0.46 5.83 11.90
C GLN A 70 1.02 6.77 12.98
N MET A 71 0.75 8.06 12.89
CA MET A 71 1.03 9.02 13.96
C MET A 71 -0.18 9.92 14.19
N GLN A 72 -0.50 10.18 15.45
CA GLN A 72 -1.42 11.24 15.87
C GLN A 72 -0.65 12.33 16.62
N ASP A 73 -1.16 13.57 16.55
CA ASP A 73 -0.58 14.80 17.10
C ASP A 73 0.06 14.65 18.50
N ASN A 74 -0.58 13.89 19.39
CA ASN A 74 -0.41 13.99 20.84
C ASN A 74 0.84 13.24 21.37
N GLY A 75 1.98 13.34 20.67
CA GLY A 75 3.23 12.65 20.98
C GLY A 75 3.24 11.17 20.64
N LYS A 76 2.41 10.72 19.68
CA LYS A 76 2.02 9.30 19.53
C LYS A 76 2.23 8.76 18.12
N PRO A 77 3.40 8.19 17.81
CA PRO A 77 3.52 7.14 16.79
C PRO A 77 2.86 5.85 17.31
N VAL A 78 2.27 5.07 16.41
CA VAL A 78 1.64 3.76 16.68
C VAL A 78 1.98 2.81 15.54
N GLU A 79 2.32 1.56 15.83
CA GLU A 79 2.89 0.63 14.84
C GLU A 79 2.49 -0.83 15.09
N GLY A 80 2.42 -1.61 14.02
CA GLY A 80 1.98 -3.00 13.98
C GLY A 80 2.60 -3.78 12.82
N HIS A 81 2.51 -5.10 12.89
CA HIS A 81 3.07 -6.02 11.89
C HIS A 81 2.11 -7.18 11.61
N ALA A 82 2.24 -7.80 10.44
CA ALA A 82 1.35 -8.88 9.99
C ALA A 82 1.97 -9.84 8.96
N SER A 83 1.32 -10.98 8.76
CA SER A 83 1.66 -11.93 7.68
C SER A 83 1.30 -11.37 6.29
N GLN A 84 0.13 -10.73 6.19
CA GLN A 84 -0.27 -9.90 5.03
C GLN A 84 -1.02 -8.64 5.50
N MET A 85 -1.15 -7.67 4.60
CA MET A 85 -1.92 -6.44 4.74
C MET A 85 -2.77 -6.22 3.49
N HIS A 86 -3.99 -5.67 3.63
CA HIS A 86 -4.94 -5.49 2.54
C HIS A 86 -5.61 -4.10 2.57
N TYR A 87 -5.95 -3.58 1.39
CA TYR A 87 -6.67 -2.33 1.17
C TYR A 87 -7.47 -2.38 -0.16
N GLU A 88 -8.50 -1.54 -0.31
CA GLU A 88 -9.28 -1.41 -1.54
C GLU A 88 -9.67 0.07 -1.73
N LEU A 89 -9.32 0.66 -2.87
CA LEU A 89 -9.57 2.08 -3.20
C LEU A 89 -11.05 2.37 -3.55
N ALA A 90 -11.93 1.36 -3.48
CA ALA A 90 -13.38 1.46 -3.46
C ALA A 90 -13.99 1.35 -2.03
N LYS A 91 -13.17 1.25 -0.97
CA LYS A 91 -13.63 1.01 0.41
C LYS A 91 -12.80 1.64 1.53
N ASP A 92 -11.53 1.97 1.25
CA ASP A 92 -10.64 2.83 2.03
C ASP A 92 -10.54 2.47 3.53
N PHE A 93 -10.41 1.16 3.76
CA PHE A 93 -10.37 0.50 5.07
C PHE A 93 -9.21 -0.52 5.07
N VAL A 94 -8.60 -0.77 6.23
CA VAL A 94 -7.35 -1.51 6.37
C VAL A 94 -7.61 -2.87 7.01
N VAL A 95 -6.94 -3.92 6.54
CA VAL A 95 -6.88 -5.21 7.24
C VAL A 95 -5.44 -5.72 7.31
N LEU A 96 -5.11 -6.35 8.45
CA LEU A 96 -3.88 -7.08 8.75
C LEU A 96 -4.28 -8.53 9.03
N THR A 97 -3.66 -9.50 8.36
CA THR A 97 -4.22 -10.87 8.24
C THR A 97 -3.20 -12.00 8.35
N GLY A 98 -3.71 -13.20 8.62
CA GLY A 98 -2.97 -14.45 8.83
C GLY A 98 -2.41 -14.55 10.26
N ASN A 99 -1.55 -13.60 10.61
CA ASN A 99 -1.10 -13.27 11.96
C ASN A 99 -0.94 -11.75 12.01
N ALA A 100 -1.33 -11.07 13.10
CA ALA A 100 -1.33 -9.63 13.20
C ALA A 100 -1.06 -9.11 14.63
N TYR A 101 -0.43 -7.94 14.73
CA TYR A 101 -0.03 -7.26 15.97
C TYR A 101 -0.15 -5.74 15.78
N LEU A 102 -0.63 -4.98 16.78
CA LEU A 102 -0.74 -3.51 16.74
C LEU A 102 -0.54 -2.90 18.13
N GLN A 103 0.28 -1.85 18.24
CA GLN A 103 0.78 -1.30 19.49
C GLN A 103 0.86 0.24 19.50
N GLN A 104 0.49 0.80 20.65
CA GLN A 104 0.61 2.21 21.03
C GLN A 104 1.54 2.31 22.25
N VAL A 105 1.68 3.51 22.83
CA VAL A 105 2.06 3.67 24.24
C VAL A 105 0.89 3.36 25.19
N ASP A 106 -0.35 3.55 24.72
CA ASP A 106 -1.59 3.43 25.51
C ASP A 106 -2.09 1.98 25.69
N SER A 107 -1.89 1.13 24.68
CA SER A 107 -2.44 -0.23 24.61
C SER A 107 -1.77 -1.03 23.49
N ASN A 108 -1.97 -2.35 23.45
CA ASN A 108 -1.52 -3.21 22.34
C ASN A 108 -2.37 -4.49 22.22
N ILE A 109 -2.53 -4.98 20.99
CA ILE A 109 -3.39 -6.12 20.61
C ILE A 109 -2.69 -7.03 19.60
N LYS A 110 -3.11 -8.30 19.53
CA LYS A 110 -2.57 -9.31 18.60
C LYS A 110 -3.54 -10.47 18.39
N GLY A 111 -3.48 -11.13 17.23
CA GLY A 111 -4.37 -12.22 16.82
C GLY A 111 -4.12 -12.71 15.39
N ASP A 112 -5.08 -13.40 14.80
CA ASP A 112 -5.02 -13.90 13.41
C ASP A 112 -5.48 -12.85 12.37
N LYS A 113 -6.29 -11.87 12.79
CA LYS A 113 -6.59 -10.63 12.05
C LYS A 113 -6.58 -9.42 12.98
N ILE A 114 -6.23 -8.25 12.45
CA ILE A 114 -6.56 -6.92 13.00
C ILE A 114 -7.15 -6.08 11.87
N THR A 115 -8.31 -5.46 12.12
CA THR A 115 -8.97 -4.54 11.19
C THR A 115 -8.80 -3.10 11.67
N TYR A 116 -8.59 -2.15 10.76
CA TYR A 116 -8.28 -0.76 11.08
C TYR A 116 -8.89 0.22 10.06
N LEU A 117 -8.94 1.51 10.42
CA LEU A 117 -9.41 2.59 9.55
C LEU A 117 -8.22 3.33 8.93
N VAL A 118 -8.34 3.79 7.69
CA VAL A 118 -7.26 4.53 7.01
C VAL A 118 -6.68 5.70 7.81
NT1 EU0 B 1 -11.07 10.80 -9.65
CT EU0 B 1 -10.49 10.47 -10.74
NT2 EU0 B 1 -11.14 10.65 -11.84
N EU0 B 1 -9.32 9.93 -10.70
CA EU0 B 1 -8.29 9.87 -11.77
CB EU0 B 1 -7.23 11.00 -11.55
CG1 EU0 B 1 -7.81 12.41 -11.75
CG2 EU0 B 1 -6.53 10.93 -10.17
C EU0 B 1 -7.62 8.48 -11.86
O EU0 B 1 -7.46 7.83 -10.83
HT12 EU0 B 1 -10.57 10.64 -8.76
HT22 EU0 B 1 -12.18 10.75 -11.77
HT21 EU0 B 1 -10.87 10.02 -12.60
H EU0 B 1 -9.11 9.36 -9.86
HA EU0 B 1 -8.75 10.06 -12.72
HB EU0 B 1 -6.45 10.85 -12.31
HG11 EU0 B 1 -7.02 13.15 -11.70
HG13 EU0 B 1 -8.53 12.63 -10.97
HG12 EU0 B 1 -8.29 12.48 -12.72
HG23 EU0 B 1 -7.25 11.09 -9.37
HG22 EU0 B 1 -5.78 11.71 -10.09
HG21 EU0 B 1 -6.05 9.97 -10.03
HT11 EU0 B 1 -11.96 11.28 -9.69
N HYP B 2 -7.16 7.99 -13.04
CA HYP B 2 -6.45 6.71 -13.12
C HYP B 2 -5.10 6.76 -12.38
O HYP B 2 -4.47 7.82 -12.29
CB HYP B 2 -6.27 6.43 -14.61
CG HYP B 2 -6.18 7.83 -15.22
CD HYP B 2 -7.12 8.66 -14.34
OD1 HYP B 2 -6.57 7.77 -16.58
HA HYP B 2 -7.06 5.93 -12.67
HB2 HYP B 2 -5.35 5.85 -14.80
HB3 HYP B 2 -7.14 5.91 -14.98
HG HYP B 2 -5.16 8.21 -15.13
HD22 HYP B 2 -6.73 9.67 -14.24
HD23 HYP B 2 -8.12 8.68 -14.77
HD1 HYP B 2 -7.52 7.64 -16.61
N ILE B 3 -4.64 5.60 -11.92
CA ILE B 3 -3.42 5.43 -11.13
C ILE B 3 -2.17 5.79 -11.96
N THR B 4 -1.12 6.28 -11.30
CA THR B 4 0.17 6.68 -11.89
C THR B 4 1.27 6.54 -10.83
N TYR B 5 2.47 6.14 -11.24
CA TYR B 5 3.55 5.70 -10.34
C TYR B 5 4.93 5.98 -10.94
O LE1 B 6 7.74 3.82 -9.92
C LE1 B 6 8.12 4.76 -10.64
CA LE1 B 6 7.38 6.13 -10.58
N LE1 B 6 5.98 5.97 -10.14
CB LE1 B 6 8.09 7.26 -9.78
C9 LE1 B 6 9.59 7.38 -10.11
C8 LE1 B 6 7.94 7.10 -8.26
SG LE1 B 6 7.25 8.86 -10.17
HA LE1 B 6 7.37 6.47 -11.61
H LE1 B 6 5.84 5.71 -9.16
H9 LE1 B 6 9.76 7.41 -11.19
H9A LE1 B 6 10.13 6.52 -9.70
H9B LE1 B 6 10.00 8.28 -9.66
H8 LE1 B 6 6.93 7.39 -7.95
H8A LE1 B 6 8.65 7.73 -7.73
H8B LE1 B 6 8.09 6.06 -7.98
N ASN B 7 9.07 4.55 -11.56
CA ASN B 7 9.75 3.27 -11.78
C ASN B 7 11.26 3.45 -11.96
N ARG B 8 12.03 2.84 -11.06
CA ARG B 8 13.49 2.90 -10.96
C ARG B 8 14.21 2.44 -12.22
N DAB B 9 13.63 1.53 -12.98
CA DAB B 9 14.18 1.04 -14.25
C DAB B 9 13.75 1.89 -15.48
O DAB B 9 14.63 2.30 -16.24
CB DAB B 9 13.87 -0.46 -14.42
CG DAB B 9 14.73 -1.36 -13.52
ND DAB B 9 14.31 -1.25 -12.12
H DAB B 9 12.66 1.31 -12.77
HA DAB B 9 15.26 1.14 -14.22
HB2 DAB B 9 12.81 -0.65 -14.24
HB3 DAB B 9 14.09 -0.74 -15.46
HG2 DAB B 9 14.63 -2.39 -13.85
HG3 DAB B 9 15.77 -1.06 -13.62
HD1 DAB B 9 14.35 -0.31 -11.76
HD2 DAB B 9 14.90 -1.77 -11.45
HD3 DAB B 9 13.37 -1.61 -11.97
N THR B 10 12.47 2.26 -15.65
CA THR B 10 12.03 3.08 -16.80
C THR B 10 12.45 4.55 -16.69
N 4FO B 11 12.95 4.98 -15.54
CA 4FO B 11 13.64 6.26 -15.37
C 4FO B 11 12.64 7.41 -15.10
O 4FO B 11 12.60 7.99 -14.01
CB 4FO B 11 14.74 6.07 -14.32
CG 4FO B 11 15.82 5.18 -14.91
NZ 4FO B 11 16.81 4.78 -13.88
H 4FO B 11 12.75 4.42 -14.71
HA 4FO B 11 14.13 6.53 -16.31
HB2 4FO B 11 14.31 5.63 -13.42
HB3 4FO B 11 15.17 7.04 -14.06
HG3 4FO B 11 15.36 4.28 -15.33
HG2 4FO B 11 16.32 5.72 -15.72
HZ3 4FO B 11 17.21 5.58 -13.43
HZ2 4FO B 11 17.53 4.21 -14.30
HZ1 4FO B 11 16.33 4.19 -13.20
N LYS B 12 11.77 7.64 -16.08
CA LYS B 12 10.57 8.48 -15.96
C LYS B 12 9.39 7.68 -15.41
N CYS B 13 8.47 8.41 -14.78
CA CYS B 13 7.25 7.88 -14.19
C CYS B 13 6.22 7.47 -15.26
N DAB B 14 5.23 6.68 -14.88
CA DAB B 14 4.34 5.99 -15.82
C DAB B 14 2.88 5.93 -15.31
O DAB B 14 2.64 5.79 -14.11
CB DAB B 14 4.88 4.57 -16.05
CG DAB B 14 6.41 4.46 -16.11
ND DAB B 14 6.83 3.05 -16.21
H DAB B 14 5.06 6.51 -13.89
HA DAB B 14 4.34 6.53 -16.77
HB2 DAB B 14 4.55 3.96 -15.23
HB3 DAB B 14 4.44 4.17 -16.97
HG2 DAB B 14 6.79 5.05 -16.95
HG3 DAB B 14 6.82 4.89 -15.19
HD1 DAB B 14 6.53 2.64 -17.07
HD2 DAB B 14 6.42 2.51 -15.45
HD3 DAB B 14 7.85 3.01 -16.15
N ARG B 15 1.90 5.96 -16.22
CA ARG B 15 0.49 5.69 -15.90
C ARG B 15 0.20 4.20 -15.71
N TYR B 16 -0.95 3.91 -15.08
CA TYR B 16 -1.64 2.62 -15.09
C TYR B 16 -3.04 2.84 -15.72
N VAL A 1 14.46 18.49 -15.68
CA VAL A 1 13.91 19.53 -16.60
C VAL A 1 12.40 19.62 -16.46
N THR A 2 11.62 18.62 -16.87
CA THR A 2 10.20 18.52 -16.50
C THR A 2 10.05 18.27 -15.00
N GLY A 3 9.26 19.10 -14.32
CA GLY A 3 8.64 18.77 -13.02
C GLY A 3 7.20 18.29 -13.21
N ASP A 4 6.35 18.61 -12.23
CA ASP A 4 4.88 18.52 -12.28
C ASP A 4 4.31 19.74 -11.51
N THR A 5 3.00 19.99 -11.60
CA THR A 5 2.27 20.99 -10.80
C THR A 5 1.11 20.39 -9.99
N ASP A 6 0.82 19.08 -10.12
CA ASP A 6 -0.15 18.39 -9.26
C ASP A 6 0.45 18.03 -7.88
N GLN A 7 -0.38 17.61 -6.92
CA GLN A 7 0.07 17.10 -5.60
C GLN A 7 -0.33 15.63 -5.38
N PRO A 8 0.37 14.67 -6.03
CA PRO A 8 0.03 13.27 -5.98
C PRO A 8 0.57 12.53 -4.74
N ILE A 9 0.18 11.27 -4.61
CA ILE A 9 0.67 10.31 -3.60
C ILE A 9 2.14 9.95 -3.87
N HIS A 10 2.96 9.82 -2.83
CA HIS A 10 4.35 9.40 -2.97
C HIS A 10 4.48 7.87 -2.97
N ILE A 11 4.96 7.34 -4.11
CA ILE A 11 5.27 5.93 -4.37
C ILE A 11 6.60 5.87 -5.17
N GLU A 12 7.44 4.87 -4.90
CA GLU A 12 8.59 4.50 -5.75
C GLU A 12 8.52 3.05 -6.24
N SER A 13 9.03 2.78 -7.45
CA SER A 13 8.97 1.46 -8.08
C SER A 13 10.08 1.29 -9.13
N ASP A 14 10.75 0.13 -9.19
CA ASP A 14 11.81 -0.20 -10.15
C ASP A 14 11.42 -1.37 -11.09
N GLN A 15 11.29 -2.59 -10.55
CA GLN A 15 10.98 -3.83 -11.28
C GLN A 15 9.47 -3.97 -11.61
N GLN A 16 8.99 -3.12 -12.52
CA GLN A 16 7.64 -3.16 -13.07
C GLN A 16 7.41 -4.39 -13.97
N SER A 17 6.66 -5.40 -13.49
CA SER A 17 6.15 -6.47 -14.35
C SER A 17 4.89 -6.00 -15.08
N LEU A 18 5.08 -5.37 -16.24
CA LEU A 18 4.00 -4.81 -17.06
C LEU A 18 3.01 -5.90 -17.52
N ASP A 19 1.72 -5.59 -17.42
CA ASP A 19 0.64 -6.53 -17.17
C ASP A 19 -0.11 -7.02 -18.42
N MET A 20 0.64 -7.11 -19.52
CA MET A 20 0.25 -7.18 -20.93
C MET A 20 -0.82 -8.21 -21.36
N GLN A 21 -1.18 -9.18 -20.51
CA GLN A 21 -2.21 -10.19 -20.79
C GLN A 21 -3.61 -9.82 -20.28
N GLY A 22 -3.75 -8.73 -19.52
CA GLY A 22 -5.05 -8.26 -19.02
C GLY A 22 -4.92 -7.33 -17.82
N ASN A 23 -4.48 -7.88 -16.68
CA ASN A 23 -4.05 -7.11 -15.50
C ASN A 23 -3.09 -7.92 -14.60
N VAL A 24 -2.18 -8.69 -15.20
CA VAL A 24 -1.18 -9.54 -14.52
C VAL A 24 0.01 -8.72 -13.94
N VAL A 25 -0.29 -7.72 -13.11
CA VAL A 25 0.72 -6.83 -12.49
C VAL A 25 1.54 -7.60 -11.44
N THR A 26 2.84 -7.35 -11.38
CA THR A 26 3.68 -7.79 -10.26
C THR A 26 4.88 -6.86 -10.03
N PHE A 27 5.40 -6.90 -8.80
CA PHE A 27 6.61 -6.21 -8.39
C PHE A 27 7.46 -7.08 -7.47
N THR A 28 8.79 -6.88 -7.44
CA THR A 28 9.71 -7.44 -6.44
C THR A 28 10.81 -6.42 -6.09
N GLY A 29 11.13 -6.28 -4.80
CA GLY A 29 12.15 -5.37 -4.30
C GLY A 29 11.71 -4.68 -3.01
N ASN A 30 11.41 -3.39 -3.07
CA ASN A 30 10.57 -2.67 -2.10
C ASN A 30 9.63 -1.71 -2.85
N VAL A 31 8.43 -1.52 -2.33
CA VAL A 31 7.50 -0.42 -2.66
C VAL A 31 7.19 0.34 -1.38
N ILE A 32 7.15 1.68 -1.46
CA ILE A 32 6.69 2.56 -0.40
C ILE A 32 5.32 3.11 -0.81
N VAL A 33 4.35 3.10 0.10
CA VAL A 33 3.01 3.70 -0.10
C VAL A 33 2.69 4.60 1.08
N THR A 34 2.13 5.78 0.80
CA THR A 34 1.79 6.82 1.79
C THR A 34 0.30 7.17 1.72
N LEU A 35 -0.39 7.24 2.86
CA LEU A 35 -1.79 7.69 2.92
C LEU A 35 -2.14 8.29 4.30
N GLY A 36 -2.72 9.49 4.33
CA GLY A 36 -2.98 10.21 5.58
C GLY A 36 -1.71 10.40 6.41
N THR A 37 -1.75 10.02 7.68
CA THR A 37 -0.56 9.98 8.56
C THR A 37 0.21 8.65 8.53
N ILE A 38 -0.18 7.65 7.73
CA ILE A 38 0.49 6.34 7.70
C ILE A 38 1.36 6.12 6.46
N LYS A 39 2.31 5.19 6.61
CA LYS A 39 2.98 4.51 5.50
C LYS A 39 2.81 2.99 5.61
N ILE A 40 2.83 2.35 4.44
CA ILE A 40 2.93 0.90 4.23
C ILE A 40 4.22 0.65 3.45
N ASN A 41 4.93 -0.45 3.73
CA ASN A 41 6.05 -0.92 2.92
C ASN A 41 5.96 -2.44 2.73
N ALA A 42 6.09 -2.90 1.49
CA ALA A 42 6.10 -4.31 1.09
C ALA A 42 7.17 -4.56 0.02
N ASP A 43 7.60 -5.82 -0.12
CA ASP A 43 8.61 -6.28 -1.07
C ASP A 43 7.99 -6.82 -2.37
N LYS A 44 6.84 -7.50 -2.27
CA LYS A 44 5.95 -7.88 -3.38
C LYS A 44 4.63 -7.10 -3.33
N VAL A 45 4.02 -6.91 -4.50
CA VAL A 45 2.60 -6.54 -4.64
C VAL A 45 1.91 -7.39 -5.72
N VAL A 46 0.58 -7.38 -5.71
CA VAL A 46 -0.31 -7.81 -6.80
C VAL A 46 -1.43 -6.76 -6.96
N VAL A 47 -1.94 -6.56 -8.18
CA VAL A 47 -3.10 -5.70 -8.47
C VAL A 47 -4.25 -6.55 -9.03
N THR A 48 -5.49 -6.09 -8.94
CA THR A 48 -6.68 -6.80 -9.45
C THR A 48 -7.59 -5.84 -10.19
N ARG A 49 -8.10 -6.27 -11.35
CA ARG A 49 -9.17 -5.63 -12.12
C ARG A 49 -10.53 -6.14 -11.64
N PRO A 50 -11.35 -5.35 -10.91
CA PRO A 50 -12.66 -5.82 -10.43
C PRO A 50 -13.76 -5.78 -11.50
N GLY A 51 -13.79 -4.73 -12.35
CA GLY A 51 -14.78 -4.58 -13.43
C GLY A 51 -14.20 -4.07 -14.75
N GLY A 52 -13.47 -2.95 -14.69
CA GLY A 52 -12.67 -2.42 -15.81
C GLY A 52 -11.53 -1.54 -15.30
N GLU A 53 -10.73 -1.00 -16.20
CA GLU A 53 -9.55 -0.17 -15.89
C GLU A 53 -9.93 1.28 -15.55
N GLN A 54 -10.83 1.44 -14.58
CA GLN A 54 -11.32 2.75 -14.11
C GLN A 54 -10.45 3.33 -12.97
N GLY A 55 -9.28 2.78 -12.68
CA GLY A 55 -8.35 3.28 -11.65
C GLY A 55 -8.87 3.20 -10.21
N LYS A 56 -9.62 2.13 -9.85
CA LYS A 56 -9.88 1.69 -8.47
C LYS A 56 -9.60 0.18 -8.41
N GLU A 57 -8.82 -0.24 -7.42
CA GLU A 57 -8.37 -1.62 -7.23
C GLU A 57 -8.47 -2.07 -5.76
N VAL A 58 -8.06 -3.33 -5.52
CA VAL A 58 -7.50 -3.76 -4.24
C VAL A 58 -5.97 -3.82 -4.38
N ILE A 59 -5.25 -3.45 -3.31
CA ILE A 59 -3.82 -3.76 -3.16
C ILE A 59 -3.63 -4.83 -2.08
N ASP A 60 -2.72 -5.76 -2.38
CA ASP A 60 -2.16 -6.75 -1.47
C ASP A 60 -0.62 -6.75 -1.62
N GLY A 61 0.09 -7.09 -0.54
CA GLY A 61 1.55 -7.18 -0.56
C GLY A 61 2.14 -7.68 0.75
N TYR A 62 2.84 -8.81 0.69
CA TYR A 62 3.53 -9.42 1.82
C TYR A 62 4.80 -10.16 1.39
N GLY A 63 5.66 -10.46 2.38
CA GLY A 63 6.94 -11.15 2.23
C GLY A 63 7.93 -10.70 3.31
N LYS A 64 8.07 -9.38 3.48
CA LYS A 64 8.96 -8.70 4.44
C LYS A 64 9.13 -9.29 5.86
N PRO A 65 8.11 -9.71 6.63
CA PRO A 65 6.65 -9.63 6.41
C PRO A 65 6.08 -8.20 6.60
N ALA A 66 4.81 -8.01 6.25
CA ALA A 66 4.20 -6.67 6.12
C ALA A 66 4.12 -5.89 7.44
N THR A 67 4.41 -4.58 7.38
CA THR A 67 4.39 -3.66 8.53
C THR A 67 3.74 -2.32 8.21
N PHE A 68 3.28 -1.66 9.28
CA PHE A 68 2.64 -0.33 9.27
C PHE A 68 3.42 0.64 10.15
N TYR A 69 3.38 1.94 9.82
CA TYR A 69 3.85 3.01 10.72
C TYR A 69 3.03 4.29 10.54
N GLN A 70 2.49 4.82 11.63
CA GLN A 70 1.78 6.10 11.71
C GLN A 70 2.67 7.19 12.32
N MET A 71 2.73 8.35 11.66
CA MET A 71 3.27 9.58 12.25
C MET A 71 2.22 10.28 13.13
N GLN A 72 2.64 10.74 14.31
CA GLN A 72 1.81 11.55 15.23
C GLN A 72 2.66 12.65 15.85
N ASP A 73 2.24 13.91 15.65
CA ASP A 73 2.81 15.11 16.28
C ASP A 73 2.89 14.97 17.81
N ASN A 74 1.80 14.54 18.44
CA ASN A 74 1.66 14.47 19.90
C ASN A 74 2.39 13.25 20.53
N GLY A 75 3.58 12.90 20.03
CA GLY A 75 4.51 11.96 20.67
C GLY A 75 4.06 10.49 20.71
N LYS A 76 3.16 10.07 19.80
CA LYS A 76 2.46 8.77 19.89
C LYS A 76 2.41 7.98 18.56
N PRO A 77 3.56 7.50 18.02
CA PRO A 77 3.52 6.64 16.83
C PRO A 77 2.68 5.38 17.07
N VAL A 78 2.17 4.81 15.98
CA VAL A 78 1.44 3.53 15.98
C VAL A 78 1.98 2.66 14.86
N GLU A 79 2.61 1.54 15.23
CA GLU A 79 3.21 0.58 14.32
C GLU A 79 2.82 -0.87 14.67
N GLY A 80 3.09 -1.78 13.73
CA GLY A 80 2.66 -3.17 13.83
C GLY A 80 3.14 -4.04 12.67
N HIS A 81 2.85 -5.34 12.77
CA HIS A 81 3.21 -6.37 11.79
C HIS A 81 2.02 -7.30 11.52
N ALA A 82 2.03 -7.99 10.37
CA ALA A 82 1.08 -9.07 10.04
C ALA A 82 1.69 -10.05 9.00
N SER A 83 1.13 -11.27 8.86
CA SER A 83 1.45 -12.15 7.72
C SER A 83 1.02 -11.53 6.40
N GLN A 84 -0.15 -10.91 6.35
CA GLN A 84 -0.79 -10.39 5.13
C GLN A 84 -1.56 -9.08 5.43
N MET A 85 -1.78 -8.28 4.39
CA MET A 85 -2.46 -6.99 4.46
C MET A 85 -3.20 -6.74 3.15
N HIS A 86 -4.49 -6.40 3.23
CA HIS A 86 -5.28 -5.98 2.07
C HIS A 86 -5.90 -4.61 2.32
N TYR A 87 -5.95 -3.77 1.28
CA TYR A 87 -6.59 -2.45 1.30
C TYR A 87 -7.31 -2.22 -0.03
N GLU A 88 -8.62 -1.95 0.02
CA GLU A 88 -9.40 -1.59 -1.18
C GLU A 88 -9.47 -0.08 -1.36
N LEU A 89 -8.94 0.43 -2.47
CA LEU A 89 -9.17 1.82 -2.89
C LEU A 89 -10.58 2.01 -3.46
N ALA A 90 -11.31 0.91 -3.70
CA ALA A 90 -12.75 0.88 -3.93
C ALA A 90 -13.62 1.01 -2.64
N LYS A 91 -13.03 1.06 -1.44
CA LYS A 91 -13.75 1.13 -0.14
C LYS A 91 -13.20 2.16 0.87
N ASP A 92 -11.89 2.42 0.82
CA ASP A 92 -11.10 2.99 1.92
C ASP A 92 -11.20 2.19 3.23
N PHE A 93 -10.83 0.90 3.18
CA PHE A 93 -10.82 0.04 4.38
C PHE A 93 -9.64 -0.95 4.38
N VAL A 94 -8.97 -1.07 5.53
CA VAL A 94 -7.75 -1.87 5.74
C VAL A 94 -8.07 -3.12 6.56
N VAL A 95 -7.55 -4.28 6.14
CA VAL A 95 -7.57 -5.52 6.92
C VAL A 95 -6.16 -6.15 6.95
N LEU A 96 -5.64 -6.34 8.16
CA LEU A 96 -4.44 -7.13 8.47
C LEU A 96 -4.87 -8.56 8.79
N THR A 97 -4.11 -9.55 8.31
CA THR A 97 -4.46 -10.99 8.44
C THR A 97 -3.25 -11.86 8.80
N GLY A 98 -3.51 -12.99 9.45
CA GLY A 98 -2.54 -14.02 9.81
C GLY A 98 -1.58 -13.55 10.90
N ASN A 99 -2.01 -13.64 12.15
CA ASN A 99 -1.30 -13.19 13.36
C ASN A 99 -0.70 -11.78 13.20
N ALA A 100 -1.58 -10.77 13.31
CA ALA A 100 -1.22 -9.37 13.34
C ALA A 100 -1.05 -8.86 14.79
N TYR A 101 -0.23 -7.82 14.96
CA TYR A 101 0.09 -7.18 16.25
C TYR A 101 0.19 -5.67 16.03
N LEU A 102 -0.41 -4.87 16.93
CA LEU A 102 -0.52 -3.41 16.79
C LEU A 102 -0.57 -2.76 18.19
N GLN A 103 0.09 -1.62 18.40
CA GLN A 103 0.17 -0.98 19.73
C GLN A 103 -0.43 0.43 19.79
N GLN A 104 -1.03 0.78 20.93
CA GLN A 104 -1.74 2.04 21.17
C GLN A 104 -1.31 2.67 22.52
N VAL A 105 -1.75 3.91 22.77
CA VAL A 105 -1.44 4.71 23.99
C VAL A 105 -2.15 4.24 25.28
N ASP A 106 -2.43 2.94 25.39
CA ASP A 106 -3.10 2.28 26.50
C ASP A 106 -2.58 0.83 26.64
N SER A 107 -2.79 0.02 25.59
CA SER A 107 -2.36 -1.37 25.52
C SER A 107 -1.79 -1.73 24.14
N ASN A 108 -1.09 -2.85 24.09
CA ASN A 108 -0.68 -3.52 22.85
C ASN A 108 -1.60 -4.71 22.57
N ILE A 109 -2.19 -4.77 21.37
CA ILE A 109 -3.13 -5.81 20.95
C ILE A 109 -2.52 -6.74 19.88
N LYS A 110 -3.12 -7.92 19.71
CA LYS A 110 -2.73 -8.95 18.74
C LYS A 110 -3.89 -9.92 18.46
N GLY A 111 -3.94 -10.52 17.27
CA GLY A 111 -5.00 -11.44 16.86
C GLY A 111 -4.83 -11.96 15.42
N ASP A 112 -5.67 -12.90 14.97
CA ASP A 112 -5.58 -13.47 13.62
C ASP A 112 -6.02 -12.49 12.52
N LYS A 113 -6.88 -11.52 12.87
CA LYS A 113 -7.35 -10.40 12.06
C LYS A 113 -7.28 -9.10 12.87
N ILE A 114 -6.85 -8.01 12.24
CA ILE A 114 -6.91 -6.65 12.80
C ILE A 114 -7.38 -5.68 11.70
N THR A 115 -8.27 -4.75 12.05
CA THR A 115 -8.72 -3.64 11.18
C THR A 115 -8.00 -2.35 11.58
N TYR A 116 -8.01 -1.33 10.72
CA TYR A 116 -7.35 -0.05 11.01
C TYR A 116 -8.14 1.17 10.48
N LEU A 117 -8.00 2.30 11.17
CA LEU A 117 -8.64 3.59 10.86
C LEU A 117 -7.64 4.71 11.16
N VAL A 118 -7.38 5.61 10.21
CA VAL A 118 -6.34 6.66 10.35
C VAL A 118 -6.51 7.51 11.61
NT1 EU0 B 1 -8.75 12.95 -8.70
CT EU0 B 1 -8.01 12.86 -9.74
NT2 EU0 B 1 -8.32 13.61 -10.75
N EU0 B 1 -7.01 12.05 -9.76
CA EU0 B 1 -6.10 11.71 -10.88
CB EU0 B 1 -4.89 12.70 -10.97
CG1 EU0 B 1 -5.29 14.08 -11.53
CG2 EU0 B 1 -4.15 12.88 -9.64
C EU0 B 1 -5.62 10.24 -10.78
O EU0 B 1 -5.74 9.65 -9.70
HT12 EU0 B 1 -8.49 12.40 -7.86
HT22 EU0 B 1 -9.08 14.29 -10.68
HT21 EU0 B 1 -7.63 13.69 -11.51
H EU0 B 1 -6.86 11.46 -8.92
HA EU0 B 1 -6.64 11.77 -11.81
HB EU0 B 1 -4.19 12.27 -11.68
HG11 EU0 B 1 -5.86 13.99 -12.44
HG13 EU0 B 1 -4.37 14.63 -11.79
HG12 EU0 B 1 -5.81 14.66 -10.79
HG23 EU0 B 1 -4.78 13.35 -8.90
HG22 EU0 B 1 -3.28 13.53 -9.80
HG21 EU0 B 1 -3.79 11.91 -9.27
HT11 EU0 B 1 -9.52 13.61 -8.66
N HYP B 2 -5.06 9.63 -11.85
CA HYP B 2 -4.55 8.26 -11.83
C HYP B 2 -3.26 8.11 -10.99
O HYP B 2 -2.64 9.11 -10.60
CB HYP B 2 -4.32 7.87 -13.29
CG HYP B 2 -5.03 8.93 -14.13
CD HYP B 2 -4.97 10.15 -13.22
OD1 HYP B 2 -6.37 8.60 -14.37
HA HYP B 2 -5.31 7.61 -11.41
HB2 HYP B 2 -3.25 7.90 -13.51
HB3 HYP B 2 -4.71 6.87 -13.50
HG HYP B 2 -4.50 9.10 -15.07
HD22 HYP B 2 -4.02 10.67 -13.35
HD23 HYP B 2 -5.80 10.82 -13.46
HD1 HYP B 2 -6.37 7.75 -14.84
N ILE B 3 -2.85 6.87 -10.71
CA ILE B 3 -1.82 6.57 -9.71
C ILE B 3 -0.43 6.81 -10.29
N THR B 4 0.40 7.62 -9.61
CA THR B 4 1.77 7.97 -10.03
C THR B 4 2.84 7.34 -9.15
N TYR B 5 4.01 7.10 -9.75
CA TYR B 5 5.20 6.60 -9.06
C TYR B 5 6.46 7.14 -9.74
O LE1 B 6 9.61 5.36 -9.04
C LE1 B 6 9.48 6.24 -9.89
CA LE1 B 6 8.85 7.59 -9.51
N LE1 B 6 7.50 7.37 -8.95
CB LE1 B 6 9.74 8.48 -8.61
C9 LE1 B 6 11.22 8.48 -9.07
C8 LE1 B 6 9.73 8.10 -7.13
SG LE1 B 6 9.09 10.21 -8.73
HA LE1 B 6 8.73 8.13 -10.44
H LE1 B 6 7.40 7.20 -7.96
H9 LE1 B 6 11.30 8.64 -10.14
H9A LE1 B 6 11.69 7.53 -8.80
H9B LE1 B 6 11.75 9.29 -8.56
H8 LE1 B 6 8.72 8.25 -6.72
H8A LE1 B 6 10.40 8.74 -6.57
H8B LE1 B 6 10.03 7.07 -7.00
N ASN B 7 9.93 6.07 -11.14
CA ASN B 7 10.34 4.77 -11.69
C ASN B 7 11.77 4.33 -11.24
N ARG B 8 12.20 4.82 -10.06
CA ARG B 8 13.42 4.61 -9.26
C ARG B 8 14.78 4.78 -9.93
N DAB B 9 14.92 4.28 -11.14
CA DAB B 9 16.18 3.85 -11.73
C DAB B 9 16.51 4.55 -13.07
O DAB B 9 17.56 4.30 -13.66
CB DAB B 9 16.04 2.33 -11.84
CG DAB B 9 17.34 1.54 -12.04
ND DAB B 9 17.09 0.15 -11.60
H DAB B 9 14.08 3.85 -11.52
HA DAB B 9 17.00 4.07 -11.05
HB2 DAB B 9 15.61 1.99 -10.89
HB3 DAB B 9 15.34 2.06 -12.63
HG2 DAB B 9 17.62 1.57 -13.10
HG3 DAB B 9 18.14 1.99 -11.44
HD1 DAB B 9 16.77 0.14 -10.62
HD2 DAB B 9 17.85 -0.48 -11.72
HD3 DAB B 9 16.22 -0.21 -12.00
N THR B 10 15.62 5.45 -13.50
CA THR B 10 15.77 6.35 -14.67
C THR B 10 15.69 7.84 -14.28
N 4FO B 11 15.26 8.17 -13.07
CA 4FO B 11 14.99 9.56 -12.65
C 4FO B 11 13.61 10.12 -13.13
O 4FO B 11 13.03 10.95 -12.43
CB 4FO B 11 15.18 9.65 -11.13
CG 4FO B 11 16.61 9.37 -10.71
NZ 4FO B 11 16.75 9.47 -9.25
H 4FO B 11 14.90 7.42 -12.50
HA 4FO B 11 15.73 10.20 -13.12
HB2 4FO B 11 14.50 8.95 -10.65
HB3 4FO B 11 14.91 10.65 -10.80
HG3 4FO B 11 16.91 8.37 -11.06
HG2 4FO B 11 17.27 10.10 -11.20
HZ3 4FO B 11 17.72 9.33 -8.97
HZ2 4FO B 11 16.19 8.76 -8.80
HZ1 4FO B 11 16.46 10.38 -8.93
N LYS B 12 13.05 9.64 -14.25
CA LYS B 12 11.69 10.04 -14.67
C LYS B 12 10.62 9.31 -13.85
N CYS B 13 9.56 10.04 -13.55
CA CYS B 13 8.37 9.57 -12.85
C CYS B 13 7.17 9.48 -13.80
N DAB B 14 6.23 8.59 -13.53
CA DAB B 14 5.07 8.34 -14.40
C DAB B 14 3.83 7.90 -13.61
O DAB B 14 3.92 7.01 -12.78
CB DAB B 14 5.46 7.23 -15.41
CG DAB B 14 4.43 7.06 -16.53
ND DAB B 14 4.09 5.63 -16.74
H DAB B 14 6.26 8.06 -12.65
HA DAB B 14 4.84 9.25 -14.95
HB2 DAB B 14 6.44 7.46 -15.85
HB3 DAB B 14 5.57 6.30 -14.84
HG2 DAB B 14 3.53 7.62 -16.26
HG3 DAB B 14 4.84 7.51 -17.44
HD1 DAB B 14 4.88 5.05 -16.96
HD2 DAB B 14 3.39 5.55 -17.46
HD3 DAB B 14 3.62 5.26 -15.92
N ARG B 15 2.64 8.34 -14.06
CA ARG B 15 1.39 7.65 -13.75
C ARG B 15 1.07 6.50 -14.69
N TYR B 16 0.26 5.59 -14.17
CA TYR B 16 -0.73 4.82 -14.91
C TYR B 16 -2.05 5.58 -14.72
N VAL A 1 5.59 16.07 -21.82
CA VAL A 1 5.96 15.07 -20.79
C VAL A 1 4.75 14.80 -19.90
N THR A 2 4.86 13.97 -18.87
CA THR A 2 3.83 13.80 -17.82
C THR A 2 3.45 15.16 -17.21
N GLY A 3 2.18 15.38 -16.87
CA GLY A 3 1.70 16.67 -16.36
C GLY A 3 0.33 16.61 -15.67
N ASP A 4 -0.11 15.42 -15.28
CA ASP A 4 -1.44 15.15 -14.75
C ASP A 4 -1.67 15.84 -13.39
N THR A 5 -2.73 16.64 -13.29
CA THR A 5 -3.10 17.36 -12.07
C THR A 5 -3.90 16.48 -11.10
N ASP A 6 -3.39 15.29 -10.78
CA ASP A 6 -4.08 14.24 -10.03
C ASP A 6 -3.10 13.49 -9.09
N GLN A 7 -3.50 13.25 -7.84
CA GLN A 7 -2.70 12.60 -6.79
C GLN A 7 -3.62 11.85 -5.80
N PRO A 8 -4.06 10.61 -6.08
CA PRO A 8 -4.90 9.84 -5.16
C PRO A 8 -4.08 9.22 -4.00
N ILE A 9 -2.92 8.65 -4.32
CA ILE A 9 -1.90 8.07 -3.45
C ILE A 9 -0.55 8.17 -4.18
N HIS A 10 0.57 8.02 -3.47
CA HIS A 10 1.91 7.90 -4.06
C HIS A 10 2.47 6.49 -3.87
N ILE A 11 3.08 5.93 -4.93
CA ILE A 11 3.66 4.57 -4.97
C ILE A 11 5.10 4.65 -5.46
N GLU A 12 5.99 3.95 -4.77
CA GLU A 12 7.42 3.86 -5.07
C GLU A 12 7.81 2.36 -5.13
N SER A 13 8.49 1.95 -6.20
CA SER A 13 8.82 0.53 -6.46
C SER A 13 10.15 0.37 -7.18
N ASP A 14 10.85 -0.73 -6.91
CA ASP A 14 12.00 -1.17 -7.68
C ASP A 14 11.63 -1.63 -9.11
N GLN A 15 10.48 -2.30 -9.28
CA GLN A 15 10.04 -2.90 -10.54
C GLN A 15 8.53 -2.72 -10.78
N GLN A 16 8.17 -2.66 -12.07
CA GLN A 16 6.87 -3.04 -12.63
C GLN A 16 7.07 -3.42 -14.11
N SER A 17 6.05 -4.00 -14.75
CA SER A 17 6.02 -4.27 -16.21
C SER A 17 4.58 -4.24 -16.73
N LEU A 18 4.34 -4.54 -18.01
CA LEU A 18 3.03 -4.87 -18.59
C LEU A 18 3.19 -6.15 -19.42
N ASP A 19 3.05 -7.30 -18.78
CA ASP A 19 3.47 -8.58 -19.34
C ASP A 19 2.32 -9.17 -20.16
N MET A 20 2.42 -9.04 -21.49
CA MET A 20 1.30 -8.91 -22.43
C MET A 20 0.43 -10.17 -22.69
N GLN A 21 0.31 -11.09 -21.72
CA GLN A 21 -0.71 -12.14 -21.70
C GLN A 21 -2.09 -11.59 -21.26
N GLY A 22 -2.14 -10.41 -20.65
CA GLY A 22 -3.36 -9.72 -20.20
C GLY A 22 -3.03 -8.57 -19.25
N ASN A 23 -3.97 -8.24 -18.35
CA ASN A 23 -3.69 -7.35 -17.21
C ASN A 23 -2.92 -8.12 -16.11
N VAL A 24 -1.64 -8.44 -16.37
CA VAL A 24 -0.74 -9.14 -15.45
C VAL A 24 0.65 -8.51 -15.48
N VAL A 25 1.30 -8.42 -14.32
CA VAL A 25 2.51 -7.60 -14.13
C VAL A 25 3.57 -8.25 -13.23
N THR A 26 4.83 -8.11 -13.63
CA THR A 26 6.03 -8.22 -12.79
C THR A 26 5.92 -7.24 -11.63
N PHE A 27 6.12 -7.71 -10.39
CA PHE A 27 5.52 -7.10 -9.21
C PHE A 27 6.37 -7.26 -7.94
N THR A 28 7.68 -7.08 -8.06
CA THR A 28 8.71 -7.62 -7.14
C THR A 28 9.80 -6.60 -6.79
N GLY A 29 10.60 -6.92 -5.76
CA GLY A 29 11.48 -5.95 -5.12
C GLY A 29 10.67 -5.06 -4.17
N ASN A 30 11.35 -4.21 -3.38
CA ASN A 30 10.63 -3.42 -2.39
C ASN A 30 9.69 -2.39 -3.06
N VAL A 31 8.40 -2.54 -2.74
CA VAL A 31 7.30 -1.64 -3.09
C VAL A 31 6.80 -0.98 -1.81
N ILE A 32 6.39 0.27 -1.91
CA ILE A 32 5.82 1.03 -0.79
C ILE A 32 4.58 1.81 -1.26
N VAL A 33 3.57 1.83 -0.40
CA VAL A 33 2.29 2.52 -0.55
C VAL A 33 2.20 3.65 0.48
N THR A 34 1.74 4.84 0.07
CA THR A 34 1.49 5.97 0.98
C THR A 34 -0.02 6.23 1.12
N LEU A 35 -0.47 6.55 2.33
CA LEU A 35 -1.89 6.47 2.68
C LEU A 35 -2.25 7.32 3.93
N GLY A 36 -2.52 8.62 3.73
CA GLY A 36 -2.95 9.52 4.82
C GLY A 36 -1.90 9.61 5.94
N THR A 37 -2.22 9.08 7.12
CA THR A 37 -1.30 9.05 8.28
C THR A 37 -0.28 7.90 8.24
N ILE A 38 -0.44 6.91 7.34
CA ILE A 38 0.41 5.70 7.25
C ILE A 38 1.13 5.57 5.90
N LYS A 39 2.24 4.83 5.90
CA LYS A 39 2.80 4.15 4.72
C LYS A 39 3.10 2.67 5.02
N ILE A 40 3.01 1.83 3.98
CA ILE A 40 2.99 0.36 4.05
C ILE A 40 4.00 -0.21 3.06
N ASN A 41 4.66 -1.34 3.37
CA ASN A 41 5.77 -1.88 2.58
C ASN A 41 5.74 -3.42 2.46
N ALA A 42 6.14 -3.95 1.29
CA ALA A 42 6.50 -5.35 1.08
C ALA A 42 7.51 -5.53 -0.08
N ASP A 43 8.11 -6.73 -0.20
CA ASP A 43 9.05 -7.10 -1.29
C ASP A 43 8.34 -7.53 -2.60
N LYS A 44 7.00 -7.49 -2.60
CA LYS A 44 6.11 -7.70 -3.75
C LYS A 44 4.69 -7.21 -3.44
N VAL A 45 4.01 -6.59 -4.40
CA VAL A 45 2.67 -5.99 -4.24
C VAL A 45 1.85 -6.11 -5.53
N VAL A 46 0.60 -6.55 -5.45
CA VAL A 46 -0.32 -6.67 -6.59
C VAL A 46 -1.08 -5.35 -6.80
N VAL A 47 -0.70 -4.61 -7.86
CA VAL A 47 -1.45 -3.42 -8.32
C VAL A 47 -2.71 -3.88 -9.05
N THR A 48 -3.76 -4.18 -8.28
CA THR A 48 -4.98 -4.85 -8.77
C THR A 48 -5.90 -3.82 -9.42
N ARG A 49 -5.84 -3.68 -10.75
CA ARG A 49 -6.58 -2.64 -11.50
C ARG A 49 -7.68 -3.22 -12.40
N PRO A 50 -8.95 -2.80 -12.24
CA PRO A 50 -10.04 -3.20 -13.13
C PRO A 50 -9.98 -2.51 -14.50
N GLY A 51 -10.65 -3.09 -15.51
CA GLY A 51 -10.71 -2.55 -16.87
C GLY A 51 -12.05 -2.76 -17.60
N GLY A 52 -13.12 -3.04 -16.86
CA GLY A 52 -14.44 -3.41 -17.41
C GLY A 52 -15.34 -4.02 -16.33
N GLU A 53 -15.27 -3.46 -15.13
CA GLU A 53 -15.60 -4.11 -13.85
C GLU A 53 -15.91 -2.98 -12.82
N GLN A 54 -16.60 -3.28 -11.71
CA GLN A 54 -17.07 -2.27 -10.73
C GLN A 54 -16.43 -2.34 -9.33
N GLY A 55 -15.35 -3.09 -9.16
CA GLY A 55 -14.26 -2.73 -8.27
C GLY A 55 -13.58 -1.41 -8.66
N LYS A 56 -12.56 -1.03 -7.91
CA LYS A 56 -11.62 0.05 -8.21
C LYS A 56 -10.20 -0.46 -7.96
N GLU A 57 -9.16 0.34 -8.18
CA GLU A 57 -7.79 -0.14 -8.05
C GLU A 57 -7.33 -0.28 -6.58
N VAL A 58 -6.85 -1.47 -6.22
CA VAL A 58 -6.60 -1.89 -4.82
C VAL A 58 -5.26 -2.64 -4.69
N ILE A 59 -4.67 -2.63 -3.49
CA ILE A 59 -3.25 -2.99 -3.27
C ILE A 59 -3.01 -3.67 -1.93
N ASP A 60 -1.92 -4.44 -1.86
CA ASP A 60 -1.57 -5.34 -0.75
C ASP A 60 -0.09 -5.25 -0.33
N GLY A 61 0.34 -6.19 0.50
CA GLY A 61 1.73 -6.46 0.83
C GLY A 61 1.83 -7.65 1.80
N TYR A 62 2.80 -8.54 1.61
CA TYR A 62 2.93 -9.75 2.44
C TYR A 62 4.38 -10.25 2.56
N GLY A 63 4.63 -11.11 3.55
CA GLY A 63 5.91 -11.80 3.78
C GLY A 63 7.04 -10.98 4.42
N LYS A 64 7.04 -9.65 4.25
CA LYS A 64 8.17 -8.77 4.59
C LYS A 64 8.72 -8.83 6.05
N PRO A 65 7.95 -9.02 7.15
CA PRO A 65 6.49 -8.97 7.26
C PRO A 65 5.92 -7.59 6.93
N ALA A 66 4.63 -7.52 6.61
CA ALA A 66 3.96 -6.26 6.29
C ALA A 66 3.73 -5.42 7.56
N THR A 67 4.04 -4.12 7.48
CA THR A 67 4.01 -3.19 8.63
C THR A 67 3.27 -1.89 8.32
N PHE A 68 2.68 -1.29 9.36
CA PHE A 68 2.25 0.11 9.35
C PHE A 68 3.41 1.00 9.82
N TYR A 69 4.02 1.80 8.93
CA TYR A 69 4.72 3.00 9.37
C TYR A 69 3.70 4.13 9.52
N GLN A 70 3.34 4.49 10.75
CA GLN A 70 2.45 5.63 11.03
C GLN A 70 3.27 6.88 11.39
N MET A 71 2.90 8.04 10.83
CA MET A 71 3.58 9.31 11.11
C MET A 71 3.15 9.86 12.48
N GLN A 72 4.07 9.85 13.45
CA GLN A 72 3.78 9.77 14.89
C GLN A 72 3.12 11.02 15.55
N ASP A 73 2.86 12.07 14.78
CA ASP A 73 2.00 13.23 15.13
C ASP A 73 2.29 13.88 16.51
N ASN A 74 1.30 14.50 17.15
CA ASN A 74 1.43 15.29 18.37
C ASN A 74 1.55 14.39 19.62
N GLY A 75 2.67 13.65 19.71
CA GLY A 75 2.91 12.67 20.78
C GLY A 75 2.02 11.43 20.69
N LYS A 76 1.65 11.02 19.46
CA LYS A 76 0.61 10.02 19.17
C LYS A 76 1.10 8.79 18.39
N PRO A 77 2.27 8.18 18.71
CA PRO A 77 2.83 7.06 17.95
C PRO A 77 1.98 5.78 18.04
N VAL A 78 1.97 5.03 16.94
CA VAL A 78 1.50 3.63 16.85
C VAL A 78 2.38 2.83 15.87
N GLU A 79 2.36 1.50 15.96
CA GLU A 79 2.72 0.60 14.85
C GLU A 79 1.88 -0.68 14.88
N GLY A 80 1.95 -1.47 13.82
CA GLY A 80 1.39 -2.81 13.78
C GLY A 80 1.97 -3.62 12.63
N HIS A 81 2.08 -4.93 12.83
CA HIS A 81 2.81 -5.83 11.94
C HIS A 81 2.14 -7.21 11.82
N ALA A 82 2.17 -7.79 10.62
CA ALA A 82 1.63 -9.13 10.31
C ALA A 82 2.22 -9.72 9.01
N SER A 83 1.89 -10.96 8.68
CA SER A 83 2.37 -11.64 7.47
C SER A 83 1.70 -11.14 6.18
N GLN A 84 0.54 -10.49 6.27
CA GLN A 84 -0.26 -9.97 5.16
C GLN A 84 -0.90 -8.62 5.52
N MET A 85 -1.09 -7.74 4.54
CA MET A 85 -1.82 -6.47 4.68
C MET A 85 -2.49 -6.07 3.35
N HIS A 86 -3.69 -5.48 3.40
CA HIS A 86 -4.55 -5.20 2.23
C HIS A 86 -5.35 -3.89 2.39
N TYR A 87 -5.47 -3.09 1.32
CA TYR A 87 -6.08 -1.75 1.32
C TYR A 87 -6.98 -1.53 0.07
N GLU A 88 -8.17 -0.93 0.29
CA GLU A 88 -9.09 -0.50 -0.77
C GLU A 88 -9.21 1.03 -0.88
N LEU A 89 -8.89 1.60 -2.04
CA LEU A 89 -9.17 2.98 -2.47
C LEU A 89 -10.67 3.15 -2.87
N ALA A 90 -11.57 2.63 -2.04
CA ALA A 90 -13.00 2.48 -2.31
C ALA A 90 -13.85 2.18 -1.06
N LYS A 91 -13.27 2.30 0.15
CA LYS A 91 -13.77 1.81 1.45
C LYS A 91 -12.82 2.16 2.61
N ASP A 92 -11.55 2.39 2.31
CA ASP A 92 -10.62 3.20 3.11
C ASP A 92 -10.37 2.69 4.55
N PHE A 93 -10.40 1.36 4.66
CA PHE A 93 -9.78 0.57 5.72
C PHE A 93 -8.43 0.00 5.24
N VAL A 94 -7.62 -0.50 6.18
CA VAL A 94 -6.50 -1.40 5.90
C VAL A 94 -6.62 -2.65 6.78
N VAL A 95 -6.71 -3.83 6.19
CA VAL A 95 -6.74 -5.11 6.90
C VAL A 95 -5.31 -5.64 7.04
N LEU A 96 -5.00 -6.31 8.14
CA LEU A 96 -3.82 -7.17 8.27
C LEU A 96 -4.18 -8.57 8.81
N THR A 97 -3.42 -9.58 8.41
CA THR A 97 -3.68 -11.02 8.62
C THR A 97 -2.38 -11.83 8.68
N GLY A 98 -2.47 -13.06 9.20
CA GLY A 98 -1.34 -13.98 9.36
C GLY A 98 -0.42 -13.55 10.52
N ASN A 99 -0.79 -13.90 11.75
CA ASN A 99 -0.12 -13.53 13.00
C ASN A 99 0.15 -12.02 13.13
N ALA A 100 -0.84 -11.28 13.66
CA ALA A 100 -0.81 -9.82 13.74
C ALA A 100 -0.59 -9.26 15.16
N TYR A 101 -0.08 -8.03 15.23
CA TYR A 101 0.01 -7.18 16.43
C TYR A 101 -0.23 -5.71 16.08
N LEU A 102 -0.76 -4.94 17.03
CA LEU A 102 -0.97 -3.49 16.97
C LEU A 102 -0.62 -2.90 18.34
N GLN A 103 0.18 -1.83 18.38
CA GLN A 103 0.59 -1.13 19.60
C GLN A 103 0.54 0.39 19.43
N GLN A 104 0.29 1.08 20.54
CA GLN A 104 0.04 2.52 20.61
C GLN A 104 0.67 3.09 21.89
N VAL A 105 0.75 4.43 21.97
CA VAL A 105 0.87 5.12 23.27
C VAL A 105 -0.31 4.87 24.21
N ASP A 106 -1.48 4.48 23.68
CA ASP A 106 -2.72 4.27 24.45
C ASP A 106 -2.96 2.83 24.91
N SER A 107 -2.49 1.83 24.14
CA SER A 107 -2.98 0.44 24.18
C SER A 107 -2.11 -0.51 23.34
N ASN A 108 -2.34 -1.82 23.44
CA ASN A 108 -1.86 -2.81 22.46
C ASN A 108 -2.80 -4.02 22.36
N ILE A 109 -2.89 -4.63 21.17
CA ILE A 109 -3.72 -5.81 20.89
C ILE A 109 -2.98 -6.80 19.96
N LYS A 110 -3.26 -8.10 20.14
CA LYS A 110 -2.65 -9.20 19.38
C LYS A 110 -3.74 -10.08 18.78
N GLY A 111 -3.59 -10.49 17.52
CA GLY A 111 -4.57 -11.35 16.85
C GLY A 111 -4.03 -12.03 15.59
N ASP A 112 -4.91 -12.25 14.62
CA ASP A 112 -4.54 -12.60 13.24
C ASP A 112 -5.21 -11.61 12.27
N LYS A 113 -6.49 -11.81 11.95
CA LYS A 113 -7.31 -10.81 11.26
C LYS A 113 -7.57 -9.62 12.18
N ILE A 114 -7.06 -8.44 11.82
CA ILE A 114 -7.41 -7.14 12.43
C ILE A 114 -7.57 -6.10 11.32
N THR A 115 -8.17 -4.95 11.65
CA THR A 115 -8.48 -3.86 10.70
C THR A 115 -8.11 -2.50 11.29
N TYR A 116 -7.63 -1.60 10.44
CA TYR A 116 -7.23 -0.21 10.70
C TYR A 116 -7.99 0.73 9.73
N LEU A 117 -8.04 2.03 9.99
CA LEU A 117 -8.76 3.01 9.14
C LEU A 117 -7.82 4.11 8.63
N VAL A 118 -8.03 4.58 7.40
CA VAL A 118 -7.15 5.54 6.74
C VAL A 118 -7.10 6.91 7.44
NT1 EU0 B 1 -10.52 9.45 -12.80
CT EU0 B 1 -9.31 9.64 -12.44
NT2 EU0 B 1 -8.98 10.85 -12.12
N EU0 B 1 -8.51 8.62 -12.42
CA EU0 B 1 -7.09 8.66 -11.99
CB EU0 B 1 -6.92 8.15 -10.53
CG1 EU0 B 1 -7.74 8.96 -9.51
CG2 EU0 B 1 -7.25 6.66 -10.34
C EU0 B 1 -6.13 7.93 -12.97
O EU0 B 1 -6.41 6.80 -13.40
HT12 EU0 B 1 -10.84 8.52 -13.06
HT22 EU0 B 1 -9.64 11.62 -12.17
HT21 EU0 B 1 -8.02 11.06 -11.76
H EU0 B 1 -8.88 7.71 -12.65
HA EU0 B 1 -6.76 9.68 -11.97
HB EU0 B 1 -5.86 8.30 -10.29
HG11 EU0 B 1 -7.54 8.60 -8.51
HG13 EU0 B 1 -8.81 8.85 -9.69
HG12 EU0 B 1 -7.48 10.02 -9.56
HG23 EU0 B 1 -8.28 6.45 -10.62
HG22 EU0 B 1 -7.12 6.38 -9.29
HG21 EU0 B 1 -6.59 6.04 -10.92
HT11 EU0 B 1 -11.17 10.24 -12.80
N HYP B 2 -4.96 8.52 -13.30
CA HYP B 2 -3.82 7.76 -13.78
C HYP B 2 -3.23 6.93 -12.64
O HYP B 2 -2.95 7.47 -11.56
CB HYP B 2 -2.81 8.78 -14.31
CG HYP B 2 -3.51 10.13 -14.28
CD HYP B 2 -4.63 9.94 -13.26
OD1 HYP B 2 -4.05 10.42 -15.56
HA HYP B 2 -4.14 7.11 -14.59
HB2 HYP B 2 -1.93 8.82 -13.66
HB3 HYP B 2 -2.50 8.51 -15.32
HG HYP B 2 -2.83 10.93 -13.98
HD22 HYP B 2 -4.26 10.20 -12.26
HD23 HYP B 2 -5.49 10.56 -13.52
HD1 HYP B 2 -3.50 11.16 -15.95
N ILE B 3 -2.92 5.65 -12.89
CA ILE B 3 -2.01 4.90 -12.01
C ILE B 3 -0.63 5.57 -12.11
N THR B 4 -0.14 6.08 -10.96
CA THR B 4 0.97 7.04 -10.88
C THR B 4 2.01 6.55 -9.87
N TYR B 5 3.28 6.52 -10.28
CA TYR B 5 4.34 5.78 -9.58
C TYR B 5 5.75 6.36 -9.85
O LE1 B 6 9.16 4.62 -8.18
C LE1 B 6 9.02 5.39 -9.15
CA LE1 B 6 8.09 6.63 -9.08
N LE1 B 6 6.67 6.28 -8.89
CB LE1 B 6 8.57 7.72 -8.08
C9 LE1 B 6 10.07 8.03 -8.23
C8 LE1 B 6 8.36 7.31 -6.62
SG LE1 B 6 7.57 9.24 -8.36
HA LE1 B 6 8.18 7.09 -10.05
H LE1 B 6 6.37 5.92 -7.98
H9 LE1 B 6 10.67 7.19 -7.89
H9A LE1 B 6 10.33 8.91 -7.63
H9B LE1 B 6 10.32 8.23 -9.27
H8 LE1 B 6 8.95 6.43 -6.37
H8A LE1 B 6 7.31 7.11 -6.43
H8B LE1 B 6 8.67 8.13 -5.95
N ASN B 7 9.75 5.24 -10.26
CA ASN B 7 10.68 4.14 -10.53
C ASN B 7 11.94 4.27 -9.65
N ARG B 8 12.07 3.45 -8.59
CA ARG B 8 13.25 3.42 -7.70
C ARG B 8 14.53 3.02 -8.42
N DAB B 9 14.44 2.18 -9.45
CA DAB B 9 15.60 1.82 -10.28
C DAB B 9 16.03 2.87 -11.34
O DAB B 9 17.14 2.76 -11.86
CB DAB B 9 15.33 0.45 -10.96
CG DAB B 9 15.47 -0.67 -9.93
ND DAB B 9 15.01 -1.96 -10.48
H DAB B 9 13.53 1.79 -9.64
HA DAB B 9 16.47 1.70 -9.65
HB2 DAB B 9 14.32 0.45 -11.38
HB3 DAB B 9 16.05 0.29 -11.75
HG2 DAB B 9 16.50 -0.73 -9.59
HG3 DAB B 9 14.84 -0.41 -9.07
HD1 DAB B 9 15.56 -2.29 -11.26
HD2 DAB B 9 14.02 -1.90 -10.68
HD3 DAB B 9 15.04 -2.65 -9.70
N THR B 10 15.23 3.90 -11.66
CA THR B 10 15.60 4.92 -12.68
C THR B 10 15.54 6.37 -12.17
N 4FO B 11 14.98 6.62 -11.00
CA 4FO B 11 15.01 7.95 -10.36
C 4FO B 11 14.09 8.99 -11.06
O 4FO B 11 14.31 10.19 -10.91
CB 4FO B 11 14.67 7.85 -8.87
CG 4FO B 11 15.08 6.55 -8.16
NZ 4FO B 11 16.50 6.21 -8.35
H 4FO B 11 14.33 5.93 -10.63
HA 4FO B 11 16.03 8.34 -10.45
HB2 4FO B 11 13.59 7.93 -8.76
HB3 4FO B 11 15.11 8.69 -8.34
HG3 4FO B 11 14.84 6.63 -7.10
HG2 4FO B 11 14.47 5.75 -8.57
HZ3 4FO B 11 16.65 5.29 -7.97
HZ2 4FO B 11 17.11 6.88 -7.90
HZ1 4FO B 11 16.71 6.15 -9.34
N LYS B 12 13.09 8.52 -11.81
CA LYS B 12 12.10 9.31 -12.54
C LYS B 12 10.68 8.78 -12.28
N CYS B 13 9.68 9.62 -12.48
CA CYS B 13 8.28 9.32 -12.14
C CYS B 13 7.40 9.13 -13.38
N DAB B 14 6.30 8.44 -13.20
CA DAB B 14 5.55 7.77 -14.24
C DAB B 14 4.02 7.94 -14.05
O DAB B 14 3.50 7.70 -12.97
CB DAB B 14 5.92 6.27 -14.17
CG DAB B 14 6.51 5.75 -15.47
ND DAB B 14 6.90 4.35 -15.29
H DAB B 14 6.09 8.10 -12.25
HA DAB B 14 5.82 8.18 -15.22
HB2 DAB B 14 6.64 6.09 -13.38
HB3 DAB B 14 5.03 5.68 -13.93
HG2 DAB B 14 5.77 5.83 -16.28
HG3 DAB B 14 7.39 6.35 -15.74
HD1 DAB B 14 7.54 4.25 -14.51
HD2 DAB B 14 7.26 3.94 -16.13
HD3 DAB B 14 6.03 3.83 -15.08
N ARG B 15 3.29 8.11 -15.17
CA ARG B 15 2.08 7.29 -15.37
C ARG B 15 2.53 5.87 -15.70
N TYR B 16 1.78 4.87 -15.22
CA TYR B 16 2.07 3.44 -15.31
C TYR B 16 3.36 3.01 -14.61
N VAL A 1 2.25 18.92 2.05
CA VAL A 1 2.80 20.30 2.07
C VAL A 1 1.96 21.14 1.13
N THR A 2 2.38 21.34 -0.12
CA THR A 2 1.46 21.18 -1.26
C THR A 2 1.10 19.69 -1.45
N GLY A 3 0.21 19.37 -2.38
CA GLY A 3 -0.22 18.01 -2.72
C GLY A 3 -1.15 18.00 -3.94
N ASP A 4 -1.43 16.81 -4.48
CA ASP A 4 -2.21 16.62 -5.70
C ASP A 4 -3.68 17.00 -5.51
N THR A 5 -4.32 17.54 -6.56
CA THR A 5 -5.71 18.02 -6.53
C THR A 5 -6.76 16.90 -6.53
N ASP A 6 -6.37 15.67 -6.89
CA ASP A 6 -7.12 14.44 -6.67
C ASP A 6 -6.12 13.27 -6.52
N GLN A 7 -6.54 12.22 -5.81
CA GLN A 7 -5.81 10.97 -5.54
C GLN A 7 -4.28 11.09 -5.29
N PRO A 8 -3.84 11.80 -4.22
CA PRO A 8 -2.47 11.74 -3.69
C PRO A 8 -2.13 10.38 -3.01
N ILE A 9 -2.70 9.27 -3.49
CA ILE A 9 -2.38 7.89 -3.06
C ILE A 9 -1.06 7.50 -3.72
N HIS A 10 0.04 8.05 -3.19
CA HIS A 10 1.37 7.93 -3.77
C HIS A 10 2.04 6.60 -3.43
N ILE A 11 2.68 5.99 -4.44
CA ILE A 11 3.37 4.71 -4.34
C ILE A 11 4.58 4.71 -5.31
N GLU A 12 5.74 4.22 -4.84
CA GLU A 12 6.84 3.75 -5.70
C GLU A 12 7.20 2.29 -5.35
N SER A 13 7.76 1.56 -6.33
CA SER A 13 8.26 0.19 -6.17
C SER A 13 9.64 0.00 -6.80
N ASP A 14 10.51 -0.77 -6.13
CA ASP A 14 11.88 -1.05 -6.58
C ASP A 14 11.92 -1.75 -7.95
N GLN A 15 11.09 -2.78 -8.11
CA GLN A 15 10.81 -3.44 -9.38
C GLN A 15 9.31 -3.29 -9.75
N GLN A 16 9.02 -3.12 -11.04
CA GLN A 16 7.65 -2.98 -11.57
C GLN A 16 7.52 -3.85 -12.82
N SER A 17 6.36 -4.51 -12.98
CA SER A 17 6.07 -5.41 -14.09
C SER A 17 4.72 -5.11 -14.72
N LEU A 18 4.76 -4.68 -15.98
CA LEU A 18 3.65 -4.41 -16.90
C LEU A 18 4.13 -4.74 -18.31
N ASP A 19 3.22 -5.11 -19.22
CA ASP A 19 3.44 -5.03 -20.66
C ASP A 19 2.30 -4.25 -21.36
N MET A 20 2.60 -3.73 -22.55
CA MET A 20 1.71 -2.89 -23.35
C MET A 20 0.49 -3.65 -23.91
N GLN A 21 0.59 -4.98 -24.04
CA GLN A 21 -0.51 -5.87 -24.42
C GLN A 21 -0.77 -6.96 -23.37
N GLY A 22 0.27 -7.47 -22.69
CA GLY A 22 0.20 -8.25 -21.45
C GLY A 22 -0.18 -7.37 -20.25
N ASN A 23 -1.38 -6.81 -20.28
CA ASN A 23 -1.88 -5.70 -19.46
C ASN A 23 -2.22 -6.07 -17.99
N VAL A 24 -1.33 -6.80 -17.31
CA VAL A 24 -1.35 -7.06 -15.86
C VAL A 24 -0.39 -6.10 -15.15
N VAL A 25 -0.62 -5.80 -13.86
CA VAL A 25 0.15 -4.80 -13.11
C VAL A 25 0.63 -5.37 -11.78
N THR A 26 1.93 -5.59 -11.65
CA THR A 26 2.56 -6.23 -10.48
C THR A 26 3.84 -5.50 -10.07
N PHE A 27 4.19 -5.54 -8.79
CA PHE A 27 5.30 -4.82 -8.18
C PHE A 27 6.08 -5.74 -7.22
N THR A 28 7.37 -5.49 -7.04
CA THR A 28 8.34 -6.40 -6.39
C THR A 28 9.57 -5.67 -5.82
N GLY A 29 10.36 -6.36 -4.99
CA GLY A 29 11.66 -5.91 -4.46
C GLY A 29 11.51 -5.03 -3.22
N ASN A 30 10.78 -3.92 -3.34
CA ASN A 30 10.34 -3.09 -2.23
C ASN A 30 9.25 -2.13 -2.67
N VAL A 31 8.10 -2.10 -1.98
CA VAL A 31 6.98 -1.18 -2.25
C VAL A 31 6.75 -0.30 -1.03
N ILE A 32 6.54 1.00 -1.23
CA ILE A 32 6.20 1.96 -0.18
C ILE A 32 4.94 2.72 -0.58
N VAL A 33 3.91 2.67 0.27
CA VAL A 33 2.65 3.43 0.12
C VAL A 33 2.58 4.49 1.22
N THR A 34 2.09 5.69 0.91
CA THR A 34 1.87 6.77 1.90
C THR A 34 0.44 7.30 1.87
N LEU A 35 -0.16 7.48 3.05
CA LEU A 35 -1.51 8.02 3.26
C LEU A 35 -1.49 9.04 4.41
N GLY A 36 -1.08 10.27 4.12
CA GLY A 36 -0.98 11.34 5.12
C GLY A 36 0.07 11.03 6.21
N THR A 37 -0.40 10.80 7.44
CA THR A 37 0.46 10.45 8.60
C THR A 37 0.78 8.94 8.67
N ILE A 38 0.26 8.14 7.75
CA ILE A 38 0.39 6.67 7.68
C ILE A 38 1.30 6.29 6.51
N LYS A 39 2.09 5.22 6.66
CA LYS A 39 2.74 4.53 5.54
C LYS A 39 2.74 3.00 5.70
N ILE A 40 2.80 2.31 4.57
CA ILE A 40 2.90 0.85 4.45
C ILE A 40 4.21 0.49 3.75
N ASN A 41 4.80 -0.67 4.07
CA ASN A 41 5.91 -1.25 3.33
C ASN A 41 5.81 -2.78 3.18
N ALA A 42 6.10 -3.25 1.97
CA ALA A 42 6.11 -4.66 1.55
C ALA A 42 7.20 -4.90 0.47
N ASP A 43 7.30 -6.14 -0.05
CA ASP A 43 8.19 -6.50 -1.16
C ASP A 43 7.38 -6.64 -2.45
N LYS A 44 6.46 -7.62 -2.54
CA LYS A 44 5.50 -7.72 -3.65
C LYS A 44 4.18 -7.05 -3.33
N VAL A 45 3.57 -6.50 -4.39
CA VAL A 45 2.20 -5.95 -4.42
C VAL A 45 1.58 -6.22 -5.80
N VAL A 46 0.30 -6.59 -5.84
CA VAL A 46 -0.49 -6.83 -7.06
C VAL A 46 -1.56 -5.75 -7.20
N VAL A 47 -1.75 -5.22 -8.40
CA VAL A 47 -2.87 -4.31 -8.73
C VAL A 47 -3.93 -5.07 -9.51
N THR A 48 -5.13 -5.16 -8.93
CA THR A 48 -6.29 -5.79 -9.58
C THR A 48 -6.88 -4.86 -10.64
N ARG A 49 -7.05 -5.34 -11.88
CA ARG A 49 -7.53 -4.52 -13.02
C ARG A 49 -8.84 -5.01 -13.67
N PRO A 50 -10.01 -4.77 -13.04
CA PRO A 50 -11.33 -5.15 -13.57
C PRO A 50 -11.94 -4.02 -14.43
N GLY A 51 -11.19 -3.55 -15.43
CA GLY A 51 -11.60 -2.43 -16.28
C GLY A 51 -12.96 -2.67 -16.94
N GLY A 52 -13.87 -1.69 -16.84
CA GLY A 52 -15.30 -1.89 -17.08
C GLY A 52 -16.11 -2.11 -15.80
N GLU A 53 -15.59 -1.69 -14.64
CA GLU A 53 -16.24 -1.74 -13.32
C GLU A 53 -16.71 -3.14 -12.87
N GLN A 54 -15.98 -4.18 -13.29
CA GLN A 54 -16.20 -5.58 -12.90
C GLN A 54 -15.68 -5.86 -11.46
N GLY A 55 -15.99 -4.97 -10.53
CA GLY A 55 -15.31 -4.79 -9.24
C GLY A 55 -14.49 -3.49 -9.21
N LYS A 56 -13.41 -3.47 -8.43
CA LYS A 56 -12.46 -2.35 -8.27
C LYS A 56 -11.03 -2.88 -8.18
N GLU A 57 -10.04 -1.98 -8.12
CA GLU A 57 -8.75 -2.38 -7.56
C GLU A 57 -8.96 -2.83 -6.11
N VAL A 58 -8.48 -4.04 -5.81
CA VAL A 58 -7.97 -4.38 -4.48
C VAL A 58 -6.45 -4.56 -4.62
N ILE A 59 -5.73 -4.15 -3.58
CA ILE A 59 -4.26 -4.05 -3.54
C ILE A 59 -3.76 -4.59 -2.19
N ASP A 60 -2.50 -4.99 -2.10
CA ASP A 60 -1.98 -5.78 -0.99
C ASP A 60 -0.54 -5.42 -0.58
N GLY A 61 0.04 -6.24 0.30
CA GLY A 61 1.46 -6.31 0.58
C GLY A 61 1.74 -7.46 1.54
N TYR A 62 2.59 -8.42 1.15
CA TYR A 62 2.82 -9.64 1.94
C TYR A 62 4.26 -10.16 1.84
N GLY A 63 4.61 -11.14 2.69
CA GLY A 63 5.86 -11.91 2.63
C GLY A 63 7.14 -11.18 3.07
N LYS A 64 7.17 -9.85 3.04
CA LYS A 64 8.34 -9.02 3.43
C LYS A 64 8.87 -9.22 4.87
N PRO A 65 8.12 -9.60 5.91
CA PRO A 65 6.66 -9.57 6.06
C PRO A 65 6.13 -8.12 6.13
N ALA A 66 4.82 -7.94 5.96
CA ALA A 66 4.19 -6.63 5.84
C ALA A 66 4.29 -5.77 7.12
N THR A 67 4.47 -4.46 6.94
CA THR A 67 4.53 -3.49 8.04
C THR A 67 3.76 -2.21 7.73
N PHE A 68 3.13 -1.67 8.78
CA PHE A 68 2.39 -0.43 8.86
C PHE A 68 3.12 0.51 9.83
N TYR A 69 3.14 1.81 9.56
CA TYR A 69 3.67 2.83 10.46
C TYR A 69 2.78 4.08 10.45
N GLN A 70 2.55 4.66 11.62
CA GLN A 70 1.63 5.77 11.87
C GLN A 70 2.32 6.82 12.74
N MET A 71 2.66 7.96 12.13
CA MET A 71 3.26 9.10 12.82
C MET A 71 2.20 9.86 13.65
N GLN A 72 2.65 10.53 14.71
CA GLN A 72 1.82 11.29 15.66
C GLN A 72 2.47 12.64 16.00
N ASP A 73 1.64 13.63 16.31
CA ASP A 73 2.03 14.92 16.89
C ASP A 73 2.49 14.78 18.35
N ASN A 74 1.80 13.92 19.10
CA ASN A 74 1.92 13.68 20.54
C ASN A 74 3.17 12.87 20.94
N GLY A 75 4.21 12.87 20.11
CA GLY A 75 5.51 12.23 20.38
C GLY A 75 5.52 10.70 20.37
N LYS A 76 4.37 10.04 20.21
CA LYS A 76 4.23 8.57 20.27
C LYS A 76 3.84 7.98 18.90
N PRO A 77 4.75 7.93 17.90
CA PRO A 77 4.49 7.19 16.66
C PRO A 77 4.34 5.69 16.94
N VAL A 78 3.58 4.98 16.12
CA VAL A 78 3.20 3.58 16.35
C VAL A 78 3.20 2.75 15.07
N GLU A 79 3.14 1.42 15.21
CA GLU A 79 3.39 0.45 14.15
C GLU A 79 2.33 -0.66 14.10
N GLY A 80 2.36 -1.43 13.02
CA GLY A 80 1.57 -2.66 12.86
C GLY A 80 2.25 -3.66 11.92
N HIS A 81 1.93 -4.94 12.07
CA HIS A 81 2.60 -6.05 11.40
C HIS A 81 1.64 -7.19 11.04
N ALA A 82 1.94 -7.89 9.94
CA ALA A 82 1.39 -9.19 9.56
C ALA A 82 2.30 -9.88 8.52
N SER A 83 2.20 -11.20 8.31
CA SER A 83 2.78 -11.81 7.09
C SER A 83 1.99 -11.42 5.83
N GLN A 84 0.69 -11.16 5.96
CA GLN A 84 -0.18 -10.66 4.89
C GLN A 84 -0.91 -9.38 5.32
N MET A 85 -0.81 -8.33 4.51
CA MET A 85 -1.67 -7.16 4.57
C MET A 85 -2.45 -7.01 3.26
N HIS A 86 -3.72 -6.62 3.35
CA HIS A 86 -4.59 -6.37 2.20
C HIS A 86 -5.34 -5.04 2.37
N TYR A 87 -5.64 -4.38 1.26
CA TYR A 87 -6.27 -3.06 1.22
C TYR A 87 -7.45 -3.07 0.24
N GLU A 88 -8.65 -2.94 0.80
CA GLU A 88 -9.90 -2.84 0.08
C GLU A 88 -10.13 -1.38 -0.34
N LEU A 89 -9.67 -1.03 -1.54
CA LEU A 89 -9.74 0.32 -2.11
C LEU A 89 -11.14 0.67 -2.66
N ALA A 90 -12.11 -0.27 -2.65
CA ALA A 90 -13.52 0.09 -2.79
C ALA A 90 -14.10 0.76 -1.52
N LYS A 91 -13.38 0.74 -0.38
CA LYS A 91 -13.87 1.25 0.92
C LYS A 91 -12.83 2.00 1.78
N ASP A 92 -11.55 1.98 1.43
CA ASP A 92 -10.41 2.33 2.29
C ASP A 92 -10.36 1.54 3.62
N PHE A 93 -10.55 0.21 3.51
CA PHE A 93 -10.41 -0.74 4.64
C PHE A 93 -9.08 -1.49 4.50
N VAL A 94 -8.21 -1.41 5.51
CA VAL A 94 -6.97 -2.19 5.64
C VAL A 94 -7.22 -3.44 6.48
N VAL A 95 -6.59 -4.56 6.11
CA VAL A 95 -6.61 -5.85 6.80
C VAL A 95 -5.19 -6.30 7.09
N LEU A 96 -4.92 -6.69 8.34
CA LEU A 96 -3.76 -7.50 8.77
C LEU A 96 -4.20 -8.96 8.86
N THR A 97 -3.32 -9.92 8.55
CA THR A 97 -3.68 -11.36 8.45
C THR A 97 -2.52 -12.31 8.81
N GLY A 98 -2.85 -13.46 9.40
CA GLY A 98 -1.91 -14.49 9.85
C GLY A 98 -1.15 -14.17 11.15
N ASN A 99 -0.71 -12.92 11.35
CA ASN A 99 0.18 -12.53 12.47
C ASN A 99 -0.13 -11.14 13.05
N ALA A 100 -1.37 -10.65 12.90
CA ALA A 100 -1.73 -9.26 13.15
C ALA A 100 -1.28 -8.73 14.53
N TYR A 101 -0.59 -7.60 14.49
CA TYR A 101 -0.30 -6.73 15.63
C TYR A 101 -0.53 -5.28 15.21
N LEU A 102 -1.14 -4.46 16.06
CA LEU A 102 -1.30 -3.02 15.85
C LEU A 102 -1.18 -2.28 17.19
N GLN A 103 -0.36 -1.23 17.23
CA GLN A 103 -0.24 -0.31 18.37
C GLN A 103 -0.90 1.04 18.06
N GLN A 104 -1.45 1.70 19.08
CA GLN A 104 -2.21 2.94 18.97
C GLN A 104 -1.74 3.99 20.00
N VAL A 105 -2.38 5.17 20.00
CA VAL A 105 -2.04 6.32 20.87
C VAL A 105 -2.11 6.01 22.38
N ASP A 106 -2.77 4.92 22.78
CA ASP A 106 -2.71 4.35 24.13
C ASP A 106 -1.94 3.01 24.14
N SER A 107 -2.64 1.90 23.82
CA SER A 107 -2.17 0.51 23.95
C SER A 107 -2.03 -0.22 22.60
N ASN A 108 -1.73 -1.51 22.61
CA ASN A 108 -1.69 -2.40 21.45
C ASN A 108 -2.71 -3.55 21.51
N ILE A 109 -2.95 -4.16 20.34
CA ILE A 109 -3.85 -5.31 20.11
C ILE A 109 -3.20 -6.31 19.15
N LYS A 110 -3.53 -7.60 19.28
CA LYS A 110 -2.92 -8.68 18.48
C LYS A 110 -3.86 -9.87 18.24
N GLY A 111 -3.57 -10.66 17.20
CA GLY A 111 -4.26 -11.91 16.85
C GLY A 111 -3.63 -12.57 15.63
N ASP A 112 -4.40 -13.29 14.82
CA ASP A 112 -4.04 -13.50 13.40
C ASP A 112 -4.42 -12.28 12.56
N LYS A 113 -5.55 -11.63 12.87
CA LYS A 113 -6.25 -10.72 11.96
C LYS A 113 -6.88 -9.53 12.69
N ILE A 114 -6.63 -8.34 12.15
CA ILE A 114 -7.08 -7.02 12.67
C ILE A 114 -7.39 -6.12 11.46
N THR A 115 -8.34 -5.20 11.59
CA THR A 115 -8.61 -4.16 10.58
C THR A 115 -8.15 -2.77 11.01
N TYR A 116 -7.90 -1.90 10.04
CA TYR A 116 -7.68 -0.46 10.24
C TYR A 116 -8.45 0.30 9.15
N LEU A 117 -9.11 1.40 9.52
CA LEU A 117 -9.96 2.21 8.63
C LEU A 117 -9.39 3.63 8.59
N VAL A 118 -9.33 4.27 7.42
CA VAL A 118 -8.63 5.56 7.29
C VAL A 118 -9.27 6.70 8.08
NT1 EU0 B 1 -7.69 6.98 -15.49
CT EU0 B 1 -7.76 7.93 -14.64
NT2 EU0 B 1 -8.04 9.09 -15.10
N EU0 B 1 -7.56 7.71 -13.38
CA EU0 B 1 -7.54 8.63 -12.20
CB EU0 B 1 -8.71 9.67 -12.18
CG1 EU0 B 1 -9.49 9.79 -10.85
CG2 EU0 B 1 -8.21 11.09 -12.51
C EU0 B 1 -7.29 7.96 -10.82
O EU0 B 1 -6.49 8.49 -10.05
HT12 EU0 B 1 -7.34 6.05 -15.16
HT22 EU0 B 1 -8.33 9.20 -16.07
HT21 EU0 B 1 -8.19 9.85 -14.42
H EU0 B 1 -7.13 6.76 -13.18
HA EU0 B 1 -6.63 9.22 -12.32
HB EU0 B 1 -9.45 9.37 -12.93
HG11 EU0 B 1 -10.28 10.53 -10.94
HG13 EU0 B 1 -8.83 10.11 -10.04
HG12 EU0 B 1 -9.96 8.84 -10.58
HG23 EU0 B 1 -7.63 11.47 -11.66
HG22 EU0 B 1 -9.06 11.76 -12.65
HG21 EU0 B 1 -7.58 11.12 -13.39
HT11 EU0 B 1 -7.79 7.14 -16.49
N HYP B 2 -8.02 6.87 -10.44
CA HYP B 2 -8.11 6.41 -9.05
C HYP B 2 -6.79 6.14 -8.30
O HYP B 2 -6.78 6.24 -7.08
CB HYP B 2 -9.00 5.17 -9.09
CG HYP B 2 -9.92 5.41 -10.28
CD HYP B 2 -9.01 6.17 -11.25
OD1 HYP B 2 -11.04 6.20 -9.91
HA HYP B 2 -8.65 7.18 -8.49
HB2 HYP B 2 -8.41 4.28 -9.30
HB3 HYP B 2 -9.55 5.03 -8.16
HG HYP B 2 -10.26 4.47 -10.72
HD22 HYP B 2 -8.51 5.45 -11.89
HD23 HYP B 2 -9.61 6.86 -11.85
HD1 HYP B 2 -11.62 6.29 -10.67
N ILE B 3 -5.68 5.84 -9.00
CA ILE B 3 -4.33 5.79 -8.40
C ILE B 3 -3.35 6.51 -9.34
N THR B 4 -2.34 7.19 -8.79
CA THR B 4 -1.16 7.61 -9.57
C THR B 4 0.12 7.04 -8.95
N TYR B 5 0.62 5.98 -9.59
CA TYR B 5 1.79 5.23 -9.16
C TYR B 5 3.02 5.82 -9.86
O LE1 B 6 6.65 4.45 -9.43
C LE1 B 6 6.23 5.26 -10.26
CA LE1 B 6 5.36 6.48 -9.85
N LE1 B 6 4.13 6.05 -9.17
CB LE1 B 6 6.09 7.64 -9.14
C9 LE1 B 6 7.38 8.02 -9.88
C8 LE1 B 6 6.47 7.31 -7.70
SG LE1 B 6 4.94 9.09 -9.07
HA LE1 B 6 5.07 6.94 -10.81
H LE1 B 6 4.18 5.81 -8.18
H9 LE1 B 6 8.11 7.21 -9.76
H9A LE1 B 6 7.81 8.93 -9.45
H9B LE1 B 6 7.21 8.17 -10.94
H8 LE1 B 6 7.07 8.10 -7.27
H8A LE1 B 6 7.03 6.38 -7.68
H8B LE1 B 6 5.57 7.20 -7.09
N ASN B 7 6.47 5.09 -11.57
CA ASN B 7 7.31 4.02 -12.07
C ASN B 7 8.78 4.40 -11.81
N ARG B 8 9.46 3.66 -10.92
CA ARG B 8 10.87 3.90 -10.57
C ARG B 8 11.81 3.75 -11.75
N DAB B 9 11.49 2.86 -12.70
CA DAB B 9 12.27 2.71 -13.93
C DAB B 9 12.11 3.86 -14.95
O DAB B 9 12.73 3.81 -16.00
CB DAB B 9 11.92 1.32 -14.52
CG DAB B 9 12.88 0.92 -15.65
ND DAB B 9 12.51 -0.40 -16.22
H DAB B 9 10.67 2.30 -12.55
HA DAB B 9 13.33 2.69 -13.64
HB2 DAB B 9 11.98 0.58 -13.73
HB3 DAB B 9 10.90 1.36 -14.90
HG2 DAB B 9 12.83 1.68 -16.45
HG3 DAB B 9 13.90 0.90 -15.27
HD1 DAB B 9 11.58 -0.36 -16.60
HD2 DAB B 9 12.55 -1.11 -15.51
HD3 DAB B 9 13.15 -0.64 -16.97
N THR B 10 11.27 4.87 -14.67
CA THR B 10 11.05 6.04 -15.53
C THR B 10 11.14 7.37 -14.80
N 4FO B 11 10.81 7.45 -13.50
CA 4FO B 11 10.79 8.69 -12.72
C 4FO B 11 9.60 9.64 -13.08
O 4FO B 11 8.92 10.14 -12.19
CB 4FO B 11 10.78 8.34 -11.21
CG 4FO B 11 11.96 7.51 -10.72
NZ 4FO B 11 11.85 7.34 -9.25
H 4FO B 11 10.36 6.63 -13.10
HA 4FO B 11 11.71 9.24 -12.93
HB2 4FO B 11 9.86 7.79 -11.01
HB3 4FO B 11 10.76 9.27 -10.65
HG3 4FO B 11 11.93 6.53 -11.23
HG2 4FO B 11 12.89 8.00 -10.98
HZ3 4FO B 11 11.84 8.21 -8.75
HZ2 4FO B 11 12.55 6.73 -8.85
HZ1 4FO B 11 10.97 6.89 -8.98
N LYS B 12 9.26 9.75 -14.37
CA LYS B 12 7.92 10.19 -14.79
C LYS B 12 6.87 9.17 -14.33
N CYS B 13 5.76 9.66 -13.79
CA CYS B 13 4.76 8.85 -13.10
C CYS B 13 3.68 8.27 -14.03
N DAB B 14 2.91 7.34 -13.51
CA DAB B 14 1.97 6.50 -14.23
C DAB B 14 0.59 6.51 -13.53
O DAB B 14 0.31 5.66 -12.67
CB DAB B 14 2.60 5.09 -14.26
CG DAB B 14 1.76 4.06 -15.00
ND DAB B 14 2.20 2.71 -14.63
H DAB B 14 3.05 7.08 -12.52
HA DAB B 14 1.85 6.85 -15.24
HB2 DAB B 14 3.58 5.16 -14.73
HB3 DAB B 14 2.74 4.76 -13.23
HG2 DAB B 14 0.70 4.19 -14.75
HG3 DAB B 14 1.87 4.23 -16.08
HD1 DAB B 14 3.23 2.64 -14.72
HD2 DAB B 14 1.76 2.01 -15.19
HD3 DAB B 14 2.01 2.55 -13.66
N ARG B 15 -0.30 7.42 -13.94
CA ARG B 15 -1.72 7.35 -13.56
C ARG B 15 -2.37 6.05 -14.03
N TYR B 16 -3.40 5.62 -13.31
CA TYR B 16 -4.27 4.47 -13.56
C TYR B 16 -5.71 4.95 -13.51
N VAL A 1 -0.56 17.06 10.16
CA VAL A 1 -1.90 17.28 9.58
C VAL A 1 -1.76 17.90 8.19
N THR A 2 -2.55 17.43 7.24
CA THR A 2 -2.56 17.86 5.82
C THR A 2 -3.94 17.61 5.22
N GLY A 3 -4.25 18.29 4.11
CA GLY A 3 -5.47 18.07 3.32
C GLY A 3 -5.45 18.93 2.05
N ASP A 4 -5.68 18.32 0.90
CA ASP A 4 -5.60 18.95 -0.43
C ASP A 4 -6.68 18.37 -1.39
N THR A 5 -6.83 18.88 -2.62
CA THR A 5 -7.98 18.58 -3.49
C THR A 5 -8.02 17.18 -4.09
N ASP A 6 -6.96 16.75 -4.77
CA ASP A 6 -6.93 15.58 -5.67
C ASP A 6 -5.85 14.57 -5.28
N GLN A 7 -5.71 14.37 -3.96
CA GLN A 7 -4.70 13.56 -3.29
C GLN A 7 -5.20 12.14 -2.89
N PRO A 8 -5.03 11.11 -3.76
CA PRO A 8 -5.13 9.70 -3.35
C PRO A 8 -3.85 9.26 -2.60
N ILE A 9 -3.65 7.95 -2.42
CA ILE A 9 -2.34 7.40 -2.02
C ILE A 9 -1.26 7.72 -3.08
N HIS A 10 0.00 7.76 -2.65
CA HIS A 10 1.15 7.78 -3.56
C HIS A 10 2.08 6.59 -3.31
N ILE A 11 2.67 6.08 -4.39
CA ILE A 11 3.38 4.80 -4.42
C ILE A 11 4.60 4.91 -5.36
N GLU A 12 5.76 4.42 -4.92
CA GLU A 12 6.91 4.15 -5.78
C GLU A 12 7.31 2.68 -5.69
N SER A 13 7.62 2.08 -6.85
CA SER A 13 8.02 0.68 -7.02
C SER A 13 9.40 0.58 -7.68
N ASP A 14 10.28 -0.26 -7.13
CA ASP A 14 11.67 -0.38 -7.58
C ASP A 14 11.88 -1.46 -8.67
N GLN A 15 11.06 -2.51 -8.66
CA GLN A 15 10.88 -3.42 -9.79
C GLN A 15 9.38 -3.63 -10.04
N GLN A 16 8.96 -3.58 -11.30
CA GLN A 16 7.61 -3.96 -11.74
C GLN A 16 7.61 -4.36 -13.22
N SER A 17 6.66 -5.22 -13.61
CA SER A 17 6.34 -5.55 -15.00
C SER A 17 4.94 -5.07 -15.40
N LEU A 18 4.74 -4.89 -16.71
CA LEU A 18 3.53 -4.41 -17.38
C LEU A 18 3.42 -5.10 -18.75
N ASP A 19 3.12 -6.39 -18.71
CA ASP A 19 3.20 -7.31 -19.85
C ASP A 19 2.08 -7.06 -20.87
N MET A 20 2.34 -6.09 -21.76
CA MET A 20 1.43 -5.45 -22.74
C MET A 20 0.65 -6.36 -23.72
N GLN A 21 0.77 -7.67 -23.61
CA GLN A 21 -0.24 -8.62 -24.10
C GLN A 21 -1.61 -8.41 -23.42
N GLY A 22 -1.64 -7.75 -22.25
CA GLY A 22 -2.84 -7.17 -21.66
C GLY A 22 -2.51 -6.08 -20.63
N ASN A 23 -3.53 -5.53 -19.98
CA ASN A 23 -3.40 -4.46 -18.97
C ASN A 23 -2.87 -4.96 -17.60
N VAL A 24 -2.07 -6.03 -17.56
CA VAL A 24 -1.61 -6.72 -16.34
C VAL A 24 -0.42 -6.02 -15.68
N VAL A 25 -0.28 -6.14 -14.36
CA VAL A 25 0.85 -5.59 -13.58
C VAL A 25 1.38 -6.57 -12.54
N THR A 26 2.66 -6.46 -12.18
CA THR A 26 3.24 -7.16 -11.02
C THR A 26 4.49 -6.45 -10.52
N PHE A 27 4.79 -6.59 -9.22
CA PHE A 27 5.81 -5.82 -8.49
C PHE A 27 6.84 -6.74 -7.80
N THR A 28 8.01 -6.21 -7.41
CA THR A 28 9.02 -6.96 -6.62
C THR A 28 10.00 -6.02 -5.90
N GLY A 29 10.69 -6.54 -4.87
CA GLY A 29 11.93 -6.00 -4.30
C GLY A 29 11.78 -4.76 -3.41
N ASN A 30 10.92 -3.82 -3.80
CA ASN A 30 10.48 -2.69 -2.99
C ASN A 30 9.25 -2.05 -3.62
N VAL A 31 8.16 -1.98 -2.85
CA VAL A 31 7.04 -1.06 -3.06
C VAL A 31 6.82 -0.30 -1.75
N ILE A 32 6.72 1.03 -1.83
CA ILE A 32 6.40 1.88 -0.68
C ILE A 32 5.05 2.54 -0.97
N VAL A 33 4.09 2.39 -0.04
CA VAL A 33 2.75 2.98 -0.12
C VAL A 33 2.60 4.03 0.97
N THR A 34 2.13 5.21 0.58
CA THR A 34 1.98 6.38 1.47
C THR A 34 0.55 6.92 1.46
N LEU A 35 0.02 7.22 2.64
CA LEU A 35 -1.34 7.72 2.86
C LEU A 35 -1.30 8.78 3.99
N GLY A 36 -0.79 9.97 3.67
CA GLY A 36 -0.62 11.07 4.61
C GLY A 36 0.31 10.71 5.78
N THR A 37 -0.27 10.50 6.97
CA THR A 37 0.45 10.06 8.16
C THR A 37 0.86 8.58 8.14
N ILE A 38 0.20 7.74 7.31
CA ILE A 38 0.38 6.28 7.28
C ILE A 38 1.39 5.88 6.19
N LYS A 39 2.23 4.89 6.51
CA LYS A 39 3.16 4.24 5.57
C LYS A 39 3.10 2.70 5.71
N ILE A 40 3.22 2.02 4.57
CA ILE A 40 3.28 0.56 4.43
C ILE A 40 4.39 0.22 3.41
N ASN A 41 5.16 -0.84 3.65
CA ASN A 41 6.18 -1.35 2.74
C ASN A 41 5.89 -2.81 2.36
N ALA A 42 6.19 -3.17 1.12
CA ALA A 42 5.98 -4.50 0.58
C ALA A 42 7.10 -4.89 -0.39
N ASP A 43 7.23 -6.19 -0.66
CA ASP A 43 8.21 -6.73 -1.61
C ASP A 43 7.50 -7.23 -2.87
N LYS A 44 6.68 -8.28 -2.72
CA LYS A 44 5.58 -8.61 -3.64
C LYS A 44 4.33 -7.82 -3.26
N VAL A 45 3.59 -7.40 -4.29
CA VAL A 45 2.28 -6.76 -4.24
C VAL A 45 1.40 -7.33 -5.34
N VAL A 46 0.08 -7.33 -5.13
CA VAL A 46 -0.99 -7.52 -6.12
C VAL A 46 -1.82 -6.23 -6.24
N VAL A 47 -2.32 -5.96 -7.45
CA VAL A 47 -3.26 -4.90 -7.85
C VAL A 47 -4.22 -5.54 -8.87
N THR A 48 -5.49 -5.08 -8.97
CA THR A 48 -6.42 -5.60 -10.00
C THR A 48 -6.27 -4.85 -11.33
N ARG A 49 -7.30 -4.89 -12.19
CA ARG A 49 -7.29 -4.33 -13.55
C ARG A 49 -8.54 -3.44 -13.74
N PRO A 50 -8.50 -2.17 -13.30
CA PRO A 50 -9.70 -1.33 -13.16
C PRO A 50 -10.15 -0.69 -14.49
N GLY A 51 -9.28 -0.64 -15.51
CA GLY A 51 -9.66 -0.33 -16.90
C GLY A 51 -9.43 1.11 -17.36
N GLY A 52 -8.77 1.97 -16.57
CA GLY A 52 -8.48 3.38 -16.92
C GLY A 52 -9.41 4.41 -16.27
N GLU A 53 -10.18 4.01 -15.26
CA GLU A 53 -10.92 4.87 -14.33
C GLU A 53 -10.74 4.35 -12.90
N GLN A 54 -10.83 5.23 -11.89
CA GLN A 54 -10.48 4.91 -10.50
C GLN A 54 -11.26 3.74 -9.89
N GLY A 55 -12.56 3.69 -10.14
CA GLY A 55 -13.39 2.53 -9.99
C GLY A 55 -13.36 1.81 -8.64
N LYS A 56 -12.73 0.62 -8.66
CA LYS A 56 -12.82 -0.47 -7.68
C LYS A 56 -11.44 -1.14 -7.68
N GLU A 57 -10.64 -0.98 -6.63
CA GLU A 57 -9.20 -1.31 -6.69
C GLU A 57 -8.64 -1.71 -5.32
N VAL A 58 -7.95 -2.85 -5.26
CA VAL A 58 -7.47 -3.49 -4.04
C VAL A 58 -6.00 -3.86 -4.17
N ILE A 59 -5.22 -3.40 -3.19
CA ILE A 59 -3.76 -3.56 -3.13
C ILE A 59 -3.37 -4.28 -1.84
N ASP A 60 -2.32 -5.10 -1.90
CA ASP A 60 -1.81 -5.86 -0.75
C ASP A 60 -0.30 -5.73 -0.55
N GLY A 61 0.23 -6.36 0.50
CA GLY A 61 1.66 -6.36 0.78
C GLY A 61 2.08 -7.43 1.78
N TYR A 62 3.20 -8.10 1.49
CA TYR A 62 3.80 -9.15 2.31
C TYR A 62 5.32 -9.29 2.05
N GLY A 63 5.97 -10.24 2.76
CA GLY A 63 7.38 -10.60 2.60
C GLY A 63 8.37 -9.73 3.40
N LYS A 64 8.06 -8.46 3.62
CA LYS A 64 8.95 -7.51 4.33
C LYS A 64 9.21 -7.75 5.84
N PRO A 65 8.37 -8.41 6.67
CA PRO A 65 6.98 -8.84 6.48
C PRO A 65 6.00 -7.66 6.42
N ALA A 66 4.70 -7.92 6.29
CA ALA A 66 3.68 -6.87 6.18
C ALA A 66 3.68 -5.96 7.42
N THR A 67 3.94 -4.65 7.21
CA THR A 67 4.29 -3.71 8.27
C THR A 67 3.65 -2.35 8.06
N PHE A 68 3.21 -1.73 9.17
CA PHE A 68 2.40 -0.52 9.22
C PHE A 68 3.02 0.49 10.20
N TYR A 69 2.96 1.78 9.88
CA TYR A 69 3.31 2.86 10.81
C TYR A 69 2.43 4.10 10.56
N GLN A 70 2.02 4.76 11.64
CA GLN A 70 1.37 6.08 11.67
C GLN A 70 2.00 6.94 12.77
N MET A 71 2.10 8.25 12.54
CA MET A 71 2.44 9.24 13.57
C MET A 71 1.47 10.43 13.54
N GLN A 72 1.09 10.91 14.71
CA GLN A 72 0.18 12.04 14.90
C GLN A 72 0.94 13.35 15.17
N ASP A 73 0.28 14.49 14.89
CA ASP A 73 0.71 15.87 15.20
C ASP A 73 1.01 16.16 16.70
N ASN A 74 0.78 15.19 17.59
CA ASN A 74 1.07 15.30 19.02
C ASN A 74 2.04 14.21 19.52
N GLY A 75 2.84 13.62 18.62
CA GLY A 75 3.92 12.68 18.97
C GLY A 75 3.46 11.30 19.44
N LYS A 76 2.21 10.91 19.14
CA LYS A 76 1.59 9.65 19.58
C LYS A 76 1.44 8.67 18.40
N PRO A 77 2.38 7.74 18.18
CA PRO A 77 2.34 6.82 17.04
C PRO A 77 1.39 5.63 17.23
N VAL A 78 1.20 4.90 16.13
CA VAL A 78 0.71 3.51 16.13
C VAL A 78 1.38 2.72 15.00
N GLU A 79 1.97 1.58 15.34
CA GLU A 79 2.66 0.69 14.43
C GLU A 79 2.09 -0.74 14.46
N GLY A 80 2.27 -1.47 13.35
CA GLY A 80 1.66 -2.78 13.15
C GLY A 80 2.53 -3.75 12.37
N HIS A 81 2.34 -5.04 12.65
CA HIS A 81 3.01 -6.16 12.00
C HIS A 81 1.98 -7.24 11.64
N ALA A 82 2.20 -7.94 10.53
CA ALA A 82 1.39 -9.06 10.08
C ALA A 82 2.17 -9.99 9.13
N SER A 83 1.62 -11.16 8.83
CA SER A 83 2.11 -11.98 7.70
C SER A 83 1.77 -11.32 6.37
N GLN A 84 0.57 -10.74 6.26
CA GLN A 84 0.00 -10.14 5.07
C GLN A 84 -0.82 -8.88 5.45
N MET A 85 -1.06 -7.98 4.50
CA MET A 85 -1.93 -6.82 4.69
C MET A 85 -2.59 -6.40 3.38
N HIS A 86 -3.81 -5.86 3.43
CA HIS A 86 -4.64 -5.51 2.27
C HIS A 86 -5.37 -4.18 2.49
N TYR A 87 -5.60 -3.40 1.43
CA TYR A 87 -6.28 -2.08 1.43
C TYR A 87 -7.09 -1.89 0.13
N GLU A 88 -8.24 -1.22 0.17
CA GLU A 88 -9.18 -1.09 -0.97
C GLU A 88 -9.68 0.36 -1.12
N LEU A 89 -9.48 0.91 -2.33
CA LEU A 89 -9.66 2.33 -2.66
C LEU A 89 -11.15 2.74 -2.77
N ALA A 90 -12.06 1.78 -2.93
CA ALA A 90 -13.51 2.00 -2.99
C ALA A 90 -14.25 1.58 -1.70
N LYS A 91 -13.52 1.21 -0.62
CA LYS A 91 -14.12 0.82 0.69
C LYS A 91 -13.39 1.37 1.92
N ASP A 92 -12.28 2.10 1.77
CA ASP A 92 -11.61 2.91 2.81
C ASP A 92 -11.22 2.19 4.11
N PHE A 93 -10.82 0.92 4.00
CA PHE A 93 -10.32 0.12 5.12
C PHE A 93 -9.03 -0.64 4.77
N VAL A 94 -8.24 -0.91 5.80
CA VAL A 94 -7.05 -1.76 5.79
C VAL A 94 -7.34 -2.99 6.64
N VAL A 95 -6.80 -4.16 6.26
CA VAL A 95 -6.83 -5.36 7.11
C VAL A 95 -5.47 -6.04 7.13
N LEU A 96 -5.00 -6.35 8.34
CA LEU A 96 -3.77 -7.10 8.66
C LEU A 96 -4.15 -8.56 8.92
N THR A 97 -3.37 -9.50 8.38
CA THR A 97 -3.77 -10.91 8.24
C THR A 97 -2.63 -11.92 8.53
N GLY A 98 -3.04 -13.13 8.93
CA GLY A 98 -2.19 -14.26 9.29
C GLY A 98 -1.76 -14.23 10.76
N ASN A 99 -0.94 -13.25 11.12
CA ASN A 99 -0.35 -13.09 12.47
C ASN A 99 -0.29 -11.60 12.84
N ALA A 100 -1.45 -10.96 12.97
CA ALA A 100 -1.60 -9.52 13.06
C ALA A 100 -1.36 -8.97 14.48
N TYR A 101 -0.65 -7.84 14.58
CA TYR A 101 -0.35 -7.11 15.82
C TYR A 101 -0.51 -5.60 15.58
N LEU A 102 -1.08 -4.87 16.54
CA LEU A 102 -1.03 -3.41 16.63
C LEU A 102 -0.50 -2.97 17.99
N GLN A 103 0.41 -1.99 17.96
CA GLN A 103 0.87 -1.21 19.09
C GLN A 103 0.36 0.23 18.91
N GLN A 104 -0.08 0.86 20.00
CA GLN A 104 -0.60 2.23 20.01
C GLN A 104 -0.39 2.78 21.42
N VAL A 105 -0.06 4.07 21.55
CA VAL A 105 0.26 4.67 22.86
C VAL A 105 -0.99 5.01 23.72
N ASP A 106 -1.84 4.00 23.89
CA ASP A 106 -2.92 3.84 24.88
C ASP A 106 -3.17 2.34 25.16
N SER A 107 -3.19 1.48 24.13
CA SER A 107 -3.36 0.03 24.25
C SER A 107 -2.83 -0.75 23.03
N ASN A 108 -2.51 -2.04 23.19
CA ASN A 108 -1.93 -2.90 22.17
C ASN A 108 -2.62 -4.28 22.08
N ILE A 109 -2.69 -4.85 20.87
CA ILE A 109 -3.50 -6.05 20.55
C ILE A 109 -2.83 -6.99 19.54
N LYS A 110 -3.23 -8.28 19.54
CA LYS A 110 -2.80 -9.32 18.60
C LYS A 110 -3.97 -10.24 18.21
N GLY A 111 -3.97 -10.75 16.98
CA GLY A 111 -4.88 -11.80 16.49
C GLY A 111 -4.36 -12.46 15.21
N ASP A 112 -5.19 -13.25 14.54
CA ASP A 112 -4.92 -13.69 13.15
C ASP A 112 -5.30 -12.62 12.10
N LYS A 113 -6.03 -11.58 12.55
CA LYS A 113 -6.87 -10.72 11.73
C LYS A 113 -7.16 -9.42 12.48
N ILE A 114 -6.76 -8.27 11.95
CA ILE A 114 -7.03 -6.95 12.54
C ILE A 114 -7.43 -5.96 11.44
N THR A 115 -8.63 -5.38 11.54
CA THR A 115 -9.16 -4.34 10.65
C THR A 115 -8.88 -2.93 11.17
N TYR A 116 -8.62 -1.98 10.28
CA TYR A 116 -8.33 -0.57 10.56
C TYR A 116 -9.03 0.31 9.52
N LEU A 117 -9.50 1.51 9.90
CA LEU A 117 -10.22 2.45 9.01
C LEU A 117 -9.37 3.69 8.73
N VAL A 118 -9.57 4.34 7.58
CA VAL A 118 -8.66 5.42 7.16
C VAL A 118 -9.30 6.59 6.43
NT1 EU0 B 1 -0.71 9.03 -8.87
CT EU0 B 1 -1.10 10.25 -8.86
NT2 EU0 B 1 -0.25 11.17 -9.14
N EU0 B 1 -2.33 10.51 -8.52
CA EU0 B 1 -3.29 11.45 -9.19
CB EU0 B 1 -2.75 12.87 -9.58
CG1 EU0 B 1 -3.84 13.75 -10.22
CG2 EU0 B 1 -2.25 13.65 -8.35
C EU0 B 1 -4.12 10.70 -10.26
O EU0 B 1 -5.25 10.33 -9.97
HT12 EU0 B 1 -1.45 8.29 -8.89
HT22 EU0 B 1 -0.55 12.15 -9.00
HT21 EU0 B 1 0.72 10.93 -9.34
H EU0 B 1 -2.81 9.67 -8.16
HA EU0 B 1 -4.03 11.67 -8.43
HB EU0 B 1 -1.94 12.76 -10.30
HG11 EU0 B 1 -4.20 13.31 -11.15
HG13 EU0 B 1 -3.44 14.74 -10.43
HG12 EU0 B 1 -4.69 13.88 -9.53
HG23 EU0 B 1 -3.08 13.90 -7.69
HG22 EU0 B 1 -1.80 14.60 -8.67
HG21 EU0 B 1 -1.52 13.09 -7.76
HT11 EU0 B 1 0.23 8.76 -9.16
N HYP B 2 -3.49 10.17 -11.32
CA HYP B 2 -3.83 8.84 -11.85
C HYP B 2 -3.76 7.75 -10.76
O HYP B 2 -3.13 7.94 -9.71
CB HYP B 2 -2.83 8.55 -12.99
CG HYP B 2 -2.33 9.93 -13.40
CD HYP B 2 -2.38 10.72 -12.08
OD1 HYP B 2 -3.16 10.52 -14.38
HA HYP B 2 -4.84 8.87 -12.26
HB2 HYP B 2 -2.00 7.98 -12.61
HB3 HYP B 2 -3.31 8.03 -13.81
HG HYP B 2 -1.31 9.88 -13.77
HD22 HYP B 2 -1.43 10.58 -11.55
HD23 HYP B 2 -2.54 11.78 -12.29
HD1 HYP B 2 -3.08 11.48 -14.33
N ILE B 3 -4.34 6.58 -11.00
CA ILE B 3 -4.52 5.52 -9.99
C ILE B 3 -3.32 4.57 -10.02
N THR B 4 -2.13 5.17 -9.97
CA THR B 4 -0.87 4.52 -10.35
C THR B 4 0.31 4.98 -9.52
N TYR B 5 1.29 4.09 -9.48
CA TYR B 5 2.62 4.21 -8.92
C TYR B 5 3.62 4.85 -9.91
O LE1 B 6 7.20 3.95 -9.08
C LE1 B 6 7.11 4.73 -10.03
CA LE1 B 6 5.93 5.73 -10.14
N LE1 B 6 4.76 5.27 -9.38
CB LE1 B 6 6.25 7.21 -9.80
C9 LE1 B 6 7.52 7.74 -10.51
C8 LE1 B 6 6.46 7.42 -8.29
SG LE1 B 6 4.79 8.25 -10.26
HA LE1 B 6 5.65 5.72 -11.18
H LE1 B 6 4.84 5.24 -8.36
H9 LE1 B 6 7.48 7.54 -11.57
H9A LE1 B 6 8.40 7.25 -10.10
H9B LE1 B 6 7.61 8.81 -10.34
H8 LE1 B 6 7.22 6.74 -7.92
H8A LE1 B 6 5.53 7.24 -7.75
H8B LE1 B 6 6.76 8.45 -8.09
N ASN B 7 7.98 4.64 -11.06
CA ASN B 7 9.07 3.67 -11.10
C ASN B 7 10.37 4.27 -10.52
N ARG B 8 10.88 3.71 -9.41
CA ARG B 8 12.12 4.17 -8.75
C ARG B 8 13.32 4.04 -9.68
N DAB B 9 13.41 2.92 -10.38
CA DAB B 9 14.50 2.60 -11.30
C DAB B 9 14.59 3.49 -12.58
O DAB B 9 15.41 3.20 -13.44
CB DAB B 9 14.39 1.10 -11.66
CG DAB B 9 15.57 0.26 -11.16
ND DAB B 9 15.28 -0.38 -9.87
H DAB B 9 12.71 2.23 -10.19
HA DAB B 9 15.44 2.77 -10.76
HB2 DAB B 9 13.45 0.67 -11.31
HB3 DAB B 9 14.38 1.00 -12.74
HG2 DAB B 9 15.76 -0.52 -11.91
HG3 DAB B 9 16.47 0.88 -11.09
HD1 DAB B 9 16.02 -0.99 -9.55
HD2 DAB B 9 14.41 -0.93 -9.92
HD3 DAB B 9 15.06 0.26 -9.11
N THR B 10 13.74 4.51 -12.75
CA THR B 10 13.80 5.43 -13.89
C THR B 10 13.23 6.84 -13.63
N 4FO B 11 12.44 7.09 -12.58
CA 4FO B 11 11.97 8.45 -12.28
C 4FO B 11 10.92 9.02 -13.26
O 4FO B 11 10.59 10.20 -13.19
CB 4FO B 11 11.36 8.48 -10.86
CG 4FO B 11 12.30 8.03 -9.74
NZ 4FO B 11 11.61 8.28 -8.45
H 4FO B 11 12.09 6.32 -12.01
HA 4FO B 11 12.83 9.13 -12.30
HB2 4FO B 11 10.49 7.83 -10.86
HB3 4FO B 11 11.03 9.49 -10.66
HG3 4FO B 11 12.49 6.96 -9.86
HG2 4FO B 11 13.24 8.57 -9.80
HZ3 4FO B 11 10.74 7.74 -8.41
HZ2 4FO B 11 11.41 9.24 -8.26
HZ1 4FO B 11 12.05 7.84 -7.64
N LYS B 12 10.27 8.15 -14.05
CA LYS B 12 8.95 8.41 -14.67
C LYS B 12 7.95 7.31 -14.30
N CYS B 13 6.66 7.61 -14.43
CA CYS B 13 5.58 6.81 -13.85
C CYS B 13 4.95 5.79 -14.82
N DAB B 14 3.89 5.12 -14.38
CA DAB B 14 2.93 4.48 -15.28
C DAB B 14 1.53 5.14 -15.20
O DAB B 14 1.33 6.06 -14.41
CB DAB B 14 2.93 2.97 -14.98
CG DAB B 14 4.37 2.41 -14.95
ND DAB B 14 4.36 0.94 -15.10
H DAB B 14 3.55 5.33 -13.44
HA DAB B 14 3.26 4.60 -16.31
HB2 DAB B 14 2.47 2.80 -14.00
HB3 DAB B 14 2.35 2.45 -15.74
HG2 DAB B 14 4.94 2.87 -15.75
HG3 DAB B 14 4.83 2.69 -14.00
HD1 DAB B 14 4.00 0.66 -16.01
HD2 DAB B 14 3.80 0.51 -14.38
HD3 DAB B 14 5.31 0.58 -14.99
N ARG B 15 0.55 4.67 -15.99
CA ARG B 15 -0.87 5.07 -15.86
C ARG B 15 -1.80 3.87 -15.65
N TYR B 16 -2.86 4.12 -14.89
CA TYR B 16 -4.07 3.34 -14.55
C TYR B 16 -5.13 4.39 -14.15
#